data_6IW7
#
_entry.id   6IW7
#
_cell.length_a   210.634
_cell.length_b   180.78
_cell.length_c   95.926
_cell.angle_alpha   90.0
_cell.angle_beta   95.716
_cell.angle_gamma   90.0
#
_symmetry.space_group_name_H-M   'C 1 2 1'
#
loop_
_entity.id
_entity.type
_entity.pdbx_description
1 polymer 'ATP-dependent Clp protease proteolytic subunit 2'
2 polymer 'ATP-dependent Clp protease proteolytic subunit 1'
3 non-polymer '(2S)-2-benzamido-4-methyl-pentanoic acid'
4 non-polymer LEUCINE
5 non-polymer 4-[(4-fluoro-2-methyl-3H-indol-5-yl)oxy]-6-methoxy-7-[3-(pyrrolidin-1-yl)propoxy]quinazoline
6 water water
#
loop_
_entity_poly.entity_id
_entity_poly.type
_entity_poly.pdbx_seq_one_letter_code
_entity_poly.pdbx_strand_id
1 'polypeptide(L)'
;RYILPSFIEHSSFGVKESNPYNKLFEERIIFLGVQVDDASANDIMAQLLVLESLDPDRDITMYINSPGGGFTSLMAIYDT
MQYVRADIQTVCLGQAASAAAVLLAAGTPGKRMALPNARVLIHQPSLSGVIQGQFSDLEIQAAEIERMRTLMETTLARHT
GKDAGVIRKDTDRDKILTAEEAKDYGIIDTVLEYRKLSAQTA
;
A,C,F,H,J,L,E
2 'polypeptide(L)'
;MRSNSQGLSLTDSVYERLLSERIIFLGSEVNDEIANRLCAQILLLAAEDASKDISLYINSPGGSISAGMAIYDTMVLAPC
DIATYAMGMAASMGEFLLAAGTKGKRYALPHARILMHQPLGGVTGSAADIAIQAEQFAVIKKEMFRLNAEFTGQPIERIE
ADSDRDRWFTAAEALEYGFVDHIITRAHVNGEAQ
;
B,D,I,K,M,N,G
#
# COMPACT_ATOMS: atom_id res chain seq x y z
N ILE A 3 -6.24 -27.37 11.54
CA ILE A 3 -6.58 -28.79 11.73
C ILE A 3 -8.04 -29.02 12.10
N LEU A 4 -8.33 -28.96 13.40
CA LEU A 4 -9.63 -29.32 13.95
C LEU A 4 -10.07 -30.68 13.43
N PRO A 5 -9.62 -31.73 14.11
CA PRO A 5 -9.88 -33.09 13.68
C PRO A 5 -11.34 -33.44 13.77
N SER A 6 -11.73 -34.45 13.01
CA SER A 6 -13.06 -34.99 13.12
C SER A 6 -12.92 -36.37 13.70
N PHE A 7 -14.01 -36.90 14.21
CA PHE A 7 -13.94 -38.19 14.84
C PHE A 7 -15.08 -39.02 14.33
N ILE A 8 -15.01 -40.31 14.59
CA ILE A 8 -15.98 -41.26 14.08
C ILE A 8 -16.67 -41.99 15.24
N GLU A 9 -17.99 -41.88 15.29
CA GLU A 9 -18.77 -42.67 16.24
C GLU A 9 -19.44 -43.81 15.48
N HIS A 10 -19.72 -44.90 16.17
CA HIS A 10 -20.35 -46.03 15.52
C HIS A 10 -21.44 -46.60 16.40
N SER A 11 -22.30 -47.36 15.78
CA SER A 11 -23.49 -47.87 16.39
C SER A 11 -23.91 -49.02 15.52
N SER A 12 -24.84 -49.85 15.95
CA SER A 12 -25.27 -50.94 15.09
C SER A 12 -26.04 -50.41 13.89
N PHE A 13 -26.46 -49.16 13.94
CA PHE A 13 -27.15 -48.58 12.82
C PHE A 13 -26.21 -48.03 11.77
N GLY A 14 -24.94 -47.89 12.09
CA GLY A 14 -23.98 -47.40 11.13
C GLY A 14 -22.84 -46.60 11.71
N VAL A 15 -22.17 -45.85 10.86
CA VAL A 15 -20.96 -45.13 11.28
C VAL A 15 -21.14 -43.67 10.97
N LYS A 16 -20.78 -42.82 11.92
CA LYS A 16 -20.96 -41.39 11.76
C LYS A 16 -19.67 -40.69 11.99
N GLU A 17 -19.24 -39.95 10.96
CA GLU A 17 -18.10 -39.08 11.08
C GLU A 17 -18.66 -37.70 11.34
N SER A 18 -18.03 -36.95 12.23
CA SER A 18 -18.41 -35.58 12.42
C SER A 18 -17.28 -34.83 13.10
N ASN A 19 -17.53 -33.59 13.48
CA ASN A 19 -16.50 -32.77 14.06
C ASN A 19 -17.01 -32.19 15.38
N PRO A 20 -16.08 -31.78 16.27
CA PRO A 20 -16.42 -31.27 17.59
C PRO A 20 -17.68 -30.39 17.64
N TYR A 21 -17.77 -29.39 16.80
CA TYR A 21 -18.91 -28.48 16.85
C TYR A 21 -20.23 -29.16 16.52
N ASN A 22 -20.21 -30.05 15.54
CA ASN A 22 -21.35 -30.87 15.21
C ASN A 22 -21.78 -31.72 16.37
N LYS A 23 -20.82 -32.39 17.01
CA LYS A 23 -21.09 -33.16 18.22
C LYS A 23 -21.75 -32.31 19.29
N LEU A 24 -21.20 -31.13 19.53
CA LEU A 24 -21.79 -30.17 20.43
C LEU A 24 -23.20 -29.78 20.03
N PHE A 25 -23.41 -29.46 18.76
CA PHE A 25 -24.73 -29.10 18.27
C PHE A 25 -25.72 -30.24 18.46
N GLU A 26 -25.25 -31.47 18.37
CA GLU A 26 -26.10 -32.62 18.57
C GLU A 26 -26.58 -32.65 20.00
N GLU A 27 -25.77 -32.11 20.90
CA GLU A 27 -26.13 -32.02 22.31
C GLU A 27 -26.77 -30.67 22.65
N ARG A 28 -27.26 -29.98 21.63
CA ARG A 28 -27.97 -28.71 21.78
C ARG A 28 -27.12 -27.58 22.36
N ILE A 29 -25.84 -27.60 22.04
CA ILE A 29 -24.91 -26.58 22.47
C ILE A 29 -24.50 -25.66 21.34
N ILE A 30 -24.80 -24.40 21.48
CA ILE A 30 -24.35 -23.39 20.55
C ILE A 30 -23.05 -22.80 21.07
N PHE A 31 -22.20 -22.35 20.16
CA PHE A 31 -20.92 -21.77 20.52
C PHE A 31 -20.85 -20.33 20.02
N LEU A 32 -20.78 -19.38 20.93
CA LEU A 32 -20.63 -17.99 20.55
C LEU A 32 -19.25 -17.49 20.92
N GLY A 33 -18.23 -17.93 20.18
CA GLY A 33 -16.86 -17.65 20.54
C GLY A 33 -16.19 -16.58 19.69
N VAL A 34 -16.99 -15.70 19.12
CA VAL A 34 -16.45 -14.68 18.22
C VAL A 34 -17.07 -13.35 18.55
N GLN A 35 -16.60 -12.30 17.90
CA GLN A 35 -17.25 -11.01 18.04
C GLN A 35 -18.60 -11.05 17.39
N VAL A 36 -19.64 -10.70 18.13
CA VAL A 36 -20.98 -10.58 17.60
C VAL A 36 -21.04 -9.60 16.44
N ASP A 37 -21.08 -10.09 15.21
CA ASP A 37 -21.33 -9.18 14.09
C ASP A 37 -22.56 -9.66 13.35
N ASP A 38 -22.84 -9.08 12.20
CA ASP A 38 -24.06 -9.42 11.48
C ASP A 38 -24.04 -10.87 11.06
N ALA A 39 -22.95 -11.31 10.46
CA ALA A 39 -22.83 -12.69 10.03
C ALA A 39 -22.98 -13.63 11.20
N SER A 40 -22.27 -13.36 12.28
CA SER A 40 -22.32 -14.21 13.45
C SER A 40 -23.72 -14.29 14.01
N ALA A 41 -24.37 -13.16 14.13
CA ALA A 41 -25.70 -13.09 14.73
C ALA A 41 -26.66 -13.95 13.94
N ASN A 42 -26.56 -13.90 12.62
CA ASN A 42 -27.37 -14.73 11.74
C ASN A 42 -27.10 -16.21 11.97
N ASP A 43 -25.84 -16.59 12.07
CA ASP A 43 -25.50 -17.98 12.35
C ASP A 43 -26.12 -18.49 13.63
N ILE A 44 -26.10 -17.66 14.66
CA ILE A 44 -26.60 -18.07 15.97
C ILE A 44 -28.11 -18.11 15.99
N MET A 45 -28.76 -17.13 15.38
CA MET A 45 -30.20 -17.15 15.27
C MET A 45 -30.65 -18.36 14.50
N ALA A 46 -29.97 -18.63 13.39
CA ALA A 46 -30.28 -19.79 12.59
C ALA A 46 -30.24 -21.02 13.47
N GLN A 47 -29.22 -21.11 14.31
CA GLN A 47 -29.10 -22.25 15.19
C GLN A 47 -30.18 -22.24 16.26
N LEU A 48 -30.48 -21.10 16.85
CA LEU A 48 -31.50 -21.07 17.89
C LEU A 48 -32.82 -21.55 17.35
N LEU A 49 -33.27 -20.96 16.25
CA LEU A 49 -34.51 -21.35 15.60
C LEU A 49 -34.54 -22.81 15.18
N VAL A 50 -33.45 -23.29 14.62
CA VAL A 50 -33.37 -24.68 14.22
C VAL A 50 -33.45 -25.62 15.42
N LEU A 51 -32.68 -25.36 16.47
CA LEU A 51 -32.70 -26.22 17.63
C LEU A 51 -34.08 -26.18 18.28
N GLU A 52 -34.72 -25.02 18.21
CA GLU A 52 -36.06 -24.86 18.75
C GLU A 52 -37.06 -25.66 17.94
N SER A 53 -36.73 -25.95 16.70
CA SER A 53 -37.62 -26.69 15.81
C SER A 53 -37.51 -28.18 16.05
N LEU A 54 -36.29 -28.66 16.25
CA LEU A 54 -36.04 -30.08 16.47
C LEU A 54 -36.72 -30.58 17.71
N ASP A 55 -36.60 -29.83 18.80
CA ASP A 55 -37.26 -30.17 20.06
C ASP A 55 -37.46 -28.94 20.93
N PRO A 56 -38.67 -28.40 20.97
CA PRO A 56 -38.85 -27.16 21.70
C PRO A 56 -39.03 -27.34 23.21
N ASP A 57 -38.97 -28.57 23.71
CA ASP A 57 -39.14 -28.80 25.14
C ASP A 57 -37.81 -29.05 25.84
N ARG A 58 -36.73 -29.06 25.07
CA ARG A 58 -35.41 -29.34 25.62
C ARG A 58 -34.57 -28.08 25.62
N ASP A 59 -33.69 -27.95 26.61
CA ASP A 59 -32.88 -26.75 26.78
C ASP A 59 -31.79 -26.61 25.74
N ILE A 60 -31.49 -25.37 25.40
CA ILE A 60 -30.41 -25.00 24.51
C ILE A 60 -29.32 -24.37 25.34
N THR A 61 -28.09 -24.79 25.13
CA THR A 61 -26.97 -24.25 25.88
C THR A 61 -26.13 -23.39 24.96
N MET A 62 -25.72 -22.22 25.42
CA MET A 62 -24.84 -21.35 24.67
C MET A 62 -23.53 -21.13 25.37
N TYR A 63 -22.45 -21.66 24.83
CA TYR A 63 -21.13 -21.35 25.35
C TYR A 63 -20.69 -19.99 24.86
N ILE A 64 -20.35 -19.11 25.78
CA ILE A 64 -19.99 -17.75 25.42
C ILE A 64 -18.55 -17.46 25.72
N ASN A 65 -17.76 -17.18 24.70
CA ASN A 65 -16.43 -16.63 24.87
C ASN A 65 -16.21 -15.56 23.81
N SER A 66 -16.61 -14.33 24.13
CA SER A 66 -16.71 -13.29 23.13
C SER A 66 -16.36 -11.92 23.70
N PRO A 67 -15.78 -11.04 22.88
CA PRO A 67 -15.49 -9.66 23.27
C PRO A 67 -16.66 -8.73 23.02
N GLY A 68 -17.82 -9.27 22.68
CA GLY A 68 -18.97 -8.44 22.40
C GLY A 68 -19.14 -8.21 20.92
N GLY A 69 -19.89 -7.19 20.55
CA GLY A 69 -20.17 -6.96 19.15
C GLY A 69 -21.11 -5.80 19.00
N GLY A 70 -21.71 -5.68 17.81
CA GLY A 70 -22.58 -4.57 17.48
C GLY A 70 -23.87 -4.62 18.24
N PHE A 71 -24.53 -3.49 18.39
CA PHE A 71 -25.71 -3.44 19.24
C PHE A 71 -26.91 -4.15 18.63
N THR A 72 -27.26 -3.86 17.38
CA THR A 72 -28.45 -4.47 16.80
C THR A 72 -28.25 -5.95 16.52
N SER A 73 -27.00 -6.38 16.43
CA SER A 73 -26.71 -7.79 16.36
C SER A 73 -27.01 -8.40 17.70
N LEU A 74 -26.73 -7.64 18.74
CA LEU A 74 -26.97 -8.09 20.10
C LEU A 74 -28.45 -8.27 20.33
N MET A 75 -29.23 -7.26 19.94
CA MET A 75 -30.67 -7.34 20.14
C MET A 75 -31.34 -8.34 19.21
N ALA A 76 -30.68 -8.71 18.12
CA ALA A 76 -31.19 -9.76 17.27
C ALA A 76 -31.10 -11.09 18.00
N ILE A 77 -29.95 -11.38 18.58
CA ILE A 77 -29.77 -12.63 19.30
C ILE A 77 -30.56 -12.64 20.60
N TYR A 78 -30.50 -11.55 21.35
CA TYR A 78 -31.26 -11.44 22.60
C TYR A 78 -32.72 -11.77 22.36
N ASP A 79 -33.35 -11.13 21.39
CA ASP A 79 -34.76 -11.36 21.10
C ASP A 79 -35.05 -12.80 20.73
N THR A 80 -34.27 -13.38 19.84
CA THR A 80 -34.43 -14.79 19.54
C THR A 80 -34.34 -15.67 20.77
N MET A 81 -33.32 -15.45 21.60
CA MET A 81 -33.17 -16.17 22.85
C MET A 81 -34.39 -16.08 23.75
N GLN A 82 -35.10 -14.97 23.68
CA GLN A 82 -36.29 -14.77 24.50
C GLN A 82 -37.55 -15.31 23.84
N TYR A 83 -37.57 -15.32 22.50
CA TYR A 83 -38.74 -15.70 21.73
C TYR A 83 -38.95 -17.21 21.75
N VAL A 84 -37.86 -17.94 21.54
CA VAL A 84 -37.81 -19.40 21.55
C VAL A 84 -38.50 -20.00 22.79
N ARG A 85 -39.08 -21.19 22.64
CA ARG A 85 -39.80 -21.84 23.73
C ARG A 85 -38.85 -22.51 24.72
N ALA A 86 -37.77 -23.08 24.19
CA ALA A 86 -36.85 -23.84 25.00
C ALA A 86 -36.04 -22.92 25.89
N ASP A 87 -35.70 -23.39 27.08
CA ASP A 87 -34.90 -22.61 28.01
C ASP A 87 -33.48 -22.49 27.48
N ILE A 88 -32.79 -21.43 27.85
CA ILE A 88 -31.43 -21.22 27.39
C ILE A 88 -30.44 -21.15 28.52
N GLN A 89 -29.62 -22.17 28.62
CA GLN A 89 -28.53 -22.19 29.57
C GLN A 89 -27.32 -21.47 28.99
N THR A 90 -26.90 -20.37 29.60
CA THR A 90 -25.75 -19.62 29.13
C THR A 90 -24.55 -19.94 29.99
N VAL A 91 -23.38 -20.06 29.38
CA VAL A 91 -22.16 -20.50 30.06
C VAL A 91 -20.96 -19.72 29.56
N CYS A 92 -20.30 -18.98 30.45
CA CYS A 92 -19.15 -18.17 30.09
C CYS A 92 -17.87 -18.94 30.31
N LEU A 93 -17.08 -19.13 29.26
CA LEU A 93 -15.87 -19.91 29.40
C LEU A 93 -14.68 -19.03 29.67
N GLY A 94 -14.49 -18.00 28.87
CA GLY A 94 -13.30 -17.17 28.99
C GLY A 94 -13.62 -15.75 29.32
N GLN A 95 -14.61 -15.20 28.64
CA GLN A 95 -14.99 -13.83 28.86
C GLN A 95 -16.30 -13.56 28.14
N ALA A 96 -17.15 -12.77 28.76
CA ALA A 96 -18.32 -12.25 28.10
C ALA A 96 -18.29 -10.76 28.32
N ALA A 97 -17.99 -10.00 27.27
CA ALA A 97 -17.76 -8.56 27.42
C ALA A 97 -18.77 -7.76 26.63
N SER A 98 -19.19 -6.63 27.17
CA SER A 98 -20.15 -5.77 26.52
C SER A 98 -21.43 -6.48 26.16
N ALA A 99 -21.67 -6.61 24.86
CA ALA A 99 -22.87 -7.26 24.38
C ALA A 99 -22.87 -8.73 24.72
N ALA A 100 -21.70 -9.30 24.98
CA ALA A 100 -21.62 -10.69 25.39
C ALA A 100 -22.12 -10.82 26.81
N ALA A 101 -21.83 -9.82 27.63
CA ALA A 101 -22.26 -9.83 29.02
C ALA A 101 -23.78 -9.77 29.07
N VAL A 102 -24.38 -9.04 28.16
CA VAL A 102 -25.83 -8.98 28.10
C VAL A 102 -26.45 -10.29 27.66
N LEU A 103 -25.80 -10.98 26.74
CA LEU A 103 -26.28 -12.29 26.34
C LEU A 103 -26.09 -13.30 27.45
N LEU A 104 -25.03 -13.16 28.23
CA LEU A 104 -24.82 -14.06 29.36
C LEU A 104 -25.92 -13.87 30.38
N ALA A 105 -26.28 -12.64 30.64
CA ALA A 105 -27.26 -12.33 31.65
C ALA A 105 -28.65 -12.74 31.22
N ALA A 106 -28.83 -12.87 29.92
CA ALA A 106 -30.15 -13.06 29.34
C ALA A 106 -30.60 -14.50 29.25
N GLY A 107 -29.76 -15.43 29.68
CA GLY A 107 -30.15 -16.82 29.74
C GLY A 107 -31.23 -17.01 30.78
N THR A 108 -31.98 -18.09 30.70
CA THR A 108 -33.11 -18.24 31.59
C THR A 108 -32.60 -18.37 33.00
N PRO A 109 -33.33 -17.77 33.95
CA PRO A 109 -32.96 -17.74 35.35
C PRO A 109 -32.61 -19.11 35.90
N GLY A 110 -31.48 -19.20 36.57
CA GLY A 110 -31.09 -20.41 37.27
C GLY A 110 -30.12 -21.19 36.46
N LYS A 111 -30.06 -20.86 35.18
CA LYS A 111 -29.30 -21.61 34.20
C LYS A 111 -28.23 -20.76 33.56
N ARG A 112 -27.87 -19.66 34.21
CA ARG A 112 -26.76 -18.82 33.77
C ARG A 112 -25.54 -19.13 34.63
N MET A 113 -24.44 -19.55 34.03
CA MET A 113 -23.27 -19.87 34.83
C MET A 113 -21.97 -19.47 34.15
N ALA A 114 -20.86 -19.64 34.85
CA ALA A 114 -19.55 -19.29 34.33
C ALA A 114 -18.47 -20.07 35.03
N LEU A 115 -17.38 -20.36 34.32
CA LEU A 115 -16.24 -21.05 34.90
C LEU A 115 -15.42 -20.13 35.78
N PRO A 116 -14.77 -20.69 36.79
CA PRO A 116 -14.23 -19.93 37.92
C PRO A 116 -13.28 -18.80 37.54
N ASN A 117 -12.54 -18.94 36.45
CA ASN A 117 -11.61 -17.92 36.04
C ASN A 117 -12.07 -17.07 34.86
N ALA A 118 -13.37 -17.08 34.59
CA ALA A 118 -13.93 -16.25 33.54
C ALA A 118 -14.15 -14.83 34.02
N ARG A 119 -14.37 -13.92 33.10
CA ARG A 119 -14.56 -12.54 33.46
C ARG A 119 -15.62 -11.92 32.58
N VAL A 120 -16.41 -11.04 33.19
CA VAL A 120 -17.49 -10.36 32.53
C VAL A 120 -17.13 -8.90 32.54
N LEU A 121 -17.17 -8.26 31.39
CA LEU A 121 -16.98 -6.83 31.31
C LEU A 121 -18.29 -6.19 30.92
N ILE A 122 -18.64 -5.10 31.57
CA ILE A 122 -19.86 -4.41 31.27
C ILE A 122 -19.54 -2.98 30.92
N HIS A 123 -19.90 -2.55 29.72
CA HIS A 123 -19.69 -1.16 29.40
C HIS A 123 -20.70 -0.61 28.41
N GLN A 124 -20.80 0.71 28.33
CA GLN A 124 -21.82 1.36 27.54
C GLN A 124 -21.41 1.44 26.10
N PRO A 125 -22.40 1.50 25.20
CA PRO A 125 -22.18 1.60 23.76
C PRO A 125 -21.14 2.65 23.41
N SER A 126 -20.09 2.21 22.72
CA SER A 126 -19.08 3.11 22.22
C SER A 126 -19.19 3.17 20.71
N LEU A 127 -18.45 4.11 20.13
CA LEU A 127 -18.40 4.28 18.69
C LEU A 127 -16.97 4.59 18.33
N SER A 128 -16.19 3.58 17.96
CA SER A 128 -14.78 3.77 17.68
C SER A 128 -14.59 4.63 16.44
N GLY A 129 -15.47 4.44 15.46
CA GLY A 129 -15.43 5.25 14.25
C GLY A 129 -15.98 6.65 14.46
N VAL A 130 -15.81 7.48 13.45
CA VAL A 130 -16.44 8.79 13.42
C VAL A 130 -17.52 8.76 12.38
N ILE A 131 -18.72 9.23 12.72
CA ILE A 131 -19.76 9.39 11.73
C ILE A 131 -20.04 10.89 11.59
N GLN A 132 -20.20 11.34 10.36
CA GLN A 132 -20.19 12.77 10.05
C GLN A 132 -21.43 13.17 9.30
N GLY A 133 -21.70 14.47 9.26
CA GLY A 133 -22.91 14.95 8.64
C GLY A 133 -23.27 16.34 9.09
N GLN A 134 -24.44 16.81 8.70
CA GLN A 134 -24.91 18.12 9.12
C GLN A 134 -25.29 17.98 10.57
N PHE A 135 -25.33 19.08 11.32
CA PHE A 135 -25.78 18.98 12.69
C PHE A 135 -27.16 18.32 12.81
N SER A 136 -28.05 18.58 11.86
CA SER A 136 -29.36 17.97 11.87
C SER A 136 -29.31 16.45 11.80
N ASP A 137 -28.35 15.91 11.06
CA ASP A 137 -28.22 14.48 10.86
C ASP A 137 -27.63 13.79 12.07
N LEU A 138 -26.82 14.53 12.83
CA LEU A 138 -26.07 13.99 13.95
C LEU A 138 -26.91 14.02 15.20
N GLU A 139 -27.75 15.04 15.31
CA GLU A 139 -28.71 15.13 16.39
C GLU A 139 -29.54 13.86 16.39
N ILE A 140 -29.94 13.42 15.22
CA ILE A 140 -30.69 12.18 15.06
C ILE A 140 -29.89 10.98 15.51
N GLN A 141 -28.61 10.95 15.14
CA GLN A 141 -27.74 9.84 15.51
C GLN A 141 -27.53 9.78 17.00
N ALA A 142 -27.28 10.94 17.61
CA ALA A 142 -27.03 11.02 19.04
C ALA A 142 -28.22 10.52 19.84
N ALA A 143 -29.42 10.80 19.36
CA ALA A 143 -30.62 10.34 20.00
C ALA A 143 -30.71 8.84 19.89
N GLU A 144 -30.37 8.31 18.72
CA GLU A 144 -30.42 6.88 18.53
C GLU A 144 -29.35 6.18 19.37
N ILE A 145 -28.20 6.80 19.51
CA ILE A 145 -27.15 6.24 20.35
C ILE A 145 -27.51 6.31 21.82
N GLU A 146 -28.28 7.33 22.20
CA GLU A 146 -28.78 7.44 23.56
C GLU A 146 -29.91 6.44 23.83
N ARG A 147 -30.78 6.23 22.84
CA ARG A 147 -31.83 5.25 22.98
C ARG A 147 -31.27 3.85 23.06
N MET A 148 -30.15 3.60 22.39
CA MET A 148 -29.49 2.29 22.41
C MET A 148 -28.82 2.04 23.75
N ARG A 149 -28.13 3.06 24.24
CA ARG A 149 -27.48 3.02 25.52
C ARG A 149 -28.44 2.67 26.63
N THR A 150 -29.56 3.39 26.71
CA THR A 150 -30.50 3.15 27.80
C THR A 150 -31.24 1.83 27.63
N LEU A 151 -31.35 1.37 26.39
CA LEU A 151 -31.96 0.09 26.14
C LEU A 151 -31.11 -1.05 26.65
N MET A 152 -29.79 -0.86 26.61
CA MET A 152 -28.90 -1.86 27.17
C MET A 152 -29.04 -1.86 28.67
N GLU A 153 -29.34 -0.70 29.24
CA GLU A 153 -29.40 -0.57 30.68
C GLU A 153 -30.65 -1.21 31.22
N THR A 154 -31.73 -1.16 30.46
CA THR A 154 -32.96 -1.68 31.01
C THR A 154 -33.14 -3.18 30.76
N THR A 155 -32.49 -3.74 29.75
CA THR A 155 -32.54 -5.18 29.61
C THR A 155 -31.56 -5.79 30.59
N LEU A 156 -30.42 -5.14 30.80
CA LEU A 156 -29.52 -5.56 31.85
C LEU A 156 -30.19 -5.50 33.21
N ALA A 157 -30.89 -4.42 33.49
CA ALA A 157 -31.68 -4.30 34.71
C ALA A 157 -32.70 -5.41 34.83
N ARG A 158 -33.37 -5.73 33.73
CA ARG A 158 -34.42 -6.74 33.74
C ARG A 158 -33.87 -8.11 34.15
N HIS A 159 -32.61 -8.38 33.87
CA HIS A 159 -32.05 -9.70 34.09
C HIS A 159 -31.16 -9.80 35.31
N THR A 160 -30.62 -8.67 35.76
CA THR A 160 -29.83 -8.67 36.98
C THR A 160 -30.66 -8.36 38.22
N GLY A 161 -31.85 -7.82 38.02
CA GLY A 161 -32.72 -7.49 39.12
C GLY A 161 -32.44 -6.11 39.67
N LYS A 162 -31.44 -5.45 39.14
CA LYS A 162 -31.08 -4.12 39.58
C LYS A 162 -31.94 -3.09 38.87
N ASP A 163 -31.76 -1.82 39.24
CA ASP A 163 -32.50 -0.75 38.60
C ASP A 163 -31.66 -0.19 37.48
N ALA A 164 -32.31 0.25 36.42
CA ALA A 164 -31.60 0.77 35.26
C ALA A 164 -30.70 1.94 35.64
N GLY A 165 -31.07 2.67 36.67
CA GLY A 165 -30.25 3.78 37.15
C GLY A 165 -28.92 3.32 37.70
N VAL A 166 -28.91 2.17 38.36
CA VAL A 166 -27.68 1.61 38.89
C VAL A 166 -26.82 1.12 37.77
N ILE A 167 -27.38 0.26 36.93
CA ILE A 167 -26.72 -0.21 35.74
C ILE A 167 -26.09 0.96 35.00
N ARG A 168 -26.86 2.03 34.78
CA ARG A 168 -26.39 3.18 34.03
C ARG A 168 -25.17 3.83 34.66
N LYS A 169 -25.09 3.72 35.97
CA LYS A 169 -24.02 4.32 36.75
C LYS A 169 -22.80 3.41 36.71
N ASP A 170 -23.03 2.11 36.74
CA ASP A 170 -21.95 1.13 36.78
C ASP A 170 -21.24 0.99 35.45
N THR A 171 -21.95 1.23 34.35
CA THR A 171 -21.39 1.04 33.02
C THR A 171 -20.86 2.35 32.44
N ASP A 172 -20.92 3.42 33.22
CA ASP A 172 -20.36 4.71 32.84
C ASP A 172 -18.89 4.57 32.49
N ARG A 173 -18.17 3.80 33.31
CA ARG A 173 -16.82 3.39 33.02
C ARG A 173 -16.83 1.87 33.02
N ASP A 174 -15.92 1.23 32.30
CA ASP A 174 -15.87 -0.22 32.24
C ASP A 174 -15.84 -0.81 33.62
N LYS A 175 -16.58 -1.90 33.80
CA LYS A 175 -16.61 -2.58 35.06
C LYS A 175 -16.27 -4.05 34.84
N ILE A 176 -15.12 -4.49 35.32
CA ILE A 176 -14.74 -5.89 35.18
C ILE A 176 -15.12 -6.72 36.39
N LEU A 177 -15.74 -7.86 36.13
CA LEU A 177 -16.25 -8.75 37.14
C LEU A 177 -15.60 -10.11 37.05
N THR A 178 -15.29 -10.70 38.19
CA THR A 178 -14.88 -12.08 38.20
C THR A 178 -16.14 -12.90 38.27
N ALA A 179 -16.01 -14.22 38.15
CA ALA A 179 -17.15 -15.11 38.16
C ALA A 179 -17.98 -14.89 39.42
N GLU A 180 -17.34 -15.00 40.58
CA GLU A 180 -18.03 -14.79 41.84
C GLU A 180 -18.69 -13.40 41.90
N GLU A 181 -17.98 -12.38 41.44
CA GLU A 181 -18.54 -11.04 41.40
C GLU A 181 -19.70 -10.89 40.43
N ALA A 182 -19.62 -11.53 39.26
CA ALA A 182 -20.76 -11.55 38.34
C ALA A 182 -21.95 -12.25 38.95
N LYS A 183 -21.72 -13.30 39.74
CA LYS A 183 -22.78 -13.96 40.47
C LYS A 183 -23.47 -13.00 41.42
N ASP A 184 -22.67 -12.31 42.24
CA ASP A 184 -23.15 -11.29 43.16
C ASP A 184 -23.94 -10.21 42.46
N TYR A 185 -23.46 -9.80 41.29
CA TYR A 185 -24.05 -8.71 40.54
C TYR A 185 -25.41 -9.03 39.93
N GLY A 186 -25.70 -10.31 39.74
CA GLY A 186 -26.97 -10.69 39.15
C GLY A 186 -26.83 -11.21 37.75
N ILE A 187 -25.61 -11.22 37.21
CA ILE A 187 -25.41 -11.55 35.81
C ILE A 187 -25.39 -13.06 35.57
N ILE A 188 -24.96 -13.82 36.55
CA ILE A 188 -25.04 -15.26 36.45
C ILE A 188 -25.53 -15.85 37.76
N ASP A 189 -25.86 -17.12 37.74
CA ASP A 189 -26.46 -17.75 38.90
C ASP A 189 -25.49 -18.63 39.69
N THR A 190 -24.58 -19.32 39.00
CA THR A 190 -23.66 -20.19 39.69
C THR A 190 -22.29 -20.20 39.04
N VAL A 191 -21.26 -20.47 39.82
CA VAL A 191 -19.92 -20.66 39.31
C VAL A 191 -19.62 -22.14 39.24
N LEU A 192 -19.35 -22.65 38.05
CA LEU A 192 -19.11 -24.06 37.87
C LEU A 192 -17.92 -24.54 38.68
N GLU A 193 -18.08 -25.68 39.34
CA GLU A 193 -16.97 -26.29 40.06
C GLU A 193 -16.37 -27.40 39.23
N TYR A 194 -15.04 -27.53 39.29
CA TYR A 194 -14.33 -28.59 38.59
C TYR A 194 -14.81 -30.00 38.98
N ARG A 195 -15.31 -30.75 38.01
CA ARG A 195 -15.79 -32.09 38.29
C ARG A 195 -14.73 -33.17 38.10
N LYS A 196 -13.47 -32.76 38.04
CA LYS A 196 -12.36 -33.72 37.96
C LYS A 196 -12.04 -34.27 39.34
N LEU B 10 7.34 36.18 -6.09
CA LEU B 10 6.86 35.51 -4.89
C LEU B 10 5.45 35.97 -4.58
N THR B 11 4.57 35.01 -4.39
CA THR B 11 3.23 35.28 -3.92
C THR B 11 3.23 36.10 -2.64
N ASP B 12 4.24 35.89 -1.81
CA ASP B 12 4.30 36.55 -0.52
C ASP B 12 4.78 37.98 -0.62
N SER B 13 5.48 38.31 -1.69
CA SER B 13 5.88 39.69 -1.86
C SER B 13 4.66 40.54 -2.21
N VAL B 14 3.77 40.04 -3.06
CA VAL B 14 2.59 40.81 -3.41
C VAL B 14 1.68 40.94 -2.19
N TYR B 15 1.64 39.91 -1.38
CA TYR B 15 0.75 39.91 -0.22
C TYR B 15 1.22 40.87 0.85
N GLU B 16 2.52 41.13 0.91
CA GLU B 16 3.04 42.07 1.88
C GLU B 16 2.96 43.50 1.34
N ARG B 17 3.03 43.66 0.03
CA ARG B 17 2.78 44.95 -0.59
C ARG B 17 1.35 45.39 -0.39
N LEU B 18 0.41 44.47 -0.58
CA LEU B 18 -1.00 44.76 -0.34
C LEU B 18 -1.28 44.95 1.13
N LEU B 19 -0.38 44.46 1.97
CA LEU B 19 -0.57 44.65 3.40
C LEU B 19 -0.36 46.11 3.76
N SER B 20 0.72 46.71 3.25
CA SER B 20 0.97 48.12 3.47
C SER B 20 -0.21 48.96 2.99
N GLU B 21 -0.90 48.43 1.98
CA GLU B 21 -2.09 49.07 1.43
C GLU B 21 -3.31 48.73 2.28
N ARG B 22 -3.07 47.94 3.33
CA ARG B 22 -4.10 47.55 4.27
C ARG B 22 -5.16 46.67 3.62
N ILE B 23 -4.71 45.76 2.77
CA ILE B 23 -5.57 44.76 2.13
C ILE B 23 -5.15 43.36 2.60
N ILE B 24 -6.10 42.56 3.06
CA ILE B 24 -5.74 41.21 3.45
C ILE B 24 -6.68 40.20 2.82
N PHE B 25 -6.22 38.94 2.72
CA PHE B 25 -6.94 37.91 1.97
C PHE B 25 -7.27 36.66 2.75
N LEU B 26 -8.55 36.31 2.82
CA LEU B 26 -8.95 34.99 3.27
C LEU B 26 -9.27 34.16 2.06
N GLY B 27 -8.26 33.53 1.47
CA GLY B 27 -8.40 32.94 0.16
C GLY B 27 -8.51 31.44 0.13
N SER B 28 -8.62 30.82 1.31
CA SER B 28 -8.62 29.37 1.44
C SER B 28 -9.67 28.89 2.41
N GLU B 29 -9.65 27.61 2.74
CA GLU B 29 -10.54 27.09 3.76
C GLU B 29 -10.10 27.68 5.08
N VAL B 30 -11.07 28.02 5.91
CA VAL B 30 -10.79 28.62 7.20
C VAL B 30 -10.34 27.53 8.16
N ASN B 31 -9.08 27.59 8.54
CA ASN B 31 -8.52 26.67 9.50
C ASN B 31 -7.70 27.49 10.50
N ASP B 32 -7.03 26.84 11.44
CA ASP B 32 -6.36 27.59 12.49
C ASP B 32 -5.15 28.35 11.99
N GLU B 33 -4.58 27.92 10.87
CA GLU B 33 -3.33 28.54 10.43
C GLU B 33 -3.56 29.83 9.68
N ILE B 34 -4.62 29.86 8.87
CA ILE B 34 -5.01 31.06 8.15
C ILE B 34 -5.65 32.04 9.12
N ALA B 35 -6.44 31.53 10.06
CA ALA B 35 -7.03 32.37 11.10
C ALA B 35 -5.96 33.08 11.93
N ASN B 36 -4.95 32.36 12.38
CA ASN B 36 -3.89 32.97 13.17
C ASN B 36 -3.10 34.01 12.37
N ARG B 37 -2.89 33.75 11.09
CA ARG B 37 -2.25 34.72 10.22
C ARG B 37 -3.17 35.92 10.04
N LEU B 38 -4.45 35.65 9.85
CA LEU B 38 -5.43 36.70 9.61
C LEU B 38 -5.68 37.54 10.85
N CYS B 39 -5.60 36.92 12.02
CA CYS B 39 -5.76 37.64 13.27
C CYS B 39 -4.53 38.45 13.60
N ALA B 40 -3.36 37.92 13.28
CA ALA B 40 -2.13 38.68 13.44
C ALA B 40 -2.16 39.92 12.57
N GLN B 41 -2.62 39.80 11.33
CA GLN B 41 -2.60 40.93 10.42
C GLN B 41 -3.47 42.08 10.90
N ILE B 42 -4.62 41.76 11.49
CA ILE B 42 -5.53 42.82 11.93
C ILE B 42 -4.96 43.52 13.16
N LEU B 43 -4.29 42.78 14.01
CA LEU B 43 -3.64 43.35 15.18
C LEU B 43 -2.53 44.29 14.75
N LEU B 44 -1.76 43.88 13.75
CA LEU B 44 -0.75 44.74 13.18
C LEU B 44 -1.34 46.04 12.68
N LEU B 45 -2.21 45.93 11.69
CA LEU B 45 -2.72 47.09 10.98
C LEU B 45 -3.39 48.07 11.90
N ALA B 46 -4.15 47.57 12.87
CA ALA B 46 -4.76 48.43 13.87
C ALA B 46 -3.67 49.11 14.71
N ALA B 47 -2.58 48.41 14.96
CA ALA B 47 -1.48 49.01 15.69
C ALA B 47 -0.85 50.14 14.88
N GLU B 48 -0.89 50.03 13.56
CA GLU B 48 -0.31 51.05 12.69
C GLU B 48 -1.22 52.25 12.53
N ASP B 49 -2.49 52.00 12.22
CA ASP B 49 -3.46 53.08 12.11
C ASP B 49 -4.81 52.58 12.58
N ALA B 50 -5.32 53.15 13.67
CA ALA B 50 -6.56 52.69 14.26
C ALA B 50 -7.76 53.42 13.69
N SER B 51 -7.55 54.18 12.62
CA SER B 51 -8.63 54.96 12.04
C SER B 51 -8.75 54.76 10.53
N LYS B 52 -7.82 54.00 9.95
CA LYS B 52 -7.89 53.66 8.53
C LYS B 52 -8.41 52.24 8.39
N ASP B 53 -9.23 52.02 7.37
CA ASP B 53 -9.94 50.76 7.22
C ASP B 53 -9.06 49.62 6.74
N ILE B 54 -9.49 48.41 7.08
CA ILE B 54 -8.83 47.22 6.64
C ILE B 54 -9.72 46.52 5.63
N SER B 55 -9.18 46.17 4.48
CA SER B 55 -9.97 45.48 3.47
C SER B 55 -9.73 43.99 3.52
N LEU B 56 -10.77 43.24 3.79
CA LEU B 56 -10.67 41.79 3.75
C LEU B 56 -11.39 41.25 2.53
N TYR B 57 -10.62 40.76 1.56
CA TYR B 57 -11.17 40.07 0.42
C TYR B 57 -11.35 38.60 0.75
N ILE B 58 -12.54 38.07 0.49
CA ILE B 58 -12.86 36.70 0.83
C ILE B 58 -13.13 35.83 -0.38
N ASN B 59 -12.51 34.67 -0.42
CA ASN B 59 -12.77 33.67 -1.44
C ASN B 59 -12.58 32.32 -0.80
N SER B 60 -13.64 31.77 -0.24
CA SER B 60 -13.42 30.69 0.69
C SER B 60 -14.53 29.68 0.70
N PRO B 61 -14.16 28.40 0.76
CA PRO B 61 -15.10 27.31 0.94
C PRO B 61 -15.68 27.24 2.34
N GLY B 62 -15.03 27.84 3.32
CA GLY B 62 -15.49 27.76 4.69
C GLY B 62 -14.52 26.95 5.52
N GLY B 63 -14.96 26.51 6.69
CA GLY B 63 -14.08 25.73 7.53
C GLY B 63 -14.45 25.76 8.98
N SER B 64 -13.43 25.72 9.84
CA SER B 64 -13.60 25.66 11.29
C SER B 64 -14.28 26.87 11.88
N ILE B 65 -15.36 26.64 12.62
CA ILE B 65 -16.08 27.71 13.31
C ILE B 65 -15.21 28.37 14.36
N SER B 66 -14.47 27.58 15.11
CA SER B 66 -13.58 28.13 16.10
C SER B 66 -12.55 29.02 15.45
N ALA B 67 -11.99 28.57 14.33
CA ALA B 67 -11.06 29.40 13.60
C ALA B 67 -11.74 30.68 13.13
N GLY B 68 -12.97 30.54 12.65
CA GLY B 68 -13.75 31.68 12.23
C GLY B 68 -14.14 32.63 13.34
N MET B 69 -14.34 32.10 14.55
CA MET B 69 -14.71 32.97 15.66
C MET B 69 -13.51 33.75 16.16
N ALA B 70 -12.33 33.13 16.07
CA ALA B 70 -11.10 33.86 16.28
C ALA B 70 -11.07 35.08 15.40
N ILE B 71 -11.24 34.89 14.10
CA ILE B 71 -11.24 35.99 13.14
C ILE B 71 -12.35 36.98 13.40
N TYR B 72 -13.56 36.49 13.64
CA TYR B 72 -14.70 37.38 13.78
C TYR B 72 -14.59 38.28 14.98
N ASP B 73 -14.17 37.74 16.12
CA ASP B 73 -14.03 38.54 17.31
C ASP B 73 -12.92 39.55 17.13
N THR B 74 -11.84 39.14 16.51
CA THR B 74 -10.74 40.04 16.20
C THR B 74 -11.18 41.15 15.27
N MET B 75 -12.02 40.83 14.30
CA MET B 75 -12.58 41.83 13.41
C MET B 75 -13.36 42.88 14.18
N VAL B 76 -14.19 42.41 15.11
CA VAL B 76 -15.09 43.29 15.86
C VAL B 76 -14.40 44.13 16.95
N LEU B 77 -13.36 43.60 17.58
CA LEU B 77 -12.68 44.33 18.63
C LEU B 77 -11.71 45.36 18.06
N ALA B 78 -11.42 45.25 16.77
CA ALA B 78 -10.53 46.19 16.11
C ALA B 78 -11.06 47.62 16.22
N PRO B 79 -10.15 48.59 16.30
CA PRO B 79 -10.50 50.02 16.41
C PRO B 79 -11.01 50.59 15.10
N CYS B 80 -10.56 50.02 13.99
CA CYS B 80 -10.97 50.46 12.65
C CYS B 80 -12.08 49.59 12.08
N ASP B 81 -12.65 50.03 10.96
CA ASP B 81 -13.66 49.25 10.29
C ASP B 81 -13.03 48.20 9.39
N ILE B 82 -13.67 47.05 9.27
CA ILE B 82 -13.20 46.03 8.34
C ILE B 82 -14.14 45.95 7.14
N ALA B 83 -13.62 46.26 5.96
CA ALA B 83 -14.40 46.13 4.75
C ALA B 83 -14.22 44.73 4.17
N THR B 84 -15.32 44.01 3.96
CA THR B 84 -15.23 42.65 3.45
C THR B 84 -15.73 42.60 2.00
N TYR B 85 -14.99 41.89 1.16
CA TYR B 85 -15.30 41.78 -0.26
C TYR B 85 -15.40 40.33 -0.66
N ALA B 86 -16.52 39.92 -1.21
CA ALA B 86 -16.65 38.55 -1.68
C ALA B 86 -16.19 38.41 -3.12
N MET B 87 -15.02 37.82 -3.33
CA MET B 87 -14.56 37.47 -4.68
C MET B 87 -14.79 36.01 -4.93
N GLY B 88 -15.36 35.67 -6.08
CA GLY B 88 -15.56 34.27 -6.38
C GLY B 88 -16.59 33.64 -5.46
N MET B 89 -16.14 33.03 -4.37
CA MET B 89 -17.03 32.30 -3.49
C MET B 89 -16.88 32.68 -2.02
N ALA B 90 -17.99 32.95 -1.36
CA ALA B 90 -17.99 33.17 0.08
C ALA B 90 -18.96 32.18 0.72
N ALA B 91 -18.44 31.07 1.22
CA ALA B 91 -19.31 29.96 1.56
C ALA B 91 -19.23 29.56 3.02
N SER B 92 -20.39 29.39 3.64
CA SER B 92 -20.44 28.95 5.01
C SER B 92 -19.73 29.94 5.93
N MET B 93 -18.52 29.61 6.36
CA MET B 93 -17.79 30.47 7.27
C MET B 93 -17.28 31.69 6.54
N GLY B 94 -17.06 31.56 5.25
CA GLY B 94 -16.70 32.68 4.43
C GLY B 94 -17.85 33.64 4.44
N GLU B 95 -19.07 33.12 4.30
CA GLU B 95 -20.26 33.95 4.26
C GLU B 95 -20.43 34.66 5.58
N PHE B 96 -20.16 33.95 6.67
CA PHE B 96 -20.28 34.50 8.00
C PHE B 96 -19.35 35.69 8.19
N LEU B 97 -18.07 35.48 7.91
CA LEU B 97 -17.10 36.55 7.97
C LEU B 97 -17.39 37.66 6.99
N LEU B 98 -18.00 37.34 5.85
CA LEU B 98 -18.39 38.38 4.92
C LEU B 98 -19.46 39.24 5.54
N ALA B 99 -20.47 38.61 6.13
CA ALA B 99 -21.58 39.33 6.68
C ALA B 99 -21.19 40.01 7.99
N ALA B 100 -20.01 39.67 8.48
CA ALA B 100 -19.57 40.14 9.78
C ALA B 100 -18.75 41.43 9.71
N GLY B 101 -18.47 41.90 8.51
CA GLY B 101 -17.75 43.14 8.32
C GLY B 101 -18.59 44.35 8.69
N THR B 102 -17.97 45.50 8.77
CA THR B 102 -18.66 46.72 9.19
C THR B 102 -19.86 46.99 8.34
N LYS B 103 -21.02 47.22 8.96
CA LYS B 103 -22.22 47.48 8.19
C LYS B 103 -21.99 48.65 7.27
N GLY B 104 -22.38 48.49 6.01
CA GLY B 104 -22.19 49.51 5.00
C GLY B 104 -20.92 49.29 4.23
N LYS B 105 -20.02 48.50 4.79
CA LYS B 105 -18.73 48.23 4.20
C LYS B 105 -18.56 46.76 3.89
N ARG B 106 -19.68 46.12 3.58
CA ARG B 106 -19.72 44.73 3.11
C ARG B 106 -20.05 44.70 1.61
N TYR B 107 -19.11 44.19 0.82
CA TYR B 107 -19.22 44.24 -0.62
C TYR B 107 -19.23 42.87 -1.27
N ALA B 108 -19.92 42.78 -2.40
CA ALA B 108 -19.87 41.59 -3.23
C ALA B 108 -19.49 42.00 -4.64
N LEU B 109 -18.53 41.31 -5.23
CA LEU B 109 -18.24 41.54 -6.64
C LEU B 109 -19.42 40.98 -7.42
N PRO B 110 -19.64 41.49 -8.63
CA PRO B 110 -20.90 41.21 -9.34
C PRO B 110 -21.19 39.73 -9.64
N HIS B 111 -20.16 38.89 -9.73
CA HIS B 111 -20.38 37.49 -10.06
C HIS B 111 -19.96 36.54 -8.96
N ALA B 112 -19.90 37.05 -7.74
CA ALA B 112 -19.57 36.22 -6.60
C ALA B 112 -20.81 35.47 -6.16
N ARG B 113 -20.61 34.32 -5.55
CA ARG B 113 -21.71 33.55 -4.99
C ARG B 113 -21.55 33.36 -3.50
N ILE B 114 -22.66 33.34 -2.77
CA ILE B 114 -22.65 33.10 -1.34
C ILE B 114 -23.38 31.80 -1.04
N LEU B 115 -22.87 31.03 -0.08
CA LEU B 115 -23.53 29.81 0.36
C LEU B 115 -23.73 29.83 1.84
N MET B 116 -24.93 29.59 2.29
CA MET B 116 -25.15 29.43 3.72
C MET B 116 -25.84 28.11 3.99
N HIS B 117 -25.42 27.46 5.07
CA HIS B 117 -26.01 26.21 5.48
C HIS B 117 -25.69 25.98 6.94
N GLN B 118 -26.19 24.90 7.52
CA GLN B 118 -25.93 24.61 8.92
C GLN B 118 -24.58 23.94 9.13
N PRO B 119 -24.13 23.89 10.38
CA PRO B 119 -22.82 23.30 10.71
C PRO B 119 -22.73 21.82 10.40
N LEU B 120 -21.51 21.36 10.16
CA LEU B 120 -21.20 19.95 9.91
C LEU B 120 -20.14 19.49 10.88
N GLY B 121 -20.22 18.25 11.31
CA GLY B 121 -19.15 17.69 12.10
C GLY B 121 -19.32 16.19 12.18
N GLY B 122 -18.86 15.61 13.28
CA GLY B 122 -19.06 14.21 13.51
C GLY B 122 -19.24 13.96 14.98
N VAL B 123 -19.70 12.76 15.29
CA VAL B 123 -19.73 12.28 16.66
C VAL B 123 -18.79 11.09 16.74
N THR B 124 -18.31 10.79 17.94
CA THR B 124 -17.41 9.68 18.12
C THR B 124 -17.25 9.42 19.60
N GLY B 125 -17.01 8.17 19.97
CA GLY B 125 -16.75 7.85 21.35
C GLY B 125 -17.91 7.18 22.02
N SER B 126 -17.87 7.12 23.34
CA SER B 126 -18.90 6.43 24.11
C SER B 126 -20.20 7.18 24.03
N ALA B 127 -21.29 6.51 24.38
CA ALA B 127 -22.60 7.14 24.37
C ALA B 127 -22.62 8.40 25.22
N ALA B 128 -21.88 8.41 26.33
CA ALA B 128 -21.86 9.56 27.21
C ALA B 128 -21.07 10.72 26.63
N ASP B 129 -20.08 10.41 25.82
CA ASP B 129 -19.32 11.43 25.10
C ASP B 129 -20.09 11.99 23.93
N ILE B 130 -20.92 11.16 23.31
CA ILE B 130 -21.71 11.63 22.19
C ILE B 130 -22.84 12.49 22.70
N ALA B 131 -23.36 12.17 23.87
CA ALA B 131 -24.40 12.98 24.48
C ALA B 131 -23.93 14.41 24.65
N ILE B 132 -22.68 14.59 25.04
CA ILE B 132 -22.10 15.92 25.26
C ILE B 132 -21.80 16.60 23.95
N GLN B 133 -21.35 15.83 22.97
CA GLN B 133 -21.15 16.38 21.65
C GLN B 133 -22.46 16.96 21.14
N ALA B 134 -23.54 16.22 21.33
CA ALA B 134 -24.86 16.65 20.90
C ALA B 134 -25.40 17.89 21.63
N GLU B 135 -25.05 18.05 22.90
CA GLU B 135 -25.43 19.26 23.64
C GLU B 135 -24.89 20.49 22.94
N GLN B 136 -23.66 20.38 22.45
CA GLN B 136 -22.97 21.49 21.82
C GLN B 136 -23.45 21.75 20.39
N PHE B 137 -23.81 20.70 19.68
CA PHE B 137 -24.45 20.84 18.39
C PHE B 137 -25.66 21.76 18.47
N ALA B 138 -26.44 21.63 19.53
CA ALA B 138 -27.64 22.44 19.64
C ALA B 138 -27.31 23.82 20.15
N VAL B 139 -26.25 23.94 20.93
CA VAL B 139 -25.85 25.23 21.49
C VAL B 139 -25.27 26.09 20.40
N ILE B 140 -24.34 25.50 19.67
CA ILE B 140 -23.62 26.21 18.62
C ILE B 140 -24.52 26.59 17.44
N LYS B 141 -25.32 25.64 16.99
CA LYS B 141 -26.23 25.87 15.90
C LYS B 141 -27.08 27.08 16.20
N LYS B 142 -27.63 27.11 17.41
CA LYS B 142 -28.46 28.22 17.86
C LYS B 142 -27.73 29.55 17.77
N GLU B 143 -26.50 29.60 18.25
CA GLU B 143 -25.74 30.84 18.25
C GLU B 143 -25.31 31.23 16.84
N MET B 144 -25.12 30.25 15.97
CA MET B 144 -24.69 30.53 14.62
C MET B 144 -25.80 31.18 13.84
N PHE B 145 -27.02 30.81 14.17
CA PHE B 145 -28.18 31.38 13.51
C PHE B 145 -28.49 32.75 14.09
N ARG B 146 -28.37 32.87 15.41
CA ARG B 146 -28.56 34.14 16.08
C ARG B 146 -27.71 35.23 15.46
N LEU B 147 -26.47 34.88 15.12
CA LEU B 147 -25.52 35.82 14.57
C LEU B 147 -25.80 36.16 13.12
N ASN B 148 -26.02 35.15 12.28
CA ASN B 148 -26.39 35.41 10.89
C ASN B 148 -27.71 36.19 10.79
N ALA B 149 -28.67 35.86 11.64
CA ALA B 149 -29.92 36.63 11.72
C ALA B 149 -29.64 38.08 12.09
N GLU B 150 -28.56 38.30 12.80
CA GLU B 150 -28.17 39.63 13.24
C GLU B 150 -27.47 40.41 12.12
N PHE B 151 -26.65 39.71 11.33
CA PHE B 151 -25.95 40.33 10.22
C PHE B 151 -26.88 40.72 9.10
N THR B 152 -27.84 39.85 8.82
CA THR B 152 -28.72 40.00 7.66
C THR B 152 -30.00 40.80 7.94
N GLY B 153 -30.48 40.76 9.16
CA GLY B 153 -31.77 41.32 9.48
C GLY B 153 -32.90 40.33 9.27
N GLN B 154 -32.56 39.08 8.99
CA GLN B 154 -33.59 38.05 8.77
C GLN B 154 -33.99 37.41 10.10
N PRO B 155 -35.27 37.07 10.24
CA PRO B 155 -35.76 36.38 11.43
C PRO B 155 -35.01 35.07 11.64
N ILE B 156 -34.72 34.71 12.89
CA ILE B 156 -33.98 33.49 13.18
C ILE B 156 -34.71 32.25 12.65
N GLU B 157 -36.00 32.39 12.37
CA GLU B 157 -36.77 31.28 11.81
C GLU B 157 -36.41 31.06 10.36
N ARG B 158 -36.08 32.14 9.66
CA ARG B 158 -35.77 32.03 8.24
C ARG B 158 -34.34 31.58 8.08
N ILE B 159 -33.45 32.03 8.96
CA ILE B 159 -32.06 31.59 8.87
C ILE B 159 -32.02 30.08 9.07
N GLU B 160 -32.73 29.62 10.08
CA GLU B 160 -32.75 28.21 10.41
C GLU B 160 -33.32 27.38 9.27
N ALA B 161 -34.44 27.84 8.72
CA ALA B 161 -35.11 27.12 7.66
C ALA B 161 -34.28 27.12 6.38
N ASP B 162 -33.73 28.27 6.02
CA ASP B 162 -32.95 28.39 4.80
C ASP B 162 -31.60 27.70 4.92
N SER B 163 -31.11 27.54 6.14
CA SER B 163 -29.80 26.95 6.36
C SER B 163 -29.81 25.44 6.40
N ASP B 164 -30.99 24.84 6.56
CA ASP B 164 -31.15 23.39 6.67
C ASP B 164 -30.36 22.64 5.59
N ARG B 165 -30.50 23.07 4.34
CA ARG B 165 -29.66 22.54 3.29
C ARG B 165 -29.09 23.71 2.51
N ASP B 166 -27.99 23.47 1.83
CA ASP B 166 -27.26 24.53 1.15
C ASP B 166 -28.17 25.45 0.35
N ARG B 167 -28.07 26.73 0.62
CA ARG B 167 -28.74 27.73 -0.18
C ARG B 167 -27.72 28.65 -0.82
N TRP B 168 -27.76 28.78 -2.14
CA TRP B 168 -26.81 29.64 -2.83
C TRP B 168 -27.43 30.96 -3.20
N PHE B 169 -26.59 31.99 -3.17
CA PHE B 169 -27.02 33.33 -3.51
C PHE B 169 -26.08 33.88 -4.54
N THR B 170 -26.62 34.39 -5.64
CA THR B 170 -25.82 35.22 -6.53
C THR B 170 -25.58 36.54 -5.83
N ALA B 171 -24.73 37.37 -6.38
CA ALA B 171 -24.41 38.65 -5.76
C ALA B 171 -25.68 39.45 -5.51
N ALA B 172 -26.54 39.51 -6.52
CA ALA B 172 -27.79 40.28 -6.42
C ALA B 172 -28.73 39.74 -5.34
N GLU B 173 -28.89 38.42 -5.28
CA GLU B 173 -29.67 37.79 -4.21
C GLU B 173 -29.08 38.00 -2.83
N ALA B 174 -27.76 37.85 -2.70
CA ALA B 174 -27.09 38.05 -1.42
C ALA B 174 -27.32 39.45 -0.86
N LEU B 175 -27.37 40.44 -1.74
CA LEU B 175 -27.65 41.82 -1.34
C LEU B 175 -29.09 42.00 -0.85
N GLU B 176 -30.01 41.27 -1.44
CA GLU B 176 -31.40 41.28 -1.03
C GLU B 176 -31.50 40.76 0.39
N TYR B 177 -30.91 39.59 0.61
CA TYR B 177 -31.08 38.82 1.83
C TYR B 177 -30.51 39.54 3.04
N GLY B 178 -29.36 40.17 2.86
CA GLY B 178 -28.76 40.96 3.90
C GLY B 178 -27.29 40.70 4.12
N PHE B 179 -26.72 39.78 3.36
CA PHE B 179 -25.31 39.42 3.52
C PHE B 179 -24.38 40.58 3.19
N VAL B 180 -24.77 41.40 2.23
CA VAL B 180 -23.93 42.54 1.86
C VAL B 180 -24.75 43.80 1.76
N ASP B 181 -24.07 44.93 1.76
CA ASP B 181 -24.73 46.21 1.65
C ASP B 181 -24.62 46.77 0.22
N HIS B 182 -23.62 46.33 -0.53
CA HIS B 182 -23.39 46.88 -1.85
C HIS B 182 -22.82 45.85 -2.80
N ILE B 183 -22.93 46.13 -4.09
CA ILE B 183 -22.33 45.31 -5.11
C ILE B 183 -21.40 46.20 -5.89
N ILE B 184 -20.11 45.86 -5.87
CA ILE B 184 -19.09 46.69 -6.49
C ILE B 184 -19.11 46.60 -8.00
N THR B 185 -19.34 47.74 -8.65
CA THR B 185 -19.25 47.80 -10.09
C THR B 185 -17.94 48.47 -10.47
N ARG B 186 -17.68 49.62 -9.85
CA ARG B 186 -16.40 50.30 -9.97
C ARG B 186 -16.13 50.80 -11.39
N ILE C 3 -2.69 -28.80 -10.02
CA ILE C 3 -1.43 -29.06 -10.69
C ILE C 3 -0.94 -30.47 -10.43
N LEU C 4 -1.60 -31.20 -9.54
CA LEU C 4 -1.07 -32.48 -9.04
C LEU C 4 -1.96 -33.67 -9.38
N PRO C 5 -1.53 -34.48 -10.34
CA PRO C 5 -2.39 -35.59 -10.71
C PRO C 5 -2.59 -36.55 -9.55
N SER C 6 -3.72 -37.23 -9.53
CA SER C 6 -3.91 -38.34 -8.63
C SER C 6 -4.04 -39.57 -9.49
N PHE C 7 -3.82 -40.72 -8.89
CA PHE C 7 -3.75 -41.93 -9.67
C PHE C 7 -4.55 -43.04 -9.00
N ILE C 8 -4.65 -44.16 -9.69
CA ILE C 8 -5.55 -45.21 -9.26
C ILE C 8 -4.83 -46.55 -9.28
N GLU C 9 -5.04 -47.33 -8.24
CA GLU C 9 -4.57 -48.71 -8.23
C GLU C 9 -5.73 -49.62 -7.89
N HIS C 10 -5.56 -50.89 -8.17
CA HIS C 10 -6.67 -51.81 -8.01
C HIS C 10 -6.14 -53.14 -7.56
N SER C 11 -6.98 -53.88 -6.85
CA SER C 11 -6.72 -55.27 -6.50
C SER C 11 -8.07 -55.91 -6.43
N SER C 12 -8.14 -57.21 -6.14
CA SER C 12 -9.42 -57.88 -6.03
C SER C 12 -10.31 -57.30 -4.92
N PHE C 13 -9.71 -56.60 -3.97
CA PHE C 13 -10.45 -56.08 -2.85
C PHE C 13 -11.14 -54.75 -3.14
N GLY C 14 -10.64 -54.02 -4.13
CA GLY C 14 -11.25 -52.75 -4.47
C GLY C 14 -10.40 -51.88 -5.35
N VAL C 15 -10.82 -50.63 -5.49
CA VAL C 15 -10.13 -49.62 -6.28
C VAL C 15 -9.74 -48.44 -5.41
N LYS C 16 -8.51 -47.98 -5.52
CA LYS C 16 -8.04 -46.92 -4.64
C LYS C 16 -7.52 -45.70 -5.40
N GLU C 17 -8.08 -44.55 -5.06
CA GLU C 17 -7.64 -43.31 -5.64
C GLU C 17 -6.81 -42.59 -4.59
N SER C 18 -5.62 -42.14 -4.99
CA SER C 18 -4.76 -41.40 -4.09
C SER C 18 -3.87 -40.49 -4.90
N ASN C 19 -3.17 -39.60 -4.23
CA ASN C 19 -2.26 -38.74 -4.93
C ASN C 19 -0.86 -39.16 -4.55
N PRO C 20 0.13 -38.64 -5.26
CA PRO C 20 1.51 -39.07 -5.05
C PRO C 20 1.98 -39.03 -3.58
N TYR C 21 1.57 -38.06 -2.78
CA TYR C 21 2.08 -37.99 -1.42
C TYR C 21 1.47 -39.04 -0.49
N ASN C 22 0.19 -39.36 -0.69
CA ASN C 22 -0.45 -40.42 0.07
C ASN C 22 0.24 -41.74 -0.18
N LYS C 23 0.61 -42.00 -1.42
CA LYS C 23 1.30 -43.22 -1.79
C LYS C 23 2.68 -43.31 -1.11
N LEU C 24 3.40 -42.21 -1.14
CA LEU C 24 4.67 -42.11 -0.47
C LEU C 24 4.56 -42.31 1.03
N PHE C 25 3.48 -41.83 1.64
CA PHE C 25 3.27 -42.02 3.07
C PHE C 25 2.99 -43.49 3.39
N GLU C 26 2.15 -44.09 2.57
CA GLU C 26 1.91 -45.51 2.59
C GLU C 26 3.19 -46.34 2.52
N GLU C 27 4.22 -45.81 1.87
CA GLU C 27 5.52 -46.46 1.88
C GLU C 27 6.40 -45.96 3.03
N ARG C 28 5.76 -45.31 4.00
CA ARG C 28 6.41 -44.74 5.17
C ARG C 28 7.42 -43.65 4.83
N ILE C 29 7.14 -42.90 3.77
CA ILE C 29 7.99 -41.77 3.39
C ILE C 29 7.35 -40.46 3.76
N ILE C 30 8.04 -39.69 4.59
CA ILE C 30 7.63 -38.33 4.92
C ILE C 30 8.41 -37.34 4.07
N PHE C 31 7.72 -36.39 3.49
CA PHE C 31 8.37 -35.33 2.75
C PHE C 31 8.60 -34.08 3.62
N LEU C 32 9.85 -33.66 3.76
CA LEU C 32 10.13 -32.35 4.32
C LEU C 32 10.74 -31.47 3.26
N GLY C 33 9.91 -30.78 2.48
CA GLY C 33 10.41 -29.99 1.37
C GLY C 33 10.09 -28.53 1.47
N VAL C 34 9.81 -28.06 2.67
CA VAL C 34 9.46 -26.67 2.88
C VAL C 34 10.38 -26.06 3.92
N GLN C 35 10.20 -24.76 4.20
CA GLN C 35 10.90 -24.11 5.29
C GLN C 35 10.38 -24.70 6.57
N VAL C 36 11.27 -25.05 7.47
CA VAL C 36 10.88 -25.50 8.80
C VAL C 36 10.27 -24.34 9.56
N ASP C 37 8.96 -24.20 9.52
CA ASP C 37 8.27 -23.24 10.38
C ASP C 37 7.44 -24.03 11.37
N ASP C 38 6.53 -23.39 12.08
CA ASP C 38 5.85 -24.10 13.15
C ASP C 38 4.70 -24.95 12.62
N ALA C 39 4.18 -24.62 11.46
CA ALA C 39 3.13 -25.45 10.89
C ALA C 39 3.71 -26.71 10.29
N SER C 40 4.75 -26.52 9.50
CA SER C 40 5.55 -27.61 8.96
C SER C 40 6.00 -28.57 10.07
N ALA C 41 6.41 -28.02 11.20
CA ALA C 41 6.87 -28.80 12.33
C ALA C 41 5.76 -29.67 12.94
N ASN C 42 4.57 -29.13 13.11
CA ASN C 42 3.46 -29.92 13.59
C ASN C 42 3.10 -31.05 12.65
N ASP C 43 2.92 -30.72 11.37
CA ASP C 43 2.61 -31.72 10.37
C ASP C 43 3.61 -32.85 10.36
N ILE C 44 4.89 -32.52 10.48
CA ILE C 44 5.91 -33.54 10.39
C ILE C 44 5.96 -34.43 11.63
N MET C 45 5.75 -33.86 12.80
CA MET C 45 5.67 -34.64 14.02
C MET C 45 4.48 -35.57 14.01
N ALA C 46 3.33 -35.06 13.59
CA ALA C 46 2.13 -35.85 13.44
C ALA C 46 2.39 -37.06 12.56
N GLN C 47 3.11 -36.87 11.46
CA GLN C 47 3.39 -37.98 10.58
C GLN C 47 4.32 -38.95 11.23
N LEU C 48 5.36 -38.45 11.90
CA LEU C 48 6.30 -39.35 12.54
C LEU C 48 5.59 -40.16 13.59
N LEU C 49 4.69 -39.52 14.33
CA LEU C 49 3.98 -40.18 15.40
C LEU C 49 2.99 -41.21 14.89
N VAL C 50 2.22 -40.84 13.88
CA VAL C 50 1.31 -41.79 13.27
C VAL C 50 2.01 -42.97 12.64
N LEU C 51 3.07 -42.72 11.88
CA LEU C 51 3.80 -43.83 11.27
C LEU C 51 4.32 -44.77 12.34
N GLU C 52 4.69 -44.24 13.51
CA GLU C 52 5.26 -45.07 14.55
C GLU C 52 4.18 -45.87 15.25
N SER C 53 2.98 -45.31 15.28
CA SER C 53 1.82 -45.96 15.85
C SER C 53 1.37 -47.10 14.98
N LEU C 54 1.49 -46.94 13.66
CA LEU C 54 1.08 -47.96 12.71
C LEU C 54 2.02 -49.16 12.68
N ASP C 55 3.32 -48.93 12.72
CA ASP C 55 4.31 -50.01 12.75
C ASP C 55 5.64 -49.50 13.27
N PRO C 56 5.88 -49.70 14.57
CA PRO C 56 7.05 -49.18 15.30
C PRO C 56 8.34 -49.89 14.97
N ASP C 57 8.27 -50.99 14.25
CA ASP C 57 9.46 -51.79 13.98
C ASP C 57 9.99 -51.55 12.59
N ARG C 58 9.24 -50.77 11.82
CA ARG C 58 9.54 -50.52 10.42
C ARG C 58 10.11 -49.12 10.22
N ASP C 59 11.08 -49.00 9.33
CA ASP C 59 11.76 -47.74 9.09
C ASP C 59 10.90 -46.67 8.45
N ILE C 60 11.12 -45.44 8.88
CA ILE C 60 10.51 -44.25 8.31
C ILE C 60 11.57 -43.48 7.51
N THR C 61 11.24 -43.05 6.30
CA THR C 61 12.19 -42.28 5.48
C THR C 61 11.79 -40.82 5.37
N MET C 62 12.71 -39.92 5.62
CA MET C 62 12.45 -38.52 5.40
C MET C 62 13.19 -37.99 4.21
N TYR C 63 12.48 -37.53 3.19
CA TYR C 63 13.11 -36.79 2.12
C TYR C 63 13.23 -35.35 2.56
N ILE C 64 14.43 -34.81 2.42
CA ILE C 64 14.72 -33.45 2.84
C ILE C 64 15.14 -32.60 1.66
N ASN C 65 14.30 -31.64 1.31
CA ASN C 65 14.67 -30.58 0.38
C ASN C 65 14.20 -29.29 1.02
N SER C 66 15.04 -28.68 1.85
CA SER C 66 14.62 -27.56 2.65
C SER C 66 15.68 -26.51 2.87
N PRO C 67 15.30 -25.25 2.77
CA PRO C 67 16.19 -24.13 3.05
C PRO C 67 16.49 -23.94 4.53
N GLY C 68 15.74 -24.62 5.40
CA GLY C 68 15.98 -24.54 6.84
C GLY C 68 14.79 -23.97 7.58
N GLY C 69 15.02 -23.35 8.72
CA GLY C 69 13.93 -22.73 9.43
C GLY C 69 14.14 -22.45 10.89
N GLY C 70 13.05 -22.25 11.60
CA GLY C 70 13.09 -21.87 13.00
C GLY C 70 13.71 -22.91 13.91
N PHE C 71 14.28 -22.44 15.02
CA PHE C 71 15.09 -23.31 15.84
C PHE C 71 14.26 -24.17 16.78
N THR C 72 13.24 -23.62 17.42
CA THR C 72 12.43 -24.46 18.29
C THR C 72 11.69 -25.49 17.44
N SER C 73 11.42 -25.16 16.19
CA SER C 73 10.80 -26.11 15.27
C SER C 73 11.77 -27.19 14.85
N LEU C 74 13.01 -26.81 14.64
CA LEU C 74 14.05 -27.79 14.40
C LEU C 74 14.17 -28.71 15.58
N MET C 75 14.07 -28.18 16.78
CA MET C 75 14.28 -29.01 17.93
C MET C 75 13.09 -29.90 18.20
N ALA C 76 11.89 -29.40 17.91
CA ALA C 76 10.70 -30.22 18.01
C ALA C 76 10.79 -31.44 17.10
N ILE C 77 11.18 -31.24 15.85
CA ILE C 77 11.29 -32.36 14.93
C ILE C 77 12.46 -33.29 15.29
N TYR C 78 13.59 -32.71 15.70
CA TYR C 78 14.73 -33.52 16.10
C TYR C 78 14.41 -34.43 17.28
N ASP C 79 13.66 -33.93 18.24
CA ASP C 79 13.29 -34.74 19.39
C ASP C 79 12.38 -35.88 18.97
N THR C 80 11.38 -35.58 18.14
CA THR C 80 10.44 -36.60 17.68
C THR C 80 11.10 -37.68 16.83
N MET C 81 12.09 -37.30 16.04
CA MET C 81 12.88 -38.28 15.30
C MET C 81 13.63 -39.23 16.23
N GLN C 82 14.13 -38.70 17.33
CA GLN C 82 14.94 -39.49 18.26
C GLN C 82 14.07 -40.24 19.25
N TYR C 83 12.86 -39.74 19.45
CA TYR C 83 11.99 -40.29 20.47
C TYR C 83 11.31 -41.55 19.98
N VAL C 84 10.87 -41.53 18.74
CA VAL C 84 10.17 -42.65 18.14
C VAL C 84 11.01 -43.93 18.13
N ARG C 85 10.36 -45.09 18.21
CA ARG C 85 11.07 -46.37 18.28
C ARG C 85 11.58 -46.81 16.90
N ALA C 86 10.93 -46.33 15.85
CA ALA C 86 11.24 -46.74 14.49
C ALA C 86 12.43 -45.99 13.90
N ASP C 87 13.30 -46.70 13.21
CA ASP C 87 14.48 -46.07 12.63
C ASP C 87 14.06 -45.06 11.60
N ILE C 88 14.91 -44.07 11.38
CA ILE C 88 14.59 -42.97 10.49
C ILE C 88 15.71 -42.77 9.49
N GLN C 89 15.36 -42.88 8.23
CA GLN C 89 16.32 -42.77 7.14
C GLN C 89 16.17 -41.43 6.46
N THR C 90 17.21 -40.63 6.45
CA THR C 90 17.09 -39.31 5.89
C THR C 90 17.73 -39.29 4.53
N VAL C 91 17.03 -38.71 3.55
CA VAL C 91 17.55 -38.59 2.21
C VAL C 91 17.49 -37.14 1.79
N CYS C 92 18.64 -36.56 1.53
CA CYS C 92 18.64 -35.21 1.01
C CYS C 92 18.48 -35.23 -0.50
N LEU C 93 17.39 -34.65 -0.97
CA LEU C 93 17.26 -34.32 -2.37
C LEU C 93 17.43 -32.83 -2.50
N GLY C 94 18.33 -32.38 -3.36
CA GLY C 94 18.39 -30.95 -3.58
C GLY C 94 19.18 -30.18 -2.56
N GLN C 95 18.63 -29.93 -1.38
CA GLN C 95 19.39 -29.19 -0.37
C GLN C 95 18.85 -29.37 1.03
N ALA C 96 19.77 -29.36 2.00
CA ALA C 96 19.43 -29.34 3.40
C ALA C 96 20.25 -28.24 4.04
N ALA C 97 19.62 -27.11 4.31
CA ALA C 97 20.36 -25.93 4.73
C ALA C 97 20.03 -25.55 6.16
N SER C 98 21.06 -25.25 6.93
CA SER C 98 20.90 -24.79 8.30
C SER C 98 20.18 -25.80 9.17
N ALA C 99 18.97 -25.49 9.62
CA ALA C 99 18.26 -26.41 10.49
C ALA C 99 18.12 -27.78 9.89
N ALA C 100 17.80 -27.86 8.59
CA ALA C 100 17.58 -29.14 7.94
C ALA C 100 18.87 -29.94 7.69
N ALA C 101 20.02 -29.28 7.71
CA ALA C 101 21.27 -30.00 7.71
C ALA C 101 21.39 -30.81 8.97
N VAL C 102 20.85 -30.28 10.06
CA VAL C 102 20.84 -30.94 11.35
C VAL C 102 19.86 -32.09 11.37
N LEU C 103 18.75 -31.95 10.66
CA LEU C 103 17.82 -33.05 10.56
C LEU C 103 18.40 -34.15 9.69
N LEU C 104 19.15 -33.75 8.68
CA LEU C 104 19.82 -34.71 7.84
C LEU C 104 20.80 -35.53 8.66
N ALA C 105 21.61 -34.87 9.46
CA ALA C 105 22.63 -35.57 10.23
C ALA C 105 22.03 -36.44 11.34
N ALA C 106 20.78 -36.17 11.71
CA ALA C 106 20.16 -36.84 12.85
C ALA C 106 19.48 -38.16 12.53
N GLY C 107 19.37 -38.52 11.25
CA GLY C 107 18.81 -39.80 10.88
C GLY C 107 19.58 -40.94 11.52
N THR C 108 19.03 -42.15 11.56
CA THR C 108 19.75 -43.18 12.30
C THR C 108 20.98 -43.63 11.54
N PRO C 109 22.07 -43.83 12.27
CA PRO C 109 23.41 -44.11 11.78
C PRO C 109 23.46 -45.19 10.72
N GLY C 110 24.02 -44.86 9.58
CA GLY C 110 24.13 -45.78 8.46
C GLY C 110 23.00 -45.64 7.49
N LYS C 111 22.04 -44.80 7.83
CA LYS C 111 20.82 -44.68 7.05
C LYS C 111 20.59 -43.26 6.58
N ARG C 112 21.64 -42.45 6.59
CA ARG C 112 21.54 -41.07 6.11
C ARG C 112 22.23 -40.89 4.78
N MET C 113 21.54 -40.40 3.76
CA MET C 113 22.16 -40.31 2.45
C MET C 113 21.67 -39.13 1.66
N ALA C 114 22.39 -38.82 0.60
CA ALA C 114 22.09 -37.70 -0.26
C ALA C 114 22.23 -38.11 -1.69
N LEU C 115 21.54 -37.42 -2.59
CA LEU C 115 21.74 -37.61 -4.01
C LEU C 115 22.96 -36.82 -4.39
N PRO C 116 23.64 -37.21 -5.48
CA PRO C 116 24.96 -36.70 -5.83
C PRO C 116 25.09 -35.19 -5.90
N ASN C 117 24.09 -34.51 -6.41
CA ASN C 117 24.19 -33.07 -6.61
C ASN C 117 23.51 -32.23 -5.55
N ALA C 118 23.15 -32.86 -4.44
CA ALA C 118 22.55 -32.13 -3.35
C ALA C 118 23.62 -31.43 -2.56
N ARG C 119 23.27 -30.30 -1.97
CA ARG C 119 24.22 -29.54 -1.19
C ARG C 119 23.76 -29.38 0.24
N VAL C 120 24.70 -29.47 1.15
CA VAL C 120 24.43 -29.29 2.55
C VAL C 120 25.04 -27.98 2.97
N LEU C 121 24.31 -27.22 3.77
CA LEU C 121 24.76 -25.93 4.24
C LEU C 121 24.58 -25.89 5.73
N ILE C 122 25.62 -25.46 6.44
CA ILE C 122 25.54 -25.32 7.87
C ILE C 122 26.03 -23.95 8.27
N HIS C 123 25.21 -23.22 9.02
CA HIS C 123 25.70 -22.02 9.67
C HIS C 123 25.05 -21.87 11.03
N GLN C 124 25.48 -20.87 11.78
CA GLN C 124 24.95 -20.65 13.10
C GLN C 124 23.62 -19.94 13.05
N PRO C 125 22.81 -20.09 14.10
CA PRO C 125 21.55 -19.35 14.17
C PRO C 125 21.76 -17.87 13.88
N SER C 126 20.87 -17.31 13.09
CA SER C 126 20.91 -15.92 12.73
C SER C 126 19.59 -15.29 13.12
N LEU C 127 19.60 -13.99 13.36
CA LEU C 127 18.37 -13.26 13.55
C LEU C 127 18.26 -12.18 12.48
N SER C 128 17.42 -12.42 11.48
CA SER C 128 17.24 -11.51 10.36
C SER C 128 16.55 -10.23 10.79
N GLY C 129 15.47 -10.38 11.56
CA GLY C 129 14.74 -9.24 12.06
C GLY C 129 15.53 -8.47 13.10
N VAL C 130 14.81 -7.80 13.98
CA VAL C 130 15.39 -7.07 15.07
C VAL C 130 14.45 -7.18 16.25
N ILE C 131 14.95 -7.64 17.39
CA ILE C 131 14.12 -7.64 18.58
C ILE C 131 14.56 -6.50 19.48
N GLN C 132 13.59 -5.73 19.98
CA GLN C 132 13.86 -4.48 20.69
C GLN C 132 13.59 -4.59 22.17
N GLY C 133 13.97 -3.57 22.92
CA GLY C 133 13.66 -3.50 24.34
C GLY C 133 14.79 -2.98 25.19
N GLN C 134 14.72 -3.21 26.49
CA GLN C 134 15.72 -2.68 27.40
C GLN C 134 16.93 -3.56 27.40
N PHE C 135 18.08 -3.04 27.82
CA PHE C 135 19.29 -3.83 27.73
C PHE C 135 19.16 -5.08 28.57
N SER C 136 18.36 -5.02 29.62
CA SER C 136 18.13 -6.17 30.49
C SER C 136 17.39 -7.30 29.80
N ASP C 137 16.39 -6.95 28.99
CA ASP C 137 15.68 -7.93 28.17
C ASP C 137 16.55 -8.48 27.05
N LEU C 138 17.31 -7.61 26.40
CA LEU C 138 18.18 -8.05 25.31
C LEU C 138 19.30 -8.90 25.84
N GLU C 139 19.78 -8.61 27.05
CA GLU C 139 20.84 -9.43 27.61
C GLU C 139 20.32 -10.85 27.76
N ILE C 140 19.03 -10.98 28.02
CA ILE C 140 18.40 -12.29 28.16
C ILE C 140 18.25 -12.98 26.81
N GLN C 141 17.89 -12.22 25.80
CA GLN C 141 17.73 -12.76 24.46
C GLN C 141 19.06 -13.26 23.89
N ALA C 142 20.12 -12.54 24.20
CA ALA C 142 21.43 -12.85 23.69
C ALA C 142 22.00 -14.07 24.37
N ALA C 143 21.61 -14.33 25.60
CA ALA C 143 22.08 -15.53 26.28
C ALA C 143 21.34 -16.75 25.78
N GLU C 144 20.10 -16.56 25.37
CA GLU C 144 19.32 -17.62 24.76
C GLU C 144 19.80 -17.94 23.36
N ILE C 145 20.10 -16.90 22.58
CA ILE C 145 20.67 -17.08 21.25
C ILE C 145 22.03 -17.76 21.30
N GLU C 146 22.80 -17.45 22.33
CA GLU C 146 24.04 -18.16 22.58
C GLU C 146 23.76 -19.60 22.98
N ARG C 147 22.69 -19.81 23.72
CA ARG C 147 22.38 -21.16 24.17
C ARG C 147 21.95 -22.02 23.00
N MET C 148 21.23 -21.41 22.06
CA MET C 148 20.75 -22.11 20.88
C MET C 148 21.88 -22.39 19.91
N ARG C 149 22.84 -21.48 19.84
CA ARG C 149 23.98 -21.66 19.01
C ARG C 149 24.79 -22.84 19.50
N THR C 150 25.02 -22.92 20.81
CA THR C 150 25.85 -23.97 21.36
C THR C 150 25.15 -25.32 21.30
N LEU C 151 23.84 -25.31 21.13
CA LEU C 151 23.05 -26.53 21.14
C LEU C 151 22.96 -27.11 19.74
N MET C 152 23.03 -26.26 18.74
CA MET C 152 23.19 -26.74 17.39
C MET C 152 24.54 -27.41 17.22
N GLU C 153 25.55 -26.87 17.91
CA GLU C 153 26.90 -27.39 17.81
C GLU C 153 27.05 -28.72 18.50
N THR C 154 26.42 -28.88 19.65
CA THR C 154 26.63 -30.08 20.41
C THR C 154 25.81 -31.25 19.90
N THR C 155 24.69 -30.98 19.23
CA THR C 155 23.92 -32.06 18.63
C THR C 155 24.48 -32.39 17.25
N LEU C 156 24.89 -31.38 16.50
CA LEU C 156 25.61 -31.64 15.27
C LEU C 156 26.89 -32.43 15.57
N ALA C 157 27.66 -32.01 16.57
CA ALA C 157 28.86 -32.72 16.98
C ALA C 157 28.56 -34.18 17.30
N ARG C 158 27.43 -34.41 17.93
CA ARG C 158 27.08 -35.73 18.41
C ARG C 158 26.80 -36.69 17.27
N HIS C 159 26.22 -36.18 16.19
CA HIS C 159 25.78 -37.00 15.07
C HIS C 159 26.82 -37.08 13.97
N THR C 160 27.76 -36.14 13.95
CA THR C 160 28.82 -36.15 12.97
C THR C 160 30.10 -36.83 13.45
N GLY C 161 30.29 -36.87 14.76
CA GLY C 161 31.53 -37.38 15.31
C GLY C 161 32.58 -36.29 15.46
N LYS C 162 32.28 -35.08 15.01
CA LYS C 162 33.22 -33.97 15.11
C LYS C 162 33.22 -33.41 16.52
N ASP C 163 34.34 -32.87 16.96
CA ASP C 163 34.40 -32.18 18.24
C ASP C 163 33.50 -30.98 18.10
N ALA C 164 32.83 -30.59 19.16
CA ALA C 164 31.91 -29.46 19.09
C ALA C 164 32.67 -28.17 18.81
N GLY C 165 33.95 -28.15 19.17
CA GLY C 165 34.78 -26.98 18.97
C GLY C 165 35.08 -26.79 17.50
N VAL C 166 35.14 -27.90 16.79
CA VAL C 166 35.34 -27.90 15.35
C VAL C 166 34.11 -27.33 14.68
N ILE C 167 32.95 -27.89 15.00
CA ILE C 167 31.68 -27.42 14.49
C ILE C 167 31.47 -25.93 14.70
N ARG C 168 31.89 -25.43 15.86
CA ARG C 168 31.67 -24.03 16.19
C ARG C 168 32.52 -23.14 15.34
N LYS C 169 33.68 -23.65 14.92
CA LYS C 169 34.58 -22.89 14.07
C LYS C 169 34.11 -22.94 12.62
N ASP C 170 33.63 -24.11 12.22
CA ASP C 170 33.17 -24.34 10.85
C ASP C 170 31.87 -23.63 10.51
N THR C 171 31.08 -23.32 11.53
CA THR C 171 29.79 -22.69 11.29
C THR C 171 29.82 -21.22 11.59
N ASP C 172 30.99 -20.70 11.94
CA ASP C 172 31.18 -19.27 12.14
C ASP C 172 30.78 -18.57 10.87
N ARG C 173 31.38 -18.97 9.77
CA ARG C 173 30.91 -18.57 8.46
C ARG C 173 30.29 -19.79 7.77
N ASP C 174 29.33 -19.55 6.88
CA ASP C 174 28.65 -20.64 6.16
C ASP C 174 29.63 -21.64 5.58
N LYS C 175 29.23 -22.90 5.58
CA LYS C 175 30.02 -23.94 4.97
C LYS C 175 29.13 -24.77 4.09
N ILE C 176 29.26 -24.63 2.78
CA ILE C 176 28.48 -25.44 1.88
C ILE C 176 29.23 -26.72 1.56
N LEU C 177 28.54 -27.84 1.66
CA LEU C 177 29.15 -29.12 1.39
C LEU C 177 28.47 -29.76 0.20
N THR C 178 29.23 -30.41 -0.65
CA THR C 178 28.61 -31.27 -1.64
C THR C 178 28.24 -32.57 -0.95
N ALA C 179 27.57 -33.45 -1.67
CA ALA C 179 27.20 -34.74 -1.13
C ALA C 179 28.41 -35.45 -0.57
N GLU C 180 29.46 -35.58 -1.37
CA GLU C 180 30.63 -36.33 -0.96
C GLU C 180 31.34 -35.66 0.21
N GLU C 181 31.36 -34.32 0.23
CA GLU C 181 31.99 -33.59 1.32
C GLU C 181 31.23 -33.77 2.61
N ALA C 182 29.91 -33.84 2.50
CA ALA C 182 29.03 -34.10 3.63
C ALA C 182 29.23 -35.50 4.19
N LYS C 183 29.56 -36.45 3.34
CA LYS C 183 29.89 -37.79 3.80
C LYS C 183 31.21 -37.81 4.57
N ASP C 184 32.18 -37.02 4.14
CA ASP C 184 33.44 -36.91 4.87
C ASP C 184 33.28 -36.08 6.14
N TYR C 185 32.38 -35.12 6.13
CA TYR C 185 32.17 -34.30 7.30
C TYR C 185 31.41 -35.06 8.37
N GLY C 186 30.72 -36.13 7.97
CA GLY C 186 29.98 -36.95 8.91
C GLY C 186 28.49 -36.67 8.99
N ILE C 187 28.01 -35.82 8.10
CA ILE C 187 26.61 -35.45 8.07
C ILE C 187 25.78 -36.54 7.40
N ILE C 188 26.35 -37.23 6.42
CA ILE C 188 25.69 -38.39 5.85
C ILE C 188 26.61 -39.61 5.87
N ASP C 189 26.04 -40.75 5.53
CA ASP C 189 26.78 -41.99 5.56
C ASP C 189 27.09 -42.45 4.13
N THR C 190 26.15 -42.28 3.21
CA THR C 190 26.41 -42.69 1.85
C THR C 190 25.88 -41.68 0.85
N VAL C 191 26.53 -41.59 -0.30
CA VAL C 191 25.98 -40.87 -1.42
C VAL C 191 25.21 -41.87 -2.26
N LEU C 192 23.97 -41.54 -2.60
CA LEU C 192 23.16 -42.44 -3.42
C LEU C 192 23.66 -42.50 -4.85
N GLU C 193 23.85 -43.72 -5.37
CA GLU C 193 24.26 -43.91 -6.75
C GLU C 193 23.04 -44.00 -7.64
N TYR C 194 23.13 -43.46 -8.84
CA TYR C 194 22.06 -43.63 -9.82
C TYR C 194 21.89 -45.11 -10.10
N ARG C 195 20.66 -45.61 -9.98
CA ARG C 195 20.41 -47.03 -10.22
C ARG C 195 19.73 -47.22 -11.56
N LYS C 196 20.14 -46.44 -12.55
CA LYS C 196 19.57 -46.53 -13.90
C LYS C 196 20.47 -47.33 -14.83
N LEU C 197 19.84 -48.18 -15.65
CA LEU C 197 20.56 -49.06 -16.56
C LEU C 197 21.08 -48.32 -17.80
N SER C 198 20.36 -47.28 -18.22
CA SER C 198 20.72 -46.54 -19.44
C SER C 198 21.91 -45.59 -19.23
N THR D 11 11.18 31.62 14.11
CA THR D 11 11.49 30.49 14.96
C THR D 11 12.99 30.21 14.96
N ASP D 12 13.66 30.51 13.87
CA ASP D 12 15.11 30.44 13.82
C ASP D 12 15.70 31.81 14.11
N SER D 13 14.88 32.85 14.05
CA SER D 13 15.36 34.16 14.45
C SER D 13 15.38 34.29 15.97
N VAL D 14 14.42 33.68 16.66
CA VAL D 14 14.43 33.72 18.12
C VAL D 14 15.58 32.89 18.65
N TYR D 15 15.81 31.71 18.10
CA TYR D 15 16.92 30.90 18.55
C TYR D 15 18.25 31.56 18.23
N GLU D 16 18.29 32.41 17.21
CA GLU D 16 19.53 33.12 16.87
C GLU D 16 19.78 34.26 17.86
N ARG D 17 18.74 35.04 18.13
CA ARG D 17 18.85 36.11 19.10
C ARG D 17 19.22 35.56 20.47
N LEU D 18 18.72 34.36 20.79
CA LEU D 18 19.02 33.74 22.07
C LEU D 18 20.43 33.20 22.13
N LEU D 19 20.97 32.78 21.02
CA LEU D 19 22.33 32.26 20.97
C LEU D 19 23.34 33.36 21.27
N SER D 20 22.99 34.58 20.88
CA SER D 20 23.81 35.73 21.18
C SER D 20 23.77 36.06 22.68
N GLU D 21 22.70 35.60 23.33
CA GLU D 21 22.54 35.71 24.78
C GLU D 21 23.14 34.50 25.50
N ARG D 22 23.85 33.66 24.75
CA ARG D 22 24.42 32.42 25.28
C ARG D 22 23.37 31.45 25.80
N ILE D 23 22.20 31.44 25.17
CA ILE D 23 21.16 30.48 25.49
C ILE D 23 20.94 29.51 24.33
N ILE D 24 21.01 28.22 24.62
CA ILE D 24 20.81 27.21 23.59
C ILE D 24 19.85 26.15 24.08
N PHE D 25 19.21 25.47 23.14
CA PHE D 25 18.11 24.58 23.46
C PHE D 25 18.35 23.17 23.04
N LEU D 26 18.06 22.23 23.93
CA LEU D 26 17.97 20.82 23.57
C LEU D 26 16.52 20.43 23.66
N GLY D 27 15.73 20.85 22.68
CA GLY D 27 14.28 20.84 22.81
C GLY D 27 13.55 19.75 22.07
N SER D 28 14.24 18.66 21.74
CA SER D 28 13.62 17.52 21.10
C SER D 28 14.40 16.26 21.40
N GLU D 29 14.07 15.18 20.70
CA GLU D 29 14.79 13.92 20.86
C GLU D 29 16.24 14.09 20.44
N VAL D 30 17.13 13.32 21.03
CA VAL D 30 18.55 13.47 20.75
C VAL D 30 19.01 12.55 19.65
N ASN D 31 19.25 13.12 18.47
CA ASN D 31 19.83 12.39 17.36
C ASN D 31 21.14 13.04 16.96
N ASP D 32 21.91 12.40 16.10
CA ASP D 32 23.21 12.93 15.70
C ASP D 32 23.10 14.34 15.17
N GLU D 33 21.99 14.64 14.50
CA GLU D 33 21.77 15.95 13.90
C GLU D 33 21.66 17.05 14.93
N ILE D 34 20.86 16.83 15.96
CA ILE D 34 20.71 17.81 17.04
C ILE D 34 21.94 17.86 17.92
N ALA D 35 22.58 16.73 18.18
CA ALA D 35 23.82 16.76 18.94
C ALA D 35 24.84 17.61 18.23
N ASN D 36 25.01 17.40 16.93
CA ASN D 36 25.99 18.14 16.14
C ASN D 36 25.70 19.64 16.10
N ARG D 37 24.43 20.00 15.95
CA ARG D 37 24.04 21.40 15.98
C ARG D 37 24.36 22.00 17.34
N LEU D 38 24.27 21.18 18.37
CA LEU D 38 24.53 21.65 19.71
C LEU D 38 26.02 21.75 20.01
N CYS D 39 26.79 20.74 19.63
CA CYS D 39 28.24 20.82 19.78
C CYS D 39 28.82 22.01 19.04
N ALA D 40 28.31 22.28 17.84
CA ALA D 40 28.68 23.48 17.11
C ALA D 40 28.46 24.73 17.94
N GLN D 41 27.30 24.82 18.58
CA GLN D 41 26.93 26.01 19.34
C GLN D 41 27.80 26.21 20.57
N ILE D 42 28.27 25.12 21.16
CA ILE D 42 29.09 25.23 22.34
C ILE D 42 30.51 25.56 21.92
N LEU D 43 30.94 25.06 20.77
CA LEU D 43 32.24 25.44 20.22
C LEU D 43 32.27 26.93 19.87
N LEU D 44 31.28 27.42 19.14
CA LEU D 44 31.20 28.84 18.78
C LEU D 44 31.14 29.79 19.97
N LEU D 45 30.21 29.51 20.88
CA LEU D 45 29.97 30.34 22.06
C LEU D 45 31.17 30.37 22.98
N ALA D 46 32.00 29.33 22.94
CA ALA D 46 33.21 29.29 23.75
C ALA D 46 34.30 30.13 23.13
N ALA D 47 34.41 30.06 21.81
CA ALA D 47 35.36 30.90 21.09
C ALA D 47 35.06 32.36 21.31
N GLU D 48 33.79 32.70 21.45
CA GLU D 48 33.37 34.07 21.69
C GLU D 48 33.82 34.55 23.06
N ASP D 49 33.47 33.81 24.10
CA ASP D 49 33.84 34.17 25.45
C ASP D 49 33.96 32.93 26.31
N ALA D 50 35.16 32.67 26.81
CA ALA D 50 35.41 31.45 27.57
C ALA D 50 35.22 31.62 29.07
N SER D 51 34.63 32.74 29.48
CA SER D 51 34.44 33.01 30.90
C SER D 51 32.97 33.21 31.28
N LYS D 52 32.10 33.32 30.28
CA LYS D 52 30.68 33.49 30.56
C LYS D 52 29.93 32.18 30.40
N ASP D 53 28.95 31.96 31.26
CA ASP D 53 28.19 30.72 31.24
C ASP D 53 27.37 30.53 29.98
N ILE D 54 27.11 29.27 29.66
CA ILE D 54 26.24 28.88 28.59
C ILE D 54 25.03 28.20 29.19
N SER D 55 23.85 28.66 28.83
CA SER D 55 22.64 28.11 29.37
C SER D 55 22.02 27.14 28.39
N LEU D 56 21.88 25.90 28.81
CA LEU D 56 21.27 24.89 27.99
C LEU D 56 19.91 24.53 28.56
N TYR D 57 18.84 25.03 27.96
CA TYR D 57 17.49 24.65 28.36
C TYR D 57 17.09 23.33 27.73
N ILE D 58 16.59 22.41 28.54
CA ILE D 58 16.32 21.07 28.08
C ILE D 58 14.85 20.72 28.19
N ASN D 59 14.26 20.34 27.06
CA ASN D 59 12.92 19.79 27.01
C ASN D 59 12.93 18.63 26.02
N SER D 60 13.46 17.50 26.46
CA SER D 60 13.77 16.41 25.57
C SER D 60 13.23 15.09 26.12
N PRO D 61 12.81 14.19 25.23
CA PRO D 61 12.36 12.86 25.64
C PRO D 61 13.45 11.81 25.70
N GLY D 62 14.70 12.15 25.41
CA GLY D 62 15.78 11.17 25.41
C GLY D 62 16.35 10.98 24.04
N GLY D 63 17.14 9.93 23.84
CA GLY D 63 17.64 9.65 22.52
C GLY D 63 18.95 8.90 22.45
N SER D 64 19.65 9.05 21.34
CA SER D 64 20.90 8.34 21.09
C SER D 64 21.95 8.60 22.15
N ILE D 65 22.59 7.53 22.61
CA ILE D 65 23.65 7.66 23.60
C ILE D 65 24.92 8.23 22.99
N SER D 66 25.27 7.78 21.80
CA SER D 66 26.49 8.27 21.16
C SER D 66 26.34 9.75 20.87
N ALA D 67 25.13 10.16 20.49
CA ALA D 67 24.87 11.54 20.16
C ALA D 67 24.97 12.40 21.40
N GLY D 68 24.45 11.89 22.52
CA GLY D 68 24.48 12.60 23.78
C GLY D 68 25.86 12.62 24.41
N MET D 69 26.71 11.64 24.07
CA MET D 69 28.07 11.64 24.58
C MET D 69 28.94 12.67 23.87
N ALA D 70 28.64 12.92 22.60
CA ALA D 70 29.23 14.04 21.89
C ALA D 70 28.93 15.32 22.63
N ILE D 71 27.66 15.50 22.99
CA ILE D 71 27.22 16.69 23.70
C ILE D 71 27.76 16.72 25.10
N TYR D 72 27.88 15.57 25.74
CA TYR D 72 28.37 15.55 27.12
C TYR D 72 29.84 15.96 27.17
N ASP D 73 30.65 15.44 26.25
CA ASP D 73 32.06 15.84 26.22
C ASP D 73 32.24 17.28 25.80
N THR D 74 31.42 17.77 24.89
CA THR D 74 31.53 19.16 24.47
C THR D 74 31.16 20.13 25.58
N MET D 75 30.29 19.70 26.49
CA MET D 75 29.95 20.45 27.69
C MET D 75 31.11 20.50 28.68
N VAL D 76 31.73 19.35 28.91
CA VAL D 76 32.82 19.18 29.87
C VAL D 76 34.15 19.78 29.41
N LEU D 77 34.41 19.82 28.12
CA LEU D 77 35.66 20.37 27.64
C LEU D 77 35.60 21.89 27.47
N ALA D 78 34.41 22.44 27.53
CA ALA D 78 34.23 23.87 27.33
C ALA D 78 34.93 24.65 28.43
N PRO D 79 35.57 25.76 28.07
CA PRO D 79 36.27 26.58 29.04
C PRO D 79 35.30 27.20 30.03
N CYS D 80 34.10 27.53 29.56
CA CYS D 80 33.12 28.20 30.39
C CYS D 80 32.16 27.22 31.01
N ASP D 81 31.44 27.66 32.04
CA ASP D 81 30.47 26.82 32.71
C ASP D 81 29.22 26.64 31.86
N ILE D 82 28.57 25.49 32.04
CA ILE D 82 27.31 25.18 31.39
C ILE D 82 26.24 25.02 32.45
N ALA D 83 25.23 25.88 32.43
CA ALA D 83 24.10 25.74 33.33
C ALA D 83 22.98 25.00 32.65
N THR D 84 22.51 23.92 33.25
CA THR D 84 21.46 23.15 32.62
C THR D 84 20.14 23.46 33.29
N TYR D 85 19.11 23.76 32.50
CA TYR D 85 17.76 24.04 33.01
C TYR D 85 16.76 23.01 32.50
N ALA D 86 16.12 22.28 33.40
CA ALA D 86 15.11 21.32 33.01
C ALA D 86 13.76 22.01 32.82
N MET D 87 13.33 22.10 31.57
CA MET D 87 12.14 22.83 31.17
C MET D 87 11.09 21.87 30.64
N GLY D 88 10.02 21.66 31.38
CA GLY D 88 9.01 20.73 30.94
C GLY D 88 9.35 19.27 31.18
N MET D 89 10.27 18.72 30.41
CA MET D 89 10.67 17.34 30.61
C MET D 89 12.12 17.08 30.22
N ALA D 90 12.85 16.42 31.11
CA ALA D 90 14.19 16.00 30.81
C ALA D 90 14.24 14.50 31.06
N ALA D 91 14.17 13.71 29.99
CA ALA D 91 14.04 12.28 30.14
C ALA D 91 15.24 11.56 29.56
N SER D 92 15.60 10.45 30.19
CA SER D 92 16.66 9.60 29.70
C SER D 92 17.89 10.43 29.43
N MET D 93 18.27 10.53 28.16
CA MET D 93 19.49 11.21 27.78
C MET D 93 19.38 12.70 28.06
N GLY D 94 18.17 13.20 28.21
CA GLY D 94 17.99 14.58 28.64
C GLY D 94 18.21 14.74 30.13
N GLU D 95 18.09 13.65 30.87
CA GLU D 95 18.38 13.65 32.29
C GLU D 95 19.87 13.59 32.52
N PHE D 96 20.53 12.80 31.71
CA PHE D 96 21.97 12.65 31.77
C PHE D 96 22.64 13.97 31.46
N LEU D 97 22.12 14.72 30.50
CA LEU D 97 22.75 15.95 30.09
C LEU D 97 22.38 17.09 31.00
N LEU D 98 21.25 16.99 31.65
CA LEU D 98 20.85 17.94 32.68
C LEU D 98 21.73 17.74 33.90
N ALA D 99 21.85 16.49 34.33
CA ALA D 99 22.69 16.14 35.45
C ALA D 99 24.17 16.37 35.17
N ALA D 100 24.51 16.62 33.92
CA ALA D 100 25.90 16.80 33.54
C ALA D 100 26.26 18.28 33.44
N GLY D 101 25.30 19.15 33.71
CA GLY D 101 25.56 20.56 33.76
C GLY D 101 26.53 20.84 34.90
N THR D 102 27.16 22.00 34.89
CA THR D 102 28.13 22.37 35.89
C THR D 102 27.52 22.33 37.29
N LYS D 103 28.19 21.63 38.21
CA LYS D 103 27.70 21.49 39.56
C LYS D 103 27.42 22.85 40.18
N GLY D 104 26.30 22.95 40.87
CA GLY D 104 25.85 24.23 41.37
C GLY D 104 24.98 24.97 40.37
N LYS D 105 25.06 24.58 39.11
CA LYS D 105 24.32 25.28 38.08
C LYS D 105 23.37 24.40 37.26
N ARG D 106 22.83 23.38 37.90
CA ARG D 106 21.80 22.57 37.28
C ARG D 106 20.48 22.96 37.90
N TYR D 107 19.55 23.46 37.08
CA TYR D 107 18.28 23.92 37.57
C TYR D 107 17.11 23.13 37.04
N ALA D 108 16.04 23.08 37.80
CA ALA D 108 14.80 22.52 37.30
C ALA D 108 13.73 23.56 37.49
N LEU D 109 12.89 23.76 36.50
CA LEU D 109 11.74 24.59 36.74
C LEU D 109 10.80 23.81 37.65
N PRO D 110 9.87 24.50 38.33
CA PRO D 110 9.04 23.90 39.39
C PRO D 110 8.20 22.70 38.98
N HIS D 111 7.67 22.68 37.76
CA HIS D 111 6.81 21.58 37.34
C HIS D 111 7.45 20.73 36.25
N ALA D 112 8.76 20.69 36.22
CA ALA D 112 9.47 19.82 35.30
C ALA D 112 9.37 18.39 35.77
N ARG D 113 9.73 17.47 34.90
CA ARG D 113 9.75 16.06 35.22
C ARG D 113 11.05 15.49 34.73
N ILE D 114 11.64 14.60 35.49
CA ILE D 114 12.88 13.95 35.11
C ILE D 114 12.57 12.46 35.09
N LEU D 115 13.03 11.77 34.06
CA LEU D 115 12.85 10.33 33.96
C LEU D 115 14.21 9.67 33.90
N MET D 116 14.42 8.66 34.72
CA MET D 116 15.65 7.92 34.63
C MET D 116 15.28 6.50 34.27
N HIS D 117 16.11 5.85 33.47
CA HIS D 117 15.94 4.41 33.22
C HIS D 117 17.15 3.87 32.52
N GLN D 118 17.12 2.59 32.22
CA GLN D 118 18.25 1.95 31.58
C GLN D 118 18.19 2.13 30.07
N PRO D 119 19.27 1.81 29.37
CA PRO D 119 19.23 2.02 27.92
C PRO D 119 18.33 1.02 27.20
N LEU D 120 17.89 1.37 25.98
CA LEU D 120 17.11 0.50 25.12
C LEU D 120 17.87 0.20 23.86
N GLY D 121 17.40 -0.76 23.08
CA GLY D 121 18.00 -1.02 21.79
C GLY D 121 17.44 -2.23 21.07
N GLY D 122 18.31 -2.91 20.35
CA GLY D 122 17.91 -4.09 19.62
C GLY D 122 19.11 -4.94 19.32
N VAL D 123 18.87 -6.23 19.15
CA VAL D 123 19.90 -7.15 18.69
C VAL D 123 19.47 -7.64 17.33
N THR D 124 20.44 -7.97 16.49
CA THR D 124 20.16 -8.49 15.17
C THR D 124 21.40 -9.12 14.60
N GLY D 125 21.24 -10.09 13.72
CA GLY D 125 22.36 -10.67 13.02
C GLY D 125 22.62 -12.10 13.40
N SER D 126 23.81 -12.57 13.08
CA SER D 126 24.21 -13.90 13.47
C SER D 126 24.42 -13.97 14.98
N ALA D 127 24.44 -15.17 15.54
CA ALA D 127 24.67 -15.32 16.98
C ALA D 127 26.03 -14.76 17.38
N ALA D 128 27.02 -14.88 16.50
CA ALA D 128 28.35 -14.38 16.79
C ALA D 128 28.39 -12.85 16.84
N ASP D 129 27.46 -12.20 16.14
CA ASP D 129 27.38 -10.74 16.14
C ASP D 129 26.56 -10.26 17.31
N ILE D 130 25.61 -11.08 17.75
CA ILE D 130 24.77 -10.73 18.87
C ILE D 130 25.54 -10.91 20.17
N ALA D 131 26.46 -11.85 20.19
CA ALA D 131 27.30 -12.04 21.35
C ALA D 131 28.12 -10.78 21.58
N ILE D 132 28.70 -10.25 20.51
CA ILE D 132 29.47 -9.01 20.56
C ILE D 132 28.59 -7.79 20.88
N GLN D 133 27.36 -7.75 20.39
CA GLN D 133 26.48 -6.64 20.70
C GLN D 133 26.21 -6.61 22.19
N ALA D 134 25.91 -7.77 22.76
CA ALA D 134 25.60 -7.90 24.19
C ALA D 134 26.80 -7.56 25.08
N GLU D 135 28.02 -7.84 24.61
CA GLU D 135 29.19 -7.36 25.32
C GLU D 135 29.11 -5.84 25.49
N GLN D 136 28.72 -5.15 24.43
CA GLN D 136 28.65 -3.69 24.50
C GLN D 136 27.45 -3.18 25.29
N PHE D 137 26.36 -3.94 25.36
CA PHE D 137 25.25 -3.55 26.21
C PHE D 137 25.72 -3.47 27.66
N ALA D 138 26.44 -4.49 28.11
CA ALA D 138 26.96 -4.53 29.47
C ALA D 138 27.98 -3.45 29.73
N VAL D 139 28.87 -3.23 28.79
CA VAL D 139 29.86 -2.16 28.93
C VAL D 139 29.18 -0.82 28.98
N ILE D 140 28.22 -0.59 28.09
CA ILE D 140 27.58 0.71 27.99
C ILE D 140 26.70 0.96 29.20
N LYS D 141 25.98 -0.07 29.64
CA LYS D 141 25.07 0.07 30.76
C LYS D 141 25.82 0.48 32.03
N LYS D 142 26.93 -0.18 32.31
CA LYS D 142 27.70 0.10 33.50
C LYS D 142 28.20 1.54 33.51
N GLU D 143 28.76 1.97 32.40
CA GLU D 143 29.41 3.27 32.29
C GLU D 143 28.42 4.42 32.32
N MET D 144 27.15 4.15 32.09
CA MET D 144 26.13 5.17 32.17
C MET D 144 25.65 5.31 33.61
N PHE D 145 25.60 4.18 34.29
CA PHE D 145 25.25 4.15 35.70
C PHE D 145 26.35 4.80 36.52
N ARG D 146 27.60 4.47 36.23
CA ARG D 146 28.72 5.13 36.88
C ARG D 146 28.64 6.65 36.76
N LEU D 147 28.35 7.16 35.58
CA LEU D 147 28.27 8.59 35.37
C LEU D 147 27.05 9.22 36.03
N ASN D 148 25.92 8.52 36.04
CA ASN D 148 24.77 9.05 36.74
C ASN D 148 25.03 9.00 38.23
N ALA D 149 25.70 7.95 38.66
CA ALA D 149 26.10 7.83 40.06
C ALA D 149 27.01 8.98 40.44
N GLU D 150 27.88 9.41 39.54
CA GLU D 150 28.75 10.55 39.83
C GLU D 150 27.96 11.85 39.83
N PHE D 151 27.08 12.04 38.85
CA PHE D 151 26.31 13.28 38.74
C PHE D 151 25.43 13.49 39.95
N THR D 152 24.78 12.42 40.41
CA THR D 152 23.77 12.49 41.47
C THR D 152 24.30 12.34 42.88
N GLY D 153 25.45 11.70 43.05
CA GLY D 153 25.91 11.38 44.37
C GLY D 153 25.32 10.09 44.93
N GLN D 154 24.43 9.44 44.19
CA GLN D 154 23.84 8.18 44.62
C GLN D 154 24.77 7.00 44.37
N PRO D 155 24.70 5.98 45.22
CA PRO D 155 25.47 4.76 44.98
C PRO D 155 25.12 4.13 43.64
N ILE D 156 26.08 3.49 42.99
CA ILE D 156 25.82 2.87 41.70
C ILE D 156 24.73 1.84 41.83
N GLU D 157 24.69 1.15 42.96
CA GLU D 157 23.69 0.13 43.21
C GLU D 157 22.30 0.72 43.21
N ARG D 158 22.15 1.95 43.66
CA ARG D 158 20.82 2.56 43.68
C ARG D 158 20.40 3.00 42.29
N ILE D 159 21.34 3.53 41.52
CA ILE D 159 21.10 3.90 40.15
C ILE D 159 20.68 2.68 39.34
N GLU D 160 21.49 1.63 39.42
CA GLU D 160 21.19 0.40 38.70
C GLU D 160 19.82 -0.17 39.04
N ALA D 161 19.38 0.04 40.27
CA ALA D 161 18.11 -0.51 40.73
C ALA D 161 16.94 0.39 40.39
N ASP D 162 17.12 1.69 40.57
CA ASP D 162 16.07 2.65 40.24
C ASP D 162 15.87 2.76 38.74
N SER D 163 16.90 2.44 37.97
CA SER D 163 16.87 2.55 36.51
C SER D 163 16.23 1.38 35.81
N ASP D 164 16.15 0.22 36.48
CA ASP D 164 15.67 -1.00 35.84
C ASP D 164 14.45 -0.76 34.96
N ARG D 165 13.47 -0.05 35.50
CA ARG D 165 12.34 0.43 34.73
C ARG D 165 12.12 1.91 35.02
N ASP D 166 11.30 2.57 34.22
CA ASP D 166 11.13 4.02 34.31
C ASP D 166 10.90 4.54 35.72
N ARG D 167 11.67 5.53 36.11
CA ARG D 167 11.50 6.18 37.40
C ARG D 167 11.28 7.66 37.20
N TRP D 168 10.12 8.14 37.61
CA TRP D 168 9.77 9.55 37.44
C TRP D 168 10.01 10.39 38.69
N PHE D 169 10.60 11.55 38.49
CA PHE D 169 10.84 12.47 39.56
C PHE D 169 10.11 13.75 39.28
N THR D 170 9.56 14.38 40.30
CA THR D 170 9.08 15.74 40.14
C THR D 170 10.26 16.67 40.34
N ALA D 171 10.08 17.96 40.08
CA ALA D 171 11.14 18.93 40.33
C ALA D 171 11.67 18.79 41.73
N ALA D 172 10.82 18.50 42.69
CA ALA D 172 11.26 18.38 44.08
C ALA D 172 12.05 17.12 44.32
N GLU D 173 11.53 15.98 43.88
CA GLU D 173 12.17 14.70 44.12
C GLU D 173 13.48 14.58 43.34
N ALA D 174 13.61 15.36 42.27
CA ALA D 174 14.81 15.38 41.45
C ALA D 174 15.92 16.13 42.14
N LEU D 175 15.54 17.14 42.91
CA LEU D 175 16.47 17.88 43.74
C LEU D 175 17.07 16.99 44.84
N GLU D 176 16.22 16.22 45.52
CA GLU D 176 16.66 15.34 46.61
C GLU D 176 17.59 14.25 46.12
N TYR D 177 17.37 13.79 44.89
CA TYR D 177 18.13 12.69 44.32
C TYR D 177 19.50 13.15 43.90
N GLY D 178 19.60 14.35 43.35
CA GLY D 178 20.88 14.88 42.99
C GLY D 178 21.02 15.23 41.53
N PHE D 179 19.90 15.27 40.81
CA PHE D 179 19.92 15.63 39.41
C PHE D 179 20.15 17.11 39.26
N VAL D 180 19.65 17.89 40.21
CA VAL D 180 19.74 19.33 40.13
C VAL D 180 20.19 19.92 41.44
N ASP D 181 20.62 21.16 41.39
CA ASP D 181 21.07 21.81 42.59
C ASP D 181 20.05 22.82 43.06
N HIS D 182 19.15 23.20 42.18
CA HIS D 182 18.17 24.23 42.50
C HIS D 182 16.88 24.07 41.73
N ILE D 183 15.81 24.59 42.32
CA ILE D 183 14.54 24.75 41.65
C ILE D 183 14.31 26.23 41.46
N ILE D 184 14.44 26.71 40.23
CA ILE D 184 14.29 28.11 39.93
C ILE D 184 12.92 28.63 40.29
N THR D 185 12.91 29.79 40.93
CA THR D 185 11.68 30.46 41.32
C THR D 185 11.57 31.78 40.58
N ILE E 3 1.72 -29.45 2.96
CA ILE E 3 0.81 -30.49 2.45
C ILE E 3 0.83 -31.70 3.38
N LEU E 4 -0.32 -32.36 3.51
CA LEU E 4 -0.50 -33.32 4.60
C LEU E 4 -1.21 -34.58 4.16
N PRO E 5 -0.45 -35.66 3.96
CA PRO E 5 -1.03 -36.86 3.39
C PRO E 5 -2.04 -37.48 4.32
N SER E 6 -2.97 -38.21 3.74
CA SER E 6 -3.88 -39.01 4.51
C SER E 6 -3.46 -40.46 4.32
N PHE E 7 -3.88 -41.30 5.23
CA PHE E 7 -3.53 -42.70 5.15
C PHE E 7 -4.78 -43.51 5.34
N ILE E 8 -4.66 -44.81 5.12
CA ILE E 8 -5.82 -45.66 5.03
C ILE E 8 -5.62 -46.90 5.90
N GLU E 9 -6.47 -47.05 6.90
CA GLU E 9 -6.45 -48.22 7.77
C GLU E 9 -7.60 -49.15 7.38
N HIS E 10 -7.48 -50.43 7.69
CA HIS E 10 -8.53 -51.37 7.34
C HIS E 10 -8.70 -52.43 8.40
N SER E 11 -9.90 -53.02 8.44
CA SER E 11 -10.21 -54.19 9.26
C SER E 11 -11.34 -54.93 8.59
N SER E 12 -11.80 -56.02 9.21
CA SER E 12 -12.92 -56.80 8.65
C SER E 12 -14.21 -56.03 8.63
N PHE E 13 -14.29 -54.92 9.36
CA PHE E 13 -15.51 -54.14 9.39
C PHE E 13 -15.54 -53.15 8.23
N GLY E 14 -14.37 -52.75 7.74
CA GLY E 14 -14.27 -51.83 6.63
C GLY E 14 -12.92 -51.16 6.47
N VAL E 15 -12.89 -50.12 5.64
CA VAL E 15 -11.66 -49.39 5.31
C VAL E 15 -11.83 -47.94 5.76
N LYS E 16 -10.83 -47.39 6.42
CA LYS E 16 -10.98 -46.03 6.93
C LYS E 16 -9.87 -45.12 6.43
N GLU E 17 -10.26 -44.04 5.78
CA GLU E 17 -9.31 -43.05 5.33
C GLU E 17 -9.28 -41.89 6.29
N SER E 18 -8.09 -41.52 6.75
CA SER E 18 -7.96 -40.41 7.66
C SER E 18 -6.61 -39.72 7.53
N ASN E 19 -6.51 -38.53 8.09
CA ASN E 19 -5.25 -37.80 8.13
C ASN E 19 -4.65 -37.87 9.52
N PRO E 20 -3.35 -37.58 9.65
CA PRO E 20 -2.61 -37.74 10.90
C PRO E 20 -3.28 -37.15 12.15
N TYR E 21 -4.03 -36.06 12.03
CA TYR E 21 -4.65 -35.44 13.20
C TYR E 21 -5.90 -36.14 13.71
N ASN E 22 -6.71 -36.66 12.82
CA ASN E 22 -7.81 -37.53 13.21
C ASN E 22 -7.36 -38.76 13.96
N LYS E 23 -6.17 -39.23 13.63
CA LYS E 23 -5.62 -40.45 14.19
C LYS E 23 -5.11 -40.17 15.58
N LEU E 24 -4.42 -39.06 15.73
CA LEU E 24 -4.02 -38.60 17.04
C LEU E 24 -5.26 -38.39 17.87
N PHE E 25 -6.24 -37.69 17.31
CA PHE E 25 -7.46 -37.40 18.06
C PHE E 25 -8.13 -38.70 18.55
N GLU E 26 -8.20 -39.70 17.69
CA GLU E 26 -8.73 -41.00 18.06
C GLU E 26 -8.00 -41.62 19.24
N GLU E 27 -6.80 -41.14 19.54
CA GLU E 27 -6.04 -41.66 20.66
C GLU E 27 -6.08 -40.69 21.83
N ARG E 28 -7.06 -39.79 21.77
CA ARG E 28 -7.30 -38.76 22.78
C ARG E 28 -6.14 -37.79 22.90
N ILE E 29 -5.53 -37.46 21.77
CA ILE E 29 -4.44 -36.48 21.71
C ILE E 29 -4.87 -35.21 20.99
N ILE E 30 -4.89 -34.11 21.72
CA ILE E 30 -5.16 -32.79 21.17
C ILE E 30 -3.82 -32.15 20.80
N PHE E 31 -3.72 -31.62 19.59
CA PHE E 31 -2.56 -30.82 19.25
C PHE E 31 -2.83 -29.34 19.48
N LEU E 32 -1.94 -28.68 20.19
CA LEU E 32 -2.03 -27.26 20.41
C LEU E 32 -0.76 -26.63 19.87
N GLY E 33 -0.69 -26.44 18.56
CA GLY E 33 0.55 -26.04 17.93
C GLY E 33 0.52 -24.67 17.30
N VAL E 34 -0.27 -23.79 17.89
CA VAL E 34 -0.42 -22.43 17.39
C VAL E 34 -0.49 -21.46 18.55
N GLN E 35 -0.40 -20.18 18.25
CA GLN E 35 -0.57 -19.19 19.31
C GLN E 35 -2.00 -19.26 19.83
N VAL E 36 -2.14 -19.30 21.15
CA VAL E 36 -3.43 -19.30 21.79
C VAL E 36 -4.16 -18.01 21.46
N ASP E 37 -5.18 -18.09 20.61
CA ASP E 37 -6.03 -16.93 20.38
C ASP E 37 -7.47 -17.36 20.57
N ASP E 38 -8.41 -16.50 20.18
CA ASP E 38 -9.80 -16.80 20.39
C ASP E 38 -10.24 -18.02 19.59
N ALA E 39 -9.81 -18.09 18.35
CA ALA E 39 -10.17 -19.22 17.49
C ALA E 39 -9.58 -20.51 18.01
N SER E 40 -8.27 -20.54 18.16
CA SER E 40 -7.58 -21.69 18.70
C SER E 40 -8.19 -22.18 20.00
N ALA E 41 -8.53 -21.25 20.88
CA ALA E 41 -9.06 -21.56 22.20
C ALA E 41 -10.39 -22.26 22.13
N ASN E 42 -11.22 -21.83 21.20
CA ASN E 42 -12.51 -22.47 21.00
C ASN E 42 -12.37 -23.84 20.39
N ASP E 43 -11.39 -24.01 19.52
CA ASP E 43 -11.15 -25.30 18.90
C ASP E 43 -10.65 -26.29 19.93
N ILE E 44 -9.89 -25.81 20.91
CA ILE E 44 -9.33 -26.72 21.91
C ILE E 44 -10.31 -27.07 23.02
N MET E 45 -11.15 -26.12 23.42
CA MET E 45 -12.19 -26.40 24.41
C MET E 45 -13.16 -27.42 23.86
N ALA E 46 -13.56 -27.25 22.61
CA ALA E 46 -14.48 -28.17 21.98
C ALA E 46 -13.89 -29.59 21.96
N GLN E 47 -12.67 -29.73 21.47
CA GLN E 47 -12.01 -31.02 21.47
C GLN E 47 -11.93 -31.63 22.86
N LEU E 48 -11.68 -30.78 23.85
CA LEU E 48 -11.63 -31.22 25.22
C LEU E 48 -13.00 -31.71 25.68
N LEU E 49 -14.01 -30.85 25.51
CA LEU E 49 -15.37 -31.18 25.89
C LEU E 49 -15.90 -32.39 25.15
N VAL E 50 -15.42 -32.64 23.95
CA VAL E 50 -15.92 -33.76 23.18
C VAL E 50 -15.26 -35.07 23.60
N LEU E 51 -13.96 -35.05 23.85
CA LEU E 51 -13.28 -36.23 24.33
C LEU E 51 -13.78 -36.63 25.72
N GLU E 52 -14.18 -35.64 26.51
CA GLU E 52 -14.66 -35.90 27.85
C GLU E 52 -16.03 -36.56 27.80
N SER E 53 -16.79 -36.25 26.77
CA SER E 53 -18.11 -36.84 26.57
C SER E 53 -18.03 -38.25 25.96
N LEU E 54 -17.10 -38.44 25.03
CA LEU E 54 -16.88 -39.75 24.44
C LEU E 54 -16.45 -40.79 25.47
N ASP E 55 -15.53 -40.43 26.36
CA ASP E 55 -15.05 -41.34 27.39
C ASP E 55 -14.39 -40.60 28.55
N PRO E 56 -15.13 -40.35 29.63
CA PRO E 56 -14.58 -39.56 30.74
C PRO E 56 -13.59 -40.32 31.61
N ASP E 57 -13.42 -41.61 31.36
CA ASP E 57 -12.57 -42.42 32.21
C ASP E 57 -11.15 -42.59 31.65
N ARG E 58 -10.90 -42.05 30.48
CA ARG E 58 -9.58 -42.17 29.87
C ARG E 58 -8.88 -40.82 29.77
N ASP E 59 -7.56 -40.85 29.72
CA ASP E 59 -6.78 -39.63 29.69
C ASP E 59 -6.80 -38.95 28.33
N ILE E 60 -6.83 -37.62 28.37
CA ILE E 60 -6.61 -36.79 27.22
C ILE E 60 -5.15 -36.39 27.24
N THR E 61 -4.55 -36.17 26.09
CA THR E 61 -3.17 -35.73 26.02
C THR E 61 -3.10 -34.46 25.21
N MET E 62 -2.50 -33.41 25.74
CA MET E 62 -2.24 -32.22 24.94
C MET E 62 -0.78 -32.08 24.60
N TYR E 63 -0.45 -32.27 23.33
CA TYR E 63 0.88 -31.97 22.82
C TYR E 63 1.02 -30.49 22.64
N ILE E 64 2.05 -29.91 23.23
CA ILE E 64 2.20 -28.45 23.20
C ILE E 64 3.45 -28.03 22.45
N ASN E 65 3.24 -27.22 21.42
CA ASN E 65 4.30 -26.49 20.76
C ASN E 65 3.71 -25.16 20.35
N SER E 66 3.88 -24.16 21.19
CA SER E 66 3.19 -22.89 21.01
C SER E 66 3.97 -21.73 21.60
N PRO E 67 3.78 -20.53 21.06
CA PRO E 67 4.50 -19.33 21.51
C PRO E 67 3.71 -18.47 22.48
N GLY E 68 2.57 -18.95 22.93
CA GLY E 68 1.77 -18.21 23.88
C GLY E 68 0.45 -17.78 23.27
N GLY E 69 -0.15 -16.75 23.82
CA GLY E 69 -1.43 -16.26 23.33
C GLY E 69 -2.09 -15.28 24.24
N GLY E 70 -3.38 -15.07 24.01
CA GLY E 70 -4.16 -14.11 24.78
C GLY E 70 -4.39 -14.58 26.19
N PHE E 71 -4.63 -13.64 27.11
CA PHE E 71 -4.82 -14.05 28.47
C PHE E 71 -6.18 -14.70 28.71
N THR E 72 -7.25 -14.12 28.16
CA THR E 72 -8.55 -14.71 28.42
C THR E 72 -8.68 -16.04 27.71
N SER E 73 -7.99 -16.20 26.59
CA SER E 73 -7.97 -17.47 25.90
C SER E 73 -7.26 -18.50 26.73
N LEU E 74 -6.27 -18.06 27.50
CA LEU E 74 -5.53 -18.97 28.33
C LEU E 74 -6.39 -19.44 29.45
N MET E 75 -7.25 -18.57 29.95
CA MET E 75 -8.00 -18.92 31.13
C MET E 75 -9.21 -19.77 30.77
N ALA E 76 -9.66 -19.66 29.52
CA ALA E 76 -10.74 -20.50 29.03
C ALA E 76 -10.27 -21.92 28.90
N ILE E 77 -9.11 -22.11 28.29
CA ILE E 77 -8.55 -23.43 28.10
C ILE E 77 -8.13 -24.04 29.43
N TYR E 78 -7.63 -23.20 30.34
CA TYR E 78 -7.21 -23.65 31.66
C TYR E 78 -8.37 -24.18 32.47
N ASP E 79 -9.43 -23.39 32.54
CA ASP E 79 -10.65 -23.83 33.20
C ASP E 79 -11.19 -25.11 32.64
N THR E 80 -11.29 -25.18 31.32
CA THR E 80 -11.79 -26.39 30.68
C THR E 80 -10.92 -27.59 30.99
N MET E 81 -9.61 -27.44 30.93
CA MET E 81 -8.68 -28.50 31.33
C MET E 81 -8.97 -29.02 32.73
N GLN E 82 -9.28 -28.10 33.64
CA GLN E 82 -9.49 -28.44 35.02
C GLN E 82 -10.90 -28.94 35.31
N TYR E 83 -11.85 -28.55 34.47
CA TYR E 83 -13.24 -28.88 34.70
C TYR E 83 -13.55 -30.30 34.29
N VAL E 84 -13.01 -30.67 33.15
CA VAL E 84 -13.23 -31.97 32.54
C VAL E 84 -12.93 -33.12 33.49
N ARG E 85 -13.69 -34.21 33.41
CA ARG E 85 -13.49 -35.33 34.33
C ARG E 85 -12.17 -36.03 34.10
N ALA E 86 -11.79 -36.15 32.84
CA ALA E 86 -10.62 -36.91 32.48
C ALA E 86 -9.33 -36.22 32.90
N ASP E 87 -8.35 -37.01 33.31
CA ASP E 87 -7.01 -36.52 33.56
C ASP E 87 -6.40 -36.01 32.27
N ILE E 88 -5.49 -35.04 32.37
CA ILE E 88 -4.93 -34.42 31.20
C ILE E 88 -3.41 -34.46 31.20
N GLN E 89 -2.83 -35.25 30.29
CA GLN E 89 -1.39 -35.24 30.07
C GLN E 89 -0.95 -34.10 29.19
N THR E 90 -0.02 -33.28 29.65
CA THR E 90 0.53 -32.23 28.82
C THR E 90 1.97 -32.57 28.45
N VAL E 91 2.27 -32.51 27.15
CA VAL E 91 3.57 -32.83 26.62
C VAL E 91 4.06 -31.68 25.74
N CYS E 92 5.18 -31.10 26.13
CA CYS E 92 5.74 -30.03 25.36
C CYS E 92 6.81 -30.57 24.46
N LEU E 93 6.67 -30.31 23.16
CA LEU E 93 7.75 -30.53 22.23
C LEU E 93 8.06 -29.19 21.59
N GLY E 94 9.32 -28.93 21.31
CA GLY E 94 9.64 -27.66 20.72
C GLY E 94 9.57 -26.55 21.74
N GLN E 95 8.39 -26.10 22.10
CA GLN E 95 8.32 -25.02 23.08
C GLN E 95 6.95 -24.74 23.67
N ALA E 96 6.95 -24.22 24.89
CA ALA E 96 5.76 -23.67 25.52
C ALA E 96 6.12 -22.32 26.11
N ALA E 97 5.53 -21.26 25.61
CA ALA E 97 5.96 -19.93 25.99
C ALA E 97 4.78 -19.13 26.47
N SER E 98 5.00 -18.36 27.54
CA SER E 98 3.97 -17.47 28.06
C SER E 98 2.76 -18.22 28.55
N ALA E 99 1.68 -18.18 27.78
CA ALA E 99 0.45 -18.78 28.23
C ALA E 99 0.54 -20.27 28.10
N ALA E 100 1.33 -20.75 27.17
CA ALA E 100 1.44 -22.17 26.93
C ALA E 100 2.32 -22.79 28.00
N ALA E 101 3.24 -22.00 28.53
CA ALA E 101 4.04 -22.49 29.65
C ALA E 101 3.11 -22.81 30.79
N VAL E 102 2.10 -21.96 30.96
CA VAL E 102 1.11 -22.12 32.00
C VAL E 102 0.22 -23.32 31.78
N LEU E 103 -0.17 -23.57 30.54
CA LEU E 103 -0.98 -24.74 30.22
C LEU E 103 -0.18 -26.02 30.41
N LEU E 104 1.10 -25.98 30.11
CA LEU E 104 1.94 -27.14 30.33
C LEU E 104 1.92 -27.56 31.78
N ALA E 105 2.08 -26.59 32.66
CA ALA E 105 2.15 -26.84 34.09
C ALA E 105 0.79 -27.20 34.69
N ALA E 106 -0.29 -26.94 33.96
CA ALA E 106 -1.63 -27.19 34.43
C ALA E 106 -2.13 -28.61 34.20
N GLY E 107 -1.32 -29.47 33.60
CA GLY E 107 -1.69 -30.85 33.37
C GLY E 107 -1.70 -31.61 34.67
N THR E 108 -2.44 -32.71 34.76
CA THR E 108 -2.59 -33.38 36.04
C THR E 108 -1.23 -33.85 36.53
N PRO E 109 -1.00 -33.70 37.84
CA PRO E 109 0.28 -34.01 38.46
C PRO E 109 0.82 -35.39 38.12
N GLY E 110 2.05 -35.44 37.65
CA GLY E 110 2.69 -36.68 37.32
C GLY E 110 2.63 -36.96 35.84
N LYS E 111 1.71 -36.27 35.17
CA LYS E 111 1.48 -36.50 33.76
C LYS E 111 1.83 -35.29 32.95
N ARG E 112 2.71 -34.45 33.47
CA ARG E 112 3.24 -33.31 32.74
C ARG E 112 4.67 -33.57 32.33
N MET E 113 4.94 -33.69 31.04
CA MET E 113 6.28 -34.01 30.57
C MET E 113 6.76 -33.10 29.43
N ALA E 114 8.00 -33.31 29.00
CA ALA E 114 8.56 -32.54 27.90
C ALA E 114 9.64 -33.35 27.21
N LEU E 115 9.81 -33.12 25.92
CA LEU E 115 10.90 -33.72 25.17
C LEU E 115 12.15 -32.96 25.52
N PRO E 116 13.30 -33.63 25.51
CA PRO E 116 14.52 -33.21 26.21
C PRO E 116 15.16 -31.94 25.71
N ASN E 117 14.89 -31.53 24.48
CA ASN E 117 15.44 -30.29 23.99
C ASN E 117 14.38 -29.22 23.89
N ALA E 118 13.22 -29.49 24.46
CA ALA E 118 12.16 -28.49 24.47
C ALA E 118 12.58 -27.34 25.34
N ARG E 119 11.86 -26.23 25.25
CA ARG E 119 12.14 -25.10 26.09
C ARG E 119 10.86 -24.46 26.58
N VAL E 120 10.89 -24.06 27.84
CA VAL E 120 9.75 -23.41 28.48
C VAL E 120 10.15 -21.98 28.75
N LEU E 121 9.25 -21.05 28.47
CA LEU E 121 9.54 -19.65 28.65
C LEU E 121 8.39 -19.00 29.40
N ILE E 122 8.71 -18.34 30.51
CA ILE E 122 7.73 -17.67 31.32
C ILE E 122 7.96 -16.17 31.32
N HIS E 123 6.91 -15.40 31.07
CA HIS E 123 7.03 -13.96 31.23
C HIS E 123 5.69 -13.37 31.63
N GLN E 124 5.71 -12.17 32.20
CA GLN E 124 4.49 -11.52 32.61
C GLN E 124 3.73 -11.08 31.38
N PRO E 125 2.42 -10.90 31.52
CA PRO E 125 1.61 -10.38 30.42
C PRO E 125 2.15 -9.05 29.96
N SER E 126 2.32 -8.90 28.64
CA SER E 126 2.70 -7.65 28.03
C SER E 126 1.58 -7.23 27.13
N LEU E 127 1.70 -6.05 26.55
CA LEU E 127 0.68 -5.53 25.64
C LEU E 127 1.39 -4.80 24.52
N SER E 128 1.49 -5.42 23.35
CA SER E 128 2.35 -4.87 22.29
C SER E 128 1.70 -3.70 21.59
N GLY E 129 0.38 -3.60 21.69
CA GLY E 129 -0.34 -2.48 21.15
C GLY E 129 -0.30 -1.27 22.07
N VAL E 130 -1.20 -0.34 21.81
CA VAL E 130 -1.43 0.80 22.69
C VAL E 130 -2.92 0.92 22.88
N ILE E 131 -3.39 0.94 24.12
CA ILE E 131 -4.79 1.25 24.32
C ILE E 131 -4.87 2.70 24.82
N GLN E 132 -5.77 3.46 24.21
CA GLN E 132 -5.86 4.89 24.42
C GLN E 132 -7.15 5.27 25.10
N GLY E 133 -7.21 6.49 25.60
CA GLY E 133 -8.42 6.98 26.21
C GLY E 133 -8.14 7.90 27.37
N GLN E 134 -9.19 8.29 28.07
CA GLN E 134 -9.06 9.20 29.19
C GLN E 134 -8.31 8.52 30.31
N PHE E 135 -7.80 9.29 31.27
CA PHE E 135 -7.06 8.70 32.36
C PHE E 135 -7.93 7.75 33.18
N SER E 136 -9.21 8.04 33.29
CA SER E 136 -10.13 7.21 34.06
C SER E 136 -10.25 5.81 33.49
N ASP E 137 -10.35 5.73 32.17
CA ASP E 137 -10.49 4.45 31.51
C ASP E 137 -9.19 3.67 31.58
N LEU E 138 -8.07 4.38 31.56
CA LEU E 138 -6.77 3.73 31.62
C LEU E 138 -6.45 3.23 33.02
N GLU E 139 -6.98 3.91 34.03
CA GLU E 139 -6.80 3.51 35.41
C GLU E 139 -7.49 2.18 35.64
N ILE E 140 -8.65 2.02 35.02
CA ILE E 140 -9.43 0.79 35.08
C ILE E 140 -8.80 -0.35 34.30
N GLN E 141 -8.21 -0.05 33.15
CA GLN E 141 -7.50 -1.05 32.35
C GLN E 141 -6.20 -1.49 33.03
N ALA E 142 -5.53 -0.57 33.69
CA ALA E 142 -4.26 -0.87 34.31
C ALA E 142 -4.48 -1.72 35.53
N ALA E 143 -5.66 -1.61 36.11
CA ALA E 143 -5.99 -2.43 37.24
C ALA E 143 -6.32 -3.84 36.79
N GLU E 144 -6.98 -3.97 35.66
CA GLU E 144 -7.30 -5.28 35.14
C GLU E 144 -6.04 -6.01 34.69
N ILE E 145 -5.11 -5.28 34.11
CA ILE E 145 -3.84 -5.86 33.70
C ILE E 145 -3.01 -6.32 34.89
N GLU E 146 -3.09 -5.60 36.01
CA GLU E 146 -2.38 -6.01 37.20
C GLU E 146 -3.06 -7.23 37.80
N ARG E 147 -4.36 -7.32 37.63
CA ARG E 147 -5.12 -8.41 38.20
C ARG E 147 -4.80 -9.67 37.44
N MET E 148 -4.67 -9.53 36.12
CA MET E 148 -4.30 -10.64 35.26
C MET E 148 -2.89 -11.06 35.50
N ARG E 149 -2.04 -10.12 35.85
CA ARG E 149 -0.65 -10.46 36.11
C ARG E 149 -0.53 -11.32 37.34
N THR E 150 -1.29 -11.01 38.40
CA THR E 150 -1.16 -11.77 39.64
C THR E 150 -1.93 -13.08 39.53
N LEU E 151 -2.94 -13.10 38.68
CA LEU E 151 -3.66 -14.32 38.43
C LEU E 151 -2.77 -15.33 37.71
N MET E 152 -1.91 -14.88 36.81
CA MET E 152 -1.00 -15.78 36.15
C MET E 152 -0.02 -16.33 37.14
N GLU E 153 0.21 -15.60 38.23
CA GLU E 153 1.22 -15.96 39.20
C GLU E 153 0.68 -16.89 40.25
N THR E 154 -0.58 -16.70 40.65
CA THR E 154 -1.11 -17.62 41.63
C THR E 154 -1.36 -18.98 41.00
N THR E 155 -1.81 -19.03 39.76
CA THR E 155 -2.05 -20.34 39.15
C THR E 155 -0.74 -21.04 38.81
N LEU E 156 0.31 -20.31 38.45
CA LEU E 156 1.61 -20.94 38.32
C LEU E 156 2.13 -21.45 39.66
N ALA E 157 1.93 -20.67 40.72
CA ALA E 157 2.35 -21.10 42.06
C ALA E 157 1.61 -22.35 42.50
N ARG E 158 0.34 -22.42 42.11
CA ARG E 158 -0.51 -23.57 42.43
C ARG E 158 -0.03 -24.87 41.79
N HIS E 159 0.72 -24.78 40.70
CA HIS E 159 1.05 -25.96 39.93
C HIS E 159 2.53 -26.29 39.92
N THR E 160 3.38 -25.34 40.27
CA THR E 160 4.82 -25.59 40.30
C THR E 160 5.39 -25.83 41.71
N GLY E 161 4.75 -25.29 42.73
CA GLY E 161 5.37 -25.31 44.04
C GLY E 161 6.50 -24.31 44.21
N LYS E 162 6.53 -23.26 43.38
CA LYS E 162 7.25 -22.04 43.74
C LYS E 162 6.22 -21.08 44.32
N ASP E 163 6.55 -20.40 45.42
CA ASP E 163 5.56 -19.51 45.99
C ASP E 163 5.43 -18.31 45.08
N ALA E 164 4.22 -17.78 44.95
CA ALA E 164 3.92 -16.76 43.94
C ALA E 164 4.81 -15.52 44.03
N GLY E 165 5.62 -15.43 45.08
CA GLY E 165 6.57 -14.35 45.21
C GLY E 165 7.77 -14.60 44.33
N VAL E 166 8.21 -15.85 44.25
CA VAL E 166 9.31 -16.21 43.38
C VAL E 166 8.87 -16.14 41.91
N ILE E 167 7.63 -16.52 41.65
CA ILE E 167 7.08 -16.41 40.32
C ILE E 167 7.09 -14.95 39.85
N ARG E 168 6.65 -14.04 40.72
CA ARG E 168 6.59 -12.63 40.36
C ARG E 168 7.96 -12.05 40.06
N LYS E 169 8.99 -12.55 40.73
CA LYS E 169 10.36 -12.13 40.48
C LYS E 169 10.96 -12.84 39.27
N ASP E 170 10.67 -14.13 39.13
CA ASP E 170 11.21 -14.93 38.04
C ASP E 170 10.65 -14.57 36.67
N THR E 171 9.49 -13.94 36.65
CA THR E 171 8.84 -13.58 35.42
C THR E 171 8.88 -12.10 35.16
N ASP E 172 9.57 -11.35 36.01
CA ASP E 172 9.78 -9.93 35.80
C ASP E 172 10.38 -9.72 34.43
N ARG E 173 11.49 -10.39 34.19
CA ARG E 173 12.05 -10.58 32.86
C ARG E 173 11.87 -12.03 32.44
N ASP E 174 11.84 -12.27 31.14
CA ASP E 174 11.60 -13.61 30.60
C ASP E 174 12.60 -14.61 31.12
N LYS E 175 12.10 -15.74 31.61
CA LYS E 175 12.98 -16.81 32.03
C LYS E 175 12.78 -17.99 31.11
N ILE E 176 13.83 -18.34 30.39
CA ILE E 176 13.80 -19.46 29.49
C ILE E 176 14.40 -20.66 30.19
N LEU E 177 13.63 -21.74 30.26
CA LEU E 177 14.06 -22.97 30.91
C LEU E 177 14.25 -24.09 29.92
N THR E 178 15.15 -25.01 30.23
CA THR E 178 15.25 -26.22 29.43
C THR E 178 14.26 -27.22 30.00
N ALA E 179 14.15 -28.39 29.39
CA ALA E 179 13.25 -29.41 29.94
C ALA E 179 13.66 -29.76 31.36
N GLU E 180 14.97 -29.89 31.57
CA GLU E 180 15.48 -30.30 32.87
C GLU E 180 15.31 -29.20 33.89
N GLU E 181 15.36 -27.95 33.47
CA GLU E 181 15.17 -26.85 34.40
C GLU E 181 13.69 -26.58 34.64
N ALA E 182 12.87 -26.97 33.68
CA ALA E 182 11.43 -26.85 33.81
C ALA E 182 10.95 -27.90 34.80
N LYS E 183 11.72 -28.98 34.92
CA LYS E 183 11.43 -30.06 35.84
C LYS E 183 11.76 -29.65 37.27
N ASP E 184 12.98 -29.17 37.49
CA ASP E 184 13.39 -28.66 38.78
C ASP E 184 12.47 -27.57 39.27
N TYR E 185 11.92 -26.81 38.33
CA TYR E 185 11.08 -25.66 38.64
C TYR E 185 9.69 -26.10 39.02
N GLY E 186 9.32 -27.30 38.60
CA GLY E 186 8.02 -27.84 38.91
C GLY E 186 7.00 -27.49 37.86
N ILE E 187 7.46 -27.20 36.66
CA ILE E 187 6.56 -27.00 35.53
C ILE E 187 6.24 -28.32 34.83
N ILE E 188 7.12 -29.31 34.98
CA ILE E 188 6.88 -30.62 34.42
C ILE E 188 7.39 -31.67 35.38
N ASP E 189 6.89 -32.89 35.27
CA ASP E 189 7.26 -33.92 36.22
C ASP E 189 8.37 -34.83 35.66
N THR E 190 8.45 -34.94 34.33
CA THR E 190 9.50 -35.76 33.75
C THR E 190 9.95 -35.27 32.37
N VAL E 191 11.21 -35.56 32.05
CA VAL E 191 11.73 -35.36 30.73
C VAL E 191 11.67 -36.69 30.02
N LEU E 192 10.92 -36.75 28.93
CA LEU E 192 10.86 -37.96 28.12
C LEU E 192 12.24 -38.37 27.66
N GLU E 193 12.63 -39.60 27.96
CA GLU E 193 13.88 -40.14 27.46
C GLU E 193 13.65 -40.66 26.05
N TYR E 194 14.69 -40.65 25.22
CA TYR E 194 14.56 -41.12 23.85
C TYR E 194 14.38 -42.63 23.80
N ARG E 195 13.17 -43.10 23.50
CA ARG E 195 12.92 -44.53 23.49
C ARG E 195 13.28 -45.19 22.17
N LYS E 196 14.33 -44.70 21.51
CA LYS E 196 14.85 -45.34 20.31
C LYS E 196 16.08 -46.18 20.64
N LEU E 197 16.27 -47.24 19.87
CA LEU E 197 17.33 -48.23 20.11
C LEU E 197 18.72 -47.63 20.05
N SER E 198 19.01 -46.85 19.00
CA SER E 198 20.30 -46.18 18.87
C SER E 198 20.53 -45.16 19.99
N ILE F 3 -12.17 -23.15 -15.37
CA ILE F 3 -12.70 -24.51 -15.13
C ILE F 3 -12.13 -25.52 -16.14
N LEU F 4 -11.35 -26.45 -15.63
CA LEU F 4 -10.73 -27.48 -16.46
C LEU F 4 -11.66 -28.68 -16.52
N PRO F 5 -12.15 -29.02 -17.72
CA PRO F 5 -13.17 -30.05 -17.86
C PRO F 5 -12.71 -31.39 -17.32
N SER F 6 -13.63 -32.13 -16.74
CA SER F 6 -13.34 -33.50 -16.41
C SER F 6 -14.12 -34.33 -17.41
N PHE F 7 -13.83 -35.62 -17.47
CA PHE F 7 -14.49 -36.46 -18.43
C PHE F 7 -14.64 -37.85 -17.89
N ILE F 8 -15.51 -38.62 -18.53
CA ILE F 8 -15.87 -39.93 -18.06
C ILE F 8 -15.45 -41.03 -19.03
N GLU F 9 -14.71 -42.01 -18.54
CA GLU F 9 -14.45 -43.21 -19.30
C GLU F 9 -15.19 -44.37 -18.69
N HIS F 10 -15.39 -45.44 -19.44
CA HIS F 10 -16.15 -46.55 -18.93
C HIS F 10 -15.73 -47.84 -19.55
N SER F 11 -15.91 -48.91 -18.79
CA SER F 11 -15.76 -50.24 -19.30
C SER F 11 -16.70 -51.10 -18.51
N SER F 12 -16.67 -52.41 -18.77
CA SER F 12 -17.54 -53.35 -18.09
C SER F 12 -17.25 -53.48 -16.60
N PHE F 13 -16.19 -52.84 -16.14
CA PHE F 13 -15.81 -52.90 -14.73
C PHE F 13 -16.33 -51.72 -13.93
N GLY F 14 -16.63 -50.63 -14.62
CA GLY F 14 -17.05 -49.42 -13.93
C GLY F 14 -16.88 -48.15 -14.73
N VAL F 15 -17.26 -47.03 -14.13
CA VAL F 15 -17.19 -45.72 -14.76
C VAL F 15 -16.19 -44.88 -14.01
N LYS F 16 -15.39 -44.12 -14.75
CA LYS F 16 -14.28 -43.39 -14.16
C LYS F 16 -14.28 -41.95 -14.60
N GLU F 17 -14.46 -41.07 -13.63
CA GLU F 17 -14.34 -39.66 -13.86
C GLU F 17 -12.91 -39.25 -13.58
N SER F 18 -12.34 -38.42 -14.43
CA SER F 18 -11.04 -37.81 -14.14
C SER F 18 -10.85 -36.53 -14.95
N ASN F 19 -9.67 -35.95 -14.86
CA ASN F 19 -9.38 -34.74 -15.59
C ASN F 19 -8.17 -34.98 -16.50
N PRO F 20 -7.85 -34.02 -17.35
CA PRO F 20 -6.80 -34.29 -18.33
C PRO F 20 -5.44 -34.59 -17.73
N TYR F 21 -5.13 -34.08 -16.55
CA TYR F 21 -3.81 -34.33 -16.00
C TYR F 21 -3.76 -35.70 -15.37
N ASN F 22 -4.87 -36.16 -14.81
CA ASN F 22 -4.87 -37.48 -14.21
C ASN F 22 -4.65 -38.54 -15.29
N LYS F 23 -5.24 -38.31 -16.46
CA LYS F 23 -5.15 -39.28 -17.55
C LYS F 23 -3.75 -39.32 -18.14
N LEU F 24 -3.18 -38.16 -18.40
CA LEU F 24 -1.80 -38.08 -18.79
C LEU F 24 -0.97 -38.91 -17.84
N PHE F 25 -1.15 -38.66 -16.55
CA PHE F 25 -0.41 -39.38 -15.52
C PHE F 25 -0.60 -40.88 -15.65
N GLU F 26 -1.80 -41.30 -16.05
CA GLU F 26 -2.06 -42.72 -16.19
C GLU F 26 -1.30 -43.30 -17.36
N GLU F 27 -0.88 -42.43 -18.27
CA GLU F 27 -0.05 -42.77 -19.42
C GLU F 27 1.41 -42.44 -19.14
N ARG F 28 1.70 -42.23 -17.86
CA ARG F 28 3.04 -42.01 -17.32
C ARG F 28 3.67 -40.71 -17.82
N ILE F 29 2.83 -39.73 -18.13
CA ILE F 29 3.30 -38.41 -18.52
C ILE F 29 3.23 -37.42 -17.38
N ILE F 30 4.39 -36.89 -16.99
CA ILE F 30 4.48 -35.82 -15.99
C ILE F 30 4.48 -34.48 -16.69
N PHE F 31 3.81 -33.50 -16.12
CA PHE F 31 3.73 -32.18 -16.74
C PHE F 31 4.53 -31.18 -15.94
N LEU F 32 5.63 -30.70 -16.52
CA LEU F 32 6.43 -29.65 -15.92
C LEU F 32 6.20 -28.34 -16.66
N GLY F 33 5.11 -27.66 -16.32
CA GLY F 33 4.71 -26.50 -17.08
C GLY F 33 4.70 -25.22 -16.28
N VAL F 34 5.57 -25.13 -15.29
CA VAL F 34 5.65 -23.95 -14.45
C VAL F 34 7.10 -23.65 -14.17
N GLN F 35 7.37 -22.55 -13.48
CA GLN F 35 8.74 -22.26 -13.09
C GLN F 35 9.18 -23.24 -12.02
N VAL F 36 10.39 -23.75 -12.17
CA VAL F 36 10.97 -24.67 -11.20
C VAL F 36 11.25 -24.00 -9.88
N ASP F 37 10.40 -24.21 -8.89
CA ASP F 37 10.66 -23.72 -7.55
C ASP F 37 10.58 -24.86 -6.56
N ASP F 38 10.51 -24.54 -5.28
CA ASP F 38 10.52 -25.57 -4.26
C ASP F 38 9.20 -26.34 -4.26
N ALA F 39 8.09 -25.63 -4.38
CA ALA F 39 6.79 -26.29 -4.41
C ALA F 39 6.75 -27.31 -5.55
N SER F 40 7.05 -26.83 -6.76
CA SER F 40 7.00 -27.62 -7.97
C SER F 40 8.03 -28.76 -8.05
N ALA F 41 9.22 -28.56 -7.52
CA ALA F 41 10.22 -29.61 -7.58
C ALA F 41 9.82 -30.75 -6.68
N ASN F 42 9.11 -30.44 -5.60
CA ASN F 42 8.58 -31.46 -4.73
C ASN F 42 7.51 -32.26 -5.44
N ASP F 43 6.57 -31.57 -6.07
CA ASP F 43 5.49 -32.24 -6.79
C ASP F 43 6.03 -33.13 -7.89
N ILE F 44 7.01 -32.63 -8.63
CA ILE F 44 7.56 -33.38 -9.73
C ILE F 44 8.39 -34.56 -9.24
N MET F 45 9.11 -34.38 -8.15
CA MET F 45 9.87 -35.50 -7.61
C MET F 45 8.97 -36.61 -7.13
N ALA F 46 7.88 -36.26 -6.46
CA ALA F 46 6.93 -37.24 -5.97
C ALA F 46 6.39 -38.09 -7.13
N GLN F 47 5.94 -37.43 -8.19
CA GLN F 47 5.42 -38.11 -9.35
C GLN F 47 6.43 -39.08 -9.97
N LEU F 48 7.70 -38.70 -9.99
CA LEU F 48 8.73 -39.58 -10.52
C LEU F 48 8.88 -40.82 -9.67
N LEU F 49 9.02 -40.62 -8.37
CA LEU F 49 9.18 -41.71 -7.42
C LEU F 49 7.98 -42.63 -7.37
N VAL F 50 6.81 -42.07 -7.63
CA VAL F 50 5.59 -42.86 -7.65
C VAL F 50 5.48 -43.65 -8.93
N LEU F 51 5.90 -43.06 -10.04
CA LEU F 51 5.81 -43.75 -11.31
C LEU F 51 6.88 -44.83 -11.39
N GLU F 52 8.01 -44.64 -10.73
CA GLU F 52 9.01 -45.69 -10.71
C GLU F 52 8.55 -46.85 -9.87
N SER F 53 7.57 -46.58 -9.01
CA SER F 53 7.13 -47.56 -8.04
C SER F 53 6.06 -48.46 -8.66
N LEU F 54 5.18 -47.87 -9.46
CA LEU F 54 4.12 -48.64 -10.08
C LEU F 54 4.68 -49.53 -11.17
N ASP F 55 5.79 -49.12 -11.78
CA ASP F 55 6.41 -49.88 -12.85
C ASP F 55 7.76 -49.31 -13.23
N PRO F 56 8.83 -49.84 -12.66
CA PRO F 56 10.16 -49.34 -13.02
C PRO F 56 10.61 -49.71 -14.43
N ASP F 57 9.83 -50.56 -15.10
CA ASP F 57 10.19 -51.05 -16.43
C ASP F 57 9.60 -50.22 -17.58
N ARG F 58 8.78 -49.23 -17.25
CA ARG F 58 8.12 -48.44 -18.28
C ARG F 58 8.62 -47.01 -18.25
N ASP F 59 8.68 -46.40 -19.43
CA ASP F 59 9.22 -45.06 -19.55
C ASP F 59 8.26 -44.03 -19.01
N ILE F 60 8.85 -43.00 -18.42
CA ILE F 60 8.12 -41.88 -17.90
C ILE F 60 8.35 -40.72 -18.86
N THR F 61 7.32 -39.96 -19.17
CA THR F 61 7.45 -38.82 -20.07
C THR F 61 7.31 -37.51 -19.32
N MET F 62 8.16 -36.55 -19.66
CA MET F 62 8.04 -35.21 -19.10
C MET F 62 7.77 -34.17 -20.17
N TYR F 63 6.58 -33.59 -20.18
CA TYR F 63 6.35 -32.44 -21.02
C TYR F 63 6.91 -31.22 -20.32
N ILE F 64 7.65 -30.41 -21.06
CA ILE F 64 8.33 -29.26 -20.49
C ILE F 64 7.97 -28.00 -21.22
N ASN F 65 7.21 -27.15 -20.55
CA ASN F 65 6.97 -25.79 -20.99
C ASN F 65 7.21 -24.93 -19.77
N SER F 66 8.46 -24.56 -19.54
CA SER F 66 8.87 -23.88 -18.33
C SER F 66 9.89 -22.77 -18.62
N PRO F 67 9.79 -21.65 -17.92
CA PRO F 67 10.81 -20.60 -18.02
C PRO F 67 12.05 -20.82 -17.14
N GLY F 68 12.20 -22.00 -16.55
CA GLY F 68 13.35 -22.26 -15.70
C GLY F 68 12.99 -22.14 -14.23
N GLY F 69 13.99 -21.91 -13.38
CA GLY F 69 13.76 -21.81 -11.96
C GLY F 69 15.03 -21.89 -11.13
N GLY F 70 14.87 -22.16 -9.84
CA GLY F 70 15.98 -22.18 -8.90
C GLY F 70 16.97 -23.30 -9.13
N PHE F 71 18.19 -23.11 -8.67
CA PHE F 71 19.24 -24.06 -8.95
C PHE F 71 19.12 -25.33 -8.16
N THR F 72 18.77 -25.26 -6.89
CA THR F 72 18.72 -26.50 -6.12
C THR F 72 17.46 -27.31 -6.40
N SER F 73 16.38 -26.64 -6.79
CA SER F 73 15.21 -27.32 -7.31
C SER F 73 15.59 -28.10 -8.55
N LEU F 74 16.27 -27.42 -9.46
CA LEU F 74 16.75 -28.03 -10.68
C LEU F 74 17.55 -29.28 -10.39
N MET F 75 18.57 -29.17 -9.56
CA MET F 75 19.39 -30.32 -9.25
C MET F 75 18.63 -31.40 -8.47
N ALA F 76 17.58 -31.04 -7.75
CA ALA F 76 16.76 -32.02 -7.09
C ALA F 76 15.98 -32.82 -8.10
N ILE F 77 15.41 -32.14 -9.09
CA ILE F 77 14.66 -32.86 -10.13
C ILE F 77 15.61 -33.65 -11.02
N TYR F 78 16.72 -33.06 -11.41
CA TYR F 78 17.73 -33.71 -12.26
C TYR F 78 18.20 -35.02 -11.65
N ASP F 79 18.54 -35.00 -10.37
CA ASP F 79 19.00 -36.20 -9.66
C ASP F 79 17.98 -37.33 -9.62
N THR F 80 16.74 -36.97 -9.38
CA THR F 80 15.66 -37.94 -9.31
C THR F 80 15.44 -38.58 -10.66
N MET F 81 15.57 -37.80 -11.72
CA MET F 81 15.51 -38.29 -13.09
C MET F 81 16.59 -39.30 -13.42
N GLN F 82 17.79 -39.05 -12.95
CA GLN F 82 18.88 -39.96 -13.17
C GLN F 82 18.86 -41.12 -12.20
N TYR F 83 18.26 -40.92 -11.03
CA TYR F 83 18.28 -41.96 -10.00
C TYR F 83 17.32 -43.09 -10.31
N VAL F 84 16.13 -42.72 -10.74
CA VAL F 84 15.07 -43.68 -11.07
C VAL F 84 15.53 -44.76 -12.08
N ARG F 85 14.95 -45.95 -12.02
CA ARG F 85 15.32 -47.02 -12.93
C ARG F 85 14.67 -46.85 -14.31
N ALA F 86 13.55 -46.15 -14.35
CA ALA F 86 12.79 -46.05 -15.59
C ALA F 86 13.35 -44.97 -16.51
N ASP F 87 13.32 -45.21 -17.80
CA ASP F 87 13.80 -44.23 -18.76
C ASP F 87 12.90 -43.03 -18.75
N ILE F 88 13.41 -41.91 -19.21
CA ILE F 88 12.59 -40.71 -19.27
C ILE F 88 12.67 -40.05 -20.63
N GLN F 89 11.55 -39.98 -21.34
CA GLN F 89 11.48 -39.13 -22.50
C GLN F 89 11.19 -37.74 -22.02
N THR F 90 11.99 -36.78 -22.42
CA THR F 90 11.66 -35.39 -22.20
C THR F 90 11.15 -34.79 -23.50
N VAL F 91 10.07 -34.02 -23.44
CA VAL F 91 9.50 -33.36 -24.60
C VAL F 91 9.32 -31.88 -24.33
N CYS F 92 9.80 -31.03 -25.22
CA CYS F 92 9.60 -29.61 -25.06
C CYS F 92 8.45 -29.13 -25.92
N LEU F 93 7.46 -28.51 -25.29
CA LEU F 93 6.43 -27.80 -26.03
C LEU F 93 6.45 -26.35 -25.58
N GLY F 94 6.60 -25.42 -26.50
CA GLY F 94 6.65 -24.03 -26.11
C GLY F 94 8.05 -23.56 -25.79
N GLN F 95 8.60 -23.95 -24.65
CA GLN F 95 9.96 -23.59 -24.36
C GLN F 95 10.54 -24.31 -23.16
N ALA F 96 11.86 -24.45 -23.17
CA ALA F 96 12.59 -24.92 -22.02
C ALA F 96 13.74 -23.97 -21.80
N ALA F 97 13.57 -23.02 -20.89
CA ALA F 97 14.57 -21.99 -20.65
C ALA F 97 15.37 -22.22 -19.36
N SER F 98 16.64 -21.87 -19.40
CA SER F 98 17.53 -21.92 -18.26
C SER F 98 17.54 -23.28 -17.58
N ALA F 99 16.92 -23.40 -16.41
CA ALA F 99 16.98 -24.67 -15.68
C ALA F 99 16.25 -25.78 -16.41
N ALA F 100 15.16 -25.45 -17.08
CA ALA F 100 14.38 -26.41 -17.83
C ALA F 100 15.14 -26.94 -19.05
N ALA F 101 16.06 -26.14 -19.57
CA ALA F 101 16.88 -26.59 -20.69
C ALA F 101 17.89 -27.62 -20.23
N VAL F 102 18.20 -27.61 -18.94
CA VAL F 102 19.11 -28.61 -18.40
C VAL F 102 18.38 -29.93 -18.18
N LEU F 103 17.09 -29.84 -17.87
CA LEU F 103 16.28 -31.01 -17.64
C LEU F 103 15.91 -31.64 -18.95
N LEU F 104 15.73 -30.81 -19.97
CA LEU F 104 15.41 -31.30 -21.29
C LEU F 104 16.56 -32.11 -21.88
N ALA F 105 17.79 -31.69 -21.60
CA ALA F 105 18.95 -32.40 -22.10
C ALA F 105 19.22 -33.63 -21.28
N ALA F 106 18.61 -33.71 -20.10
CA ALA F 106 18.92 -34.76 -19.15
C ALA F 106 18.01 -35.97 -19.26
N GLY F 107 17.01 -35.91 -20.15
CA GLY F 107 16.21 -37.07 -20.49
C GLY F 107 17.11 -38.15 -21.06
N THR F 108 16.62 -39.37 -21.21
CA THR F 108 17.56 -40.40 -21.58
C THR F 108 17.86 -40.34 -23.07
N PRO F 109 19.11 -40.62 -23.42
CA PRO F 109 19.64 -40.65 -24.78
C PRO F 109 18.71 -41.31 -25.80
N GLY F 110 18.15 -40.50 -26.69
CA GLY F 110 17.28 -41.02 -27.72
C GLY F 110 15.85 -40.53 -27.57
N LYS F 111 15.46 -40.21 -26.35
CA LYS F 111 14.07 -39.94 -26.05
C LYS F 111 13.85 -38.49 -25.64
N ARG F 112 14.76 -37.62 -26.04
CA ARG F 112 14.63 -36.17 -25.84
C ARG F 112 14.18 -35.52 -27.13
N MET F 113 13.07 -34.80 -27.08
CA MET F 113 12.52 -34.24 -28.29
C MET F 113 11.85 -32.92 -28.01
N ALA F 114 11.39 -32.26 -29.06
CA ALA F 114 10.81 -30.95 -28.98
C ALA F 114 9.86 -30.78 -30.13
N LEU F 115 8.79 -30.02 -29.92
CA LEU F 115 7.88 -29.64 -30.98
C LEU F 115 8.52 -28.58 -31.86
N PRO F 116 8.12 -28.54 -33.14
CA PRO F 116 8.85 -27.80 -34.17
C PRO F 116 9.10 -26.33 -33.83
N ASN F 117 8.10 -25.63 -33.31
CA ASN F 117 8.22 -24.22 -33.00
C ASN F 117 8.61 -23.94 -31.57
N ALA F 118 9.12 -24.97 -30.90
CA ALA F 118 9.61 -24.81 -29.53
C ALA F 118 10.93 -24.08 -29.54
N ARG F 119 11.30 -23.48 -28.42
CA ARG F 119 12.58 -22.85 -28.27
C ARG F 119 13.25 -23.28 -26.99
N VAL F 120 14.56 -23.23 -26.97
CA VAL F 120 15.35 -23.59 -25.82
C VAL F 120 16.28 -22.43 -25.52
N LEU F 121 16.31 -21.97 -24.29
CA LEU F 121 17.17 -20.86 -23.95
C LEU F 121 18.19 -21.34 -22.94
N ILE F 122 19.43 -20.96 -23.14
CA ILE F 122 20.50 -21.42 -22.26
C ILE F 122 21.28 -20.24 -21.69
N HIS F 123 21.20 -20.04 -20.38
CA HIS F 123 22.00 -18.99 -19.79
C HIS F 123 22.51 -19.37 -18.42
N GLN F 124 23.54 -18.68 -17.97
CA GLN F 124 24.19 -19.00 -16.72
C GLN F 124 23.40 -18.45 -15.56
N PRO F 125 23.50 -19.11 -14.39
CA PRO F 125 22.79 -18.72 -13.18
C PRO F 125 22.92 -17.25 -12.85
N SER F 126 21.79 -16.54 -12.84
CA SER F 126 21.78 -15.16 -12.41
C SER F 126 21.26 -15.06 -11.00
N LEU F 127 21.38 -13.87 -10.44
CA LEU F 127 20.87 -13.58 -9.11
C LEU F 127 20.12 -12.27 -9.20
N SER F 128 18.79 -12.35 -9.23
CA SER F 128 17.98 -11.15 -9.42
C SER F 128 17.95 -10.30 -8.14
N GLY F 129 17.88 -10.97 -7.00
CA GLY F 129 17.93 -10.27 -5.74
C GLY F 129 19.27 -9.65 -5.46
N VAL F 130 19.39 -9.04 -4.28
CA VAL F 130 20.67 -8.58 -3.77
C VAL F 130 20.88 -9.20 -2.41
N ILE F 131 21.89 -10.05 -2.28
CA ILE F 131 22.16 -10.64 -0.98
C ILE F 131 23.36 -9.97 -0.33
N GLN F 132 23.20 -9.60 0.93
CA GLN F 132 24.08 -8.66 1.59
C GLN F 132 24.85 -9.25 2.74
N GLY F 133 25.96 -8.64 3.09
CA GLY F 133 26.72 -9.10 4.22
C GLY F 133 28.13 -8.59 4.27
N GLN F 134 28.91 -9.11 5.21
CA GLN F 134 30.29 -8.71 5.32
C GLN F 134 31.05 -9.24 4.13
N PHE F 135 32.21 -8.66 3.81
CA PHE F 135 32.92 -9.17 2.66
C PHE F 135 33.22 -10.65 2.84
N SER F 136 33.59 -11.03 4.06
CA SER F 136 33.88 -12.42 4.40
C SER F 136 32.75 -13.36 4.02
N ASP F 137 31.53 -12.88 4.12
CA ASP F 137 30.36 -13.68 3.85
C ASP F 137 30.02 -13.71 2.37
N LEU F 138 30.09 -12.56 1.73
CA LEU F 138 29.82 -12.47 0.30
C LEU F 138 30.83 -13.25 -0.49
N GLU F 139 32.06 -13.31 0.02
CA GLU F 139 33.11 -14.07 -0.62
C GLU F 139 32.78 -15.55 -0.60
N ILE F 140 32.06 -15.99 0.42
CA ILE F 140 31.59 -17.36 0.49
C ILE F 140 30.40 -17.58 -0.42
N GLN F 141 29.45 -16.66 -0.42
CA GLN F 141 28.34 -16.71 -1.36
C GLN F 141 28.87 -16.85 -2.77
N ALA F 142 29.81 -15.97 -3.12
CA ALA F 142 30.41 -15.93 -4.45
C ALA F 142 31.05 -17.24 -4.88
N ALA F 143 31.70 -17.95 -3.97
CA ALA F 143 32.34 -19.20 -4.35
C ALA F 143 31.31 -20.30 -4.52
N GLU F 144 30.12 -20.09 -3.96
CA GLU F 144 29.04 -21.04 -4.15
C GLU F 144 28.30 -20.73 -5.43
N ILE F 145 28.14 -19.45 -5.74
CA ILE F 145 27.58 -19.06 -7.02
C ILE F 145 28.45 -19.51 -8.21
N GLU F 146 29.76 -19.57 -8.03
CA GLU F 146 30.63 -20.04 -9.10
C GLU F 146 30.60 -21.54 -9.20
N ARG F 147 30.42 -22.22 -8.08
CA ARG F 147 30.41 -23.66 -8.09
C ARG F 147 29.12 -24.16 -8.73
N MET F 148 28.04 -23.45 -8.47
CA MET F 148 26.76 -23.74 -9.11
C MET F 148 26.81 -23.45 -10.60
N ARG F 149 27.55 -22.42 -10.97
CA ARG F 149 27.75 -22.08 -12.37
C ARG F 149 28.47 -23.18 -13.09
N THR F 150 29.54 -23.71 -12.51
CA THR F 150 30.30 -24.74 -13.21
C THR F 150 29.61 -26.09 -13.08
N LEU F 151 28.60 -26.18 -12.21
CA LEU F 151 27.89 -27.44 -12.06
C LEU F 151 26.85 -27.60 -13.16
N MET F 152 26.29 -26.49 -13.62
CA MET F 152 25.38 -26.51 -14.74
C MET F 152 26.14 -26.72 -16.04
N GLU F 153 27.39 -26.26 -16.08
CA GLU F 153 28.21 -26.44 -17.25
C GLU F 153 28.68 -27.87 -17.41
N THR F 154 29.02 -28.56 -16.33
CA THR F 154 29.47 -29.92 -16.52
C THR F 154 28.30 -30.89 -16.70
N THR F 155 27.13 -30.61 -16.15
CA THR F 155 26.02 -31.54 -16.36
C THR F 155 25.41 -31.34 -17.74
N LEU F 156 25.37 -30.12 -18.23
CA LEU F 156 25.02 -29.89 -19.62
C LEU F 156 26.06 -30.50 -20.55
N ALA F 157 27.32 -30.36 -20.21
CA ALA F 157 28.36 -30.93 -21.02
C ALA F 157 28.16 -32.43 -21.08
N ARG F 158 27.76 -33.00 -19.96
CA ARG F 158 27.66 -34.45 -19.85
C ARG F 158 26.63 -34.99 -20.83
N HIS F 159 25.62 -34.18 -21.11
CA HIS F 159 24.45 -34.63 -21.85
C HIS F 159 24.36 -34.15 -23.29
N THR F 160 25.09 -33.11 -23.63
CA THR F 160 25.15 -32.63 -25.00
C THR F 160 26.36 -33.21 -25.75
N GLY F 161 27.32 -33.74 -25.01
CA GLY F 161 28.53 -34.26 -25.59
C GLY F 161 29.63 -33.23 -25.71
N LYS F 162 29.31 -31.98 -25.41
CA LYS F 162 30.25 -30.88 -25.55
C LYS F 162 31.23 -30.85 -24.42
N ASP F 163 32.29 -30.07 -24.60
CA ASP F 163 33.27 -29.82 -23.56
C ASP F 163 32.65 -28.83 -22.61
N ALA F 164 32.98 -28.94 -21.33
CA ALA F 164 32.42 -28.01 -20.34
C ALA F 164 32.84 -26.60 -20.64
N GLY F 165 33.96 -26.47 -21.33
CA GLY F 165 34.47 -25.17 -21.73
C GLY F 165 33.63 -24.49 -22.78
N VAL F 166 32.97 -25.27 -23.63
CA VAL F 166 32.15 -24.72 -24.68
C VAL F 166 30.84 -24.22 -24.14
N ILE F 167 30.24 -25.00 -23.26
CA ILE F 167 29.06 -24.60 -22.51
C ILE F 167 29.30 -23.29 -21.77
N ARG F 168 30.48 -23.15 -21.17
CA ARG F 168 30.77 -21.99 -20.36
C ARG F 168 30.93 -20.73 -21.18
N LYS F 169 31.27 -20.90 -22.46
CA LYS F 169 31.39 -19.78 -23.40
C LYS F 169 30.07 -19.49 -24.10
N ASP F 170 29.33 -20.53 -24.44
CA ASP F 170 28.05 -20.36 -25.09
C ASP F 170 26.98 -19.80 -24.14
N THR F 171 27.13 -20.06 -22.84
CA THR F 171 26.15 -19.60 -21.87
C THR F 171 26.62 -18.34 -21.16
N ASP F 172 27.78 -17.83 -21.54
CA ASP F 172 28.23 -16.54 -21.04
C ASP F 172 27.19 -15.45 -21.27
N ARG F 173 26.68 -15.36 -22.49
CA ARG F 173 25.51 -14.54 -22.80
C ARG F 173 24.41 -15.50 -23.18
N ASP F 174 23.15 -15.09 -23.07
CA ASP F 174 22.05 -15.99 -23.37
C ASP F 174 22.16 -16.54 -24.77
N LYS F 175 21.69 -17.75 -24.98
CA LYS F 175 21.73 -18.35 -26.29
C LYS F 175 20.39 -18.99 -26.56
N ILE F 176 19.65 -18.49 -27.53
CA ILE F 176 18.38 -19.06 -27.89
C ILE F 176 18.48 -20.04 -29.05
N LEU F 177 17.85 -21.19 -28.91
CA LEU F 177 17.87 -22.21 -29.93
C LEU F 177 16.46 -22.53 -30.44
N THR F 178 16.33 -22.72 -31.73
CA THR F 178 15.15 -23.33 -32.30
C THR F 178 15.21 -24.83 -32.03
N ALA F 179 14.19 -25.56 -32.43
CA ALA F 179 14.18 -27.00 -32.22
C ALA F 179 15.30 -27.70 -32.98
N GLU F 180 15.54 -27.30 -34.22
CA GLU F 180 16.57 -27.96 -34.99
C GLU F 180 17.94 -27.55 -34.47
N GLU F 181 18.09 -26.30 -34.06
CA GLU F 181 19.34 -25.84 -33.46
C GLU F 181 19.63 -26.56 -32.15
N ALA F 182 18.59 -26.80 -31.37
CA ALA F 182 18.72 -27.55 -30.13
C ALA F 182 19.19 -28.95 -30.40
N LYS F 183 18.73 -29.53 -31.50
CA LYS F 183 19.14 -30.87 -31.88
C LYS F 183 20.59 -30.88 -32.35
N ASP F 184 21.01 -29.80 -33.01
CA ASP F 184 22.38 -29.64 -33.45
C ASP F 184 23.30 -29.48 -32.27
N TYR F 185 22.81 -28.85 -31.22
CA TYR F 185 23.62 -28.56 -30.03
C TYR F 185 23.81 -29.78 -29.13
N GLY F 186 22.87 -30.72 -29.17
CA GLY F 186 22.98 -31.93 -28.37
C GLY F 186 21.98 -31.96 -27.24
N ILE F 187 21.08 -31.00 -27.22
CA ILE F 187 20.13 -30.88 -26.12
C ILE F 187 18.94 -31.79 -26.35
N ILE F 188 18.55 -32.00 -27.58
CA ILE F 188 17.53 -33.00 -27.85
C ILE F 188 18.01 -33.93 -28.92
N ASP F 189 17.29 -35.01 -29.14
CA ASP F 189 17.68 -35.96 -30.16
C ASP F 189 16.86 -35.82 -31.43
N THR F 190 15.57 -35.51 -31.31
CA THR F 190 14.74 -35.39 -32.48
C THR F 190 13.76 -34.25 -32.36
N VAL F 191 13.24 -33.82 -33.49
CA VAL F 191 12.18 -32.85 -33.54
C VAL F 191 10.93 -33.55 -34.00
N LEU F 192 9.85 -33.38 -33.24
CA LEU F 192 8.62 -34.10 -33.50
C LEU F 192 7.99 -33.58 -34.76
N GLU F 193 7.68 -34.49 -35.67
CA GLU F 193 6.94 -34.15 -36.87
C GLU F 193 5.46 -34.15 -36.52
N TYR F 194 4.71 -33.26 -37.14
CA TYR F 194 3.26 -33.30 -37.04
C TYR F 194 2.74 -34.63 -37.54
N ARG F 195 1.69 -35.16 -36.92
CA ARG F 195 1.15 -36.44 -37.35
C ARG F 195 -0.31 -36.32 -37.78
N LYS F 196 -0.67 -35.18 -38.35
CA LYS F 196 -2.02 -34.96 -38.85
C LYS F 196 -2.21 -35.57 -40.22
N LEU F 197 -3.35 -36.22 -40.43
CA LEU F 197 -3.68 -36.78 -41.74
C LEU F 197 -3.95 -35.68 -42.75
N SER F 198 -4.52 -34.57 -42.28
CA SER F 198 -4.72 -33.39 -43.11
C SER F 198 -3.41 -32.63 -43.30
N THR G 11 21.64 28.42 12.17
CA THR G 11 20.99 27.23 11.65
C THR G 11 22.03 26.44 10.86
N ASP G 12 22.31 26.96 9.68
CA ASP G 12 23.45 26.59 8.88
C ASP G 12 24.54 27.60 9.13
N SER G 13 24.15 28.76 9.67
CA SER G 13 25.09 29.83 9.92
C SER G 13 26.03 29.53 11.07
N VAL G 14 25.70 28.52 11.86
CA VAL G 14 26.59 28.09 12.91
C VAL G 14 27.75 27.35 12.25
N TYR G 15 27.45 26.41 11.38
CA TYR G 15 28.47 25.66 10.69
C TYR G 15 29.35 26.55 9.84
N GLU G 16 28.80 27.67 9.41
CA GLU G 16 29.53 28.61 8.59
C GLU G 16 30.46 29.45 9.44
N ARG G 17 30.04 29.79 10.66
CA ARG G 17 30.93 30.50 11.55
C ARG G 17 32.06 29.59 12.03
N LEU G 18 31.85 28.28 11.97
CA LEU G 18 32.88 27.35 12.38
C LEU G 18 33.86 27.08 11.25
N LEU G 19 33.42 27.36 10.04
CA LEU G 19 34.25 27.14 8.87
C LEU G 19 35.24 28.30 8.74
N SER G 20 34.83 29.48 9.19
CA SER G 20 35.72 30.62 9.30
C SER G 20 36.81 30.34 10.32
N GLU G 21 36.49 29.51 11.31
CA GLU G 21 37.46 29.17 12.33
C GLU G 21 38.15 27.88 11.94
N ARG G 22 37.89 27.45 10.70
CA ARG G 22 38.54 26.29 10.11
C ARG G 22 38.15 24.99 10.82
N ILE G 23 36.91 24.93 11.26
CA ILE G 23 36.33 23.74 11.87
C ILE G 23 35.20 23.20 11.01
N ILE G 24 35.31 21.92 10.61
CA ILE G 24 34.27 21.29 9.82
C ILE G 24 33.81 19.99 10.47
N PHE G 25 32.61 19.54 10.10
CA PHE G 25 32.00 18.39 10.75
C PHE G 25 31.70 17.25 9.82
N LEU G 26 31.96 16.05 10.29
CA LEU G 26 31.48 14.86 9.61
C LEU G 26 30.51 14.16 10.54
N GLY G 27 29.29 14.68 10.64
CA GLY G 27 28.36 14.20 11.65
C GLY G 27 27.20 13.31 11.23
N SER G 28 27.27 12.78 10.02
CA SER G 28 26.24 11.91 9.48
C SER G 28 26.90 10.68 8.92
N GLU G 29 26.17 9.86 8.19
CA GLU G 29 26.83 8.77 7.48
C GLU G 29 27.68 9.35 6.37
N VAL G 30 28.71 8.62 5.97
CA VAL G 30 29.55 9.04 4.87
C VAL G 30 28.90 8.62 3.57
N ASN G 31 28.36 9.61 2.86
CA ASN G 31 27.79 9.37 1.57
C ASN G 31 28.44 10.36 0.62
N ASP G 32 28.15 10.24 -0.68
CA ASP G 32 28.76 11.14 -1.66
C ASP G 32 28.42 12.58 -1.35
N GLU G 33 27.21 12.83 -0.91
CA GLU G 33 26.78 14.19 -0.62
C GLU G 33 27.68 14.81 0.45
N ILE G 34 27.79 14.16 1.60
CA ILE G 34 28.63 14.66 2.66
C ILE G 34 30.09 14.59 2.26
N ALA G 35 30.48 13.56 1.53
CA ALA G 35 31.86 13.46 1.11
C ALA G 35 32.23 14.56 0.16
N ASN G 36 31.28 15.01 -0.65
CA ASN G 36 31.58 16.00 -1.66
C ASN G 36 31.72 17.38 -1.06
N ARG G 37 30.81 17.73 -0.16
CA ARG G 37 30.84 19.04 0.44
C ARG G 37 31.96 19.14 1.47
N LEU G 38 32.48 17.99 1.90
CA LEU G 38 33.59 17.95 2.84
C LEU G 38 34.92 18.10 2.11
N CYS G 39 34.98 17.63 0.87
CA CYS G 39 36.15 17.87 0.06
C CYS G 39 36.18 19.32 -0.41
N ALA G 40 35.02 19.91 -0.66
CA ALA G 40 34.92 21.32 -1.00
C ALA G 40 35.43 22.22 0.12
N GLN G 41 35.13 21.89 1.36
CA GLN G 41 35.55 22.72 2.48
C GLN G 41 37.04 22.66 2.65
N ILE G 42 37.62 21.49 2.43
CA ILE G 42 39.05 21.32 2.55
C ILE G 42 39.78 22.00 1.40
N LEU G 43 39.21 21.98 0.20
CA LEU G 43 39.79 22.72 -0.91
C LEU G 43 39.80 24.21 -0.63
N LEU G 44 38.62 24.73 -0.29
CA LEU G 44 38.46 26.12 0.12
C LEU G 44 39.40 26.56 1.21
N LEU G 45 39.44 25.80 2.30
CA LEU G 45 40.19 26.22 3.47
C LEU G 45 41.66 26.25 3.17
N ALA G 46 42.13 25.34 2.33
CA ALA G 46 43.54 25.31 1.91
C ALA G 46 43.81 26.44 0.92
N ALA G 47 42.75 26.91 0.27
CA ALA G 47 42.87 28.06 -0.59
C ALA G 47 43.16 29.27 0.27
N GLU G 48 42.37 29.44 1.31
CA GLU G 48 42.44 30.63 2.14
C GLU G 48 43.73 30.71 2.95
N ASP G 49 44.21 29.56 3.41
CA ASP G 49 45.47 29.50 4.11
C ASP G 49 45.99 28.08 4.05
N ALA G 50 47.18 27.89 3.49
CA ALA G 50 47.70 26.56 3.32
C ALA G 50 48.61 26.17 4.47
N SER G 51 48.62 26.98 5.52
CA SER G 51 49.53 26.72 6.63
C SER G 51 48.79 26.53 7.95
N LYS G 52 47.52 26.94 8.00
CA LYS G 52 46.72 26.78 9.21
C LYS G 52 45.97 25.47 9.19
N ASP G 53 45.87 24.84 10.34
CA ASP G 53 45.24 23.53 10.46
C ASP G 53 43.75 23.59 10.22
N ILE G 54 43.22 22.48 9.71
CA ILE G 54 41.80 22.30 9.59
C ILE G 54 41.38 21.30 10.67
N SER G 55 40.31 21.61 11.39
CA SER G 55 39.81 20.72 12.45
C SER G 55 38.59 19.95 12.02
N LEU G 56 38.72 18.63 11.98
CA LEU G 56 37.63 17.79 11.53
C LEU G 56 37.06 17.02 12.68
N TYR G 57 35.85 17.38 13.09
CA TYR G 57 35.15 16.68 14.14
C TYR G 57 34.29 15.55 13.57
N ILE G 58 34.43 14.37 14.16
CA ILE G 58 33.87 13.16 13.58
C ILE G 58 32.88 12.49 14.49
N ASN G 59 31.61 12.50 14.09
CA ASN G 59 30.55 11.77 14.77
C ASN G 59 29.77 11.07 13.70
N SER G 60 30.14 9.83 13.40
CA SER G 60 29.66 9.17 12.21
C SER G 60 29.59 7.67 12.42
N PRO G 61 28.53 7.04 11.90
CA PRO G 61 28.30 5.60 11.90
C PRO G 61 29.07 4.84 10.82
N GLY G 62 29.73 5.57 9.92
CA GLY G 62 30.46 4.94 8.84
C GLY G 62 29.82 5.26 7.52
N GLY G 63 30.14 4.50 6.48
CA GLY G 63 29.50 4.71 5.20
C GLY G 63 30.22 4.16 4.02
N SER G 64 30.05 4.83 2.88
CA SER G 64 30.63 4.42 1.61
C SER G 64 32.15 4.51 1.60
N ILE G 65 32.81 3.45 1.17
CA ILE G 65 34.27 3.51 1.04
C ILE G 65 34.73 4.50 -0.01
N SER G 66 34.05 4.54 -1.16
CA SER G 66 34.46 5.45 -2.22
C SER G 66 34.28 6.88 -1.81
N ALA G 67 33.12 7.19 -1.25
CA ALA G 67 32.83 8.51 -0.71
C ALA G 67 33.88 8.89 0.29
N GLY G 68 34.30 7.91 1.08
CA GLY G 68 35.28 8.17 2.12
C GLY G 68 36.70 8.26 1.63
N MET G 69 37.05 7.55 0.56
CA MET G 69 38.37 7.66 -0.01
C MET G 69 38.55 9.01 -0.68
N ALA G 70 37.45 9.63 -1.10
CA ALA G 70 37.51 11.00 -1.61
C ALA G 70 37.98 11.95 -0.54
N ILE G 71 37.30 11.94 0.59
CA ILE G 71 37.68 12.73 1.75
C ILE G 71 39.09 12.43 2.19
N TYR G 72 39.47 11.16 2.24
CA TYR G 72 40.81 10.80 2.70
C TYR G 72 41.89 11.44 1.82
N ASP G 73 41.84 11.20 0.51
CA ASP G 73 42.82 11.76 -0.40
C ASP G 73 42.84 13.28 -0.41
N THR G 74 41.70 13.91 -0.16
CA THR G 74 41.67 15.36 -0.08
C THR G 74 42.30 15.83 1.22
N MET G 75 42.24 15.00 2.24
CA MET G 75 42.89 15.31 3.51
C MET G 75 44.40 15.29 3.36
N VAL G 76 44.87 14.29 2.64
CA VAL G 76 46.28 13.99 2.56
C VAL G 76 46.99 14.83 1.50
N LEU G 77 46.24 15.35 0.55
CA LEU G 77 46.83 16.19 -0.49
C LEU G 77 46.78 17.64 -0.13
N ALA G 78 46.02 17.98 0.88
CA ALA G 78 45.95 19.37 1.34
C ALA G 78 47.33 19.82 1.83
N PRO G 79 47.60 21.12 1.74
CA PRO G 79 48.88 21.69 2.19
C PRO G 79 48.96 21.76 3.70
N CYS G 80 47.82 21.95 4.35
CA CYS G 80 47.73 22.07 5.80
C CYS G 80 47.49 20.74 6.51
N ASP G 81 47.81 20.70 7.79
CA ASP G 81 47.54 19.50 8.56
C ASP G 81 46.07 19.43 8.89
N ILE G 82 45.53 18.22 8.94
CA ILE G 82 44.16 18.02 9.34
C ILE G 82 44.11 17.35 10.71
N ALA G 83 43.49 18.03 11.68
CA ALA G 83 43.31 17.44 12.99
C ALA G 83 41.95 16.75 13.08
N THR G 84 41.93 15.51 13.56
CA THR G 84 40.69 14.78 13.70
C THR G 84 40.32 14.58 15.16
N TYR G 85 39.08 14.89 15.50
CA TYR G 85 38.53 14.69 16.83
C TYR G 85 37.37 13.72 16.77
N ALA G 86 37.44 12.64 17.55
CA ALA G 86 36.32 11.72 17.69
C ALA G 86 35.37 12.18 18.76
N MET G 87 34.26 12.83 18.39
CA MET G 87 33.14 13.05 19.31
C MET G 87 32.28 11.82 19.31
N GLY G 88 31.58 11.59 20.41
CA GLY G 88 30.56 10.56 20.45
C GLY G 88 30.94 9.25 19.83
N MET G 89 30.92 9.19 18.51
CA MET G 89 31.21 7.93 17.81
C MET G 89 31.93 8.10 16.49
N ALA G 90 32.93 7.26 16.27
CA ALA G 90 33.62 7.22 15.00
C ALA G 90 33.75 5.76 14.57
N ALA G 91 32.90 5.33 13.65
CA ALA G 91 32.85 3.94 13.28
C ALA G 91 33.18 3.74 11.82
N SER G 92 33.72 2.58 11.48
CA SER G 92 33.85 2.23 10.06
C SER G 92 34.74 3.24 9.31
N MET G 93 34.19 3.90 8.30
CA MET G 93 34.92 4.98 7.62
C MET G 93 35.10 6.16 8.53
N GLY G 94 34.29 6.25 9.59
CA GLY G 94 34.48 7.30 10.56
C GLY G 94 35.78 7.06 11.29
N GLU G 95 36.06 5.80 11.58
CA GLU G 95 37.27 5.40 12.26
C GLU G 95 38.43 5.72 11.37
N PHE G 96 38.39 5.14 10.18
CA PHE G 96 39.38 5.33 9.15
C PHE G 96 39.72 6.80 8.92
N LEU G 97 38.71 7.65 8.75
CA LEU G 97 38.95 9.06 8.54
C LEU G 97 39.53 9.74 9.77
N LEU G 98 39.24 9.21 10.94
CA LEU G 98 39.81 9.76 12.16
C LEU G 98 41.29 9.42 12.24
N ALA G 99 41.62 8.16 12.02
CA ALA G 99 42.99 7.68 12.10
C ALA G 99 43.87 8.25 10.99
N ALA G 100 43.25 8.83 9.98
CA ALA G 100 43.98 9.31 8.83
C ALA G 100 44.43 10.75 9.03
N GLY G 101 44.09 11.33 10.16
CA GLY G 101 44.51 12.67 10.48
C GLY G 101 46.02 12.75 10.63
N THR G 102 46.51 13.96 10.79
CA THR G 102 47.92 14.18 10.90
C THR G 102 48.45 13.54 12.16
N LYS G 103 49.50 12.73 12.04
CA LYS G 103 50.08 12.10 13.22
C LYS G 103 50.47 13.15 14.25
N GLY G 104 50.02 12.93 15.48
CA GLY G 104 50.21 13.86 16.55
C GLY G 104 48.99 14.72 16.74
N LYS G 105 48.13 14.74 15.74
CA LYS G 105 46.94 15.57 15.80
C LYS G 105 45.66 14.78 15.58
N ARG G 106 45.62 13.56 16.08
CA ARG G 106 44.38 12.78 16.09
C ARG G 106 43.89 12.67 17.53
N TYR G 107 42.67 13.14 17.77
CA TYR G 107 42.15 13.24 19.12
C TYR G 107 40.88 12.45 19.33
N ALA G 108 40.67 12.02 20.56
CA ALA G 108 39.40 11.45 20.99
C ALA G 108 38.92 12.24 22.18
N LEU G 109 37.64 12.57 22.22
CA LEU G 109 37.08 13.10 23.44
C LEU G 109 36.91 11.94 24.40
N PRO G 110 36.88 12.21 25.71
CA PRO G 110 37.07 11.12 26.68
C PRO G 110 36.03 10.02 26.60
N HIS G 111 34.82 10.32 26.15
CA HIS G 111 33.77 9.32 26.16
C HIS G 111 33.34 8.91 24.76
N ALA G 112 34.16 9.21 23.77
CA ALA G 112 33.86 8.78 22.41
C ALA G 112 34.15 7.31 22.28
N ARG G 113 33.57 6.67 21.28
CA ARG G 113 33.89 5.28 21.03
C ARG G 113 34.21 5.07 19.57
N ILE G 114 35.12 4.16 19.30
CA ILE G 114 35.59 3.84 17.96
C ILE G 114 35.18 2.44 17.59
N LEU G 115 34.69 2.25 16.38
CA LEU G 115 34.40 0.91 15.90
C LEU G 115 35.26 0.53 14.72
N MET G 116 35.69 -0.72 14.67
CA MET G 116 36.49 -1.19 13.56
C MET G 116 36.04 -2.56 13.11
N HIS G 117 35.73 -2.69 11.83
CA HIS G 117 35.32 -3.96 11.27
C HIS G 117 35.62 -4.01 9.77
N GLN G 118 35.37 -5.16 9.16
CA GLN G 118 35.62 -5.31 7.72
C GLN G 118 34.52 -4.70 6.87
N PRO G 119 34.73 -4.63 5.54
CA PRO G 119 33.73 -4.01 4.68
C PRO G 119 32.46 -4.84 4.49
N LEU G 120 31.38 -4.17 4.12
CA LEU G 120 30.09 -4.77 3.86
C LEU G 120 29.64 -4.44 2.47
N GLY G 121 29.02 -5.38 1.79
CA GLY G 121 28.40 -5.05 0.53
C GLY G 121 27.25 -5.96 0.17
N GLY G 122 27.10 -6.22 -1.11
CA GLY G 122 26.14 -7.18 -1.59
C GLY G 122 26.64 -7.63 -2.93
N VAL G 123 26.30 -8.86 -3.30
CA VAL G 123 26.56 -9.36 -4.64
C VAL G 123 25.25 -9.42 -5.38
N THR G 124 25.30 -9.37 -6.71
CA THR G 124 24.06 -9.38 -7.48
C THR G 124 24.32 -9.57 -8.97
N GLY G 125 23.35 -10.13 -9.67
CA GLY G 125 23.48 -10.32 -11.10
C GLY G 125 23.97 -11.69 -11.49
N SER G 126 24.64 -11.77 -12.62
CA SER G 126 25.05 -13.06 -13.16
C SER G 126 26.26 -13.63 -12.44
N ALA G 127 26.47 -14.93 -12.55
CA ALA G 127 27.60 -15.58 -11.92
C ALA G 127 28.91 -14.95 -12.39
N ALA G 128 28.94 -14.48 -13.63
CA ALA G 128 30.14 -13.87 -14.19
C ALA G 128 30.29 -12.42 -13.75
N ASP G 129 29.19 -11.82 -13.35
CA ASP G 129 29.20 -10.48 -12.78
C ASP G 129 29.58 -10.51 -11.31
N ILE G 130 29.19 -11.58 -10.64
CA ILE G 130 29.48 -11.74 -9.21
C ILE G 130 30.93 -12.15 -9.03
N ALA G 131 31.46 -12.92 -9.96
CA ALA G 131 32.85 -13.31 -9.88
C ALA G 131 33.72 -12.06 -9.89
N ILE G 132 33.35 -11.09 -10.71
CA ILE G 132 34.06 -9.83 -10.79
C ILE G 132 33.84 -9.00 -9.55
N GLN G 133 32.62 -9.04 -9.02
CA GLN G 133 32.30 -8.33 -7.79
C GLN G 133 33.14 -8.87 -6.64
N ALA G 134 33.27 -10.19 -6.58
CA ALA G 134 34.04 -10.82 -5.53
C ALA G 134 35.54 -10.59 -5.68
N GLU G 135 35.99 -10.33 -6.90
CA GLU G 135 37.38 -9.97 -7.12
C GLU G 135 37.72 -8.69 -6.38
N GLN G 136 36.87 -7.69 -6.54
CA GLN G 136 37.04 -6.41 -5.88
C GLN G 136 36.92 -6.48 -4.36
N PHE G 137 36.12 -7.41 -3.84
CA PHE G 137 36.02 -7.60 -2.40
C PHE G 137 37.39 -7.87 -1.77
N ALA G 138 38.15 -8.78 -2.35
CA ALA G 138 39.48 -9.10 -1.87
C ALA G 138 40.45 -7.93 -2.01
N VAL G 139 40.44 -7.29 -3.18
CA VAL G 139 41.28 -6.14 -3.43
C VAL G 139 41.01 -5.02 -2.43
N ILE G 140 39.76 -4.57 -2.36
CA ILE G 140 39.37 -3.48 -1.47
C ILE G 140 39.69 -3.78 -0.01
N LYS G 141 39.44 -5.01 0.39
CA LYS G 141 39.61 -5.42 1.76
C LYS G 141 41.07 -5.39 2.20
N LYS G 142 41.96 -5.88 1.35
CA LYS G 142 43.38 -5.83 1.66
C LYS G 142 43.87 -4.39 1.69
N GLU G 143 43.38 -3.58 0.76
CA GLU G 143 43.84 -2.20 0.66
C GLU G 143 43.43 -1.39 1.90
N MET G 144 42.24 -1.64 2.43
CA MET G 144 41.79 -0.97 3.65
C MET G 144 42.51 -1.47 4.88
N PHE G 145 42.75 -2.77 4.93
CA PHE G 145 43.50 -3.32 6.04
C PHE G 145 44.92 -2.77 6.02
N ARG G 146 45.48 -2.63 4.82
CA ARG G 146 46.83 -2.09 4.68
C ARG G 146 46.89 -0.66 5.16
N LEU G 147 45.84 0.09 4.93
CA LEU G 147 45.81 1.50 5.29
C LEU G 147 45.58 1.71 6.77
N ASN G 148 44.70 0.91 7.37
CA ASN G 148 44.49 0.95 8.80
C ASN G 148 45.72 0.49 9.57
N ALA G 149 46.50 -0.40 8.98
CA ALA G 149 47.77 -0.79 9.58
C ALA G 149 48.78 0.36 9.55
N GLU G 150 48.76 1.18 8.51
CA GLU G 150 49.68 2.32 8.47
C GLU G 150 49.29 3.34 9.53
N PHE G 151 48.00 3.63 9.64
CA PHE G 151 47.45 4.61 10.59
C PHE G 151 47.69 4.26 12.05
N THR G 152 47.51 2.99 12.40
CA THR G 152 47.60 2.53 13.78
C THR G 152 48.96 2.02 14.19
N GLY G 153 49.74 1.55 13.22
CA GLY G 153 51.01 0.95 13.51
C GLY G 153 50.89 -0.53 13.83
N GLN G 154 49.70 -1.09 13.64
CA GLN G 154 49.51 -2.51 13.91
C GLN G 154 49.81 -3.28 12.64
N PRO G 155 50.27 -4.53 12.79
CA PRO G 155 50.46 -5.47 11.70
C PRO G 155 49.16 -5.71 10.95
N ILE G 156 49.25 -5.97 9.65
CA ILE G 156 48.07 -6.31 8.87
C ILE G 156 47.35 -7.51 9.47
N GLU G 157 48.11 -8.45 10.00
CA GLU G 157 47.53 -9.67 10.56
C GLU G 157 46.55 -9.33 11.68
N ARG G 158 46.89 -8.30 12.44
CA ARG G 158 46.11 -7.93 13.60
C ARG G 158 44.86 -7.16 13.21
N ILE G 159 44.98 -6.25 12.27
CA ILE G 159 43.83 -5.49 11.76
C ILE G 159 42.80 -6.41 11.12
N GLU G 160 43.27 -7.36 10.30
CA GLU G 160 42.39 -8.33 9.65
C GLU G 160 41.70 -9.21 10.66
N ALA G 161 42.45 -9.62 11.68
CA ALA G 161 41.93 -10.48 12.74
C ALA G 161 40.90 -9.78 13.59
N ASP G 162 41.17 -8.53 13.94
CA ASP G 162 40.29 -7.75 14.81
C ASP G 162 39.12 -7.14 14.08
N SER G 163 39.19 -7.11 12.75
CA SER G 163 38.14 -6.50 11.96
C SER G 163 37.10 -7.47 11.48
N ASP G 164 37.40 -8.77 11.55
CA ASP G 164 36.48 -9.84 11.15
C ASP G 164 35.05 -9.57 11.60
N ARG G 165 34.89 -9.36 12.90
CA ARG G 165 33.65 -8.87 13.41
C ARG G 165 33.93 -7.61 14.21
N ASP G 166 32.92 -6.76 14.31
CA ASP G 166 33.00 -5.50 15.06
C ASP G 166 33.87 -5.54 16.28
N ARG G 167 34.84 -4.63 16.36
CA ARG G 167 35.61 -4.45 17.58
C ARG G 167 35.42 -3.03 18.06
N TRP G 168 35.02 -2.86 19.30
CA TRP G 168 34.80 -1.53 19.85
C TRP G 168 35.96 -1.14 20.74
N PHE G 169 36.30 0.15 20.70
CA PHE G 169 37.39 0.71 21.46
C PHE G 169 36.85 1.87 22.23
N THR G 170 37.20 1.95 23.51
CA THR G 170 36.94 3.16 24.27
C THR G 170 38.04 4.14 23.88
N ALA G 171 37.92 5.41 24.27
CA ALA G 171 38.95 6.39 24.01
C ALA G 171 40.32 5.90 24.48
N ALA G 172 40.40 5.36 25.68
CA ALA G 172 41.66 4.84 26.18
C ALA G 172 42.14 3.63 25.37
N GLU G 173 41.24 2.69 25.08
CA GLU G 173 41.57 1.54 24.24
C GLU G 173 42.00 1.91 22.84
N ALA G 174 41.42 2.99 22.30
CA ALA G 174 41.73 3.46 20.96
C ALA G 174 43.08 4.15 20.91
N LEU G 175 43.43 4.83 22.00
CA LEU G 175 44.74 5.47 22.10
C LEU G 175 45.87 4.44 22.16
N GLU G 176 45.63 3.33 22.85
CA GLU G 176 46.65 2.30 22.96
C GLU G 176 46.81 1.50 21.68
N TYR G 177 45.80 1.52 20.82
CA TYR G 177 45.78 0.69 19.61
C TYR G 177 46.36 1.43 18.42
N GLY G 178 46.18 2.75 18.39
CA GLY G 178 46.75 3.57 17.36
C GLY G 178 45.86 4.62 16.74
N PHE G 179 44.55 4.52 16.94
CA PHE G 179 43.63 5.38 16.22
C PHE G 179 43.82 6.83 16.55
N VAL G 180 44.31 7.14 17.74
CA VAL G 180 44.53 8.53 18.11
C VAL G 180 45.83 8.71 18.81
N ASP G 181 46.25 9.96 18.92
CA ASP G 181 47.48 10.29 19.61
C ASP G 181 47.25 10.86 21.00
N HIS G 182 46.08 11.45 21.21
CA HIS G 182 45.80 12.09 22.49
C HIS G 182 44.36 11.85 22.89
N ILE G 183 44.08 11.99 24.18
CA ILE G 183 42.73 12.09 24.69
C ILE G 183 42.56 13.48 25.28
N ILE G 184 41.62 14.25 24.75
CA ILE G 184 41.39 15.61 25.22
C ILE G 184 40.75 15.65 26.59
N THR G 185 41.18 16.61 27.41
CA THR G 185 40.68 16.74 28.76
C THR G 185 40.40 18.20 29.11
N TYR H 2 -15.94 -24.82 11.25
CA TYR H 2 -15.98 -23.40 11.61
C TYR H 2 -17.35 -23.07 12.19
N ILE H 3 -17.66 -21.79 12.18
CA ILE H 3 -18.68 -21.21 13.03
C ILE H 3 -20.09 -21.79 12.80
N LEU H 4 -20.27 -22.65 11.79
CA LEU H 4 -21.60 -23.20 11.50
C LEU H 4 -21.68 -24.71 11.42
N PRO H 5 -22.35 -25.35 12.39
CA PRO H 5 -22.46 -26.81 12.43
C PRO H 5 -23.60 -27.40 11.61
N SER H 6 -23.40 -28.61 11.15
CA SER H 6 -24.43 -29.38 10.49
C SER H 6 -25.12 -30.23 11.51
N PHE H 7 -26.32 -30.69 11.19
CA PHE H 7 -26.98 -31.64 12.05
C PHE H 7 -27.59 -32.75 11.22
N ILE H 8 -27.97 -33.82 11.90
CA ILE H 8 -28.50 -35.01 11.27
C ILE H 8 -29.92 -35.32 11.73
N GLU H 9 -30.80 -35.56 10.78
CA GLU H 9 -32.17 -36.00 11.03
C GLU H 9 -32.38 -37.38 10.43
N HIS H 10 -33.40 -38.08 10.88
CA HIS H 10 -33.62 -39.42 10.40
C HIS H 10 -35.09 -39.79 10.41
N SER H 11 -35.45 -40.66 9.50
CA SER H 11 -36.76 -41.27 9.49
C SER H 11 -36.54 -42.66 8.96
N SER H 12 -37.59 -43.43 8.82
CA SER H 12 -37.47 -44.78 8.31
C SER H 12 -37.01 -44.81 6.86
N PHE H 13 -37.07 -43.67 6.19
CA PHE H 13 -36.59 -43.58 4.82
C PHE H 13 -35.09 -43.34 4.71
N GLY H 14 -34.48 -42.85 5.78
CA GLY H 14 -33.04 -42.67 5.79
C GLY H 14 -32.52 -41.46 6.55
N VAL H 15 -31.23 -41.17 6.37
CA VAL H 15 -30.56 -40.15 7.16
C VAL H 15 -30.19 -38.93 6.32
N LYS H 16 -30.54 -37.75 6.82
CA LYS H 16 -30.33 -36.50 6.09
C LYS H 16 -29.46 -35.55 6.89
N GLU H 17 -28.26 -35.28 6.37
CA GLU H 17 -27.36 -34.30 6.95
C GLU H 17 -27.60 -32.95 6.33
N SER H 18 -27.77 -31.91 7.14
CA SER H 18 -28.02 -30.59 6.60
C SER H 18 -27.55 -29.51 7.57
N ASN H 19 -27.83 -28.27 7.22
CA ASN H 19 -27.35 -27.15 8.01
C ASN H 19 -28.47 -26.17 8.24
N PRO H 20 -28.33 -25.29 9.25
CA PRO H 20 -29.42 -24.42 9.68
C PRO H 20 -30.11 -23.65 8.55
N TYR H 21 -29.41 -23.30 7.49
CA TYR H 21 -30.05 -22.54 6.42
C TYR H 21 -30.84 -23.42 5.47
N ASN H 22 -30.39 -24.63 5.26
CA ASN H 22 -31.14 -25.61 4.49
C ASN H 22 -32.42 -25.97 5.16
N LYS H 23 -32.33 -26.29 6.45
CA LYS H 23 -33.47 -26.67 7.27
C LYS H 23 -34.51 -25.56 7.28
N LEU H 24 -34.03 -24.34 7.47
CA LEU H 24 -34.84 -23.16 7.41
C LEU H 24 -35.54 -23.04 6.07
N PHE H 25 -34.76 -23.12 5.01
CA PHE H 25 -35.28 -23.05 3.65
C PHE H 25 -36.31 -24.13 3.41
N GLU H 26 -36.08 -25.31 3.94
CA GLU H 26 -37.03 -26.41 3.89
C GLU H 26 -38.38 -25.99 4.44
N GLU H 27 -38.37 -25.03 5.36
CA GLU H 27 -39.60 -24.54 5.98
C GLU H 27 -40.07 -23.25 5.30
N ARG H 28 -39.63 -23.06 4.08
CA ARG H 28 -39.98 -21.92 3.23
C ARG H 28 -39.54 -20.59 3.86
N ILE H 29 -38.43 -20.61 4.59
CA ILE H 29 -37.87 -19.42 5.22
C ILE H 29 -36.60 -18.92 4.52
N ILE H 30 -36.67 -17.71 3.98
CA ILE H 30 -35.54 -17.08 3.32
C ILE H 30 -34.89 -16.11 4.28
N PHE H 31 -33.56 -16.11 4.29
CA PHE H 31 -32.81 -15.21 5.15
C PHE H 31 -32.21 -14.07 4.37
N LEU H 32 -32.56 -12.85 4.74
CA LEU H 32 -31.91 -11.68 4.17
C LEU H 32 -31.14 -10.98 5.29
N GLY H 33 -29.94 -11.46 5.58
CA GLY H 33 -29.17 -10.93 6.69
C GLY H 33 -27.91 -10.20 6.31
N VAL H 34 -27.77 -9.86 5.03
CA VAL H 34 -26.60 -9.12 4.57
C VAL H 34 -27.03 -7.82 3.92
N GLN H 35 -26.08 -7.06 3.41
CA GLN H 35 -26.40 -5.88 2.61
C GLN H 35 -26.94 -6.31 1.25
N VAL H 36 -27.90 -5.56 0.75
CA VAL H 36 -28.48 -5.82 -0.56
C VAL H 36 -27.56 -5.31 -1.67
N ASP H 37 -26.87 -6.24 -2.33
CA ASP H 37 -26.11 -5.88 -3.51
C ASP H 37 -26.61 -6.72 -4.67
N ASP H 38 -25.84 -6.82 -5.75
CA ASP H 38 -26.26 -7.63 -6.89
C ASP H 38 -26.29 -9.09 -6.50
N ALA H 39 -25.19 -9.57 -5.95
CA ALA H 39 -25.07 -10.97 -5.60
C ALA H 39 -26.20 -11.41 -4.70
N SER H 40 -26.50 -10.56 -3.72
CA SER H 40 -27.53 -10.85 -2.74
C SER H 40 -28.93 -10.80 -3.33
N ALA H 41 -29.18 -9.86 -4.23
CA ALA H 41 -30.49 -9.79 -4.86
C ALA H 41 -30.70 -11.03 -5.70
N ASN H 42 -29.67 -11.38 -6.47
CA ASN H 42 -29.75 -12.57 -7.30
C ASN H 42 -29.97 -13.82 -6.49
N ASP H 43 -29.29 -13.95 -5.36
CA ASP H 43 -29.45 -15.11 -4.50
C ASP H 43 -30.84 -15.18 -3.96
N ILE H 44 -31.41 -14.03 -3.63
CA ILE H 44 -32.70 -14.01 -2.96
C ILE H 44 -33.85 -14.14 -3.92
N MET H 45 -33.68 -13.62 -5.14
CA MET H 45 -34.66 -13.82 -6.17
C MET H 45 -34.74 -15.28 -6.55
N ALA H 46 -33.59 -15.93 -6.62
CA ALA H 46 -33.54 -17.31 -7.03
C ALA H 46 -34.30 -18.14 -6.03
N GLN H 47 -34.11 -17.87 -4.75
CA GLN H 47 -34.82 -18.60 -3.72
C GLN H 47 -36.29 -18.33 -3.76
N LEU H 48 -36.67 -17.10 -4.07
CA LEU H 48 -38.09 -16.77 -4.15
C LEU H 48 -38.71 -17.53 -5.28
N LEU H 49 -38.02 -17.59 -6.42
CA LEU H 49 -38.55 -18.27 -7.60
C LEU H 49 -38.61 -19.76 -7.43
N VAL H 50 -37.60 -20.35 -6.80
CA VAL H 50 -37.60 -21.78 -6.56
C VAL H 50 -38.66 -22.15 -5.56
N LEU H 51 -38.87 -21.31 -4.56
CA LEU H 51 -39.85 -21.61 -3.55
C LEU H 51 -41.25 -21.53 -4.11
N GLU H 52 -41.47 -20.62 -5.04
CA GLU H 52 -42.79 -20.46 -5.65
C GLU H 52 -43.14 -21.61 -6.56
N SER H 53 -42.16 -22.25 -7.16
CA SER H 53 -42.39 -23.41 -8.00
C SER H 53 -42.69 -24.62 -7.15
N LEU H 54 -41.85 -24.86 -6.15
CA LEU H 54 -41.99 -26.02 -5.29
C LEU H 54 -43.39 -26.13 -4.73
N ASP H 55 -44.00 -24.99 -4.49
CA ASP H 55 -45.34 -24.91 -3.94
C ASP H 55 -45.80 -23.47 -3.91
N PRO H 56 -46.57 -23.05 -4.91
CA PRO H 56 -47.11 -21.69 -5.04
C PRO H 56 -48.26 -21.39 -4.10
N ASP H 57 -48.74 -22.39 -3.38
CA ASP H 57 -49.90 -22.23 -2.53
C ASP H 57 -49.54 -21.86 -1.09
N ARG H 58 -48.27 -22.01 -0.74
CA ARG H 58 -47.84 -21.86 0.64
C ARG H 58 -47.02 -20.59 0.87
N ASP H 59 -47.07 -20.08 2.09
CA ASP H 59 -46.41 -18.83 2.41
C ASP H 59 -44.91 -18.97 2.42
N ILE H 60 -44.25 -17.89 2.03
CA ILE H 60 -42.81 -17.77 2.12
C ILE H 60 -42.48 -16.75 3.19
N THR H 61 -41.63 -17.12 4.13
CA THR H 61 -41.19 -16.20 5.18
C THR H 61 -39.82 -15.62 4.87
N MET H 62 -39.64 -14.32 5.03
CA MET H 62 -38.33 -13.71 4.87
C MET H 62 -37.82 -13.15 6.18
N TYR H 63 -36.75 -13.72 6.73
CA TYR H 63 -36.15 -13.13 7.91
C TYR H 63 -35.25 -12.01 7.45
N ILE H 64 -35.36 -10.85 8.10
CA ILE H 64 -34.63 -9.68 7.66
C ILE H 64 -33.79 -9.08 8.77
N ASN H 65 -32.49 -9.13 8.59
CA ASN H 65 -31.54 -8.42 9.44
C ASN H 65 -30.51 -7.78 8.54
N SER H 66 -30.84 -6.61 8.00
CA SER H 66 -30.03 -6.06 6.94
C SER H 66 -29.89 -4.56 7.08
N PRO H 67 -28.70 -4.04 6.83
CA PRO H 67 -28.45 -2.60 6.83
C PRO H 67 -28.84 -1.92 5.53
N GLY H 68 -29.46 -2.65 4.61
CA GLY H 68 -29.94 -2.05 3.38
C GLY H 68 -29.00 -2.24 2.22
N GLY H 69 -29.09 -1.36 1.22
CA GLY H 69 -28.29 -1.51 0.03
C GLY H 69 -28.75 -0.73 -1.18
N GLY H 70 -28.44 -1.28 -2.36
CA GLY H 70 -28.67 -0.61 -3.63
C GLY H 70 -30.12 -0.54 -4.01
N PHE H 71 -30.48 0.49 -4.78
CA PHE H 71 -31.86 0.73 -5.08
C PHE H 71 -32.42 -0.25 -6.13
N THR H 72 -31.67 -0.51 -7.18
CA THR H 72 -32.15 -1.40 -8.23
C THR H 72 -32.20 -2.85 -7.73
N SER H 73 -31.32 -3.18 -6.78
CA SER H 73 -31.36 -4.46 -6.11
C SER H 73 -32.58 -4.54 -5.21
N LEU H 74 -32.90 -3.44 -4.56
CA LEU H 74 -34.13 -3.35 -3.79
C LEU H 74 -35.27 -3.68 -4.71
N MET H 75 -35.33 -2.99 -5.85
CA MET H 75 -36.47 -3.13 -6.74
C MET H 75 -36.53 -4.51 -7.38
N ALA H 76 -35.38 -5.14 -7.59
CA ALA H 76 -35.37 -6.47 -8.15
C ALA H 76 -36.10 -7.37 -7.20
N ILE H 77 -35.61 -7.47 -5.97
CA ILE H 77 -36.24 -8.30 -4.96
C ILE H 77 -37.67 -7.86 -4.72
N TYR H 78 -37.89 -6.56 -4.61
CA TYR H 78 -39.22 -6.06 -4.34
C TYR H 78 -40.21 -6.58 -5.36
N ASP H 79 -39.80 -6.60 -6.62
CA ASP H 79 -40.69 -6.99 -7.69
C ASP H 79 -40.91 -8.48 -7.67
N THR H 80 -39.86 -9.24 -7.40
CA THR H 80 -39.98 -10.69 -7.32
C THR H 80 -40.88 -11.11 -6.18
N MET H 81 -40.82 -10.38 -5.08
CA MET H 81 -41.74 -10.59 -3.95
C MET H 81 -43.20 -10.37 -4.34
N GLN H 82 -43.46 -9.40 -5.21
CA GLN H 82 -44.82 -9.08 -5.59
C GLN H 82 -45.29 -9.88 -6.79
N TYR H 83 -44.36 -10.46 -7.54
CA TYR H 83 -44.73 -11.22 -8.71
C TYR H 83 -45.21 -12.59 -8.33
N VAL H 84 -44.45 -13.23 -7.46
CA VAL H 84 -44.74 -14.58 -7.02
C VAL H 84 -46.17 -14.71 -6.51
N ARG H 85 -46.82 -15.84 -6.78
CA ARG H 85 -48.20 -16.05 -6.35
C ARG H 85 -48.29 -16.28 -4.87
N ALA H 86 -47.20 -16.78 -4.29
CA ALA H 86 -47.17 -17.09 -2.87
C ALA H 86 -47.23 -15.83 -2.03
N ASP H 87 -47.76 -15.97 -0.83
CA ASP H 87 -47.81 -14.86 0.11
C ASP H 87 -46.48 -14.75 0.80
N ILE H 88 -46.07 -13.54 1.11
CA ILE H 88 -44.75 -13.33 1.69
C ILE H 88 -44.87 -12.73 3.07
N GLN H 89 -44.36 -13.45 4.04
CA GLN H 89 -44.34 -13.04 5.42
C GLN H 89 -42.95 -12.53 5.77
N THR H 90 -42.86 -11.26 6.12
CA THR H 90 -41.59 -10.66 6.49
C THR H 90 -41.46 -10.53 7.99
N VAL H 91 -40.30 -10.94 8.52
CA VAL H 91 -40.01 -10.86 9.93
C VAL H 91 -38.73 -10.07 10.13
N CYS H 92 -38.79 -8.92 10.79
CA CYS H 92 -37.57 -8.22 11.09
C CYS H 92 -37.03 -8.63 12.44
N LEU H 93 -35.82 -9.16 12.46
CA LEU H 93 -35.08 -9.38 13.70
C LEU H 93 -33.91 -8.45 13.66
N GLY H 94 -33.49 -7.92 14.79
CA GLY H 94 -32.35 -7.03 14.76
C GLY H 94 -32.65 -5.72 14.07
N GLN H 95 -32.52 -5.66 12.76
CA GLN H 95 -32.83 -4.42 12.07
C GLN H 95 -33.28 -4.57 10.64
N ALA H 96 -33.96 -3.54 10.15
CA ALA H 96 -34.31 -3.43 8.75
C ALA H 96 -34.12 -1.98 8.33
N ALA H 97 -32.98 -1.67 7.73
CA ALA H 97 -32.63 -0.29 7.42
C ALA H 97 -32.73 0.06 5.93
N SER H 98 -33.30 1.21 5.64
CA SER H 98 -33.24 1.77 4.30
C SER H 98 -34.01 0.94 3.28
N ALA H 99 -33.30 0.33 2.35
CA ALA H 99 -33.98 -0.48 1.36
C ALA H 99 -34.56 -1.70 2.02
N ALA H 100 -33.95 -2.16 3.11
CA ALA H 100 -34.43 -3.32 3.82
C ALA H 100 -35.71 -3.03 4.60
N ALA H 101 -35.90 -1.80 5.02
CA ALA H 101 -37.17 -1.39 5.61
C ALA H 101 -38.27 -1.45 4.57
N VAL H 102 -37.92 -1.18 3.32
CA VAL H 102 -38.90 -1.20 2.25
C VAL H 102 -39.32 -2.62 1.91
N LEU H 103 -38.39 -3.56 1.95
CA LEU H 103 -38.74 -4.96 1.72
C LEU H 103 -39.59 -5.53 2.85
N LEU H 104 -39.44 -4.96 4.04
CA LEU H 104 -40.21 -5.40 5.19
C LEU H 104 -41.65 -4.95 5.05
N ALA H 105 -41.84 -3.71 4.63
CA ALA H 105 -43.18 -3.17 4.44
C ALA H 105 -43.86 -3.80 3.24
N ALA H 106 -43.11 -4.55 2.45
CA ALA H 106 -43.62 -5.14 1.23
C ALA H 106 -44.11 -6.57 1.41
N GLY H 107 -44.02 -7.11 2.62
CA GLY H 107 -44.64 -8.39 2.91
C GLY H 107 -46.13 -8.26 2.69
N THR H 108 -46.85 -9.37 2.62
CA THR H 108 -48.28 -9.26 2.39
C THR H 108 -48.97 -8.83 3.66
N PRO H 109 -49.97 -7.96 3.52
CA PRO H 109 -50.79 -7.41 4.58
C PRO H 109 -51.15 -8.39 5.68
N GLY H 110 -50.73 -8.09 6.89
CA GLY H 110 -51.04 -8.89 8.04
C GLY H 110 -49.96 -9.88 8.40
N LYS H 111 -49.00 -10.03 7.51
CA LYS H 111 -47.92 -10.98 7.71
C LYS H 111 -46.57 -10.28 7.81
N ARG H 112 -46.58 -8.97 7.95
CA ARG H 112 -45.35 -8.24 8.22
C ARG H 112 -45.18 -8.05 9.72
N MET H 113 -44.12 -8.59 10.29
CA MET H 113 -43.94 -8.49 11.73
C MET H 113 -42.50 -8.23 12.13
N ALA H 114 -42.27 -8.03 13.43
CA ALA H 114 -40.97 -7.67 13.95
C ALA H 114 -40.80 -8.19 15.36
N LEU H 115 -39.59 -8.59 15.72
CA LEU H 115 -39.28 -8.89 17.10
C LEU H 115 -39.19 -7.58 17.89
N PRO H 116 -39.53 -7.61 19.19
CA PRO H 116 -39.81 -6.39 19.95
C PRO H 116 -38.66 -5.39 20.10
N ASN H 117 -37.42 -5.81 19.98
CA ASN H 117 -36.32 -4.87 20.09
C ASN H 117 -35.68 -4.54 18.75
N ALA H 118 -36.35 -4.94 17.68
CA ALA H 118 -35.89 -4.62 16.35
C ALA H 118 -36.04 -3.13 16.12
N ARG H 119 -35.27 -2.59 15.19
CA ARG H 119 -35.40 -1.19 14.82
C ARG H 119 -35.54 -1.10 13.32
N VAL H 120 -36.31 -0.11 12.88
CA VAL H 120 -36.49 0.13 11.48
C VAL H 120 -36.02 1.53 11.18
N LEU H 121 -35.14 1.64 10.20
CA LEU H 121 -34.57 2.92 9.81
C LEU H 121 -34.99 3.25 8.41
N ILE H 122 -35.58 4.41 8.24
CA ILE H 122 -36.02 4.87 6.94
C ILE H 122 -35.28 6.13 6.52
N HIS H 123 -34.68 6.14 5.32
CA HIS H 123 -34.16 7.39 4.78
C HIS H 123 -34.09 7.37 3.26
N GLN H 124 -33.91 8.55 2.67
CA GLN H 124 -33.83 8.71 1.23
C GLN H 124 -32.53 8.17 0.69
N PRO H 125 -32.54 7.70 -0.56
CA PRO H 125 -31.35 7.19 -1.22
C PRO H 125 -30.20 8.19 -1.14
N SER H 126 -29.07 7.72 -0.65
CA SER H 126 -27.86 8.51 -0.60
C SER H 126 -26.95 8.00 -1.68
N LEU H 127 -25.99 8.82 -2.08
CA LEU H 127 -24.95 8.39 -2.99
C LEU H 127 -23.62 8.75 -2.35
N SER H 128 -22.93 7.76 -1.79
CA SER H 128 -21.76 8.06 -0.97
C SER H 128 -20.53 8.30 -1.84
N GLY H 129 -20.48 7.68 -3.01
CA GLY H 129 -19.40 7.95 -3.92
C GLY H 129 -19.60 9.32 -4.54
N VAL H 130 -18.78 9.66 -5.52
CA VAL H 130 -19.03 10.85 -6.31
C VAL H 130 -19.08 10.41 -7.77
N ILE H 131 -20.11 10.85 -8.49
CA ILE H 131 -20.17 10.57 -9.91
C ILE H 131 -19.87 11.86 -10.66
N GLN H 132 -18.96 11.80 -11.63
CA GLN H 132 -18.47 13.00 -12.31
C GLN H 132 -18.84 13.04 -13.78
N GLY H 133 -18.84 14.24 -14.35
CA GLY H 133 -19.11 14.40 -15.77
C GLY H 133 -19.42 15.83 -16.14
N GLN H 134 -19.92 16.04 -17.36
CA GLN H 134 -20.32 17.37 -17.78
C GLN H 134 -21.63 17.67 -17.08
N PHE H 135 -22.02 18.93 -17.05
CA PHE H 135 -23.27 19.27 -16.40
C PHE H 135 -24.44 18.57 -17.09
N SER H 136 -24.36 18.41 -18.41
CA SER H 136 -25.39 17.71 -19.15
C SER H 136 -25.61 16.29 -18.63
N ASP H 137 -24.53 15.60 -18.32
CA ASP H 137 -24.61 14.21 -17.87
C ASP H 137 -25.13 14.10 -16.45
N LEU H 138 -24.69 15.00 -15.58
CA LEU H 138 -25.10 15.00 -14.20
C LEU H 138 -26.54 15.46 -14.08
N GLU H 139 -26.95 16.37 -14.96
CA GLU H 139 -28.34 16.81 -15.05
C GLU H 139 -29.22 15.59 -15.23
N ILE H 140 -28.75 14.65 -16.05
CA ILE H 140 -29.47 13.42 -16.28
C ILE H 140 -29.39 12.50 -15.08
N GLN H 141 -28.21 12.44 -14.48
CA GLN H 141 -28.00 11.58 -13.33
C GLN H 141 -28.83 12.03 -12.14
N ALA H 142 -28.86 13.34 -11.90
CA ALA H 142 -29.65 13.91 -10.82
C ALA H 142 -31.13 13.67 -11.03
N ALA H 143 -31.56 13.47 -12.27
CA ALA H 143 -32.97 13.30 -12.56
C ALA H 143 -33.39 11.91 -12.25
N GLU H 144 -32.51 10.96 -12.49
CA GLU H 144 -32.79 9.56 -12.20
C GLU H 144 -32.70 9.30 -10.71
N ILE H 145 -31.93 10.13 -10.01
CA ILE H 145 -31.81 10.01 -8.57
C ILE H 145 -33.02 10.60 -7.87
N GLU H 146 -33.64 11.59 -8.48
CA GLU H 146 -34.91 12.09 -7.97
C GLU H 146 -36.02 11.11 -8.26
N ARG H 147 -35.89 10.38 -9.36
CA ARG H 147 -36.88 9.41 -9.75
C ARG H 147 -36.83 8.22 -8.81
N MET H 148 -35.63 7.83 -8.43
CA MET H 148 -35.45 6.81 -7.41
C MET H 148 -35.90 7.26 -6.03
N ARG H 149 -35.64 8.52 -5.69
CA ARG H 149 -36.13 9.06 -4.44
C ARG H 149 -37.65 8.96 -4.38
N THR H 150 -38.34 9.54 -5.35
CA THR H 150 -39.80 9.57 -5.30
C THR H 150 -40.40 8.18 -5.48
N LEU H 151 -39.65 7.25 -6.07
CA LEU H 151 -40.15 5.90 -6.26
C LEU H 151 -40.09 5.12 -4.96
N MET H 152 -39.10 5.41 -4.10
CA MET H 152 -39.05 4.80 -2.79
C MET H 152 -40.23 5.27 -1.97
N GLU H 153 -40.61 6.52 -2.17
CA GLU H 153 -41.68 7.09 -1.40
C GLU H 153 -43.05 6.55 -1.79
N THR H 154 -43.27 6.33 -3.09
CA THR H 154 -44.59 5.92 -3.50
C THR H 154 -44.85 4.44 -3.22
N THR H 155 -43.81 3.62 -3.18
CA THR H 155 -44.00 2.22 -2.84
C THR H 155 -44.04 2.04 -1.32
N LEU H 156 -43.49 3.01 -0.58
CA LEU H 156 -43.67 3.01 0.86
C LEU H 156 -45.03 3.58 1.22
N ALA H 157 -45.51 4.51 0.43
CA ALA H 157 -46.84 5.03 0.68
C ALA H 157 -47.89 3.97 0.42
N ARG H 158 -47.64 3.12 -0.57
CA ARG H 158 -48.60 2.11 -0.93
C ARG H 158 -48.77 1.08 0.15
N HIS H 159 -47.67 0.69 0.78
CA HIS H 159 -47.70 -0.41 1.75
C HIS H 159 -47.98 0.04 3.18
N THR H 160 -47.75 1.31 3.48
CA THR H 160 -48.00 1.86 4.81
C THR H 160 -49.38 2.51 4.92
N GLY H 161 -49.96 2.89 3.80
CA GLY H 161 -51.24 3.58 3.80
C GLY H 161 -51.12 5.08 3.95
N LYS H 162 -49.89 5.57 4.04
CA LYS H 162 -49.64 6.99 4.21
C LYS H 162 -49.49 7.68 2.87
N ASP H 163 -49.63 9.00 2.86
CA ASP H 163 -49.55 9.75 1.62
C ASP H 163 -48.10 9.95 1.23
N ALA H 164 -47.81 9.89 -0.06
CA ALA H 164 -46.43 9.97 -0.54
C ALA H 164 -45.74 11.22 -0.01
N GLY H 165 -46.48 12.30 0.13
CA GLY H 165 -45.89 13.54 0.62
C GLY H 165 -45.46 13.47 2.07
N VAL H 166 -46.06 12.57 2.83
CA VAL H 166 -45.71 12.34 4.21
C VAL H 166 -44.42 11.52 4.32
N ILE H 167 -44.37 10.44 3.54
CA ILE H 167 -43.16 9.66 3.43
C ILE H 167 -41.99 10.57 3.11
N ARG H 168 -42.21 11.50 2.18
CA ARG H 168 -41.16 12.40 1.72
C ARG H 168 -40.63 13.30 2.84
N LYS H 169 -41.50 13.75 3.73
CA LYS H 169 -41.06 14.54 4.88
C LYS H 169 -40.29 13.70 5.90
N ASP H 170 -40.84 12.56 6.29
CA ASP H 170 -40.24 11.71 7.30
C ASP H 170 -38.87 11.21 6.94
N THR H 171 -38.64 10.94 5.66
CA THR H 171 -37.37 10.39 5.22
C THR H 171 -36.38 11.46 4.77
N ASP H 172 -36.75 12.74 4.89
CA ASP H 172 -35.80 13.79 4.55
C ASP H 172 -34.55 13.65 5.38
N ARG H 173 -34.74 13.56 6.68
CA ARG H 173 -33.69 13.14 7.60
C ARG H 173 -34.03 11.71 8.02
N ASP H 174 -33.05 10.94 8.48
CA ASP H 174 -33.31 9.58 8.94
C ASP H 174 -34.50 9.53 9.89
N LYS H 175 -35.16 8.39 9.96
CA LYS H 175 -36.21 8.18 10.94
C LYS H 175 -36.07 6.79 11.49
N ILE H 176 -35.67 6.68 12.76
CA ILE H 176 -35.56 5.37 13.39
C ILE H 176 -36.80 5.05 14.18
N LEU H 177 -37.48 3.98 13.77
CA LEU H 177 -38.68 3.52 14.46
C LEU H 177 -38.36 2.34 15.34
N THR H 178 -39.04 2.22 16.46
CA THR H 178 -38.97 0.97 17.20
C THR H 178 -39.93 -0.02 16.57
N ALA H 179 -40.03 -1.21 17.14
CA ALA H 179 -41.00 -2.19 16.70
C ALA H 179 -42.41 -1.62 16.78
N GLU H 180 -42.78 -1.11 17.95
CA GLU H 180 -44.14 -0.60 18.13
C GLU H 180 -44.39 0.62 17.26
N GLU H 181 -43.38 1.46 17.09
CA GLU H 181 -43.50 2.64 16.24
C GLU H 181 -43.70 2.28 14.77
N ALA H 182 -43.03 1.23 14.33
CA ALA H 182 -43.14 0.77 12.95
C ALA H 182 -44.51 0.20 12.70
N LYS H 183 -45.09 -0.42 13.71
CA LYS H 183 -46.42 -0.96 13.59
C LYS H 183 -47.41 0.18 13.40
N ASP H 184 -47.23 1.25 14.15
CA ASP H 184 -48.09 2.42 14.07
C ASP H 184 -47.87 3.17 12.77
N TYR H 185 -46.65 3.09 12.24
CA TYR H 185 -46.29 3.76 11.01
C TYR H 185 -46.91 3.07 9.82
N GLY H 186 -47.11 1.76 9.92
CA GLY H 186 -47.75 1.01 8.85
C GLY H 186 -46.78 0.12 8.12
N ILE H 187 -45.60 -0.04 8.70
CA ILE H 187 -44.54 -0.82 8.09
C ILE H 187 -44.63 -2.29 8.49
N ILE H 188 -45.13 -2.55 9.68
CA ILE H 188 -45.40 -3.93 10.05
C ILE H 188 -46.79 -4.01 10.65
N ASP H 189 -47.27 -5.21 10.88
CA ASP H 189 -48.64 -5.38 11.34
C ASP H 189 -48.70 -5.80 12.81
N THR H 190 -47.72 -6.55 13.27
CA THR H 190 -47.71 -7.02 14.63
C THR H 190 -46.28 -7.18 15.12
N VAL H 191 -46.09 -7.04 16.43
CA VAL H 191 -44.82 -7.29 17.06
C VAL H 191 -44.86 -8.64 17.74
N LEU H 192 -43.88 -9.49 17.47
CA LEU H 192 -43.88 -10.84 18.03
C LEU H 192 -43.66 -10.77 19.52
N GLU H 193 -44.48 -11.48 20.28
CA GLU H 193 -44.27 -11.53 21.72
C GLU H 193 -43.42 -12.75 22.08
N TYR H 194 -42.52 -12.59 23.05
CA TYR H 194 -41.72 -13.70 23.55
C TYR H 194 -42.63 -14.83 24.03
N ARG H 195 -42.53 -16.00 23.38
CA ARG H 195 -43.37 -17.11 23.76
C ARG H 195 -42.61 -18.15 24.57
N LYS H 196 -41.98 -17.69 25.65
CA LYS H 196 -41.31 -18.57 26.59
C LYS H 196 -42.23 -18.87 27.77
N THR I 11 14.35 32.76 -6.38
CA THR I 11 14.22 31.67 -7.35
C THR I 11 13.80 32.20 -8.71
N ASP I 12 12.57 32.68 -8.80
CA ASP I 12 12.07 33.30 -10.03
C ASP I 12 11.76 34.78 -9.86
N SER I 13 12.82 35.55 -10.01
CA SER I 13 12.75 36.99 -10.15
C SER I 13 12.32 37.35 -11.56
N VAL I 14 12.26 36.34 -12.43
CA VAL I 14 11.75 36.54 -13.78
C VAL I 14 10.35 37.15 -13.72
N TYR I 15 9.49 36.60 -12.88
CA TYR I 15 8.13 37.07 -12.80
C TYR I 15 8.02 38.37 -12.04
N GLU I 16 8.97 38.62 -11.15
CA GLU I 16 9.00 39.88 -10.41
C GLU I 16 9.46 41.00 -11.31
N ARG I 17 10.40 40.72 -12.19
CA ARG I 17 10.85 41.73 -13.12
C ARG I 17 9.72 42.04 -14.08
N LEU I 18 9.02 41.00 -14.52
CA LEU I 18 7.88 41.16 -15.43
C LEU I 18 6.71 41.94 -14.82
N LEU I 19 6.46 41.74 -13.53
CA LEU I 19 5.39 42.46 -12.84
C LEU I 19 5.65 43.95 -12.89
N SER I 20 6.91 44.35 -12.87
CA SER I 20 7.28 45.76 -12.92
C SER I 20 6.92 46.33 -14.26
N GLU I 21 7.04 45.48 -15.28
CA GLU I 21 6.65 45.82 -16.64
C GLU I 21 5.19 45.48 -16.87
N ARG I 22 4.49 45.27 -15.76
CA ARG I 22 3.06 45.03 -15.77
C ARG I 22 2.67 43.82 -16.60
N ILE I 23 3.36 42.70 -16.38
CA ILE I 23 3.00 41.46 -17.05
C ILE I 23 2.84 40.33 -16.06
N ILE I 24 1.64 39.75 -16.06
CA ILE I 24 1.31 38.69 -15.12
C ILE I 24 0.94 37.46 -15.94
N PHE I 25 1.24 36.28 -15.42
CA PHE I 25 0.99 35.05 -16.14
C PHE I 25 -0.06 34.22 -15.48
N LEU I 26 -0.96 33.66 -16.28
CA LEU I 26 -1.87 32.62 -15.82
C LEU I 26 -1.46 31.33 -16.49
N GLY I 27 -0.56 30.59 -15.88
CA GLY I 27 0.16 29.54 -16.58
C GLY I 27 -0.13 28.12 -16.18
N SER I 28 -1.10 27.93 -15.29
CA SER I 28 -1.46 26.58 -14.88
C SER I 28 -2.96 26.48 -14.72
N GLU I 29 -3.45 25.36 -14.21
CA GLU I 29 -4.88 25.25 -14.07
C GLU I 29 -5.36 26.22 -13.01
N VAL I 30 -6.51 26.82 -13.27
CA VAL I 30 -7.08 27.86 -12.44
C VAL I 30 -7.66 27.30 -11.15
N ASN I 31 -6.95 27.50 -10.04
CA ASN I 31 -7.48 27.14 -8.75
C ASN I 31 -7.43 28.36 -7.85
N ASP I 32 -7.91 28.25 -6.62
CA ASP I 32 -8.04 29.41 -5.74
C ASP I 32 -6.69 30.04 -5.37
N GLU I 33 -5.63 29.25 -5.40
CA GLU I 33 -4.30 29.74 -5.08
C GLU I 33 -3.83 30.71 -6.16
N ILE I 34 -3.87 30.26 -7.41
CA ILE I 34 -3.49 31.10 -8.51
C ILE I 34 -4.45 32.26 -8.64
N ALA I 35 -5.73 32.00 -8.42
CA ALA I 35 -6.73 33.07 -8.50
C ALA I 35 -6.40 34.18 -7.52
N ASN I 36 -5.96 33.83 -6.31
CA ASN I 36 -5.59 34.84 -5.33
C ASN I 36 -4.35 35.62 -5.72
N ARG I 37 -3.31 34.94 -6.18
CA ARG I 37 -2.13 35.66 -6.62
C ARG I 37 -2.47 36.62 -7.73
N LEU I 38 -3.30 36.16 -8.65
CA LEU I 38 -3.61 36.94 -9.82
C LEU I 38 -4.45 38.15 -9.46
N CYS I 39 -5.35 37.99 -8.50
CA CYS I 39 -6.19 39.11 -8.11
C CYS I 39 -5.39 40.11 -7.32
N ALA I 40 -4.44 39.64 -6.53
CA ALA I 40 -3.57 40.52 -5.78
C ALA I 40 -2.70 41.35 -6.71
N GLN I 41 -2.16 40.71 -7.73
CA GLN I 41 -1.30 41.39 -8.68
C GLN I 41 -2.04 42.50 -9.39
N ILE I 42 -3.31 42.26 -9.69
CA ILE I 42 -4.11 43.24 -10.40
C ILE I 42 -4.51 44.37 -9.47
N LEU I 43 -4.62 44.08 -8.18
CA LEU I 43 -4.86 45.13 -7.20
C LEU I 43 -3.61 45.99 -7.03
N LEU I 44 -2.47 45.34 -6.83
CA LEU I 44 -1.18 46.03 -6.75
C LEU I 44 -0.89 46.89 -7.97
N LEU I 45 -1.14 46.34 -9.15
CA LEU I 45 -0.85 47.02 -10.38
C LEU I 45 -1.80 48.18 -10.61
N ALA I 46 -3.06 48.04 -10.21
CA ALA I 46 -3.99 49.14 -10.34
C ALA I 46 -3.65 50.24 -9.35
N ALA I 47 -3.12 49.87 -8.19
CA ALA I 47 -2.71 50.86 -7.20
C ALA I 47 -1.49 51.63 -7.68
N GLU I 48 -0.57 50.94 -8.33
CA GLU I 48 0.61 51.59 -8.90
C GLU I 48 0.21 52.62 -9.95
N ASP I 49 -0.43 52.14 -11.01
CA ASP I 49 -0.89 53.00 -12.09
C ASP I 49 -2.27 52.58 -12.53
N ALA I 50 -3.23 53.50 -12.48
CA ALA I 50 -4.58 53.21 -12.89
C ALA I 50 -4.76 53.40 -14.38
N SER I 51 -3.78 53.98 -15.05
CA SER I 51 -3.92 54.37 -16.44
C SER I 51 -3.03 53.57 -17.40
N LYS I 52 -2.28 52.61 -16.89
CA LYS I 52 -1.44 51.79 -17.74
C LYS I 52 -1.98 50.37 -17.85
N ASP I 53 -1.82 49.77 -19.03
CA ASP I 53 -2.37 48.44 -19.26
C ASP I 53 -1.68 47.37 -18.46
N ILE I 54 -2.44 46.34 -18.12
CA ILE I 54 -1.91 45.13 -17.53
C ILE I 54 -1.99 44.04 -18.60
N SER I 55 -0.93 43.28 -18.77
CA SER I 55 -0.93 42.23 -19.77
C SER I 55 -0.97 40.86 -19.12
N LEU I 56 -1.98 40.09 -19.45
CA LEU I 56 -2.16 38.79 -18.85
C LEU I 56 -1.97 37.71 -19.90
N TYR I 57 -0.84 37.02 -19.83
CA TYR I 57 -0.57 35.92 -20.74
C TYR I 57 -1.18 34.66 -20.18
N ILE I 58 -1.87 33.92 -21.02
CA ILE I 58 -2.65 32.81 -20.56
C ILE I 58 -2.23 31.55 -21.31
N ASN I 59 -1.80 30.55 -20.54
CA ASN I 59 -1.48 29.24 -21.05
C ASN I 59 -2.05 28.28 -20.04
N SER I 60 -3.32 27.95 -20.19
CA SER I 60 -4.06 27.32 -19.12
C SER I 60 -5.01 26.26 -19.62
N PRO I 61 -5.07 25.12 -18.92
CA PRO I 61 -6.03 24.05 -19.21
C PRO I 61 -7.44 24.25 -18.63
N GLY I 62 -7.66 25.32 -17.88
CA GLY I 62 -8.96 25.54 -17.26
C GLY I 62 -8.88 25.40 -15.76
N GLY I 63 -10.03 25.24 -15.11
CA GLY I 63 -10.05 25.07 -13.68
C GLY I 63 -11.35 25.53 -13.07
N SER I 64 -11.39 25.68 -11.75
CA SER I 64 -12.63 25.99 -11.05
C SER I 64 -13.26 27.29 -11.49
N ILE I 65 -14.58 27.30 -11.59
CA ILE I 65 -15.31 28.46 -12.06
C ILE I 65 -15.26 29.57 -11.03
N SER I 66 -15.36 29.22 -9.75
CA SER I 66 -15.39 30.22 -8.70
C SER I 66 -14.09 30.99 -8.64
N ALA I 67 -12.98 30.30 -8.84
CA ALA I 67 -11.66 30.92 -8.85
C ALA I 67 -11.57 31.81 -10.06
N GLY I 68 -12.11 31.33 -11.17
CA GLY I 68 -12.08 32.06 -12.41
C GLY I 68 -12.94 33.28 -12.35
N MET I 69 -14.04 33.23 -11.59
CA MET I 69 -14.93 34.37 -11.44
C MET I 69 -14.32 35.45 -10.54
N ALA I 70 -13.53 35.04 -9.56
CA ALA I 70 -12.75 35.98 -8.77
C ALA I 70 -11.84 36.75 -9.69
N ILE I 71 -11.03 36.05 -10.47
CA ILE I 71 -10.13 36.69 -11.43
C ILE I 71 -10.88 37.52 -12.46
N TYR I 72 -12.04 37.08 -12.92
CA TYR I 72 -12.76 37.82 -13.95
C TYR I 72 -13.33 39.11 -13.41
N ASP I 73 -13.86 39.08 -12.19
CA ASP I 73 -14.34 40.29 -11.55
C ASP I 73 -13.21 41.26 -11.20
N THR I 74 -12.05 40.73 -10.82
CA THR I 74 -10.93 41.58 -10.46
C THR I 74 -10.40 42.30 -11.70
N MET I 75 -10.49 41.63 -12.84
CA MET I 75 -10.14 42.19 -14.15
C MET I 75 -11.05 43.33 -14.55
N VAL I 76 -12.35 43.08 -14.42
CA VAL I 76 -13.34 44.01 -14.91
C VAL I 76 -13.40 45.26 -14.07
N LEU I 77 -13.14 45.14 -12.78
CA LEU I 77 -13.29 46.27 -11.91
C LEU I 77 -12.07 47.18 -11.92
N ALA I 78 -10.93 46.68 -12.38
CA ALA I 78 -9.72 47.48 -12.35
C ALA I 78 -9.91 48.72 -13.21
N PRO I 79 -9.30 49.83 -12.79
CA PRO I 79 -9.38 51.11 -13.51
C PRO I 79 -8.76 51.02 -14.88
N CYS I 80 -7.68 50.24 -14.98
CA CYS I 80 -6.94 50.10 -16.23
C CYS I 80 -7.47 48.96 -17.07
N ASP I 81 -6.92 48.83 -18.28
CA ASP I 81 -7.36 47.81 -19.21
C ASP I 81 -6.49 46.56 -19.10
N ILE I 82 -7.14 45.42 -19.25
CA ILE I 82 -6.45 44.15 -19.19
C ILE I 82 -6.35 43.58 -20.60
N ALA I 83 -5.13 43.54 -21.13
CA ALA I 83 -4.89 42.91 -22.40
C ALA I 83 -4.60 41.45 -22.18
N THR I 84 -5.32 40.57 -22.84
CA THR I 84 -5.12 39.14 -22.65
C THR I 84 -4.46 38.57 -23.88
N TYR I 85 -3.53 37.65 -23.68
CA TYR I 85 -2.83 37.00 -24.79
C TYR I 85 -2.94 35.48 -24.64
N ALA I 86 -3.38 34.80 -25.69
CA ALA I 86 -3.44 33.34 -25.68
C ALA I 86 -2.14 32.76 -26.19
N MET I 87 -1.35 32.20 -25.30
CA MET I 87 0.00 31.76 -25.63
C MET I 87 0.09 30.40 -26.31
N GLY I 88 -0.09 29.35 -25.53
CA GLY I 88 0.06 28.01 -26.01
C GLY I 88 -1.28 27.34 -26.12
N MET I 89 -2.05 27.40 -25.04
CA MET I 89 -3.40 26.88 -25.04
C MET I 89 -4.19 27.68 -24.04
N ALA I 90 -5.40 28.06 -24.41
CA ALA I 90 -6.28 28.75 -23.49
C ALA I 90 -7.59 28.03 -23.48
N ALA I 91 -7.79 27.15 -22.50
CA ALA I 91 -8.94 26.26 -22.51
C ALA I 91 -9.89 26.54 -21.37
N SER I 92 -11.17 26.31 -21.61
CA SER I 92 -12.17 26.36 -20.56
C SER I 92 -12.20 27.68 -19.83
N MET I 93 -11.74 27.72 -18.58
CA MET I 93 -11.72 28.98 -17.84
C MET I 93 -10.70 29.90 -18.46
N GLY I 94 -9.61 29.31 -18.95
CA GLY I 94 -8.62 30.06 -19.71
C GLY I 94 -9.24 30.78 -20.89
N GLU I 95 -9.99 30.06 -21.70
CA GLU I 95 -10.74 30.63 -22.81
C GLU I 95 -11.69 31.72 -22.33
N PHE I 96 -12.36 31.46 -21.23
CA PHE I 96 -13.32 32.40 -20.69
C PHE I 96 -12.64 33.68 -20.24
N LEU I 97 -11.46 33.54 -19.65
CA LEU I 97 -10.73 34.70 -19.15
C LEU I 97 -10.01 35.43 -20.25
N LEU I 98 -9.60 34.71 -21.28
CA LEU I 98 -9.01 35.32 -22.47
C LEU I 98 -9.99 36.25 -23.14
N ALA I 99 -11.21 35.78 -23.32
CA ALA I 99 -12.22 36.52 -24.04
C ALA I 99 -12.81 37.60 -23.17
N ALA I 100 -12.37 37.67 -21.92
CA ALA I 100 -12.91 38.63 -20.98
C ALA I 100 -12.05 39.87 -20.91
N GLY I 101 -10.86 39.80 -21.51
CA GLY I 101 -9.95 40.93 -21.57
C GLY I 101 -10.61 42.08 -22.27
N THR I 102 -10.01 43.26 -22.16
CA THR I 102 -10.60 44.45 -22.73
C THR I 102 -10.75 44.32 -24.24
N LYS I 103 -11.92 44.63 -24.76
CA LYS I 103 -12.17 44.48 -26.19
C LYS I 103 -11.23 45.33 -27.01
N GLY I 104 -10.70 44.74 -28.07
CA GLY I 104 -9.69 45.36 -28.88
C GLY I 104 -8.34 44.89 -28.42
N LYS I 105 -8.26 44.49 -27.17
CA LYS I 105 -6.98 44.11 -26.58
C LYS I 105 -6.90 42.64 -26.21
N ARG I 106 -7.64 41.81 -26.93
CA ARG I 106 -7.57 40.36 -26.76
C ARG I 106 -6.82 39.75 -27.93
N TYR I 107 -5.70 39.10 -27.63
CA TYR I 107 -4.80 38.58 -28.66
C TYR I 107 -4.59 37.09 -28.59
N ALA I 108 -4.30 36.49 -29.74
CA ALA I 108 -3.82 35.11 -29.80
C ALA I 108 -2.48 35.10 -30.49
N LEU I 109 -1.54 34.33 -29.97
CA LEU I 109 -0.34 34.07 -30.74
C LEU I 109 -0.75 33.13 -31.86
N PRO I 110 0.06 33.07 -32.93
CA PRO I 110 -0.34 32.39 -34.17
C PRO I 110 -0.72 30.92 -34.00
N HIS I 111 -0.01 30.21 -33.13
CA HIS I 111 -0.21 28.77 -32.98
C HIS I 111 -0.84 28.42 -31.64
N ALA I 112 -1.60 29.36 -31.09
CA ALA I 112 -2.34 29.12 -29.87
C ALA I 112 -3.65 28.45 -30.19
N ARG I 113 -4.10 27.58 -29.29
CA ARG I 113 -5.35 26.86 -29.45
C ARG I 113 -6.36 27.28 -28.36
N ILE I 114 -7.63 27.39 -28.72
CA ILE I 114 -8.67 27.72 -27.74
C ILE I 114 -9.67 26.57 -27.61
N LEU I 115 -10.00 26.18 -26.39
CA LEU I 115 -11.02 25.17 -26.18
C LEU I 115 -12.21 25.75 -25.47
N MET I 116 -13.39 25.39 -25.93
CA MET I 116 -14.63 25.83 -25.31
C MET I 116 -15.56 24.64 -25.09
N HIS I 117 -16.00 24.43 -23.87
CA HIS I 117 -16.98 23.39 -23.62
C HIS I 117 -17.86 23.79 -22.46
N GLN I 118 -18.65 22.86 -21.96
CA GLN I 118 -19.54 23.16 -20.85
C GLN I 118 -18.89 22.75 -19.54
N PRO I 119 -19.48 23.12 -18.41
CA PRO I 119 -18.87 22.81 -17.13
C PRO I 119 -18.87 21.32 -16.79
N LEU I 120 -17.94 20.95 -15.92
CA LEU I 120 -17.80 19.59 -15.44
C LEU I 120 -17.91 19.61 -13.93
N GLY I 121 -18.17 18.46 -13.33
CA GLY I 121 -18.24 18.40 -11.89
C GLY I 121 -18.60 17.03 -11.40
N GLY I 122 -19.39 16.97 -10.34
CA GLY I 122 -19.85 15.72 -9.78
C GLY I 122 -21.01 15.96 -8.85
N VAL I 123 -21.75 14.91 -8.53
CA VAL I 123 -22.81 14.98 -7.53
C VAL I 123 -22.53 13.96 -6.45
N THR I 124 -22.96 14.25 -5.23
CA THR I 124 -22.70 13.35 -4.11
C THR I 124 -23.68 13.59 -2.97
N GLY I 125 -23.90 12.55 -2.17
CA GLY I 125 -24.75 12.68 -1.00
C GLY I 125 -26.17 12.23 -1.21
N SER I 126 -27.07 12.81 -0.45
CA SER I 126 -28.47 12.41 -0.48
C SER I 126 -29.16 12.98 -1.69
N ALA I 127 -30.32 12.44 -2.04
CA ALA I 127 -31.08 12.95 -3.15
C ALA I 127 -31.44 14.42 -2.95
N ALA I 128 -31.73 14.81 -1.72
CA ALA I 128 -32.11 16.19 -1.43
C ALA I 128 -30.93 17.15 -1.54
N ASP I 129 -29.74 16.65 -1.22
CA ASP I 129 -28.52 17.41 -1.43
C ASP I 129 -28.10 17.42 -2.90
N ILE I 130 -28.47 16.39 -3.65
CA ILE I 130 -28.11 16.34 -5.07
C ILE I 130 -29.06 17.18 -5.89
N ALA I 131 -30.34 17.18 -5.53
CA ALA I 131 -31.31 18.00 -6.21
C ALA I 131 -30.92 19.45 -6.14
N ILE I 132 -30.32 19.85 -5.03
CA ILE I 132 -29.87 21.22 -4.87
C ILE I 132 -28.63 21.46 -5.69
N GLN I 133 -27.77 20.46 -5.78
CA GLN I 133 -26.55 20.61 -6.56
C GLN I 133 -26.89 20.83 -8.02
N ALA I 134 -27.89 20.10 -8.51
CA ALA I 134 -28.29 20.19 -9.91
C ALA I 134 -28.99 21.51 -10.23
N GLU I 135 -29.69 22.10 -9.27
CA GLU I 135 -30.23 23.43 -9.48
C GLU I 135 -29.13 24.39 -9.87
N GLN I 136 -27.96 24.22 -9.28
CA GLN I 136 -26.86 25.13 -9.50
C GLN I 136 -26.17 24.84 -10.82
N PHE I 137 -26.10 23.58 -11.19
CA PHE I 137 -25.60 23.22 -12.51
C PHE I 137 -26.33 23.99 -13.59
N ALA I 138 -27.65 24.04 -13.48
CA ALA I 138 -28.49 24.71 -14.46
C ALA I 138 -28.23 26.19 -14.51
N VAL I 139 -28.12 26.80 -13.33
CA VAL I 139 -27.87 28.24 -13.22
C VAL I 139 -26.48 28.61 -13.69
N ILE I 140 -25.48 27.90 -13.18
CA ILE I 140 -24.09 28.20 -13.52
C ILE I 140 -23.90 28.15 -15.03
N LYS I 141 -24.47 27.15 -15.67
CA LYS I 141 -24.25 26.95 -17.09
C LYS I 141 -24.89 28.04 -17.94
N LYS I 142 -26.10 28.44 -17.59
CA LYS I 142 -26.78 29.49 -18.32
C LYS I 142 -26.00 30.78 -18.21
N GLU I 143 -25.41 31.05 -17.05
CA GLU I 143 -24.68 32.29 -16.86
C GLU I 143 -23.33 32.28 -17.56
N MET I 144 -22.70 31.12 -17.69
CA MET I 144 -21.42 31.03 -18.37
C MET I 144 -21.60 31.09 -19.88
N PHE I 145 -22.77 30.69 -20.36
CA PHE I 145 -23.07 30.78 -21.77
C PHE I 145 -23.44 32.21 -22.10
N ARG I 146 -24.08 32.88 -21.16
CA ARG I 146 -24.48 34.25 -21.36
C ARG I 146 -23.24 35.11 -21.47
N LEU I 147 -22.24 34.81 -20.65
CA LEU I 147 -21.03 35.60 -20.59
C LEU I 147 -20.15 35.36 -21.79
N ASN I 148 -20.04 34.11 -22.20
CA ASN I 148 -19.31 33.81 -23.42
C ASN I 148 -20.01 34.38 -24.62
N ALA I 149 -21.33 34.52 -24.55
CA ALA I 149 -22.08 35.11 -25.65
C ALA I 149 -21.76 36.59 -25.78
N GLU I 150 -21.62 37.28 -24.65
CA GLU I 150 -21.30 38.69 -24.67
C GLU I 150 -19.89 38.96 -25.14
N PHE I 151 -18.98 38.06 -24.78
CA PHE I 151 -17.57 38.17 -25.15
C PHE I 151 -17.33 37.97 -26.64
N THR I 152 -18.02 37.00 -27.22
CA THR I 152 -17.80 36.62 -28.60
C THR I 152 -18.78 37.28 -29.55
N GLY I 153 -19.91 37.73 -29.02
CA GLY I 153 -20.98 38.27 -29.84
C GLY I 153 -21.76 37.19 -30.58
N GLN I 154 -21.67 35.94 -30.12
CA GLN I 154 -22.45 34.86 -30.69
C GLN I 154 -23.78 34.75 -29.97
N PRO I 155 -24.81 34.21 -30.64
CA PRO I 155 -26.07 33.97 -29.95
C PRO I 155 -25.91 32.94 -28.84
N ILE I 156 -26.63 33.11 -27.73
CA ILE I 156 -26.53 32.19 -26.61
C ILE I 156 -26.96 30.79 -27.04
N GLU I 157 -27.61 30.70 -28.19
CA GLU I 157 -28.03 29.40 -28.70
C GLU I 157 -26.86 28.68 -29.34
N ARG I 158 -25.96 29.44 -29.95
CA ARG I 158 -24.82 28.88 -30.64
C ARG I 158 -23.74 28.44 -29.66
N ILE I 159 -23.60 29.17 -28.55
CA ILE I 159 -22.64 28.82 -27.52
C ILE I 159 -23.02 27.52 -26.85
N GLU I 160 -24.29 27.39 -26.51
CA GLU I 160 -24.75 26.19 -25.84
C GLU I 160 -24.59 24.97 -26.74
N ALA I 161 -24.75 25.19 -28.04
CA ALA I 161 -24.66 24.10 -28.99
C ALA I 161 -23.22 23.74 -29.31
N ASP I 162 -22.35 24.74 -29.41
CA ASP I 162 -20.94 24.50 -29.68
C ASP I 162 -20.21 23.97 -28.47
N SER I 163 -20.74 24.29 -27.29
CA SER I 163 -20.12 23.92 -26.02
C SER I 163 -20.51 22.54 -25.53
N ASP I 164 -21.53 21.94 -26.12
CA ASP I 164 -22.02 20.63 -25.68
C ASP I 164 -20.89 19.63 -25.48
N ARG I 165 -20.02 19.52 -26.47
CA ARG I 165 -18.79 18.76 -26.31
C ARG I 165 -17.63 19.62 -26.74
N ASP I 166 -16.42 19.21 -26.38
CA ASP I 166 -15.25 20.05 -26.59
C ASP I 166 -15.12 20.53 -28.03
N ARG I 167 -15.02 21.84 -28.21
CA ARG I 167 -14.77 22.43 -29.52
C ARG I 167 -13.50 23.24 -29.54
N TRP I 168 -12.57 22.86 -30.41
CA TRP I 168 -11.28 23.52 -30.55
C TRP I 168 -11.28 24.56 -31.64
N PHE I 169 -10.51 25.62 -31.41
CA PHE I 169 -10.34 26.66 -32.38
C PHE I 169 -8.87 26.87 -32.60
N THR I 170 -8.48 27.08 -33.85
CA THR I 170 -7.16 27.58 -34.15
C THR I 170 -7.22 29.08 -33.92
N ALA I 171 -6.07 29.74 -33.91
CA ALA I 171 -6.03 31.17 -33.65
C ALA I 171 -6.86 31.92 -34.67
N ALA I 172 -6.87 31.44 -35.91
CA ALA I 172 -7.70 32.03 -36.95
C ALA I 172 -9.18 31.81 -36.68
N GLU I 173 -9.55 30.60 -36.32
CA GLU I 173 -10.95 30.28 -36.05
C GLU I 173 -11.47 31.04 -34.84
N ALA I 174 -10.61 31.19 -33.83
CA ALA I 174 -10.97 31.95 -32.64
C ALA I 174 -11.19 33.42 -32.95
N LEU I 175 -10.46 33.98 -33.91
CA LEU I 175 -10.59 35.38 -34.30
C LEU I 175 -11.92 35.65 -34.99
N GLU I 176 -12.36 34.73 -35.83
CA GLU I 176 -13.66 34.84 -36.50
C GLU I 176 -14.79 34.69 -35.48
N TYR I 177 -14.65 33.73 -34.57
CA TYR I 177 -15.71 33.36 -33.64
C TYR I 177 -15.99 34.43 -32.62
N GLY I 178 -14.95 35.13 -32.19
CA GLY I 178 -15.14 36.25 -31.28
C GLY I 178 -14.39 36.15 -29.97
N PHE I 179 -13.49 35.19 -29.86
CA PHE I 179 -12.70 35.05 -28.66
C PHE I 179 -11.64 36.12 -28.61
N VAL I 180 -11.12 36.48 -29.78
CA VAL I 180 -10.03 37.45 -29.84
C VAL I 180 -10.26 38.51 -30.92
N ASP I 181 -9.52 39.59 -30.83
CA ASP I 181 -9.64 40.70 -31.76
C ASP I 181 -8.48 40.72 -32.73
N HIS I 182 -7.41 40.03 -32.36
CA HIS I 182 -6.15 40.12 -33.07
C HIS I 182 -5.35 38.86 -32.98
N ILE I 183 -4.56 38.57 -34.00
CA ILE I 183 -3.53 37.56 -33.93
C ILE I 183 -2.19 38.25 -34.07
N ILE I 184 -1.39 38.19 -33.01
CA ILE I 184 -0.13 38.89 -32.97
C ILE I 184 0.88 38.26 -33.88
N THR I 185 1.71 39.10 -34.50
CA THR I 185 2.69 38.64 -35.45
C THR I 185 4.06 39.23 -35.14
N ILE J 3 -24.26 -17.59 2.27
CA ILE J 3 -24.62 -19.01 2.36
C ILE J 3 -25.96 -19.31 1.68
N LEU J 4 -25.89 -19.94 0.53
CA LEU J 4 -27.04 -20.18 -0.33
C LEU J 4 -27.51 -21.60 -0.15
N PRO J 5 -28.76 -21.77 0.29
CA PRO J 5 -29.16 -23.09 0.75
C PRO J 5 -29.55 -24.01 -0.39
N SER J 6 -29.20 -25.28 -0.25
CA SER J 6 -29.61 -26.30 -1.18
C SER J 6 -30.86 -26.95 -0.65
N PHE J 7 -31.58 -27.63 -1.53
CA PHE J 7 -32.81 -28.24 -1.10
C PHE J 7 -32.95 -29.61 -1.72
N ILE J 8 -33.92 -30.36 -1.25
CA ILE J 8 -34.10 -31.74 -1.67
C ILE J 8 -35.46 -31.90 -2.31
N GLU J 9 -35.49 -32.50 -3.48
CA GLU J 9 -36.73 -32.93 -4.10
C GLU J 9 -36.65 -34.45 -4.21
N HIS J 10 -37.79 -35.12 -4.33
CA HIS J 10 -37.79 -36.57 -4.28
C HIS J 10 -38.89 -37.19 -5.12
N SER J 11 -38.64 -38.39 -5.60
CA SER J 11 -39.67 -39.12 -6.30
C SER J 11 -39.41 -40.59 -6.09
N SER J 12 -40.23 -41.44 -6.68
CA SER J 12 -40.07 -42.88 -6.58
C SER J 12 -38.74 -43.35 -7.13
N PHE J 13 -38.10 -42.49 -7.92
CA PHE J 13 -36.86 -42.87 -8.58
C PHE J 13 -35.63 -42.58 -7.74
N GLY J 14 -35.73 -41.58 -6.86
CA GLY J 14 -34.64 -41.24 -5.98
C GLY J 14 -34.75 -39.87 -5.33
N VAL J 15 -33.68 -39.45 -4.65
CA VAL J 15 -33.69 -38.19 -3.94
C VAL J 15 -32.67 -37.23 -4.56
N LYS J 16 -33.12 -36.03 -4.88
CA LYS J 16 -32.24 -35.08 -5.57
C LYS J 16 -31.91 -33.87 -4.72
N GLU J 17 -30.64 -33.62 -4.51
CA GLU J 17 -30.22 -32.46 -3.76
C GLU J 17 -29.67 -31.42 -4.73
N SER J 18 -30.22 -30.23 -4.71
CA SER J 18 -29.69 -29.18 -5.56
C SER J 18 -29.79 -27.81 -4.91
N ASN J 19 -29.23 -26.81 -5.57
CA ASN J 19 -29.37 -25.44 -5.13
C ASN J 19 -30.29 -24.73 -6.10
N PRO J 20 -30.72 -23.51 -5.74
CA PRO J 20 -31.66 -22.69 -6.50
C PRO J 20 -31.29 -22.45 -7.97
N TYR J 21 -30.01 -22.39 -8.28
CA TYR J 21 -29.62 -22.10 -9.64
C TYR J 21 -29.65 -23.34 -10.50
N ASN J 22 -29.36 -24.49 -9.92
CA ASN J 22 -29.51 -25.74 -10.66
C ASN J 22 -30.95 -25.96 -11.05
N LYS J 23 -31.86 -25.63 -10.12
CA LYS J 23 -33.28 -25.81 -10.32
C LYS J 23 -33.79 -24.90 -11.41
N LEU J 24 -33.32 -23.66 -11.39
CA LEU J 24 -33.66 -22.72 -12.43
C LEU J 24 -33.19 -23.23 -13.80
N PHE J 25 -31.98 -23.75 -13.86
CA PHE J 25 -31.39 -24.27 -15.08
C PHE J 25 -32.16 -25.49 -15.61
N GLU J 26 -32.57 -26.37 -14.72
CA GLU J 26 -33.47 -27.46 -15.05
C GLU J 26 -34.77 -27.00 -15.72
N GLU J 27 -35.24 -25.80 -15.38
CA GLU J 27 -36.40 -25.23 -16.07
C GLU J 27 -35.94 -24.21 -17.11
N ARG J 28 -34.73 -24.41 -17.63
CA ARG J 28 -34.24 -23.68 -18.79
C ARG J 28 -34.11 -22.18 -18.56
N ILE J 29 -33.85 -21.78 -17.33
CA ILE J 29 -33.65 -20.39 -16.97
C ILE J 29 -32.18 -20.13 -16.72
N ILE J 30 -31.65 -19.12 -17.40
CA ILE J 30 -30.28 -18.69 -17.20
C ILE J 30 -30.36 -17.38 -16.46
N PHE J 31 -29.44 -17.18 -15.53
CA PHE J 31 -29.40 -15.97 -14.75
C PHE J 31 -28.19 -15.16 -15.16
N LEU J 32 -28.40 -13.99 -15.74
CA LEU J 32 -27.30 -13.06 -16.00
C LEU J 32 -27.41 -11.84 -15.10
N GLY J 33 -26.88 -11.94 -13.89
CA GLY J 33 -27.05 -10.88 -12.89
C GLY J 33 -25.77 -10.21 -12.45
N VAL J 34 -24.69 -10.49 -13.17
CA VAL J 34 -23.39 -9.91 -12.89
C VAL J 34 -23.05 -8.90 -13.97
N GLN J 35 -21.88 -8.28 -13.88
CA GLN J 35 -21.38 -7.49 -14.98
C GLN J 35 -20.99 -8.41 -16.12
N VAL J 36 -21.36 -8.06 -17.33
CA VAL J 36 -20.93 -8.80 -18.50
C VAL J 36 -19.43 -8.64 -18.72
N ASP J 37 -18.64 -9.62 -18.31
CA ASP J 37 -17.23 -9.63 -18.67
C ASP J 37 -16.89 -10.92 -19.39
N ASP J 38 -15.61 -11.22 -19.55
CA ASP J 38 -15.21 -12.40 -20.29
C ASP J 38 -15.53 -13.68 -19.53
N ALA J 39 -15.35 -13.67 -18.22
CA ALA J 39 -15.72 -14.81 -17.40
C ALA J 39 -17.22 -15.07 -17.52
N SER J 40 -17.99 -14.02 -17.27
CA SER J 40 -19.44 -14.10 -17.33
C SER J 40 -19.97 -14.49 -18.70
N ALA J 41 -19.30 -14.07 -19.76
CA ALA J 41 -19.81 -14.30 -21.11
C ALA J 41 -19.47 -15.69 -21.56
N ASN J 42 -18.38 -16.25 -21.07
CA ASN J 42 -18.07 -17.62 -21.39
C ASN J 42 -19.00 -18.57 -20.67
N ASP J 43 -19.45 -18.18 -19.48
CA ASP J 43 -20.36 -19.00 -18.70
C ASP J 43 -21.74 -19.04 -19.31
N ILE J 44 -22.16 -17.90 -19.83
CA ILE J 44 -23.51 -17.76 -20.34
C ILE J 44 -23.63 -18.35 -21.73
N MET J 45 -22.53 -18.39 -22.47
CA MET J 45 -22.55 -19.03 -23.75
C MET J 45 -22.56 -20.53 -23.57
N ALA J 46 -21.80 -21.01 -22.59
CA ALA J 46 -21.73 -22.42 -22.33
C ALA J 46 -23.10 -22.92 -21.91
N GLN J 47 -23.80 -22.13 -21.12
CA GLN J 47 -25.16 -22.48 -20.72
C GLN J 47 -26.10 -22.50 -21.88
N LEU J 48 -26.07 -21.46 -22.72
CA LEU J 48 -26.95 -21.37 -23.88
C LEU J 48 -26.73 -22.53 -24.83
N LEU J 49 -25.46 -22.87 -25.05
CA LEU J 49 -25.11 -23.95 -25.95
C LEU J 49 -25.51 -25.30 -25.42
N VAL J 50 -25.40 -25.49 -24.11
CA VAL J 50 -25.83 -26.73 -23.50
C VAL J 50 -27.32 -26.89 -23.60
N LEU J 51 -28.05 -25.85 -23.22
CA LEU J 51 -29.49 -25.89 -23.27
C LEU J 51 -30.02 -26.19 -24.66
N GLU J 52 -29.32 -25.67 -25.67
CA GLU J 52 -29.69 -25.90 -27.05
C GLU J 52 -29.37 -27.32 -27.46
N SER J 53 -28.42 -27.92 -26.76
CA SER J 53 -28.03 -29.28 -27.04
C SER J 53 -28.95 -30.27 -26.33
N LEU J 54 -29.54 -29.83 -25.21
CA LEU J 54 -30.44 -30.68 -24.45
C LEU J 54 -31.82 -30.74 -25.09
N ASP J 55 -32.27 -29.62 -25.67
CA ASP J 55 -33.55 -29.60 -26.35
C ASP J 55 -33.67 -28.33 -27.17
N PRO J 56 -33.50 -28.45 -28.49
CA PRO J 56 -33.47 -27.28 -29.36
C PRO J 56 -34.85 -26.65 -29.59
N ASP J 57 -35.90 -27.36 -29.22
CA ASP J 57 -37.24 -26.92 -29.55
C ASP J 57 -37.90 -26.19 -28.39
N ARG J 58 -37.31 -26.23 -27.23
CA ARG J 58 -37.90 -25.57 -26.07
C ARG J 58 -37.23 -24.24 -25.85
N ASP J 59 -37.99 -23.29 -25.33
CA ASP J 59 -37.48 -21.95 -25.06
C ASP J 59 -36.44 -21.96 -23.96
N ILE J 60 -35.58 -20.94 -23.99
CA ILE J 60 -34.64 -20.68 -22.92
C ILE J 60 -35.07 -19.37 -22.33
N THR J 61 -34.76 -19.13 -21.06
CA THR J 61 -35.13 -17.88 -20.43
C THR J 61 -33.92 -17.22 -19.81
N MET J 62 -33.73 -15.95 -20.09
CA MET J 62 -32.64 -15.22 -19.48
C MET J 62 -33.17 -14.17 -18.54
N TYR J 63 -32.83 -14.32 -17.26
CA TYR J 63 -33.09 -13.27 -16.29
C TYR J 63 -31.94 -12.31 -16.32
N ILE J 64 -32.25 -11.05 -16.59
CA ILE J 64 -31.26 -10.02 -16.74
C ILE J 64 -31.32 -9.02 -15.59
N ASN J 65 -30.27 -9.00 -14.79
CA ASN J 65 -30.08 -7.97 -13.78
C ASN J 65 -28.62 -7.60 -13.79
N SER J 66 -28.26 -6.69 -14.69
CA SER J 66 -26.87 -6.44 -15.00
C SER J 66 -26.61 -4.97 -15.17
N PRO J 67 -25.44 -4.51 -14.73
CA PRO J 67 -25.06 -3.12 -14.97
C PRO J 67 -24.38 -2.90 -16.32
N GLY J 68 -24.21 -3.96 -17.10
CA GLY J 68 -23.54 -3.85 -18.36
C GLY J 68 -22.24 -4.60 -18.39
N GLY J 69 -21.28 -4.14 -19.17
CA GLY J 69 -20.03 -4.84 -19.33
C GLY J 69 -19.34 -4.55 -20.64
N GLY J 70 -18.41 -5.42 -21.02
CA GLY J 70 -17.58 -5.20 -22.19
C GLY J 70 -18.31 -5.39 -23.49
N PHE J 71 -17.87 -4.70 -24.52
CA PHE J 71 -18.57 -4.75 -25.79
C PHE J 71 -18.39 -6.10 -26.48
N THR J 72 -17.16 -6.56 -26.63
CA THR J 72 -16.94 -7.83 -27.30
C THR J 72 -17.54 -8.99 -26.50
N SER J 73 -17.65 -8.85 -25.20
CA SER J 73 -18.34 -9.85 -24.40
C SER J 73 -19.83 -9.75 -24.66
N LEU J 74 -20.31 -8.54 -24.89
CA LEU J 74 -21.69 -8.37 -25.25
C LEU J 74 -21.95 -9.11 -26.55
N MET J 75 -21.10 -8.91 -27.52
CA MET J 75 -21.33 -9.47 -28.85
C MET J 75 -21.05 -10.96 -28.94
N ALA J 76 -20.47 -11.55 -27.90
CA ALA J 76 -20.34 -12.99 -27.87
C ALA J 76 -21.66 -13.60 -27.49
N ILE J 77 -22.28 -13.04 -26.46
CA ILE J 77 -23.56 -13.51 -25.98
C ILE J 77 -24.68 -13.23 -26.98
N TYR J 78 -24.72 -12.02 -27.52
CA TYR J 78 -25.72 -11.66 -28.51
C TYR J 78 -25.74 -12.62 -29.70
N ASP J 79 -24.57 -12.98 -30.20
CA ASP J 79 -24.48 -13.89 -31.33
C ASP J 79 -24.93 -15.28 -30.95
N THR J 80 -24.58 -15.72 -29.75
CA THR J 80 -25.02 -17.01 -29.26
C THR J 80 -26.51 -17.03 -29.05
N MET J 81 -27.07 -15.94 -28.57
CA MET J 81 -28.52 -15.85 -28.44
C MET J 81 -29.21 -15.99 -29.79
N GLN J 82 -28.63 -15.37 -30.80
CA GLN J 82 -29.21 -15.37 -32.14
C GLN J 82 -28.90 -16.63 -32.92
N TYR J 83 -27.77 -17.26 -32.66
CA TYR J 83 -27.37 -18.42 -33.42
C TYR J 83 -28.18 -19.65 -33.03
N VAL J 84 -28.43 -19.81 -31.75
CA VAL J 84 -29.14 -20.95 -31.20
C VAL J 84 -30.56 -21.11 -31.80
N ARG J 85 -31.03 -22.34 -31.94
CA ARG J 85 -32.35 -22.59 -32.52
C ARG J 85 -33.49 -22.25 -31.58
N ALA J 86 -33.29 -22.49 -30.29
CA ALA J 86 -34.35 -22.31 -29.33
C ALA J 86 -34.70 -20.84 -29.15
N ASP J 87 -35.98 -20.53 -29.08
CA ASP J 87 -36.41 -19.16 -28.84
C ASP J 87 -35.93 -18.72 -27.47
N ILE J 88 -35.51 -17.46 -27.35
CA ILE J 88 -34.99 -16.99 -26.08
C ILE J 88 -35.86 -15.90 -25.51
N GLN J 89 -36.28 -16.08 -24.28
CA GLN J 89 -37.13 -15.12 -23.62
C GLN J 89 -36.34 -14.35 -22.59
N THR J 90 -36.24 -13.04 -22.78
CA THR J 90 -35.45 -12.23 -21.90
C THR J 90 -36.34 -11.53 -20.90
N VAL J 91 -36.05 -11.71 -19.62
CA VAL J 91 -36.82 -11.08 -18.56
C VAL J 91 -35.90 -10.17 -17.77
N CYS J 92 -36.30 -8.92 -17.60
CA CYS J 92 -35.49 -7.99 -16.85
C CYS J 92 -36.04 -7.80 -15.45
N LEU J 93 -35.22 -8.10 -14.46
CA LEU J 93 -35.52 -7.75 -13.08
C LEU J 93 -34.51 -6.70 -12.64
N GLY J 94 -34.96 -5.63 -12.01
CA GLY J 94 -34.02 -4.65 -11.53
C GLY J 94 -33.52 -3.68 -12.57
N GLN J 95 -32.59 -4.10 -13.40
CA GLN J 95 -32.08 -3.21 -14.45
C GLN J 95 -31.34 -3.93 -15.56
N ALA J 96 -31.41 -3.35 -16.75
CA ALA J 96 -30.56 -3.75 -17.86
C ALA J 96 -29.89 -2.50 -18.41
N ALA J 97 -28.59 -2.35 -18.19
CA ALA J 97 -27.94 -1.10 -18.49
C ALA J 97 -26.84 -1.30 -19.50
N SER J 98 -26.81 -0.46 -20.53
CA SER J 98 -25.76 -0.53 -21.55
C SER J 98 -25.79 -1.80 -22.37
N ALA J 99 -24.77 -2.64 -22.22
CA ALA J 99 -24.71 -3.87 -22.98
C ALA J 99 -25.90 -4.76 -22.64
N ALA J 100 -26.44 -4.62 -21.44
CA ALA J 100 -27.47 -5.53 -21.01
C ALA J 100 -28.84 -5.09 -21.47
N ALA J 101 -29.01 -3.80 -21.76
CA ALA J 101 -30.26 -3.36 -22.36
C ALA J 101 -30.35 -3.92 -23.78
N VAL J 102 -29.20 -4.02 -24.42
CA VAL J 102 -29.11 -4.62 -25.74
C VAL J 102 -29.44 -6.11 -25.72
N LEU J 103 -29.00 -6.81 -24.68
CA LEU J 103 -29.29 -8.23 -24.54
C LEU J 103 -30.75 -8.43 -24.22
N LEU J 104 -31.30 -7.53 -23.42
CA LEU J 104 -32.70 -7.57 -23.14
C LEU J 104 -33.47 -7.42 -24.44
N ALA J 105 -32.98 -6.55 -25.31
CA ALA J 105 -33.70 -6.18 -26.52
C ALA J 105 -33.56 -7.23 -27.61
N ALA J 106 -32.65 -8.18 -27.44
CA ALA J 106 -32.36 -9.13 -28.49
C ALA J 106 -33.05 -10.48 -28.30
N GLY J 107 -33.97 -10.57 -27.34
CA GLY J 107 -34.71 -11.79 -27.11
C GLY J 107 -35.64 -12.03 -28.28
N THR J 108 -36.25 -13.21 -28.35
CA THR J 108 -37.05 -13.49 -29.54
C THR J 108 -38.25 -12.59 -29.49
N PRO J 109 -38.64 -12.05 -30.65
CA PRO J 109 -39.74 -11.09 -30.74
C PRO J 109 -41.02 -11.62 -30.13
N GLY J 110 -41.56 -10.86 -29.19
CA GLY J 110 -42.75 -11.25 -28.47
C GLY J 110 -42.44 -11.81 -27.09
N LYS J 111 -41.20 -12.22 -26.87
CA LYS J 111 -40.82 -12.86 -25.61
C LYS J 111 -39.80 -12.04 -24.82
N ARG J 112 -39.86 -10.73 -24.93
CA ARG J 112 -38.98 -9.83 -24.19
C ARG J 112 -39.76 -9.05 -23.14
N MET J 113 -39.50 -9.26 -21.87
CA MET J 113 -40.32 -8.61 -20.86
C MET J 113 -39.53 -8.06 -19.69
N ALA J 114 -40.19 -7.23 -18.88
CA ALA J 114 -39.55 -6.62 -17.72
C ALA J 114 -40.54 -6.46 -16.61
N LEU J 115 -40.07 -6.55 -15.37
CA LEU J 115 -40.90 -6.35 -14.20
C LEU J 115 -41.19 -4.88 -14.03
N PRO J 116 -42.36 -4.54 -13.47
CA PRO J 116 -42.86 -3.16 -13.55
C PRO J 116 -41.94 -2.12 -12.94
N ASN J 117 -40.99 -2.52 -12.11
CA ASN J 117 -40.04 -1.58 -11.55
C ASN J 117 -38.62 -1.73 -12.06
N ALA J 118 -38.42 -2.59 -13.06
CA ALA J 118 -37.13 -2.64 -13.73
C ALA J 118 -36.89 -1.31 -14.41
N ARG J 119 -35.61 -1.03 -14.68
CA ARG J 119 -35.24 0.16 -15.43
C ARG J 119 -34.24 -0.24 -16.50
N VAL J 120 -34.31 0.42 -17.65
CA VAL J 120 -33.39 0.17 -18.73
C VAL J 120 -32.54 1.41 -19.01
N LEU J 121 -31.23 1.22 -19.12
CA LEU J 121 -30.34 2.31 -19.43
C LEU J 121 -29.62 2.08 -20.77
N ILE J 122 -29.74 3.05 -21.66
CA ILE J 122 -29.05 3.05 -22.93
C ILE J 122 -28.01 4.17 -23.02
N HIS J 123 -26.75 3.82 -23.27
CA HIS J 123 -25.77 4.86 -23.54
C HIS J 123 -24.66 4.31 -24.41
N GLN J 124 -23.95 5.21 -25.07
CA GLN J 124 -22.95 4.81 -26.04
C GLN J 124 -21.74 4.23 -25.34
N PRO J 125 -20.99 3.37 -26.05
CA PRO J 125 -19.80 2.75 -25.48
C PRO J 125 -18.82 3.78 -24.94
N SER J 126 -18.24 3.49 -23.79
CA SER J 126 -17.33 4.41 -23.11
C SER J 126 -16.05 3.72 -22.75
N LEU J 127 -14.98 4.51 -22.74
CA LEU J 127 -13.68 4.05 -22.29
C LEU J 127 -13.35 4.85 -21.05
N SER J 128 -13.42 4.21 -19.89
CA SER J 128 -13.25 4.92 -18.63
C SER J 128 -11.78 5.09 -18.28
N GLY J 129 -10.95 4.13 -18.68
CA GLY J 129 -9.53 4.26 -18.50
C GLY J 129 -8.94 5.18 -19.54
N VAL J 130 -7.66 5.02 -19.82
CA VAL J 130 -7.00 5.76 -20.87
C VAL J 130 -6.13 4.78 -21.61
N ILE J 131 -6.20 4.81 -22.92
CA ILE J 131 -5.28 4.00 -23.71
C ILE J 131 -4.33 4.93 -24.41
N GLN J 132 -3.04 4.65 -24.30
CA GLN J 132 -2.03 5.55 -24.81
C GLN J 132 -1.27 4.97 -26.00
N GLY J 133 -0.58 5.84 -26.72
CA GLY J 133 0.17 5.40 -27.89
C GLY J 133 0.44 6.53 -28.83
N GLN J 134 1.10 6.24 -29.94
CA GLN J 134 1.34 7.25 -30.96
C GLN J 134 0.01 7.64 -31.59
N PHE J 135 -0.03 8.78 -32.26
CA PHE J 135 -1.30 9.24 -32.83
C PHE J 135 -1.83 8.23 -33.85
N SER J 136 -0.94 7.55 -34.55
CA SER J 136 -1.36 6.54 -35.50
C SER J 136 -2.14 5.42 -34.82
N ASP J 137 -1.66 4.98 -33.65
CA ASP J 137 -2.33 3.94 -32.87
C ASP J 137 -3.69 4.40 -32.39
N LEU J 138 -3.74 5.61 -31.86
CA LEU J 138 -4.96 6.14 -31.28
C LEU J 138 -5.98 6.38 -32.35
N GLU J 139 -5.51 6.71 -33.55
CA GLU J 139 -6.40 6.91 -34.68
C GLU J 139 -7.07 5.61 -35.00
N ILE J 140 -6.30 4.52 -35.05
CA ILE J 140 -6.87 3.20 -35.27
C ILE J 140 -7.90 2.84 -34.22
N GLN J 141 -7.56 3.12 -32.97
CA GLN J 141 -8.45 2.88 -31.84
C GLN J 141 -9.72 3.74 -31.89
N ALA J 142 -9.56 5.03 -32.17
CA ALA J 142 -10.68 5.94 -32.24
C ALA J 142 -11.71 5.55 -33.29
N ALA J 143 -11.29 4.78 -34.28
CA ALA J 143 -12.17 4.32 -35.34
C ALA J 143 -12.79 2.98 -35.01
N GLU J 144 -12.09 2.16 -34.23
CA GLU J 144 -12.65 0.91 -33.76
C GLU J 144 -13.73 1.17 -32.74
N ILE J 145 -13.60 2.27 -32.01
CA ILE J 145 -14.58 2.68 -31.02
C ILE J 145 -15.81 3.27 -31.72
N GLU J 146 -15.57 3.92 -32.85
CA GLU J 146 -16.66 4.46 -33.61
C GLU J 146 -17.44 3.33 -34.25
N ARG J 147 -16.75 2.20 -34.44
CA ARG J 147 -17.32 1.06 -35.11
C ARG J 147 -18.17 0.25 -34.17
N MET J 148 -17.66 0.02 -32.97
CA MET J 148 -18.44 -0.62 -31.92
C MET J 148 -19.66 0.24 -31.58
N ARG J 149 -19.52 1.55 -31.69
CA ARG J 149 -20.62 2.45 -31.41
C ARG J 149 -21.75 2.33 -32.43
N THR J 150 -21.43 2.37 -33.72
CA THR J 150 -22.49 2.25 -34.70
C THR J 150 -23.07 0.84 -34.71
N LEU J 151 -22.28 -0.12 -34.26
CA LEU J 151 -22.73 -1.51 -34.24
C LEU J 151 -23.72 -1.74 -33.12
N MET J 152 -23.63 -0.94 -32.08
CA MET J 152 -24.60 -0.99 -31.01
C MET J 152 -25.89 -0.33 -31.43
N GLU J 153 -25.79 0.59 -32.37
CA GLU J 153 -26.95 1.33 -32.83
C GLU J 153 -27.70 0.60 -33.92
N THR J 154 -27.00 -0.10 -34.79
CA THR J 154 -27.67 -0.79 -35.87
C THR J 154 -28.34 -2.04 -35.32
N THR J 155 -27.73 -2.65 -34.32
CA THR J 155 -28.32 -3.84 -33.71
C THR J 155 -29.48 -3.47 -32.80
N LEU J 156 -29.36 -2.36 -32.08
CA LEU J 156 -30.50 -1.88 -31.31
C LEU J 156 -31.66 -1.54 -32.23
N ALA J 157 -31.38 -0.88 -33.35
CA ALA J 157 -32.42 -0.52 -34.29
C ALA J 157 -33.09 -1.79 -34.82
N ARG J 158 -32.26 -2.77 -35.16
CA ARG J 158 -32.75 -4.04 -35.68
C ARG J 158 -33.82 -4.69 -34.82
N HIS J 159 -33.72 -4.50 -33.51
CA HIS J 159 -34.59 -5.18 -32.57
C HIS J 159 -35.66 -4.30 -31.98
N THR J 160 -35.49 -2.98 -32.09
CA THR J 160 -36.45 -2.02 -31.56
C THR J 160 -37.39 -1.51 -32.63
N GLY J 161 -36.91 -1.45 -33.86
CA GLY J 161 -37.71 -0.98 -34.96
C GLY J 161 -37.43 0.46 -35.31
N LYS J 162 -36.58 1.11 -34.52
CA LYS J 162 -36.22 2.51 -34.75
C LYS J 162 -35.10 2.58 -35.76
N ASP J 163 -34.90 3.74 -36.36
CA ASP J 163 -33.81 3.91 -37.29
C ASP J 163 -32.55 4.05 -36.48
N ALA J 164 -31.44 3.54 -37.01
CA ALA J 164 -30.16 3.67 -36.33
C ALA J 164 -29.91 5.13 -35.97
N GLY J 165 -30.32 6.04 -36.84
CA GLY J 165 -30.11 7.44 -36.61
C GLY J 165 -30.82 7.98 -35.38
N VAL J 166 -31.86 7.29 -34.95
CA VAL J 166 -32.63 7.72 -33.81
C VAL J 166 -32.00 7.17 -32.55
N ILE J 167 -31.54 5.93 -32.62
CA ILE J 167 -30.75 5.36 -31.55
C ILE J 167 -29.50 6.20 -31.31
N ARG J 168 -28.90 6.73 -32.38
CA ARG J 168 -27.66 7.45 -32.26
C ARG J 168 -27.85 8.78 -31.55
N LYS J 169 -28.97 9.45 -31.79
CA LYS J 169 -29.25 10.70 -31.13
C LYS J 169 -29.60 10.45 -29.67
N ASP J 170 -30.39 9.41 -29.44
CA ASP J 170 -30.92 9.12 -28.12
C ASP J 170 -29.87 8.61 -27.17
N THR J 171 -28.87 7.90 -27.71
CA THR J 171 -27.83 7.32 -26.87
C THR J 171 -26.63 8.25 -26.72
N ASP J 172 -26.73 9.45 -27.28
CA ASP J 172 -25.68 10.44 -27.14
C ASP J 172 -25.37 10.70 -25.67
N ARG J 173 -26.37 11.15 -24.94
CA ARG J 173 -26.33 11.12 -23.48
C ARG J 173 -27.17 9.94 -23.01
N ASP J 174 -26.90 9.41 -21.82
CA ASP J 174 -27.65 8.27 -21.30
C ASP J 174 -29.16 8.51 -21.38
N LYS J 175 -29.93 7.44 -21.55
CA LYS J 175 -31.38 7.53 -21.51
C LYS J 175 -31.93 6.44 -20.58
N ILE J 176 -32.61 6.82 -19.52
CA ILE J 176 -33.12 5.81 -18.60
C ILE J 176 -34.61 5.59 -18.83
N LEU J 177 -35.01 4.33 -18.80
CA LEU J 177 -36.35 3.96 -19.18
C LEU J 177 -37.02 3.08 -18.15
N THR J 178 -38.24 3.42 -17.79
CA THR J 178 -39.04 2.52 -16.98
C THR J 178 -39.39 1.33 -17.83
N ALA J 179 -39.97 0.32 -17.22
CA ALA J 179 -40.39 -0.86 -17.98
C ALA J 179 -41.39 -0.46 -19.05
N GLU J 180 -42.27 0.46 -18.71
CA GLU J 180 -43.29 0.91 -19.63
C GLU J 180 -42.67 1.74 -20.74
N GLU J 181 -41.82 2.68 -20.40
CA GLU J 181 -41.17 3.48 -21.41
C GLU J 181 -40.29 2.58 -22.27
N ALA J 182 -39.78 1.52 -21.68
CA ALA J 182 -38.97 0.56 -22.41
C ALA J 182 -39.83 -0.17 -23.42
N LYS J 183 -41.08 -0.42 -23.06
CA LYS J 183 -42.00 -1.11 -23.94
C LYS J 183 -42.40 -0.22 -25.11
N ASP J 184 -42.45 1.08 -24.87
CA ASP J 184 -42.81 2.04 -25.90
C ASP J 184 -41.69 2.19 -26.91
N TYR J 185 -40.45 2.13 -26.41
CA TYR J 185 -39.25 2.29 -27.22
C TYR J 185 -39.01 1.10 -28.13
N GLY J 186 -39.60 -0.04 -27.79
CA GLY J 186 -39.42 -1.24 -28.59
C GLY J 186 -38.34 -2.17 -28.06
N ILE J 187 -37.93 -1.97 -26.81
CA ILE J 187 -36.90 -2.79 -26.22
C ILE J 187 -37.50 -4.04 -25.56
N ILE J 188 -38.70 -3.92 -25.02
CA ILE J 188 -39.38 -5.10 -24.50
C ILE J 188 -40.78 -5.13 -25.10
N ASP J 189 -41.46 -6.24 -24.95
CA ASP J 189 -42.76 -6.42 -25.55
C ASP J 189 -43.88 -6.29 -24.53
N THR J 190 -43.62 -6.70 -23.31
CA THR J 190 -44.62 -6.57 -22.26
C THR J 190 -44.01 -6.38 -20.91
N VAL J 191 -44.77 -5.73 -20.03
CA VAL J 191 -44.45 -5.64 -18.62
C VAL J 191 -45.25 -6.67 -17.85
N LEU J 192 -44.56 -7.60 -17.20
CA LEU J 192 -45.23 -8.60 -16.38
C LEU J 192 -46.14 -7.96 -15.34
N GLU J 193 -47.36 -8.44 -15.25
CA GLU J 193 -48.24 -8.04 -14.17
C GLU J 193 -48.11 -9.04 -13.02
N TYR J 194 -48.09 -8.54 -11.79
CA TYR J 194 -48.01 -9.37 -10.60
C TYR J 194 -49.07 -10.46 -10.55
N ARG J 195 -48.68 -11.70 -10.30
CA ARG J 195 -49.64 -12.74 -9.98
C ARG J 195 -50.17 -12.53 -8.57
N LEU K 10 5.02 36.94 3.98
CA LEU K 10 5.25 35.73 4.75
C LEU K 10 4.50 35.84 6.07
N THR K 11 4.01 34.71 6.56
CA THR K 11 3.31 34.68 7.84
C THR K 11 4.27 34.88 8.99
N ASP K 12 5.52 34.46 8.82
CA ASP K 12 6.51 34.70 9.85
C ASP K 12 6.85 36.18 9.89
N SER K 13 6.71 36.86 8.77
CA SER K 13 6.92 38.29 8.69
C SER K 13 6.10 39.01 9.76
N VAL K 14 4.78 38.85 9.70
CA VAL K 14 3.93 39.55 10.65
C VAL K 14 4.06 39.02 12.08
N TYR K 15 4.48 37.77 12.26
CA TYR K 15 4.70 37.28 13.60
C TYR K 15 5.93 37.90 14.22
N GLU K 16 6.92 38.24 13.41
CA GLU K 16 8.09 38.92 13.92
C GLU K 16 7.74 40.35 14.27
N ARG K 17 6.89 40.95 13.44
CA ARG K 17 6.48 42.34 13.64
C ARG K 17 5.58 42.48 14.87
N LEU K 18 4.86 41.42 15.20
CA LEU K 18 4.03 41.39 16.40
C LEU K 18 4.86 41.05 17.63
N LEU K 19 5.91 40.26 17.43
CA LEU K 19 6.86 40.00 18.50
C LEU K 19 7.35 41.32 19.09
N SER K 20 7.68 42.26 18.19
CA SER K 20 8.18 43.58 18.55
C SER K 20 7.18 44.36 19.41
N GLU K 21 5.90 44.16 19.17
CA GLU K 21 4.86 44.79 19.98
C GLU K 21 4.51 43.92 21.18
N ARG K 22 5.38 42.96 21.48
CA ARG K 22 5.22 42.07 22.62
C ARG K 22 3.94 41.27 22.55
N ILE K 23 3.62 40.77 21.37
CA ILE K 23 2.47 39.91 21.17
C ILE K 23 2.91 38.58 20.59
N ILE K 24 2.56 37.49 21.27
CA ILE K 24 2.92 36.16 20.78
C ILE K 24 1.67 35.29 20.69
N PHE K 25 1.74 34.24 19.90
CA PHE K 25 0.56 33.41 19.66
C PHE K 25 0.78 31.97 20.04
N LEU K 26 -0.26 31.34 20.53
CA LEU K 26 -0.29 29.89 20.63
C LEU K 26 -1.49 29.44 19.84
N GLY K 27 -1.30 29.17 18.55
CA GLY K 27 -2.41 28.88 17.68
C GLY K 27 -2.44 27.50 17.07
N SER K 28 -1.81 26.53 17.71
CA SER K 28 -1.76 25.17 17.21
C SER K 28 -2.02 24.25 18.36
N GLU K 29 -1.99 22.95 18.14
CA GLU K 29 -2.00 22.04 19.25
C GLU K 29 -0.68 22.24 19.97
N VAL K 30 -0.66 22.07 21.27
CA VAL K 30 0.57 22.26 22.03
C VAL K 30 1.45 21.03 21.89
N ASN K 31 2.53 21.17 21.14
CA ASN K 31 3.51 20.10 21.06
C ASN K 31 4.85 20.68 21.45
N ASP K 32 5.90 19.86 21.48
CA ASP K 32 7.20 20.34 21.95
C ASP K 32 7.75 21.46 21.08
N GLU K 33 7.44 21.43 19.80
CA GLU K 33 7.97 22.42 18.88
C GLU K 33 7.41 23.80 19.19
N ILE K 34 6.10 23.90 19.32
CA ILE K 34 5.45 25.17 19.62
C ILE K 34 5.76 25.62 21.04
N ALA K 35 6.00 24.66 21.94
CA ALA K 35 6.36 25.00 23.29
C ALA K 35 7.75 25.58 23.35
N ASN K 36 8.69 24.97 22.64
CA ASN K 36 10.05 25.49 22.64
C ASN K 36 10.13 26.88 22.06
N ARG K 37 9.44 27.11 20.94
CA ARG K 37 9.46 28.42 20.31
C ARG K 37 8.81 29.44 21.20
N LEU K 38 7.80 29.00 21.95
CA LEU K 38 7.07 29.92 22.79
C LEU K 38 7.89 30.28 24.01
N CYS K 39 8.51 29.29 24.62
CA CYS K 39 9.40 29.53 25.75
C CYS K 39 10.58 30.39 25.34
N ALA K 40 10.94 30.32 24.07
CA ALA K 40 12.03 31.10 23.55
C ALA K 40 11.62 32.55 23.45
N GLN K 41 10.43 32.81 22.90
CA GLN K 41 9.96 34.17 22.75
C GLN K 41 9.83 34.86 24.09
N ILE K 42 9.25 34.18 25.08
CA ILE K 42 9.07 34.78 26.39
C ILE K 42 10.40 35.09 27.04
N LEU K 43 11.40 34.22 26.87
CA LEU K 43 12.74 34.51 27.37
C LEU K 43 13.28 35.78 26.74
N LEU K 44 13.23 35.86 25.41
CA LEU K 44 13.59 37.08 24.70
C LEU K 44 12.87 38.30 25.22
N LEU K 45 11.55 38.25 25.15
CA LEU K 45 10.76 39.42 25.48
C LEU K 45 11.03 39.87 26.91
N ALA K 46 11.59 38.98 27.71
CA ALA K 46 11.90 39.30 29.10
C ALA K 46 13.28 39.93 29.22
N ALA K 47 14.19 39.51 28.37
CA ALA K 47 15.53 40.07 28.36
C ALA K 47 15.51 41.45 27.74
N GLU K 48 14.55 41.70 26.84
CA GLU K 48 14.39 43.01 26.22
C GLU K 48 13.85 44.05 27.19
N ASP K 49 12.72 43.74 27.82
CA ASP K 49 12.14 44.62 28.82
C ASP K 49 11.44 43.75 29.85
N ALA K 50 11.71 44.00 31.11
CA ALA K 50 11.21 43.14 32.17
C ALA K 50 10.05 43.79 32.90
N SER K 51 9.65 44.97 32.46
CA SER K 51 8.57 45.69 33.13
C SER K 51 7.31 45.76 32.27
N LYS K 52 7.45 45.55 30.96
CA LYS K 52 6.31 45.62 30.05
C LYS K 52 5.64 44.26 29.91
N ASP K 53 4.32 44.26 29.81
CA ASP K 53 3.54 43.03 29.65
C ASP K 53 3.86 42.29 28.36
N ILE K 54 3.60 40.98 28.37
CA ILE K 54 3.57 40.19 27.16
C ILE K 54 2.13 39.73 26.96
N SER K 55 1.65 39.74 25.73
CA SER K 55 0.30 39.31 25.46
C SER K 55 0.30 38.02 24.69
N LEU K 56 -0.24 36.97 25.28
CA LEU K 56 -0.30 35.67 24.66
C LEU K 56 -1.70 35.39 24.16
N TYR K 57 -1.88 35.43 22.84
CA TYR K 57 -3.17 35.06 22.29
C TYR K 57 -3.21 33.55 22.12
N ILE K 58 -4.33 32.95 22.48
CA ILE K 58 -4.48 31.50 22.46
C ILE K 58 -5.67 31.03 21.62
N ASN K 59 -5.36 30.21 20.64
CA ASN K 59 -6.35 29.54 19.83
C ASN K 59 -5.84 28.13 19.60
N SER K 60 -6.14 27.22 20.53
CA SER K 60 -5.46 25.95 20.60
C SER K 60 -6.40 24.87 21.09
N PRO K 61 -6.29 23.67 20.51
CA PRO K 61 -7.18 22.56 20.87
C PRO K 61 -6.71 21.80 22.08
N GLY K 62 -5.48 22.02 22.52
CA GLY K 62 -4.92 21.25 23.61
C GLY K 62 -3.60 20.69 23.15
N GLY K 63 -3.06 19.74 23.89
CA GLY K 63 -1.78 19.18 23.53
C GLY K 63 -1.07 18.50 24.66
N SER K 64 0.23 18.36 24.52
CA SER K 64 1.08 17.70 25.50
C SER K 64 1.15 18.46 26.81
N ILE K 65 1.02 17.76 27.93
CA ILE K 65 1.12 18.38 29.23
C ILE K 65 2.54 18.84 29.55
N SER K 66 3.55 18.07 29.14
CA SER K 66 4.93 18.44 29.44
C SER K 66 5.38 19.64 28.62
N ALA K 67 4.91 19.73 27.39
CA ALA K 67 5.17 20.91 26.59
C ALA K 67 4.47 22.09 27.25
N GLY K 68 3.27 21.84 27.78
CA GLY K 68 2.52 22.88 28.44
C GLY K 68 3.12 23.37 29.75
N MET K 69 3.85 22.50 30.45
CA MET K 69 4.50 22.89 31.70
C MET K 69 5.79 23.66 31.46
N ALA K 70 6.39 23.45 30.29
CA ALA K 70 7.51 24.26 29.90
C ALA K 70 7.03 25.67 29.68
N ILE K 71 5.88 25.81 29.05
CA ILE K 71 5.31 27.12 28.77
C ILE K 71 4.80 27.79 30.03
N TYR K 72 4.13 27.02 30.87
CA TYR K 72 3.53 27.56 32.08
C TYR K 72 4.61 28.04 33.02
N ASP K 73 5.60 27.21 33.28
CA ASP K 73 6.73 27.63 34.10
C ASP K 73 7.45 28.83 33.53
N THR K 74 7.62 28.87 32.22
CA THR K 74 8.33 29.99 31.63
C THR K 74 7.50 31.27 31.76
N MET K 75 6.18 31.15 31.74
CA MET K 75 5.28 32.30 31.98
C MET K 75 5.41 32.84 33.40
N VAL K 76 5.41 31.92 34.36
CA VAL K 76 5.46 32.26 35.77
C VAL K 76 6.79 32.83 36.21
N LEU K 77 7.89 32.30 35.69
CA LEU K 77 9.23 32.78 36.10
C LEU K 77 9.62 34.07 35.39
N ALA K 78 8.81 34.50 34.43
CA ALA K 78 9.08 35.75 33.76
C ALA K 78 8.87 36.92 34.71
N PRO K 79 9.71 37.96 34.59
CA PRO K 79 9.62 39.14 35.46
C PRO K 79 8.42 40.00 35.14
N CYS K 80 7.94 39.90 33.90
CA CYS K 80 6.81 40.71 33.46
C CYS K 80 5.52 39.92 33.49
N ASP K 81 4.40 40.63 33.51
CA ASP K 81 3.11 39.97 33.50
C ASP K 81 2.82 39.38 32.14
N ILE K 82 2.03 38.32 32.10
CA ILE K 82 1.62 37.69 30.86
C ILE K 82 0.11 37.81 30.73
N ALA K 83 -0.36 38.64 29.82
CA ALA K 83 -1.79 38.73 29.59
C ALA K 83 -2.20 37.64 28.61
N THR K 84 -3.18 36.82 28.98
CA THR K 84 -3.58 35.73 28.11
C THR K 84 -4.96 36.00 27.53
N TYR K 85 -5.09 35.82 26.23
CA TYR K 85 -6.33 36.10 25.51
C TYR K 85 -6.81 34.85 24.80
N ALA K 86 -8.05 34.48 25.03
CA ALA K 86 -8.62 33.33 24.39
C ALA K 86 -9.46 33.78 23.21
N MET K 87 -8.99 33.50 22.00
CA MET K 87 -9.76 33.83 20.81
C MET K 87 -10.10 32.55 20.09
N GLY K 88 -11.35 32.45 19.64
CA GLY K 88 -11.80 31.20 19.08
C GLY K 88 -11.95 30.11 20.11
N MET K 89 -10.86 29.42 20.43
CA MET K 89 -10.95 28.23 21.25
C MET K 89 -9.80 28.07 22.22
N ALA K 90 -10.09 27.86 23.50
CA ALA K 90 -9.04 27.55 24.46
C ALA K 90 -9.42 26.25 25.16
N ALA K 91 -8.86 25.15 24.68
CA ALA K 91 -9.29 23.84 25.13
C ALA K 91 -8.14 23.11 25.78
N SER K 92 -8.47 22.42 26.85
CA SER K 92 -7.54 21.55 27.53
C SER K 92 -6.30 22.27 27.98
N MET K 93 -5.15 21.92 27.42
CA MET K 93 -3.93 22.59 27.81
C MET K 93 -3.99 24.06 27.43
N GLY K 94 -4.81 24.40 26.47
CA GLY K 94 -4.98 25.79 26.10
C GLY K 94 -5.82 26.55 27.11
N GLU K 95 -6.72 25.84 27.77
CA GLU K 95 -7.52 26.44 28.83
C GLU K 95 -6.64 26.60 30.06
N PHE K 96 -5.78 25.61 30.28
CA PHE K 96 -4.86 25.61 31.39
C PHE K 96 -3.92 26.80 31.28
N LEU K 97 -3.37 27.00 30.10
CA LEU K 97 -2.46 28.11 29.91
C LEU K 97 -3.20 29.43 29.92
N LEU K 98 -4.46 29.43 29.54
CA LEU K 98 -5.25 30.64 29.58
C LEU K 98 -5.40 31.07 31.02
N ALA K 99 -5.81 30.13 31.86
CA ALA K 99 -6.09 30.42 33.24
C ALA K 99 -4.79 30.62 34.05
N ALA K 100 -3.65 30.32 33.45
CA ALA K 100 -2.39 30.51 34.14
C ALA K 100 -1.78 31.88 33.87
N GLY K 101 -2.50 32.72 33.12
CA GLY K 101 -2.03 34.06 32.84
C GLY K 101 -2.08 34.86 34.11
N THR K 102 -1.41 36.01 34.10
CA THR K 102 -1.36 36.87 35.27
C THR K 102 -2.75 37.31 35.70
N LYS K 103 -3.07 37.15 36.98
CA LYS K 103 -4.40 37.49 37.47
C LYS K 103 -4.73 38.95 37.20
N GLY K 104 -5.95 39.17 36.72
CA GLY K 104 -6.41 40.48 36.37
C GLY K 104 -6.23 40.73 34.90
N LYS K 105 -5.35 39.96 34.28
CA LYS K 105 -5.02 40.16 32.88
C LYS K 105 -5.34 38.93 32.04
N ARG K 106 -6.36 38.19 32.43
CA ARG K 106 -6.80 37.03 31.69
C ARG K 106 -8.11 37.37 30.98
N TYR K 107 -8.05 37.40 29.66
CA TYR K 107 -9.17 37.88 28.88
C TYR K 107 -9.75 36.79 28.01
N ALA K 108 -11.01 36.94 27.69
CA ALA K 108 -11.67 36.08 26.72
C ALA K 108 -12.34 36.96 25.71
N LEU K 109 -12.12 36.71 24.42
CA LEU K 109 -12.85 37.46 23.45
C LEU K 109 -14.27 36.94 23.52
N PRO K 110 -15.25 37.78 23.20
CA PRO K 110 -16.67 37.55 23.48
C PRO K 110 -17.19 36.19 23.04
N HIS K 111 -16.72 35.68 21.90
CA HIS K 111 -17.31 34.49 21.34
C HIS K 111 -16.38 33.27 21.39
N ALA K 112 -15.34 33.33 22.20
CA ALA K 112 -14.45 32.19 22.37
C ALA K 112 -15.11 31.14 23.22
N ARG K 113 -14.45 29.99 23.33
CA ARG K 113 -14.92 28.92 24.19
C ARG K 113 -13.79 28.21 24.88
N ILE K 114 -14.02 27.86 26.12
CA ILE K 114 -13.07 27.09 26.90
C ILE K 114 -13.59 25.66 27.03
N LEU K 115 -12.70 24.70 26.87
CA LEU K 115 -13.01 23.33 27.20
C LEU K 115 -12.11 22.89 28.33
N MET K 116 -12.68 22.35 29.40
CA MET K 116 -11.84 21.70 30.39
C MET K 116 -12.26 20.24 30.49
N HIS K 117 -11.27 19.38 30.64
CA HIS K 117 -11.53 17.97 30.78
C HIS K 117 -10.29 17.31 31.32
N GLN K 118 -10.35 16.01 31.59
CA GLN K 118 -9.23 15.34 32.22
C GLN K 118 -8.21 14.94 31.17
N PRO K 119 -7.04 14.51 31.62
CA PRO K 119 -5.98 14.08 30.71
C PRO K 119 -6.35 12.86 29.90
N LEU K 120 -5.66 12.65 28.78
CA LEU K 120 -5.81 11.46 27.96
C LEU K 120 -4.44 10.92 27.66
N GLY K 121 -4.32 9.61 27.52
CA GLY K 121 -3.04 9.02 27.17
C GLY K 121 -3.16 7.61 26.67
N GLY K 122 -2.11 6.81 26.89
CA GLY K 122 -2.12 5.43 26.48
C GLY K 122 -1.26 4.57 27.36
N VAL K 123 -1.61 3.29 27.45
CA VAL K 123 -0.79 2.32 28.16
C VAL K 123 -0.24 1.29 27.17
N THR K 124 0.98 0.84 27.43
CA THR K 124 1.65 -0.06 26.53
C THR K 124 2.82 -0.66 27.26
N GLY K 125 3.13 -1.91 26.92
CA GLY K 125 4.29 -2.55 27.48
C GLY K 125 3.87 -3.67 28.40
N SER K 126 4.84 -4.19 29.15
CA SER K 126 4.56 -5.23 30.11
C SER K 126 3.73 -4.70 31.25
N ALA K 127 3.08 -5.61 31.97
CA ALA K 127 2.26 -5.28 33.12
C ALA K 127 3.02 -4.47 34.16
N ALA K 128 4.33 -4.72 34.30
CA ALA K 128 5.16 -3.96 35.22
C ALA K 128 5.48 -2.58 34.67
N ASP K 129 5.48 -2.41 33.36
CA ASP K 129 5.67 -1.09 32.79
C ASP K 129 4.36 -0.34 32.80
N ILE K 130 3.24 -1.05 32.87
CA ILE K 130 1.94 -0.40 32.83
C ILE K 130 1.54 0.05 34.22
N ALA K 131 2.08 -0.60 35.23
CA ALA K 131 1.83 -0.16 36.59
C ALA K 131 2.48 1.19 36.82
N ILE K 132 3.73 1.33 36.39
CA ILE K 132 4.43 2.60 36.48
C ILE K 132 3.70 3.70 35.74
N GLN K 133 3.21 3.41 34.55
CA GLN K 133 2.48 4.40 33.78
C GLN K 133 1.23 4.83 34.51
N ALA K 134 0.60 3.92 35.22
CA ALA K 134 -0.61 4.24 35.95
C ALA K 134 -0.33 5.08 37.19
N GLU K 135 0.75 4.78 37.91
CA GLU K 135 1.16 5.61 39.04
C GLU K 135 1.21 7.08 38.64
N GLN K 136 1.72 7.33 37.44
CA GLN K 136 1.87 8.68 36.95
C GLN K 136 0.55 9.26 36.53
N PHE K 137 -0.32 8.44 35.98
CA PHE K 137 -1.67 8.87 35.68
C PHE K 137 -2.32 9.52 36.90
N ALA K 138 -2.22 8.88 38.05
CA ALA K 138 -2.94 9.33 39.24
C ALA K 138 -2.32 10.59 39.79
N VAL K 139 -0.99 10.61 39.77
CA VAL K 139 -0.21 11.77 40.18
C VAL K 139 -0.55 12.98 39.35
N ILE K 140 -0.34 12.85 38.05
CA ILE K 140 -0.48 13.94 37.11
C ILE K 140 -1.89 14.51 37.10
N LYS K 141 -2.88 13.66 37.15
CA LYS K 141 -4.25 14.11 37.14
C LYS K 141 -4.55 14.86 38.43
N LYS K 142 -3.90 14.43 39.50
CA LYS K 142 -4.05 15.02 40.81
C LYS K 142 -3.46 16.40 40.79
N GLU K 143 -2.29 16.53 40.22
CA GLU K 143 -1.61 17.82 40.19
C GLU K 143 -2.23 18.78 39.20
N MET K 144 -2.82 18.26 38.13
CA MET K 144 -3.44 19.12 37.14
C MET K 144 -4.72 19.75 37.67
N PHE K 145 -5.51 18.97 38.40
CA PHE K 145 -6.71 19.50 39.02
C PHE K 145 -6.38 20.56 40.07
N ARG K 146 -5.34 20.32 40.87
CA ARG K 146 -4.90 21.29 41.86
C ARG K 146 -4.48 22.61 41.24
N LEU K 147 -3.90 22.56 40.04
CA LEU K 147 -3.48 23.77 39.39
C LEU K 147 -4.67 24.50 38.81
N ASN K 148 -5.58 23.78 38.17
CA ASN K 148 -6.79 24.45 37.70
C ASN K 148 -7.60 25.06 38.85
N ALA K 149 -7.70 24.35 39.97
CA ALA K 149 -8.40 24.84 41.15
C ALA K 149 -7.85 26.17 41.64
N GLU K 150 -6.54 26.33 41.59
CA GLU K 150 -5.92 27.57 42.00
C GLU K 150 -6.29 28.72 41.07
N PHE K 151 -6.18 28.49 39.76
CA PHE K 151 -6.49 29.49 38.75
C PHE K 151 -7.91 30.00 38.83
N THR K 152 -8.81 29.09 39.14
CA THR K 152 -10.25 29.36 39.10
C THR K 152 -10.85 29.72 40.44
N GLY K 153 -10.19 29.30 41.52
CA GLY K 153 -10.76 29.49 42.84
C GLY K 153 -11.85 28.48 43.14
N GLN K 154 -11.99 27.50 42.27
CA GLN K 154 -12.95 26.43 42.47
C GLN K 154 -12.34 25.36 43.35
N PRO K 155 -13.17 24.62 44.07
CA PRO K 155 -12.79 23.44 44.84
C PRO K 155 -12.32 22.29 43.96
N ILE K 156 -11.23 21.63 44.34
CA ILE K 156 -10.73 20.47 43.61
C ILE K 156 -11.83 19.45 43.34
N GLU K 157 -12.81 19.37 44.25
CA GLU K 157 -13.87 18.40 44.11
C GLU K 157 -14.77 18.75 42.94
N ARG K 158 -14.88 20.04 42.65
CA ARG K 158 -15.68 20.49 41.53
C ARG K 158 -14.91 20.44 40.22
N ILE K 159 -13.62 20.76 40.26
CA ILE K 159 -12.78 20.64 39.08
C ILE K 159 -12.85 19.22 38.58
N GLU K 160 -12.52 18.28 39.45
CA GLU K 160 -12.47 16.89 39.09
C GLU K 160 -13.78 16.35 38.50
N ALA K 161 -14.89 16.74 39.09
CA ALA K 161 -16.19 16.29 38.60
C ALA K 161 -16.54 16.97 37.28
N ASP K 162 -16.21 18.24 37.16
CA ASP K 162 -16.49 18.95 35.92
C ASP K 162 -15.54 18.55 34.81
N SER K 163 -14.42 17.93 35.18
CA SER K 163 -13.42 17.54 34.20
C SER K 163 -13.57 16.11 33.73
N ASP K 164 -14.27 15.29 34.50
CA ASP K 164 -14.45 13.88 34.19
C ASP K 164 -14.77 13.63 32.72
N ARG K 165 -15.67 14.44 32.18
CA ARG K 165 -16.00 14.43 30.76
C ARG K 165 -16.06 15.87 30.30
N ASP K 166 -15.86 16.11 29.01
CA ASP K 166 -15.75 17.47 28.48
C ASP K 166 -16.81 18.43 28.99
N ARG K 167 -16.36 19.58 29.45
CA ARG K 167 -17.29 20.65 29.80
C ARG K 167 -16.94 21.87 28.99
N TRP K 168 -17.94 22.40 28.29
CA TRP K 168 -17.72 23.56 27.44
C TRP K 168 -18.23 24.82 28.10
N PHE K 169 -17.39 25.85 28.12
CA PHE K 169 -17.77 27.11 28.67
C PHE K 169 -17.85 28.15 27.57
N THR K 170 -18.85 29.00 27.62
CA THR K 170 -18.88 30.19 26.78
C THR K 170 -18.01 31.26 27.43
N ALA K 171 -17.78 32.36 26.73
CA ALA K 171 -16.98 33.44 27.29
C ALA K 171 -17.55 33.87 28.64
N ALA K 172 -18.87 34.02 28.70
CA ALA K 172 -19.54 34.43 29.92
C ALA K 172 -19.45 33.37 31.01
N GLU K 173 -19.73 32.11 30.66
CA GLU K 173 -19.65 31.03 31.64
C GLU K 173 -18.23 30.86 32.18
N ALA K 174 -17.23 31.04 31.33
CA ALA K 174 -15.85 30.91 31.73
C ALA K 174 -15.46 31.98 32.74
N LEU K 175 -15.94 33.19 32.52
CA LEU K 175 -15.71 34.29 33.45
C LEU K 175 -16.23 33.98 34.85
N GLU K 176 -17.42 33.40 34.95
CA GLU K 176 -17.99 33.07 36.23
C GLU K 176 -17.30 31.87 36.87
N TYR K 177 -16.73 30.99 36.06
CA TYR K 177 -16.07 29.81 36.60
C TYR K 177 -14.69 30.18 37.13
N GLY K 178 -14.08 31.19 36.52
CA GLY K 178 -12.81 31.67 37.00
C GLY K 178 -11.63 31.51 36.06
N PHE K 179 -11.89 31.09 34.83
CA PHE K 179 -10.80 30.92 33.88
C PHE K 179 -10.27 32.27 33.43
N VAL K 180 -11.14 33.27 33.37
CA VAL K 180 -10.73 34.60 32.96
C VAL K 180 -11.23 35.64 33.93
N ASP K 181 -10.68 36.85 33.83
CA ASP K 181 -11.04 37.92 34.72
C ASP K 181 -11.95 38.91 34.02
N HIS K 182 -11.93 38.91 32.69
CA HIS K 182 -12.69 39.87 31.92
C HIS K 182 -13.11 39.32 30.58
N ILE K 183 -14.15 39.91 30.01
CA ILE K 183 -14.55 39.64 28.64
C ILE K 183 -14.37 40.93 27.84
N ILE K 184 -13.50 40.87 26.84
CA ILE K 184 -13.14 42.05 26.06
C ILE K 184 -14.26 42.52 25.15
N THR K 185 -14.47 43.83 25.13
CA THR K 185 -15.46 44.43 24.25
C THR K 185 -14.79 45.56 23.46
N LEU L 10 19.87 26.97 -4.27
CA LEU L 10 20.19 28.14 -5.07
C LEU L 10 21.66 28.17 -5.48
N THR L 11 22.17 27.05 -5.96
CA THR L 11 23.46 27.06 -6.62
C THR L 11 23.24 27.42 -8.06
N ASP L 12 22.05 27.14 -8.54
CA ASP L 12 21.65 27.54 -9.88
C ASP L 12 21.20 29.00 -9.86
N SER L 13 22.12 29.82 -9.35
CA SER L 13 22.20 31.25 -9.61
C SER L 13 23.17 31.42 -10.76
N VAL L 14 23.73 30.29 -11.18
CA VAL L 14 24.46 30.21 -12.42
C VAL L 14 23.56 30.70 -13.55
N TYR L 15 22.30 30.33 -13.47
CA TYR L 15 21.34 30.61 -14.52
C TYR L 15 21.02 32.07 -14.60
N GLU L 16 21.23 32.80 -13.51
CA GLU L 16 21.00 34.24 -13.51
C GLU L 16 22.16 35.02 -14.11
N ARG L 17 23.37 34.67 -13.72
CA ARG L 17 24.53 35.29 -14.32
C ARG L 17 24.58 34.95 -15.81
N LEU L 18 24.16 33.75 -16.15
CA LEU L 18 24.03 33.37 -17.55
C LEU L 18 22.93 34.14 -18.23
N LEU L 19 21.92 34.53 -17.49
CA LEU L 19 20.84 35.33 -18.05
C LEU L 19 21.33 36.73 -18.43
N SER L 20 22.41 37.16 -17.80
CA SER L 20 23.00 38.45 -18.10
C SER L 20 23.74 38.39 -19.42
N GLU L 21 24.24 37.21 -19.76
CA GLU L 21 24.92 36.98 -21.03
C GLU L 21 23.90 36.55 -22.10
N ARG L 22 22.62 36.68 -21.78
CA ARG L 22 21.55 36.34 -22.70
C ARG L 22 21.54 34.86 -23.09
N ILE L 23 21.80 33.99 -22.11
CA ILE L 23 21.72 32.55 -22.32
C ILE L 23 20.61 31.94 -21.49
N ILE L 24 19.81 31.08 -22.12
CA ILE L 24 18.75 30.39 -21.40
C ILE L 24 18.75 28.93 -21.81
N PHE L 25 18.37 28.05 -20.89
CA PHE L 25 18.39 26.61 -21.14
C PHE L 25 17.00 26.04 -21.19
N LEU L 26 16.84 25.00 -22.00
CA LEU L 26 15.67 24.15 -21.92
C LEU L 26 16.21 22.77 -21.62
N GLY L 27 16.41 22.50 -20.33
CA GLY L 27 17.20 21.36 -19.92
C GLY L 27 16.45 20.16 -19.39
N SER L 28 15.12 20.20 -19.48
CA SER L 28 14.30 19.08 -19.01
C SER L 28 13.13 18.92 -19.94
N GLU L 29 12.22 18.02 -19.59
CA GLU L 29 11.03 17.83 -20.41
C GLU L 29 10.25 19.12 -20.45
N VAL L 30 9.58 19.36 -21.57
CA VAL L 30 8.83 20.59 -21.76
C VAL L 30 7.43 20.47 -21.16
N ASN L 31 7.22 21.07 -20.00
CA ASN L 31 5.90 21.11 -19.43
C ASN L 31 5.51 22.56 -19.29
N ASP L 32 4.31 22.84 -18.79
CA ASP L 32 3.83 24.21 -18.73
C ASP L 32 4.72 25.12 -17.92
N GLU L 33 5.24 24.61 -16.81
CA GLU L 33 6.05 25.44 -15.93
C GLU L 33 7.33 25.90 -16.60
N ILE L 34 8.03 24.97 -17.24
CA ILE L 34 9.24 25.30 -18.00
C ILE L 34 8.91 26.23 -19.15
N ALA L 35 7.79 26.01 -19.81
CA ALA L 35 7.44 26.88 -20.92
C ALA L 35 7.15 28.29 -20.44
N ASN L 36 6.53 28.42 -19.29
CA ASN L 36 6.20 29.75 -18.82
C ASN L 36 7.43 30.46 -18.30
N ARG L 37 8.42 29.72 -17.81
CA ARG L 37 9.66 30.33 -17.40
C ARG L 37 10.41 30.78 -18.63
N LEU L 38 10.51 29.87 -19.59
CA LEU L 38 11.23 30.11 -20.82
C LEU L 38 10.66 31.29 -21.57
N CYS L 39 9.34 31.34 -21.67
CA CYS L 39 8.67 32.47 -22.30
C CYS L 39 9.01 33.75 -21.59
N ALA L 40 8.69 33.81 -20.31
CA ALA L 40 9.06 34.94 -19.47
C ALA L 40 10.49 35.40 -19.74
N GLN L 41 11.46 34.49 -19.68
CA GLN L 41 12.85 34.84 -19.89
C GLN L 41 13.07 35.54 -21.22
N ILE L 42 12.38 35.07 -22.26
CA ILE L 42 12.54 35.62 -23.59
C ILE L 42 11.86 36.98 -23.66
N LEU L 43 10.72 37.11 -22.99
CA LEU L 43 10.03 38.39 -22.85
C LEU L 43 10.88 39.42 -22.11
N LEU L 44 11.57 38.97 -21.07
CA LEU L 44 12.51 39.83 -20.37
C LEU L 44 13.66 40.30 -21.24
N LEU L 45 14.36 39.36 -21.87
CA LEU L 45 15.54 39.71 -22.64
C LEU L 45 15.23 40.65 -23.79
N ALA L 46 14.03 40.55 -24.34
CA ALA L 46 13.63 41.38 -25.46
C ALA L 46 13.38 42.80 -25.01
N ALA L 47 12.80 42.96 -23.82
CA ALA L 47 12.59 44.28 -23.24
C ALA L 47 13.91 44.99 -22.96
N GLU L 48 14.92 44.23 -22.58
CA GLU L 48 16.26 44.78 -22.32
C GLU L 48 16.97 45.23 -23.59
N ASP L 49 17.18 44.29 -24.51
CA ASP L 49 17.78 44.59 -25.79
C ASP L 49 17.02 43.85 -26.86
N ALA L 50 16.48 44.59 -27.81
CA ALA L 50 15.68 43.99 -28.87
C ALA L 50 16.49 43.81 -30.15
N SER L 51 17.81 43.79 -30.01
CA SER L 51 18.69 43.67 -31.16
C SER L 51 19.85 42.72 -30.90
N LYS L 52 19.97 42.23 -29.67
CA LYS L 52 21.01 41.26 -29.36
C LYS L 52 20.45 39.86 -29.32
N ASP L 53 21.21 38.90 -29.87
CA ASP L 53 20.76 37.52 -29.94
C ASP L 53 20.50 36.92 -28.58
N ILE L 54 19.65 35.90 -28.58
CA ILE L 54 19.40 35.08 -27.42
C ILE L 54 19.92 33.69 -27.69
N SER L 55 20.61 33.09 -26.74
CA SER L 55 21.10 31.74 -26.97
C SER L 55 20.29 30.71 -26.20
N LEU L 56 19.64 29.81 -26.92
CA LEU L 56 18.88 28.79 -26.25
C LEU L 56 19.63 27.49 -26.33
N TYR L 57 20.07 26.99 -25.19
CA TYR L 57 20.67 25.67 -25.17
C TYR L 57 19.61 24.63 -24.83
N ILE L 58 19.61 23.53 -25.57
CA ILE L 58 18.55 22.56 -25.47
C ILE L 58 19.11 21.19 -25.14
N ASN L 59 18.57 20.57 -24.11
CA ASN L 59 18.90 19.20 -23.74
C ASN L 59 17.66 18.59 -23.13
N SER L 60 16.72 18.21 -23.98
CA SER L 60 15.37 17.93 -23.56
C SER L 60 14.87 16.68 -24.24
N PRO L 61 14.06 15.87 -23.54
CA PRO L 61 13.43 14.67 -24.07
C PRO L 61 12.08 14.90 -24.73
N GLY L 62 11.61 16.14 -24.73
CA GLY L 62 10.34 16.44 -25.35
C GLY L 62 9.35 16.87 -24.30
N GLY L 63 8.08 16.90 -24.65
CA GLY L 63 7.07 17.41 -23.74
C GLY L 63 5.81 17.79 -24.47
N SER L 64 4.93 18.55 -23.82
CA SER L 64 3.62 18.77 -24.39
C SER L 64 3.71 19.74 -25.54
N ILE L 65 2.88 19.53 -26.54
CA ILE L 65 2.87 20.35 -27.72
C ILE L 65 2.37 21.75 -27.42
N SER L 66 1.36 21.85 -26.57
CA SER L 66 0.86 23.16 -26.19
C SER L 66 1.90 23.98 -25.46
N ALA L 67 2.72 23.33 -24.64
CA ALA L 67 3.72 24.02 -23.84
C ALA L 67 4.83 24.56 -24.70
N GLY L 68 5.22 23.79 -25.71
CA GLY L 68 6.25 24.22 -26.61
C GLY L 68 5.76 25.14 -27.71
N MET L 69 4.45 25.23 -27.92
CA MET L 69 3.91 26.17 -28.89
C MET L 69 3.92 27.56 -28.26
N ALA L 70 3.83 27.61 -26.95
CA ALA L 70 4.01 28.87 -26.24
C ALA L 70 5.41 29.38 -26.47
N ILE L 71 6.40 28.50 -26.33
CA ILE L 71 7.80 28.86 -26.56
C ILE L 71 8.04 29.23 -28.01
N TYR L 72 7.60 28.37 -28.92
CA TYR L 72 7.80 28.60 -30.34
C TYR L 72 7.26 29.94 -30.79
N ASP L 73 6.02 30.27 -30.42
CA ASP L 73 5.46 31.57 -30.74
C ASP L 73 6.26 32.70 -30.14
N THR L 74 6.78 32.45 -28.94
CA THR L 74 7.53 33.46 -28.24
C THR L 74 8.91 33.65 -28.85
N MET L 75 9.50 32.56 -29.30
CA MET L 75 10.75 32.64 -30.05
C MET L 75 10.57 33.48 -31.29
N VAL L 76 9.50 33.22 -32.01
CA VAL L 76 9.24 33.84 -33.31
C VAL L 76 8.80 35.30 -33.21
N LEU L 77 7.92 35.63 -32.28
CA LEU L 77 7.47 37.00 -32.16
C LEU L 77 8.55 37.94 -31.63
N ALA L 78 9.64 37.35 -31.12
CA ALA L 78 10.70 38.12 -30.49
C ALA L 78 11.46 38.99 -31.48
N PRO L 79 11.74 40.23 -31.10
CA PRO L 79 12.55 41.17 -31.89
C PRO L 79 13.86 40.57 -32.35
N CYS L 80 14.60 40.00 -31.41
CA CYS L 80 15.93 39.48 -31.70
C CYS L 80 15.89 38.04 -32.16
N ASP L 81 16.98 37.61 -32.77
CA ASP L 81 17.15 36.23 -33.18
C ASP L 81 17.36 35.33 -31.97
N ILE L 82 16.84 34.13 -32.07
CA ILE L 82 17.07 33.10 -31.07
C ILE L 82 17.99 32.08 -31.69
N ALA L 83 19.23 32.01 -31.24
CA ALA L 83 20.11 30.97 -31.69
C ALA L 83 19.83 29.74 -30.85
N THR L 84 19.70 28.58 -31.47
CA THR L 84 19.42 27.40 -30.69
C THR L 84 20.60 26.45 -30.75
N TYR L 85 20.96 25.87 -29.60
CA TYR L 85 22.06 24.93 -29.52
C TYR L 85 21.55 23.57 -29.04
N ALA L 86 21.90 22.52 -29.75
CA ALA L 86 21.48 21.19 -29.36
C ALA L 86 22.59 20.55 -28.59
N MET L 87 22.38 20.48 -27.28
CA MET L 87 23.40 20.07 -26.33
C MET L 87 23.01 18.75 -25.71
N GLY L 88 23.76 17.69 -26.00
CA GLY L 88 23.43 16.40 -25.45
C GLY L 88 22.37 15.66 -26.24
N MET L 89 21.12 16.10 -26.13
CA MET L 89 20.06 15.53 -26.94
C MET L 89 18.86 16.46 -27.05
N ALA L 90 18.28 16.49 -28.25
CA ALA L 90 17.12 17.33 -28.53
C ALA L 90 16.08 16.46 -29.21
N ALA L 91 15.06 16.09 -28.47
CA ALA L 91 14.08 15.11 -28.91
C ALA L 91 12.67 15.67 -28.85
N SER L 92 11.85 15.29 -29.83
CA SER L 92 10.45 15.70 -29.85
C SER L 92 10.38 17.23 -29.80
N MET L 93 9.70 17.82 -28.83
CA MET L 93 9.63 19.27 -28.81
C MET L 93 11.00 19.89 -28.64
N GLY L 94 12.00 19.11 -28.27
CA GLY L 94 13.35 19.63 -28.22
C GLY L 94 13.91 19.84 -29.62
N GLU L 95 13.67 18.86 -30.49
CA GLU L 95 14.03 18.94 -31.90
C GLU L 95 13.23 19.99 -32.63
N PHE L 96 11.92 20.02 -32.39
CA PHE L 96 11.06 21.01 -33.01
C PHE L 96 11.51 22.42 -32.63
N LEU L 97 11.90 22.62 -31.38
CA LEU L 97 12.28 23.94 -30.93
C LEU L 97 13.68 24.31 -31.37
N LEU L 98 14.57 23.33 -31.48
CA LEU L 98 15.91 23.57 -31.98
C LEU L 98 15.85 23.98 -33.44
N ALA L 99 15.02 23.28 -34.21
CA ALA L 99 14.85 23.56 -35.62
C ALA L 99 14.00 24.81 -35.85
N ALA L 100 13.49 25.40 -34.79
CA ALA L 100 12.65 26.57 -34.92
C ALA L 100 13.45 27.85 -34.68
N GLY L 101 14.72 27.69 -34.38
CA GLY L 101 15.60 28.82 -34.18
C GLY L 101 15.87 29.57 -35.46
N THR L 102 16.32 30.81 -35.31
CA THR L 102 16.57 31.70 -36.43
C THR L 102 17.47 31.06 -37.47
N LYS L 103 17.00 31.00 -38.71
CA LYS L 103 17.77 30.34 -39.76
C LYS L 103 19.13 31.01 -39.89
N GLY L 104 20.17 30.20 -39.88
CA GLY L 104 21.52 30.67 -39.82
C GLY L 104 22.13 30.39 -38.47
N LYS L 105 21.29 30.31 -37.45
CA LYS L 105 21.74 30.27 -36.08
C LYS L 105 21.26 29.05 -35.30
N ARG L 106 21.00 27.95 -36.01
CA ARG L 106 20.66 26.69 -35.35
C ARG L 106 21.89 25.81 -35.29
N TYR L 107 22.39 25.55 -34.08
CA TYR L 107 23.62 24.80 -33.92
C TYR L 107 23.43 23.46 -33.24
N ALA L 108 24.34 22.55 -33.49
CA ALA L 108 24.34 21.26 -32.84
C ALA L 108 25.74 20.96 -32.35
N LEU L 109 25.88 20.60 -31.09
CA LEU L 109 27.19 20.25 -30.62
C LEU L 109 27.56 18.94 -31.30
N PRO L 110 28.86 18.63 -31.37
CA PRO L 110 29.36 17.53 -32.18
C PRO L 110 28.83 16.14 -31.82
N HIS L 111 28.51 15.90 -30.56
CA HIS L 111 28.05 14.58 -30.19
C HIS L 111 26.62 14.63 -29.70
N ALA L 112 25.93 15.72 -30.03
CA ALA L 112 24.52 15.84 -29.75
C ALA L 112 23.76 14.86 -30.60
N ARG L 113 22.50 14.65 -30.27
CA ARG L 113 21.70 13.70 -31.01
C ARG L 113 20.26 14.16 -31.09
N ILE L 114 19.64 14.00 -32.26
CA ILE L 114 18.28 14.50 -32.46
C ILE L 114 17.31 13.37 -32.66
N LEU L 115 16.14 13.47 -32.05
CA LEU L 115 15.07 12.52 -32.31
C LEU L 115 13.82 13.26 -32.81
N MET L 116 13.30 12.84 -33.96
CA MET L 116 11.98 13.27 -34.35
C MET L 116 11.05 12.07 -34.42
N HIS L 117 9.80 12.27 -34.04
CA HIS L 117 8.79 11.23 -34.14
C HIS L 117 7.42 11.88 -34.03
N GLN L 118 6.37 11.11 -34.26
CA GLN L 118 5.03 11.69 -34.27
C GLN L 118 4.56 11.90 -32.85
N PRO L 119 3.48 12.65 -32.67
CA PRO L 119 2.98 12.94 -31.33
C PRO L 119 2.43 11.70 -30.64
N LEU L 120 2.41 11.69 -29.31
CA LEU L 120 1.76 10.65 -28.53
C LEU L 120 0.70 11.24 -27.64
N GLY L 121 -0.25 10.44 -27.24
CA GLY L 121 -1.27 10.90 -26.32
C GLY L 121 -2.12 9.77 -25.81
N GLY L 122 -3.38 10.07 -25.57
CA GLY L 122 -4.29 9.06 -25.08
C GLY L 122 -5.70 9.43 -25.42
N VAL L 123 -6.55 8.42 -25.51
CA VAL L 123 -7.97 8.64 -25.72
C VAL L 123 -8.72 8.16 -24.49
N THR L 124 -9.88 8.74 -24.24
CA THR L 124 -10.66 8.32 -23.10
C THR L 124 -12.03 8.97 -23.10
N GLY L 125 -13.01 8.26 -22.57
CA GLY L 125 -14.35 8.82 -22.46
C GLY L 125 -15.34 8.14 -23.35
N SER L 126 -16.45 8.81 -23.61
CA SER L 126 -17.48 8.27 -24.49
C SER L 126 -17.01 8.19 -25.94
N ALA L 127 -17.70 7.38 -26.73
CA ALA L 127 -17.43 7.28 -28.16
C ALA L 127 -17.45 8.64 -28.83
N ALA L 128 -18.41 9.47 -28.44
CA ALA L 128 -18.57 10.80 -29.02
C ALA L 128 -17.47 11.77 -28.59
N ASP L 129 -16.95 11.60 -27.39
CA ASP L 129 -15.85 12.43 -26.92
C ASP L 129 -14.53 12.02 -27.59
N ILE L 130 -14.39 10.74 -27.89
CA ILE L 130 -13.19 10.23 -28.56
C ILE L 130 -13.15 10.63 -30.03
N ALA L 131 -14.31 10.81 -30.64
CA ALA L 131 -14.34 11.26 -32.02
C ALA L 131 -13.65 12.60 -32.13
N ILE L 132 -14.00 13.51 -31.23
CA ILE L 132 -13.42 14.84 -31.20
C ILE L 132 -11.93 14.82 -30.90
N GLN L 133 -11.52 13.97 -29.97
CA GLN L 133 -10.12 13.83 -29.65
C GLN L 133 -9.34 13.39 -30.87
N ALA L 134 -9.89 12.44 -31.62
CA ALA L 134 -9.23 11.96 -32.83
C ALA L 134 -9.19 13.04 -33.91
N GLU L 135 -10.26 13.82 -34.01
CA GLU L 135 -10.28 14.96 -34.91
C GLU L 135 -9.10 15.87 -34.65
N GLN L 136 -8.69 15.98 -33.38
CA GLN L 136 -7.55 16.82 -33.03
C GLN L 136 -6.22 16.14 -33.29
N PHE L 137 -6.16 14.84 -33.12
CA PHE L 137 -4.95 14.11 -33.45
C PHE L 137 -4.55 14.36 -34.90
N ALA L 138 -5.52 14.36 -35.79
CA ALA L 138 -5.25 14.52 -37.21
C ALA L 138 -4.74 15.92 -37.51
N VAL L 139 -5.49 16.92 -37.07
CA VAL L 139 -5.15 18.31 -37.29
C VAL L 139 -3.76 18.65 -36.77
N ILE L 140 -3.45 18.21 -35.56
CA ILE L 140 -2.21 18.55 -34.90
C ILE L 140 -1.04 17.82 -35.54
N LYS L 141 -1.27 16.58 -35.93
CA LYS L 141 -0.27 15.80 -36.63
C LYS L 141 0.11 16.46 -37.95
N LYS L 142 -0.89 16.92 -38.70
CA LYS L 142 -0.61 17.55 -39.97
C LYS L 142 0.17 18.83 -39.74
N GLU L 143 -0.22 19.55 -38.70
CA GLU L 143 0.36 20.85 -38.40
C GLU L 143 1.81 20.78 -37.93
N MET L 144 2.18 19.73 -37.22
CA MET L 144 3.55 19.62 -36.75
C MET L 144 4.48 19.17 -37.86
N PHE L 145 3.96 18.38 -38.79
CA PHE L 145 4.75 17.96 -39.93
C PHE L 145 5.00 19.12 -40.88
N ARG L 146 3.96 19.93 -41.10
CA ARG L 146 4.09 21.10 -41.93
C ARG L 146 5.21 21.96 -41.40
N LEU L 147 5.13 22.25 -40.11
CA LEU L 147 6.13 23.07 -39.46
C LEU L 147 7.50 22.45 -39.52
N ASN L 148 7.59 21.14 -39.32
CA ASN L 148 8.88 20.49 -39.40
C ASN L 148 9.44 20.48 -40.82
N ALA L 149 8.55 20.45 -41.82
CA ALA L 149 9.01 20.50 -43.19
C ALA L 149 9.51 21.90 -43.52
N GLU L 150 8.82 22.91 -43.01
CA GLU L 150 9.22 24.28 -43.21
C GLU L 150 10.57 24.58 -42.54
N PHE L 151 10.81 23.99 -41.39
CA PHE L 151 12.07 24.18 -40.67
C PHE L 151 13.23 23.52 -41.39
N THR L 152 13.03 22.26 -41.75
CA THR L 152 14.08 21.40 -42.27
C THR L 152 14.30 21.52 -43.77
N GLY L 153 13.28 21.98 -44.48
CA GLY L 153 13.33 22.01 -45.92
C GLY L 153 13.00 20.69 -46.57
N GLN L 154 12.77 19.64 -45.78
CA GLN L 154 12.38 18.34 -46.33
C GLN L 154 10.90 18.35 -46.74
N PRO L 155 10.52 17.49 -47.68
CA PRO L 155 9.09 17.45 -48.02
C PRO L 155 8.23 16.76 -46.95
N ILE L 156 6.99 17.23 -46.81
CA ILE L 156 6.07 16.74 -45.79
C ILE L 156 5.85 15.24 -45.86
N GLU L 157 6.02 14.65 -47.03
CA GLU L 157 5.83 13.21 -47.19
C GLU L 157 6.98 12.46 -46.56
N ARG L 158 8.13 13.13 -46.44
CA ARG L 158 9.29 12.52 -45.84
C ARG L 158 9.29 12.73 -44.34
N ILE L 159 8.82 13.91 -43.92
CA ILE L 159 8.67 14.17 -42.51
C ILE L 159 7.72 13.14 -41.92
N GLU L 160 6.57 12.99 -42.54
CA GLU L 160 5.57 12.04 -42.07
C GLU L 160 6.06 10.59 -42.10
N ALA L 161 6.86 10.24 -43.10
CA ALA L 161 7.34 8.88 -43.24
C ALA L 161 8.45 8.55 -42.26
N ASP L 162 9.27 9.56 -41.95
CA ASP L 162 10.37 9.38 -41.01
C ASP L 162 9.89 9.43 -39.57
N SER L 163 8.79 10.14 -39.35
CA SER L 163 8.28 10.38 -38.03
C SER L 163 7.42 9.24 -37.47
N ASP L 164 7.02 8.32 -38.33
CA ASP L 164 6.16 7.23 -37.93
C ASP L 164 6.69 6.55 -36.67
N ARG L 165 7.92 6.09 -36.73
CA ARG L 165 8.58 5.61 -35.53
C ARG L 165 9.78 6.48 -35.28
N ASP L 166 10.35 6.37 -34.09
CA ASP L 166 11.51 7.16 -33.72
C ASP L 166 12.58 7.14 -34.79
N ARG L 167 13.06 8.31 -35.18
CA ARG L 167 14.22 8.38 -36.03
C ARG L 167 15.30 9.21 -35.37
N TRP L 168 16.41 8.57 -35.09
CA TRP L 168 17.56 9.22 -34.48
C TRP L 168 18.53 9.78 -35.51
N PHE L 169 19.03 10.98 -35.24
CA PHE L 169 20.03 11.60 -36.07
C PHE L 169 21.27 11.91 -35.25
N THR L 170 22.45 11.63 -35.78
CA THR L 170 23.66 12.11 -35.14
C THR L 170 23.79 13.58 -35.49
N ALA L 171 24.74 14.28 -34.90
CA ALA L 171 24.93 15.68 -35.20
C ALA L 171 25.13 15.86 -36.70
N ALA L 172 25.92 15.00 -37.31
CA ALA L 172 26.21 15.11 -38.72
C ALA L 172 24.96 14.91 -39.58
N GLU L 173 24.14 13.92 -39.25
CA GLU L 173 22.93 13.61 -40.02
C GLU L 173 21.82 14.64 -39.80
N ALA L 174 21.84 15.32 -38.67
CA ALA L 174 20.86 16.37 -38.43
C ALA L 174 21.17 17.61 -39.24
N LEU L 175 22.44 17.86 -39.46
CA LEU L 175 22.87 18.95 -40.33
C LEU L 175 22.50 18.69 -41.77
N GLU L 176 22.63 17.45 -42.22
CA GLU L 176 22.28 17.08 -43.59
C GLU L 176 20.77 17.05 -43.79
N TYR L 177 20.04 16.87 -42.70
CA TYR L 177 18.60 16.69 -42.78
C TYR L 177 17.95 18.04 -42.83
N GLY L 178 18.54 19.00 -42.14
CA GLY L 178 18.01 20.35 -42.11
C GLY L 178 17.64 20.84 -40.71
N PHE L 179 17.87 20.01 -39.70
CA PHE L 179 17.50 20.42 -38.35
C PHE L 179 18.36 21.56 -37.84
N VAL L 180 19.64 21.55 -38.21
CA VAL L 180 20.57 22.61 -37.83
C VAL L 180 21.23 23.21 -39.05
N ASP L 181 21.88 24.34 -38.82
CA ASP L 181 22.58 25.05 -39.85
C ASP L 181 24.07 24.84 -39.70
N HIS L 182 24.51 24.54 -38.49
CA HIS L 182 25.93 24.40 -38.23
C HIS L 182 26.24 23.36 -37.18
N ILE L 183 27.48 22.89 -37.18
CA ILE L 183 28.00 22.07 -36.10
C ILE L 183 29.18 22.79 -35.47
N ILE L 184 29.05 23.16 -34.21
CA ILE L 184 30.13 23.87 -33.51
C ILE L 184 31.33 22.98 -33.29
N THR L 185 32.52 23.53 -33.49
CA THR L 185 33.75 22.74 -33.44
C THR L 185 34.78 23.30 -32.45
N ILE M 3 -21.49 -17.71 -10.62
CA ILE M 3 -22.10 -19.00 -10.30
C ILE M 3 -22.52 -19.75 -11.59
N LEU M 4 -22.28 -21.05 -11.62
CA LEU M 4 -22.43 -21.84 -12.85
C LEU M 4 -23.21 -23.12 -12.59
N PRO M 5 -24.43 -23.21 -13.13
CA PRO M 5 -25.28 -24.34 -12.77
C PRO M 5 -24.73 -25.64 -13.31
N SER M 6 -24.99 -26.71 -12.57
CA SER M 6 -24.72 -28.03 -13.08
C SER M 6 -26.07 -28.62 -13.41
N PHE M 7 -26.07 -29.67 -14.19
CA PHE M 7 -27.32 -30.20 -14.65
C PHE M 7 -27.18 -31.68 -14.64
N ILE M 8 -28.27 -32.34 -14.95
CA ILE M 8 -28.40 -33.75 -14.69
C ILE M 8 -29.01 -34.38 -15.93
N GLU M 9 -28.41 -35.47 -16.38
CA GLU M 9 -28.92 -36.18 -17.52
C GLU M 9 -29.00 -37.64 -17.12
N HIS M 10 -29.86 -38.39 -17.77
CA HIS M 10 -30.08 -39.76 -17.34
C HIS M 10 -30.32 -40.72 -18.49
N SER M 11 -30.10 -41.99 -18.22
CA SER M 11 -30.47 -43.06 -19.11
C SER M 11 -30.68 -44.30 -18.27
N SER M 12 -30.97 -45.42 -18.91
CA SER M 12 -31.20 -46.66 -18.21
C SER M 12 -29.96 -47.15 -17.48
N PHE M 13 -28.82 -46.55 -17.77
CA PHE M 13 -27.57 -47.00 -17.16
C PHE M 13 -27.29 -46.26 -15.88
N GLY M 14 -27.86 -45.06 -15.75
CA GLY M 14 -27.66 -44.23 -14.57
C GLY M 14 -27.90 -42.74 -14.75
N VAL M 15 -27.54 -41.96 -13.75
CA VAL M 15 -27.79 -40.54 -13.73
C VAL M 15 -26.46 -39.84 -13.70
N LYS M 16 -26.27 -38.83 -14.56
CA LYS M 16 -24.99 -38.15 -14.61
C LYS M 16 -25.16 -36.70 -14.22
N GLU M 17 -24.32 -36.23 -13.32
CA GLU M 17 -24.32 -34.81 -12.97
C GLU M 17 -23.10 -34.17 -13.55
N SER M 18 -23.28 -33.06 -14.27
CA SER M 18 -22.14 -32.37 -14.84
C SER M 18 -22.44 -30.90 -15.12
N ASN M 19 -21.39 -30.11 -15.26
CA ASN M 19 -21.51 -28.71 -15.57
C ASN M 19 -21.34 -28.49 -17.06
N PRO M 20 -21.68 -27.30 -17.55
CA PRO M 20 -21.64 -26.96 -18.97
C PRO M 20 -20.32 -27.25 -19.69
N TYR M 21 -19.18 -27.07 -19.03
CA TYR M 21 -17.91 -27.26 -19.69
C TYR M 21 -17.53 -28.71 -19.88
N ASN M 22 -18.02 -29.59 -19.00
CA ASN M 22 -17.85 -31.01 -19.17
C ASN M 22 -18.68 -31.55 -20.30
N LYS M 23 -19.91 -31.06 -20.37
CA LYS M 23 -20.83 -31.39 -21.44
C LYS M 23 -20.22 -31.03 -22.79
N LEU M 24 -19.69 -29.82 -22.89
CA LEU M 24 -18.97 -29.38 -24.05
C LEU M 24 -17.80 -30.29 -24.37
N PHE M 25 -16.99 -30.57 -23.36
CA PHE M 25 -15.79 -31.38 -23.56
C PHE M 25 -16.17 -32.79 -24.02
N GLU M 26 -17.27 -33.29 -23.50
CA GLU M 26 -17.81 -34.58 -23.91
C GLU M 26 -18.04 -34.61 -25.42
N GLU M 27 -18.34 -33.44 -25.99
CA GLU M 27 -18.60 -33.31 -27.42
C GLU M 27 -17.39 -32.88 -28.23
N ARG M 28 -16.21 -32.96 -27.60
CA ARG M 28 -14.94 -32.63 -28.23
C ARG M 28 -14.80 -31.13 -28.46
N ILE M 29 -15.27 -30.33 -27.51
CA ILE M 29 -15.21 -28.88 -27.59
C ILE M 29 -14.35 -28.30 -26.48
N ILE M 30 -13.31 -27.61 -26.87
CA ILE M 30 -12.41 -26.97 -25.95
C ILE M 30 -12.77 -25.50 -25.88
N PHE M 31 -12.80 -24.94 -24.68
CA PHE M 31 -13.00 -23.51 -24.53
C PHE M 31 -11.68 -22.78 -24.26
N LEU M 32 -11.35 -21.85 -25.13
CA LEU M 32 -10.21 -20.99 -24.93
C LEU M 32 -10.71 -19.57 -24.76
N GLY M 33 -11.25 -19.25 -23.60
CA GLY M 33 -11.87 -17.96 -23.40
C GLY M 33 -11.12 -17.10 -22.40
N VAL M 34 -9.81 -17.33 -22.32
CA VAL M 34 -8.98 -16.57 -21.40
C VAL M 34 -7.76 -16.05 -22.13
N GLN M 35 -6.94 -15.26 -21.45
CA GLN M 35 -5.68 -14.82 -22.00
C GLN M 35 -4.75 -16.00 -22.11
N VAL M 36 -4.14 -16.17 -23.28
CA VAL M 36 -3.15 -17.22 -23.45
C VAL M 36 -1.93 -16.92 -22.58
N ASP M 37 -1.72 -17.75 -21.55
CA ASP M 37 -0.52 -17.68 -20.74
C ASP M 37 -0.12 -19.11 -20.45
N ASP M 38 0.92 -19.30 -19.65
CA ASP M 38 1.49 -20.63 -19.48
C ASP M 38 0.53 -21.62 -18.86
N ALA M 39 -0.21 -21.20 -17.84
CA ALA M 39 -1.16 -22.09 -17.20
C ALA M 39 -2.29 -22.43 -18.16
N SER M 40 -2.81 -21.42 -18.82
CA SER M 40 -3.82 -21.63 -19.84
C SER M 40 -3.33 -22.59 -20.91
N ALA M 41 -2.12 -22.33 -21.39
CA ALA M 41 -1.55 -23.11 -22.47
C ALA M 41 -1.44 -24.55 -22.05
N ASN M 42 -1.07 -24.76 -20.80
CA ASN M 42 -0.95 -26.11 -20.31
C ASN M 42 -2.30 -26.80 -20.29
N ASP M 43 -3.34 -26.09 -19.85
CA ASP M 43 -4.67 -26.68 -19.81
C ASP M 43 -5.18 -27.10 -21.17
N ILE M 44 -4.94 -26.28 -22.18
CA ILE M 44 -5.43 -26.58 -23.53
C ILE M 44 -4.66 -27.69 -24.21
N MET M 45 -3.35 -27.71 -24.02
CA MET M 45 -2.58 -28.82 -24.53
C MET M 45 -3.03 -30.12 -23.91
N ALA M 46 -3.40 -30.08 -22.64
CA ALA M 46 -3.80 -31.28 -21.93
C ALA M 46 -5.10 -31.78 -22.52
N GLN M 47 -6.04 -30.85 -22.69
CA GLN M 47 -7.32 -31.17 -23.29
C GLN M 47 -7.12 -31.70 -24.70
N LEU M 48 -6.27 -31.04 -25.48
CA LEU M 48 -6.05 -31.45 -26.85
C LEU M 48 -5.48 -32.86 -26.89
N LEU M 49 -4.39 -33.09 -26.15
CA LEU M 49 -3.74 -34.40 -26.15
C LEU M 49 -4.64 -35.48 -25.60
N VAL M 50 -5.45 -35.14 -24.62
CA VAL M 50 -6.40 -36.10 -24.09
C VAL M 50 -7.48 -36.41 -25.10
N LEU M 51 -8.08 -35.39 -25.71
CA LEU M 51 -9.15 -35.62 -26.65
C LEU M 51 -8.68 -36.51 -27.78
N GLU M 52 -7.49 -36.27 -28.30
CA GLU M 52 -6.93 -37.09 -29.36
C GLU M 52 -6.78 -38.53 -28.90
N SER M 53 -6.42 -38.70 -27.64
CA SER M 53 -6.26 -40.03 -27.07
C SER M 53 -7.56 -40.81 -27.07
N LEU M 54 -8.64 -40.16 -26.65
CA LEU M 54 -9.94 -40.83 -26.56
C LEU M 54 -10.48 -41.23 -27.92
N ASP M 55 -10.28 -40.41 -28.94
CA ASP M 55 -10.70 -40.73 -30.30
C ASP M 55 -9.94 -39.91 -31.34
N PRO M 56 -8.87 -40.46 -31.92
CA PRO M 56 -8.02 -39.72 -32.85
C PRO M 56 -8.71 -39.33 -34.16
N ASP M 57 -9.78 -40.01 -34.51
CA ASP M 57 -10.39 -39.80 -35.82
C ASP M 57 -11.52 -38.78 -35.82
N ARG M 58 -11.83 -38.22 -34.66
CA ARG M 58 -12.94 -37.28 -34.59
C ARG M 58 -12.45 -35.85 -34.40
N ASP M 59 -13.26 -34.90 -34.83
CA ASP M 59 -12.90 -33.48 -34.79
C ASP M 59 -13.04 -32.85 -33.42
N ILE M 60 -11.95 -32.19 -33.00
CA ILE M 60 -11.91 -31.31 -31.84
C ILE M 60 -12.33 -29.91 -32.23
N THR M 61 -13.18 -29.29 -31.44
CA THR M 61 -13.59 -27.91 -31.69
C THR M 61 -12.94 -26.97 -30.68
N MET M 62 -12.47 -25.82 -31.13
CA MET M 62 -11.96 -24.83 -30.20
C MET M 62 -12.78 -23.56 -30.25
N TYR M 63 -13.68 -23.37 -29.30
CA TYR M 63 -14.31 -22.09 -29.17
C TYR M 63 -13.26 -21.12 -28.71
N ILE M 64 -13.23 -19.93 -29.30
CA ILE M 64 -12.19 -18.98 -28.99
C ILE M 64 -12.77 -17.63 -28.70
N ASN M 65 -12.52 -17.15 -27.49
CA ASN M 65 -12.90 -15.79 -27.12
C ASN M 65 -11.83 -15.30 -26.17
N SER M 66 -10.75 -14.79 -26.74
CA SER M 66 -9.56 -14.45 -25.99
C SER M 66 -8.98 -13.15 -26.46
N PRO M 67 -8.32 -12.41 -25.57
CA PRO M 67 -7.63 -11.17 -25.90
C PRO M 67 -6.16 -11.36 -26.20
N GLY M 68 -5.68 -12.59 -26.34
CA GLY M 68 -4.30 -12.80 -26.72
C GLY M 68 -3.44 -13.40 -25.64
N GLY M 69 -2.14 -13.15 -25.69
CA GLY M 69 -1.26 -13.73 -24.69
C GLY M 69 0.18 -13.91 -25.11
N GLY M 70 0.89 -14.72 -24.34
CA GLY M 70 2.32 -14.91 -24.49
C GLY M 70 2.70 -15.58 -25.79
N PHE M 71 3.94 -15.40 -26.21
CA PHE M 71 4.34 -15.91 -27.50
C PHE M 71 4.68 -17.37 -27.47
N THR M 72 5.48 -17.80 -26.50
CA THR M 72 5.81 -19.22 -26.46
C THR M 72 4.56 -20.04 -26.13
N SER M 73 3.67 -19.45 -25.34
CA SER M 73 2.38 -20.07 -25.06
C SER M 73 1.57 -20.20 -26.34
N LEU M 74 1.59 -19.16 -27.17
CA LEU M 74 1.00 -19.25 -28.49
C LEU M 74 1.57 -20.42 -29.27
N MET M 75 2.89 -20.56 -29.24
CA MET M 75 3.54 -21.54 -30.08
C MET M 75 3.41 -22.96 -29.52
N ALA M 76 3.11 -23.09 -28.25
CA ALA M 76 2.93 -24.39 -27.64
C ALA M 76 1.59 -24.94 -28.03
N ILE M 77 0.54 -24.15 -27.82
CA ILE M 77 -0.79 -24.52 -28.27
C ILE M 77 -0.80 -24.76 -29.76
N TYR M 78 -0.16 -23.88 -30.53
CA TYR M 78 -0.16 -24.00 -31.98
C TYR M 78 0.46 -25.31 -32.43
N ASP M 79 1.66 -25.61 -31.94
CA ASP M 79 2.34 -26.83 -32.33
C ASP M 79 1.52 -28.04 -31.97
N THR M 80 0.78 -27.97 -30.88
CA THR M 80 -0.07 -29.06 -30.45
C THR M 80 -1.26 -29.23 -31.36
N MET M 81 -1.95 -28.13 -31.66
CA MET M 81 -3.02 -28.14 -32.64
C MET M 81 -2.61 -28.83 -33.92
N GLN M 82 -1.37 -28.63 -34.33
CA GLN M 82 -0.90 -29.14 -35.59
C GLN M 82 -0.40 -30.58 -35.47
N TYR M 83 -0.05 -30.99 -34.26
CA TYR M 83 0.52 -32.30 -34.03
C TYR M 83 -0.55 -33.37 -33.88
N VAL M 84 -1.69 -32.98 -33.35
CA VAL M 84 -2.78 -33.89 -33.02
C VAL M 84 -3.36 -34.54 -34.27
N ARG M 85 -3.70 -35.82 -34.21
CA ARG M 85 -4.21 -36.54 -35.39
C ARG M 85 -5.54 -35.96 -35.86
N ALA M 86 -6.40 -35.62 -34.92
CA ALA M 86 -7.73 -35.12 -35.22
C ALA M 86 -7.69 -33.73 -35.82
N ASP M 87 -8.59 -33.46 -36.75
CA ASP M 87 -8.76 -32.12 -37.27
C ASP M 87 -9.29 -31.21 -36.17
N ILE M 88 -8.91 -29.95 -36.20
CA ILE M 88 -9.39 -28.98 -35.22
C ILE M 88 -10.25 -27.91 -35.87
N GLN M 89 -11.47 -27.76 -35.41
CA GLN M 89 -12.32 -26.70 -35.89
C GLN M 89 -12.28 -25.51 -34.94
N THR M 90 -11.96 -24.33 -35.46
CA THR M 90 -11.90 -23.17 -34.61
C THR M 90 -13.11 -22.29 -34.86
N VAL M 91 -13.66 -21.74 -33.79
CA VAL M 91 -14.80 -20.86 -33.87
C VAL M 91 -14.54 -19.62 -33.03
N CYS M 92 -14.48 -18.46 -33.65
CA CYS M 92 -14.37 -17.24 -32.88
C CYS M 92 -15.76 -16.82 -32.45
N LEU M 93 -15.92 -16.54 -31.17
CA LEU M 93 -17.24 -16.24 -30.66
C LEU M 93 -17.42 -14.75 -30.45
N GLY M 94 -16.43 -14.14 -29.80
CA GLY M 94 -16.55 -12.74 -29.48
C GLY M 94 -15.38 -11.94 -29.99
N GLN M 95 -14.20 -12.49 -29.85
CA GLN M 95 -13.01 -11.87 -30.37
C GLN M 95 -11.86 -12.85 -30.32
N ALA M 96 -10.98 -12.75 -31.30
CA ALA M 96 -9.70 -13.41 -31.28
C ALA M 96 -8.69 -12.31 -31.55
N ALA M 97 -7.81 -12.05 -30.59
CA ALA M 97 -6.90 -10.91 -30.69
C ALA M 97 -5.45 -11.35 -30.55
N SER M 98 -4.58 -10.80 -31.38
CA SER M 98 -3.17 -11.16 -31.39
C SER M 98 -2.97 -12.66 -31.44
N ALA M 99 -2.36 -13.22 -30.41
CA ALA M 99 -2.06 -14.65 -30.38
C ALA M 99 -3.27 -15.52 -30.62
N ALA M 100 -4.45 -15.10 -30.15
CA ALA M 100 -5.67 -15.85 -30.37
C ALA M 100 -6.13 -15.76 -31.82
N ALA M 101 -5.72 -14.72 -32.51
CA ALA M 101 -6.05 -14.61 -33.91
C ALA M 101 -5.20 -15.57 -34.72
N VAL M 102 -4.10 -16.03 -34.15
CA VAL M 102 -3.23 -16.95 -34.86
C VAL M 102 -3.72 -18.35 -34.65
N LEU M 103 -4.44 -18.58 -33.57
CA LEU M 103 -5.00 -19.89 -33.32
C LEU M 103 -6.26 -20.05 -34.14
N LEU M 104 -7.00 -18.96 -34.30
CA LEU M 104 -8.16 -19.00 -35.15
C LEU M 104 -7.74 -19.39 -36.54
N ALA M 105 -6.66 -18.77 -37.01
CA ALA M 105 -6.20 -19.00 -38.36
C ALA M 105 -5.60 -20.38 -38.53
N ALA M 106 -5.08 -20.99 -37.47
CA ALA M 106 -4.41 -22.28 -37.60
C ALA M 106 -5.30 -23.52 -37.48
N GLY M 107 -6.62 -23.35 -37.38
CA GLY M 107 -7.53 -24.49 -37.39
C GLY M 107 -7.52 -25.16 -38.74
N THR M 108 -8.15 -26.32 -38.88
CA THR M 108 -8.02 -27.04 -40.14
C THR M 108 -8.82 -26.36 -41.22
N PRO M 109 -8.18 -26.16 -42.38
CA PRO M 109 -8.73 -25.51 -43.57
C PRO M 109 -10.15 -25.94 -43.88
N GLY M 110 -11.02 -24.95 -44.08
CA GLY M 110 -12.43 -25.22 -44.28
C GLY M 110 -13.23 -25.29 -43.00
N LYS M 111 -12.57 -25.53 -41.89
CA LYS M 111 -13.24 -25.68 -40.61
C LYS M 111 -13.03 -24.50 -39.66
N ARG M 112 -12.59 -23.36 -40.20
CA ARG M 112 -12.37 -22.15 -39.40
C ARG M 112 -13.50 -21.15 -39.57
N MET M 113 -14.22 -20.85 -38.50
CA MET M 113 -15.34 -19.93 -38.62
C MET M 113 -15.46 -18.97 -37.45
N ALA M 114 -16.39 -18.05 -37.58
CA ALA M 114 -16.62 -17.03 -36.59
C ALA M 114 -18.07 -16.59 -36.64
N LEU M 115 -18.66 -16.29 -35.49
CA LEU M 115 -19.98 -15.70 -35.44
C LEU M 115 -19.94 -14.35 -36.13
N PRO M 116 -21.09 -13.86 -36.60
CA PRO M 116 -21.08 -12.69 -37.48
C PRO M 116 -20.52 -11.42 -36.84
N ASN M 117 -20.67 -11.23 -35.54
CA ASN M 117 -20.22 -10.00 -34.92
C ASN M 117 -18.93 -10.12 -34.13
N ALA M 118 -18.22 -11.24 -34.31
CA ALA M 118 -16.91 -11.41 -33.74
C ALA M 118 -15.96 -10.42 -34.34
N ARG M 119 -14.86 -10.14 -33.67
CA ARG M 119 -13.81 -9.35 -34.26
C ARG M 119 -12.48 -10.05 -34.10
N VAL M 120 -11.62 -9.87 -35.08
CA VAL M 120 -10.29 -10.45 -35.06
C VAL M 120 -9.32 -9.29 -35.13
N LEU M 121 -8.35 -9.26 -34.23
CA LEU M 121 -7.34 -8.23 -34.23
C LEU M 121 -5.98 -8.85 -34.45
N ILE M 122 -5.25 -8.33 -35.42
CA ILE M 122 -3.90 -8.80 -35.70
C ILE M 122 -2.91 -7.71 -35.36
N HIS M 123 -1.87 -8.05 -34.60
CA HIS M 123 -0.85 -7.05 -34.30
C HIS M 123 0.45 -7.70 -33.88
N GLN M 124 1.53 -6.96 -34.06
CA GLN M 124 2.85 -7.50 -33.83
C GLN M 124 3.13 -7.62 -32.34
N PRO M 125 3.95 -8.59 -31.97
CA PRO M 125 4.31 -8.85 -30.57
C PRO M 125 4.79 -7.61 -29.84
N SER M 126 4.12 -7.27 -28.75
CA SER M 126 4.53 -6.16 -27.91
C SER M 126 5.31 -6.66 -26.69
N LEU M 127 5.91 -5.75 -25.96
CA LEU M 127 6.55 -6.07 -24.70
C LEU M 127 6.29 -4.94 -23.73
N SER M 128 5.17 -5.01 -23.01
CA SER M 128 4.75 -3.92 -22.13
C SER M 128 5.76 -3.65 -21.01
N GLY M 129 6.46 -4.68 -20.59
CA GLY M 129 7.49 -4.53 -19.58
C GLY M 129 8.64 -3.67 -20.05
N VAL M 130 9.72 -3.69 -19.30
CA VAL M 130 10.95 -3.07 -19.70
C VAL M 130 12.07 -3.98 -19.26
N ILE M 131 12.67 -4.73 -20.18
CA ILE M 131 13.77 -5.57 -19.79
C ILE M 131 15.09 -4.78 -19.81
N GLN M 132 15.86 -4.94 -18.75
CA GLN M 132 17.07 -4.18 -18.54
C GLN M 132 18.28 -5.08 -18.66
N GLY M 133 19.44 -4.49 -18.87
CA GLY M 133 20.64 -5.29 -19.00
C GLY M 133 21.74 -4.56 -19.73
N GLN M 134 22.87 -5.22 -19.92
CA GLN M 134 23.95 -4.59 -20.67
C GLN M 134 23.49 -4.52 -22.10
N PHE M 135 24.14 -3.69 -22.91
CA PHE M 135 23.82 -3.62 -24.32
C PHE M 135 23.97 -4.96 -25.02
N SER M 136 24.95 -5.76 -24.63
CA SER M 136 25.14 -7.07 -25.22
C SER M 136 23.94 -7.98 -24.99
N ASP M 137 23.39 -7.94 -23.77
CA ASP M 137 22.23 -8.75 -23.42
C ASP M 137 20.99 -8.27 -24.16
N LEU M 138 20.81 -6.96 -24.22
CA LEU M 138 19.69 -6.37 -24.93
C LEU M 138 19.73 -6.65 -26.43
N GLU M 139 20.93 -6.69 -26.98
CA GLU M 139 21.16 -7.06 -28.37
C GLU M 139 20.57 -8.44 -28.61
N ILE M 140 20.85 -9.37 -27.70
CA ILE M 140 20.40 -10.76 -27.87
C ILE M 140 18.91 -10.87 -27.67
N GLN M 141 18.35 -10.03 -26.83
CA GLN M 141 16.91 -9.97 -26.67
C GLN M 141 16.28 -9.44 -27.94
N ALA M 142 16.83 -8.33 -28.42
CA ALA M 142 16.25 -7.57 -29.52
C ALA M 142 16.23 -8.40 -30.77
N ALA M 143 17.19 -9.31 -30.87
CA ALA M 143 17.21 -10.25 -31.97
C ALA M 143 16.12 -11.31 -31.80
N GLU M 144 16.06 -11.88 -30.61
CA GLU M 144 15.05 -12.88 -30.28
C GLU M 144 13.66 -12.36 -30.54
N ILE M 145 13.46 -11.09 -30.24
CA ILE M 145 12.16 -10.47 -30.44
C ILE M 145 11.84 -10.30 -31.92
N GLU M 146 12.87 -10.20 -32.75
CA GLU M 146 12.68 -10.07 -34.16
C GLU M 146 12.34 -11.43 -34.77
N ARG M 147 12.96 -12.45 -34.23
CA ARG M 147 12.74 -13.79 -34.73
C ARG M 147 11.33 -14.22 -34.43
N MET M 148 10.81 -13.75 -33.30
CA MET M 148 9.43 -13.99 -32.90
C MET M 148 8.44 -13.24 -33.78
N ARG M 149 8.72 -11.98 -34.05
CA ARG M 149 7.88 -11.21 -34.96
C ARG M 149 7.80 -11.86 -36.34
N THR M 150 8.93 -12.26 -36.91
CA THR M 150 8.88 -12.84 -38.24
C THR M 150 8.27 -14.23 -38.17
N LEU M 151 8.37 -14.88 -37.02
CA LEU M 151 7.77 -16.19 -36.86
C LEU M 151 6.26 -16.08 -36.86
N MET M 152 5.71 -15.04 -36.25
CA MET M 152 4.27 -14.84 -36.29
C MET M 152 3.81 -14.56 -37.71
N GLU M 153 4.62 -13.80 -38.45
CA GLU M 153 4.27 -13.43 -39.81
C GLU M 153 4.26 -14.61 -40.76
N THR M 154 5.20 -15.53 -40.59
CA THR M 154 5.29 -16.63 -41.54
C THR M 154 4.25 -17.70 -41.25
N THR M 155 3.89 -17.90 -39.99
CA THR M 155 2.83 -18.86 -39.70
C THR M 155 1.46 -18.26 -40.03
N LEU M 156 1.27 -16.95 -39.85
CA LEU M 156 0.03 -16.34 -40.30
C LEU M 156 -0.07 -16.43 -41.81
N ALA M 157 1.04 -16.20 -42.51
CA ALA M 157 1.08 -16.33 -43.96
C ALA M 157 0.78 -17.75 -44.40
N ARG M 158 1.24 -18.72 -43.61
CA ARG M 158 1.03 -20.12 -43.91
C ARG M 158 -0.44 -20.51 -43.97
N HIS M 159 -1.28 -19.83 -43.19
CA HIS M 159 -2.68 -20.22 -43.02
C HIS M 159 -3.67 -19.25 -43.66
N THR M 160 -3.22 -18.03 -43.94
CA THR M 160 -4.10 -17.02 -44.53
C THR M 160 -4.00 -16.89 -46.05
N GLY M 161 -2.87 -17.25 -46.63
CA GLY M 161 -2.68 -17.00 -48.03
C GLY M 161 -2.42 -15.53 -48.38
N LYS M 162 -1.88 -14.79 -47.41
CA LYS M 162 -1.30 -13.49 -47.67
C LYS M 162 0.21 -13.67 -47.66
N ASP M 163 0.91 -12.97 -48.54
CA ASP M 163 2.36 -12.98 -48.51
C ASP M 163 2.80 -12.52 -47.14
N ALA M 164 3.89 -13.08 -46.63
CA ALA M 164 4.36 -12.66 -45.31
C ALA M 164 4.77 -11.20 -45.29
N GLY M 165 4.87 -10.59 -46.47
CA GLY M 165 5.17 -9.18 -46.56
C GLY M 165 3.93 -8.35 -46.35
N VAL M 166 2.79 -8.84 -46.79
CA VAL M 166 1.53 -8.14 -46.56
C VAL M 166 1.17 -8.22 -45.09
N ILE M 167 1.35 -9.39 -44.50
CA ILE M 167 1.16 -9.56 -43.07
C ILE M 167 2.02 -8.54 -42.29
N ARG M 168 3.30 -8.46 -42.63
CA ARG M 168 4.21 -7.60 -41.89
C ARG M 168 3.82 -6.13 -41.96
N LYS M 169 3.21 -5.71 -43.06
CA LYS M 169 2.77 -4.33 -43.18
C LYS M 169 1.42 -4.12 -42.50
N ASP M 170 0.63 -5.18 -42.43
CA ASP M 170 -0.70 -5.09 -41.85
C ASP M 170 -0.69 -5.19 -40.33
N THR M 171 0.27 -5.90 -39.78
CA THR M 171 0.37 -6.00 -38.33
C THR M 171 1.38 -5.03 -37.71
N ASP M 172 1.94 -4.13 -38.52
CA ASP M 172 2.76 -3.05 -38.00
C ASP M 172 1.94 -2.32 -36.95
N ARG M 173 0.75 -1.89 -37.34
CA ARG M 173 -0.22 -1.34 -36.41
C ARG M 173 -1.38 -2.32 -36.29
N ASP M 174 -2.11 -2.25 -35.18
CA ASP M 174 -3.25 -3.13 -34.96
C ASP M 174 -4.24 -3.06 -36.10
N LYS M 175 -4.58 -4.23 -36.65
CA LYS M 175 -5.62 -4.34 -37.66
C LYS M 175 -6.84 -5.05 -37.10
N ILE M 176 -7.99 -4.38 -37.15
CA ILE M 176 -9.21 -4.93 -36.61
C ILE M 176 -10.14 -5.36 -37.72
N LEU M 177 -10.42 -6.65 -37.73
CA LEU M 177 -11.24 -7.26 -38.76
C LEU M 177 -12.61 -7.63 -38.22
N THR M 178 -13.64 -7.49 -39.04
CA THR M 178 -14.91 -8.05 -38.66
C THR M 178 -14.89 -9.46 -39.20
N ALA M 179 -15.89 -10.26 -38.86
CA ALA M 179 -15.95 -11.64 -39.31
C ALA M 179 -15.89 -11.75 -40.83
N GLU M 180 -16.67 -10.93 -41.52
CA GLU M 180 -16.66 -10.93 -42.97
C GLU M 180 -15.29 -10.53 -43.51
N GLU M 181 -14.68 -9.51 -42.92
CA GLU M 181 -13.37 -9.07 -43.36
C GLU M 181 -12.30 -10.10 -43.05
N ALA M 182 -12.49 -10.86 -41.97
CA ALA M 182 -11.53 -11.88 -41.57
C ALA M 182 -11.56 -13.06 -42.54
N LYS M 183 -12.71 -13.26 -43.16
CA LYS M 183 -12.89 -14.30 -44.16
C LYS M 183 -12.18 -13.94 -45.44
N ASP M 184 -12.30 -12.69 -45.86
CA ASP M 184 -11.63 -12.20 -47.06
C ASP M 184 -10.12 -12.19 -46.85
N TYR M 185 -9.70 -11.97 -45.61
CA TYR M 185 -8.28 -11.98 -45.28
C TYR M 185 -7.73 -13.38 -45.26
N GLY M 186 -8.61 -14.37 -45.11
CA GLY M 186 -8.20 -15.76 -45.10
C GLY M 186 -7.93 -16.30 -43.72
N ILE M 187 -8.48 -15.65 -42.72
CA ILE M 187 -8.32 -16.09 -41.34
C ILE M 187 -9.39 -17.11 -40.96
N ILE M 188 -10.59 -16.94 -41.53
CA ILE M 188 -11.64 -17.92 -41.38
C ILE M 188 -12.16 -18.33 -42.75
N ASP M 189 -12.87 -19.44 -42.79
CA ASP M 189 -13.39 -19.97 -44.03
C ASP M 189 -14.84 -19.61 -44.22
N THR M 190 -15.57 -19.46 -43.12
CA THR M 190 -16.97 -19.17 -43.21
C THR M 190 -17.45 -18.39 -42.00
N VAL M 191 -18.46 -17.56 -42.22
CA VAL M 191 -19.12 -16.84 -41.15
C VAL M 191 -20.38 -17.59 -40.80
N LEU M 192 -20.50 -18.06 -39.55
CA LEU M 192 -21.67 -18.82 -39.15
C LEU M 192 -22.94 -18.02 -39.35
N GLU M 193 -23.95 -18.66 -39.90
CA GLU M 193 -25.22 -18.01 -40.12
C GLU M 193 -26.13 -18.38 -38.96
N TYR M 194 -27.04 -17.48 -38.62
CA TYR M 194 -27.93 -17.67 -37.49
C TYR M 194 -28.95 -18.79 -37.70
N ARG M 195 -28.79 -19.92 -37.00
CA ARG M 195 -29.83 -20.94 -37.02
C ARG M 195 -31.18 -20.32 -36.64
N LEU N 10 25.36 26.89 4.29
CA LEU N 10 24.77 26.10 3.23
C LEU N 10 25.87 25.50 2.39
N THR N 11 25.61 24.32 1.84
CA THR N 11 26.56 23.64 0.99
C THR N 11 26.78 24.40 -0.30
N ASP N 12 25.77 25.16 -0.71
CA ASP N 12 25.82 25.84 -1.98
C ASP N 12 26.69 27.07 -1.87
N SER N 13 26.81 27.61 -0.66
CA SER N 13 27.74 28.68 -0.39
C SER N 13 29.18 28.24 -0.66
N VAL N 14 29.52 27.04 -0.19
CA VAL N 14 30.84 26.51 -0.42
C VAL N 14 31.08 26.33 -1.92
N TYR N 15 30.10 25.81 -2.62
CA TYR N 15 30.26 25.51 -4.02
C TYR N 15 30.37 26.74 -4.88
N GLU N 16 29.81 27.85 -4.41
CA GLU N 16 29.90 29.12 -5.12
C GLU N 16 31.26 29.77 -4.90
N ARG N 17 31.85 29.57 -3.72
CA ARG N 17 33.18 30.08 -3.45
C ARG N 17 34.22 29.39 -4.32
N LEU N 18 34.14 28.06 -4.42
CA LEU N 18 35.03 27.30 -5.27
C LEU N 18 34.83 27.57 -6.76
N LEU N 19 33.65 28.05 -7.13
CA LEU N 19 33.41 28.41 -8.50
C LEU N 19 34.28 29.61 -8.86
N SER N 20 34.41 30.54 -7.94
CA SER N 20 35.21 31.72 -8.16
C SER N 20 36.68 31.38 -8.20
N GLU N 21 37.01 30.20 -7.71
CA GLU N 21 38.37 29.69 -7.81
C GLU N 21 38.46 28.74 -8.98
N ARG N 22 37.41 28.74 -9.79
CA ARG N 22 37.34 27.93 -11.00
C ARG N 22 37.40 26.43 -10.70
N ILE N 23 36.64 26.00 -9.70
CA ILE N 23 36.58 24.61 -9.31
C ILE N 23 35.14 24.15 -9.29
N ILE N 24 34.82 23.13 -10.08
CA ILE N 24 33.44 22.65 -10.13
C ILE N 24 33.41 21.16 -9.91
N PHE N 25 32.30 20.67 -9.39
CA PHE N 25 32.21 19.31 -8.91
C PHE N 25 31.18 18.53 -9.68
N LEU N 26 31.56 17.30 -10.01
CA LEU N 26 30.61 16.30 -10.48
C LEU N 26 30.55 15.19 -9.44
N GLY N 27 29.75 15.39 -8.40
CA GLY N 27 29.79 14.50 -7.26
C GLY N 27 28.66 13.50 -7.10
N SER N 28 27.71 13.50 -8.01
CA SER N 28 26.60 12.59 -7.95
C SER N 28 26.49 11.86 -9.26
N GLU N 29 25.43 11.08 -9.43
CA GLU N 29 25.16 10.43 -10.71
C GLU N 29 24.97 11.51 -11.74
N VAL N 30 25.48 11.28 -12.94
CA VAL N 30 25.30 12.25 -14.00
C VAL N 30 23.94 12.01 -14.62
N ASN N 31 23.00 12.87 -14.28
CA ASN N 31 21.69 12.88 -14.89
C ASN N 31 21.55 14.19 -15.62
N ASP N 32 20.35 14.53 -16.05
CA ASP N 32 20.16 15.72 -16.88
C ASP N 32 20.33 17.01 -16.10
N GLU N 33 20.01 17.02 -14.81
CA GLU N 33 20.10 18.26 -14.06
C GLU N 33 21.52 18.61 -13.65
N ILE N 34 22.30 17.61 -13.25
CA ILE N 34 23.68 17.84 -12.91
C ILE N 34 24.41 18.30 -14.15
N ALA N 35 24.16 17.63 -15.27
CA ALA N 35 24.84 17.94 -16.51
C ALA N 35 24.50 19.34 -16.98
N ASN N 36 23.25 19.75 -16.84
CA ASN N 36 22.87 21.09 -17.24
C ASN N 36 23.47 22.15 -16.33
N ARG N 37 23.53 21.89 -15.03
CA ARG N 37 24.13 22.83 -14.11
C ARG N 37 25.63 22.88 -14.35
N LEU N 38 26.20 21.75 -14.71
CA LEU N 38 27.64 21.74 -14.95
C LEU N 38 27.97 22.51 -16.20
N CYS N 39 27.23 22.30 -17.27
CA CYS N 39 27.46 23.02 -18.52
C CYS N 39 27.31 24.53 -18.33
N ALA N 40 26.31 24.95 -17.58
CA ALA N 40 26.15 26.36 -17.29
C ALA N 40 27.36 26.95 -16.60
N GLN N 41 27.97 26.18 -15.71
CA GLN N 41 29.13 26.68 -14.99
C GLN N 41 30.30 26.89 -15.91
N ILE N 42 30.58 25.89 -16.74
CA ILE N 42 31.67 25.99 -17.72
C ILE N 42 31.45 27.14 -18.69
N LEU N 43 30.22 27.34 -19.12
CA LEU N 43 29.90 28.48 -19.98
C LEU N 43 30.17 29.77 -19.23
N LEU N 44 29.74 29.84 -17.98
CA LEU N 44 30.03 30.98 -17.12
C LEU N 44 31.53 31.22 -16.99
N LEU N 45 32.25 30.18 -16.60
CA LEU N 45 33.68 30.30 -16.35
C LEU N 45 34.47 30.71 -17.56
N ALA N 46 33.98 30.35 -18.74
CA ALA N 46 34.66 30.66 -19.98
C ALA N 46 34.36 32.08 -20.40
N ALA N 47 33.18 32.54 -20.02
CA ALA N 47 32.76 33.91 -20.29
C ALA N 47 33.36 34.89 -19.27
N GLU N 48 33.92 34.35 -18.18
CA GLU N 48 34.62 35.16 -17.19
C GLU N 48 36.11 35.27 -17.50
N ASP N 49 36.65 34.25 -18.15
CA ASP N 49 38.07 34.22 -18.49
C ASP N 49 38.29 33.02 -19.37
N ALA N 50 38.76 33.24 -20.59
CA ALA N 50 38.85 32.14 -21.53
C ALA N 50 40.25 31.56 -21.63
N SER N 51 41.18 32.08 -20.83
CA SER N 51 42.54 31.57 -20.85
C SER N 51 42.83 30.66 -19.65
N LYS N 52 42.13 30.90 -18.55
CA LYS N 52 42.40 30.20 -17.30
C LYS N 52 41.70 28.84 -17.20
N ASP N 53 42.40 27.87 -16.66
CA ASP N 53 41.89 26.51 -16.55
C ASP N 53 40.70 26.39 -15.66
N ILE N 54 39.90 25.37 -15.92
CA ILE N 54 38.77 25.00 -15.09
C ILE N 54 39.07 23.64 -14.52
N SER N 55 38.95 23.51 -13.20
CA SER N 55 39.23 22.25 -12.53
C SER N 55 37.96 21.49 -12.23
N LEU N 56 37.90 20.25 -12.69
CA LEU N 56 36.71 19.45 -12.57
C LEU N 56 36.97 18.24 -11.69
N TYR N 57 36.33 18.20 -10.54
CA TYR N 57 36.50 17.09 -9.63
C TYR N 57 35.39 16.08 -9.82
N ILE N 58 35.79 14.84 -10.09
CA ILE N 58 34.88 13.79 -10.43
C ILE N 58 34.85 12.71 -9.35
N ASN N 59 33.67 12.45 -8.83
CA ASN N 59 33.40 11.36 -7.90
C ASN N 59 31.98 10.95 -8.21
N SER N 60 31.84 9.96 -9.07
CA SER N 60 30.58 9.65 -9.69
C SER N 60 30.49 8.20 -10.12
N PRO N 61 29.34 7.56 -9.90
CA PRO N 61 29.04 6.20 -10.34
C PRO N 61 28.68 6.05 -11.82
N GLY N 62 28.36 7.14 -12.50
CA GLY N 62 27.92 7.05 -13.87
C GLY N 62 26.58 7.70 -14.10
N GLY N 63 25.98 7.42 -15.25
CA GLY N 63 24.70 8.02 -15.56
C GLY N 63 24.38 8.05 -17.02
N SER N 64 23.41 8.88 -17.36
CA SER N 64 22.93 9.05 -18.73
C SER N 64 24.06 9.37 -19.70
N ILE N 65 24.10 8.67 -20.82
CA ILE N 65 25.08 8.98 -21.85
C ILE N 65 24.75 10.30 -22.53
N SER N 66 23.48 10.62 -22.67
CA SER N 66 23.11 11.87 -23.32
C SER N 66 23.45 13.04 -22.44
N ALA N 67 23.31 12.83 -21.14
CA ALA N 67 23.63 13.86 -20.18
C ALA N 67 25.11 14.12 -20.16
N GLY N 68 25.90 13.08 -20.33
CA GLY N 68 27.33 13.18 -20.29
C GLY N 68 27.94 13.69 -21.58
N MET N 69 27.26 13.52 -22.69
CA MET N 69 27.71 14.06 -23.95
C MET N 69 27.50 15.59 -23.99
N ALA N 70 26.49 16.08 -23.30
CA ALA N 70 26.34 17.51 -23.11
C ALA N 70 27.53 18.09 -22.38
N ILE N 71 27.97 17.42 -21.32
CA ILE N 71 29.12 17.87 -20.55
C ILE N 71 30.40 17.75 -21.37
N TYR N 72 30.56 16.63 -22.04
CA TYR N 72 31.77 16.38 -22.82
C TYR N 72 32.01 17.43 -23.88
N ASP N 73 31.00 17.69 -24.71
CA ASP N 73 31.11 18.73 -25.74
C ASP N 73 31.31 20.12 -25.13
N THR N 74 30.70 20.38 -24.00
CA THR N 74 30.85 21.67 -23.37
C THR N 74 32.25 21.80 -22.83
N MET N 75 32.82 20.69 -22.38
CA MET N 75 34.23 20.66 -22.04
C MET N 75 35.10 21.00 -23.27
N VAL N 76 35.00 20.17 -24.29
CA VAL N 76 35.85 20.28 -25.47
C VAL N 76 35.71 21.62 -26.20
N LEU N 77 34.50 22.15 -26.28
CA LEU N 77 34.27 23.36 -27.05
C LEU N 77 34.72 24.61 -26.33
N ALA N 78 35.19 24.44 -25.11
CA ALA N 78 35.56 25.59 -24.28
C ALA N 78 36.93 26.11 -24.67
N PRO N 79 37.11 27.44 -24.56
CA PRO N 79 38.35 28.13 -24.89
C PRO N 79 39.49 27.79 -23.94
N CYS N 80 39.13 27.50 -22.70
CA CYS N 80 40.14 27.20 -21.70
C CYS N 80 40.30 25.70 -21.55
N ASP N 81 41.36 25.27 -20.87
CA ASP N 81 41.55 23.85 -20.64
C ASP N 81 40.70 23.35 -19.48
N ILE N 82 40.39 22.06 -19.50
CA ILE N 82 39.64 21.43 -18.43
C ILE N 82 40.48 20.35 -17.76
N ALA N 83 40.97 20.62 -16.56
CA ALA N 83 41.72 19.63 -15.84
C ALA N 83 40.76 18.77 -15.05
N THR N 84 40.89 17.45 -15.18
CA THR N 84 39.93 16.58 -14.52
C THR N 84 40.62 15.76 -13.44
N TYR N 85 39.98 15.66 -12.27
CA TYR N 85 40.53 14.93 -11.13
C TYR N 85 39.60 13.83 -10.66
N ALA N 86 40.13 12.63 -10.49
CA ALA N 86 39.33 11.54 -9.96
C ALA N 86 39.42 11.48 -8.46
N MET N 87 38.30 11.76 -7.81
CA MET N 87 38.14 11.59 -6.37
C MET N 87 37.37 10.33 -6.03
N GLY N 88 37.93 9.47 -5.20
CA GLY N 88 37.23 8.26 -4.81
C GLY N 88 36.88 7.36 -5.97
N MET N 89 35.91 7.77 -6.78
CA MET N 89 35.42 6.93 -7.85
C MET N 89 35.09 7.72 -9.12
N ALA N 90 35.53 7.21 -10.26
CA ALA N 90 35.09 7.74 -11.55
C ALA N 90 34.67 6.52 -12.36
N ALA N 91 33.38 6.37 -12.60
CA ALA N 91 32.90 5.15 -13.17
C ALA N 91 32.00 5.44 -14.32
N SER N 92 32.16 4.68 -15.40
CA SER N 92 31.24 4.80 -16.51
C SER N 92 31.30 6.22 -17.12
N MET N 93 30.22 6.97 -17.10
CA MET N 93 30.28 8.35 -17.61
C MET N 93 31.26 9.18 -16.81
N GLY N 94 31.54 8.78 -15.57
CA GLY N 94 32.55 9.48 -14.79
C GLY N 94 33.95 9.19 -15.30
N GLU N 95 34.21 7.96 -15.73
CA GLU N 95 35.51 7.58 -16.24
C GLU N 95 35.74 8.27 -17.54
N PHE N 96 34.64 8.51 -18.23
CA PHE N 96 34.64 9.02 -19.58
C PHE N 96 34.85 10.52 -19.56
N LEU N 97 34.28 11.18 -18.59
CA LEU N 97 34.42 12.60 -18.50
C LEU N 97 35.77 12.90 -17.93
N LEU N 98 36.37 11.91 -17.30
CA LEU N 98 37.69 12.07 -16.71
C LEU N 98 38.72 11.97 -17.81
N ALA N 99 38.69 10.87 -18.54
CA ALA N 99 39.61 10.63 -19.63
C ALA N 99 39.41 11.64 -20.76
N ALA N 100 38.36 12.44 -20.67
CA ALA N 100 38.06 13.40 -21.71
C ALA N 100 38.66 14.76 -21.42
N GLY N 101 39.22 14.93 -20.23
CA GLY N 101 39.86 16.18 -19.88
C GLY N 101 41.00 16.52 -20.82
N THR N 102 41.42 17.78 -20.79
CA THR N 102 42.53 18.25 -21.59
C THR N 102 43.72 17.32 -21.44
N LYS N 103 44.20 16.77 -22.56
CA LYS N 103 45.36 15.89 -22.52
C LYS N 103 46.52 16.57 -21.83
N GLY N 104 47.10 15.88 -20.85
CA GLY N 104 48.12 16.45 -20.01
C GLY N 104 47.60 16.89 -18.65
N LYS N 105 46.32 17.23 -18.58
CA LYS N 105 45.73 17.72 -17.34
C LYS N 105 44.66 16.78 -16.76
N ARG N 106 44.85 15.48 -16.94
CA ARG N 106 43.95 14.50 -16.37
C ARG N 106 44.62 13.83 -15.17
N TYR N 107 44.02 13.98 -13.99
CA TYR N 107 44.64 13.51 -12.76
C TYR N 107 43.84 12.46 -12.04
N ALA N 108 44.54 11.57 -11.36
CA ALA N 108 43.91 10.60 -10.48
C ALA N 108 44.49 10.82 -9.11
N LEU N 109 43.65 11.07 -8.11
CA LEU N 109 44.10 11.03 -6.74
C LEU N 109 44.61 9.62 -6.44
N PRO N 110 45.53 9.50 -5.48
CA PRO N 110 46.25 8.23 -5.40
C PRO N 110 45.39 7.03 -5.01
N HIS N 111 44.25 7.28 -4.39
CA HIS N 111 43.44 6.17 -3.91
C HIS N 111 42.08 6.09 -4.62
N ALA N 112 41.97 6.76 -5.76
CA ALA N 112 40.75 6.69 -6.57
C ALA N 112 40.68 5.39 -7.34
N ARG N 113 39.51 5.13 -7.90
CA ARG N 113 39.33 3.98 -8.76
C ARG N 113 38.53 4.35 -9.99
N ILE N 114 38.79 3.68 -11.09
CA ILE N 114 38.08 3.92 -12.34
C ILE N 114 37.37 2.64 -12.76
N LEU N 115 36.12 2.77 -13.19
CA LEU N 115 35.40 1.64 -13.70
C LEU N 115 35.07 1.87 -15.14
N MET N 116 35.35 0.88 -15.98
CA MET N 116 34.97 0.96 -17.35
C MET N 116 34.10 -0.23 -17.71
N HIS N 117 32.98 0.03 -18.34
CA HIS N 117 32.16 -1.06 -18.85
C HIS N 117 31.31 -0.56 -20.00
N GLN N 118 30.62 -1.47 -20.66
CA GLN N 118 29.77 -1.14 -21.80
C GLN N 118 28.48 -0.48 -21.32
N PRO N 119 27.74 0.14 -22.24
CA PRO N 119 26.48 0.75 -21.83
C PRO N 119 25.47 -0.22 -21.21
N LEU N 120 24.47 0.33 -20.53
CA LEU N 120 23.36 -0.43 -19.97
C LEU N 120 22.10 0.30 -20.34
N GLY N 121 21.01 -0.42 -20.51
CA GLY N 121 19.74 0.21 -20.84
C GLY N 121 18.62 -0.79 -20.82
N GLY N 122 17.51 -0.44 -21.45
CA GLY N 122 16.39 -1.34 -21.52
C GLY N 122 15.66 -1.22 -22.83
N VAL N 123 14.96 -2.29 -23.21
CA VAL N 123 14.08 -2.26 -24.37
C VAL N 123 12.63 -2.26 -23.90
N THR N 124 11.72 -1.77 -24.73
CA THR N 124 10.33 -1.70 -24.34
C THR N 124 9.45 -1.44 -25.56
N GLY N 125 8.25 -1.99 -25.57
CA GLY N 125 7.31 -1.70 -26.63
C GLY N 125 7.24 -2.79 -27.69
N SER N 126 6.76 -2.41 -28.86
CA SER N 126 6.55 -3.37 -29.93
C SER N 126 7.86 -3.77 -30.57
N ALA N 127 7.85 -4.87 -31.32
CA ALA N 127 9.04 -5.35 -31.98
C ALA N 127 9.66 -4.34 -32.95
N ALA N 128 8.83 -3.52 -33.57
CA ALA N 128 9.30 -2.52 -34.52
C ALA N 128 9.92 -1.32 -33.81
N ASP N 129 9.42 -1.02 -32.61
CA ASP N 129 10.05 -0.01 -31.77
C ASP N 129 11.34 -0.54 -31.19
N ILE N 130 11.38 -1.82 -30.90
CA ILE N 130 12.52 -2.39 -30.22
C ILE N 130 13.65 -2.56 -31.21
N ALA N 131 13.34 -2.73 -32.48
CA ALA N 131 14.36 -2.84 -33.51
C ALA N 131 15.14 -1.54 -33.61
N ILE N 132 14.43 -0.43 -33.54
CA ILE N 132 15.03 0.90 -33.56
C ILE N 132 15.88 1.15 -32.32
N GLN N 133 15.46 0.61 -31.20
CA GLN N 133 16.20 0.78 -29.98
C GLN N 133 17.51 0.02 -30.05
N ALA N 134 17.48 -1.13 -30.70
CA ALA N 134 18.68 -1.96 -30.82
C ALA N 134 19.66 -1.38 -31.83
N GLU N 135 19.16 -0.69 -32.85
CA GLU N 135 20.03 -0.02 -33.81
C GLU N 135 20.83 1.05 -33.13
N GLN N 136 20.20 1.73 -32.20
CA GLN N 136 20.90 2.78 -31.48
C GLN N 136 21.87 2.20 -30.51
N PHE N 137 21.56 1.01 -29.98
CA PHE N 137 22.48 0.31 -29.11
C PHE N 137 23.80 0.05 -29.81
N ALA N 138 23.75 -0.31 -31.09
CA ALA N 138 24.96 -0.70 -31.79
C ALA N 138 25.79 0.50 -32.16
N VAL N 139 25.13 1.58 -32.55
CA VAL N 139 25.82 2.79 -32.91
C VAL N 139 26.51 3.37 -31.68
N ILE N 140 25.73 3.57 -30.64
CA ILE N 140 26.19 4.19 -29.41
C ILE N 140 27.34 3.41 -28.77
N LYS N 141 27.25 2.09 -28.76
CA LYS N 141 28.32 1.28 -28.20
C LYS N 141 29.60 1.45 -29.00
N LYS N 142 29.46 1.51 -30.32
CA LYS N 142 30.56 1.66 -31.24
C LYS N 142 31.19 3.03 -31.10
N GLU N 143 30.39 4.02 -30.76
CA GLU N 143 30.91 5.36 -30.55
C GLU N 143 31.58 5.53 -29.19
N MET N 144 31.07 4.88 -28.16
CA MET N 144 31.65 5.04 -26.84
C MET N 144 33.01 4.38 -26.79
N PHE N 145 33.13 3.26 -27.48
CA PHE N 145 34.38 2.55 -27.53
C PHE N 145 35.38 3.29 -28.38
N ARG N 146 34.91 3.96 -29.44
CA ARG N 146 35.82 4.75 -30.27
C ARG N 146 36.33 5.97 -29.50
N LEU N 147 35.45 6.64 -28.78
CA LEU N 147 35.88 7.77 -27.96
C LEU N 147 36.85 7.34 -26.87
N ASN N 148 36.62 6.20 -26.23
CA ASN N 148 37.54 5.75 -25.19
C ASN N 148 38.89 5.34 -25.72
N ALA N 149 38.93 4.80 -26.92
CA ALA N 149 40.18 4.39 -27.52
C ALA N 149 41.03 5.62 -27.82
N GLU N 150 40.38 6.72 -28.15
CA GLU N 150 41.09 7.97 -28.38
C GLU N 150 41.64 8.54 -27.07
N PHE N 151 40.80 8.62 -26.04
CA PHE N 151 41.22 9.15 -24.74
C PHE N 151 42.40 8.40 -24.14
N THR N 152 42.35 7.08 -24.23
CA THR N 152 43.31 6.21 -23.57
C THR N 152 44.47 5.83 -24.47
N GLY N 153 44.24 5.89 -25.78
CA GLY N 153 45.22 5.43 -26.73
C GLY N 153 45.20 3.94 -27.00
N GLN N 154 44.24 3.23 -26.42
CA GLN N 154 44.20 1.79 -26.57
C GLN N 154 43.46 1.42 -27.83
N PRO N 155 43.83 0.28 -28.44
CA PRO N 155 43.09 -0.25 -29.58
C PRO N 155 41.60 -0.41 -29.25
N ILE N 156 40.71 -0.24 -30.22
CA ILE N 156 39.30 -0.49 -29.97
C ILE N 156 39.11 -1.93 -29.54
N GLU N 157 39.94 -2.83 -30.06
CA GLU N 157 39.80 -4.25 -29.74
C GLU N 157 39.96 -4.49 -28.24
N ARG N 158 40.83 -3.70 -27.61
CA ARG N 158 41.07 -3.84 -26.17
C ARG N 158 40.00 -3.14 -25.33
N ILE N 159 39.50 -1.99 -25.78
CA ILE N 159 38.40 -1.31 -25.13
C ILE N 159 37.14 -2.17 -25.14
N GLU N 160 36.86 -2.82 -26.25
CA GLU N 160 35.68 -3.65 -26.34
C GLU N 160 35.79 -4.89 -25.44
N ALA N 161 36.97 -5.48 -25.40
CA ALA N 161 37.20 -6.68 -24.61
C ALA N 161 37.14 -6.39 -23.13
N ASP N 162 37.82 -5.33 -22.70
CA ASP N 162 37.84 -4.91 -21.31
C ASP N 162 36.50 -4.36 -20.80
N SER N 163 35.76 -3.69 -21.69
CA SER N 163 34.51 -3.05 -21.33
C SER N 163 33.33 -4.01 -21.30
N ASP N 164 33.53 -5.23 -21.78
CA ASP N 164 32.45 -6.23 -21.81
C ASP N 164 31.77 -6.36 -20.47
N ARG N 165 32.54 -6.71 -19.45
CA ARG N 165 32.08 -6.66 -18.08
C ARG N 165 32.93 -5.66 -17.33
N ASP N 166 32.38 -5.12 -16.25
CA ASP N 166 33.06 -4.15 -15.40
C ASP N 166 34.52 -4.44 -15.24
N ARG N 167 35.35 -3.45 -15.48
CA ARG N 167 36.77 -3.57 -15.20
C ARG N 167 37.22 -2.43 -14.30
N TRP N 168 37.87 -2.79 -13.21
CA TRP N 168 38.33 -1.82 -12.24
C TRP N 168 39.82 -1.57 -12.36
N PHE N 169 40.18 -0.30 -12.34
CA PHE N 169 41.56 0.13 -12.38
C PHE N 169 41.91 0.88 -11.10
N THR N 170 43.08 0.61 -10.54
CA THR N 170 43.57 1.44 -9.45
C THR N 170 44.06 2.73 -10.07
N ALA N 171 44.51 3.66 -9.25
CA ALA N 171 44.99 4.92 -9.78
C ALA N 171 46.23 4.67 -10.60
N ALA N 172 47.02 3.68 -10.24
CA ALA N 172 48.24 3.42 -10.98
C ALA N 172 47.95 2.70 -12.28
N GLU N 173 47.07 1.69 -12.24
CA GLU N 173 46.63 0.99 -13.43
C GLU N 173 45.94 1.94 -14.40
N ALA N 174 45.24 2.92 -13.88
CA ALA N 174 44.50 3.87 -14.71
C ALA N 174 45.45 4.76 -15.46
N LEU N 175 46.61 5.02 -14.88
CA LEU N 175 47.60 5.87 -15.51
C LEU N 175 48.30 5.09 -16.60
N GLU N 176 48.51 3.80 -16.35
CA GLU N 176 49.15 2.94 -17.32
C GLU N 176 48.20 2.62 -18.49
N TYR N 177 46.91 2.59 -18.22
CA TYR N 177 45.94 2.27 -19.27
C TYR N 177 45.77 3.46 -20.18
N GLY N 178 45.87 4.65 -19.60
CA GLY N 178 45.75 5.87 -20.36
C GLY N 178 44.56 6.71 -19.95
N PHE N 179 43.98 6.42 -18.79
CA PHE N 179 42.82 7.17 -18.36
C PHE N 179 43.26 8.52 -17.86
N VAL N 180 44.40 8.55 -17.20
CA VAL N 180 44.88 9.79 -16.64
C VAL N 180 46.32 9.99 -17.04
N ASP N 181 46.82 11.21 -16.91
CA ASP N 181 48.18 11.52 -17.24
C ASP N 181 49.07 11.52 -16.00
N HIS N 182 48.46 11.78 -14.84
CA HIS N 182 49.22 11.87 -13.60
C HIS N 182 48.48 11.34 -12.39
N ILE N 183 49.22 11.00 -11.36
CA ILE N 183 48.67 10.71 -10.05
C ILE N 183 49.19 11.79 -9.12
N ILE N 184 48.32 12.49 -8.42
CA ILE N 184 48.75 13.58 -7.56
C ILE N 184 49.26 13.09 -6.21
N THR N 185 50.17 13.86 -5.62
CA THR N 185 50.75 13.50 -4.34
C THR N 185 51.06 14.75 -3.50
#